data_2MHS
#
_entry.id   2MHS
#
_entity_poly.entity_id   1
_entity_poly.type   'polypeptide(L)'
_entity_poly.pdbx_seq_one_letter_code
;MEDELYRQSLEIISRYLREQATGAKDTKPMGRSGATSRKALETLRRVGDGVQRNHETAFQGMLRKLDIKNEDDVKSLSRV
MIHVFSDGVTNWGRIVTLISFGAFVAKHLKTINQESSIEPLAESITDVLVRTKRDWLVKQRGWDGFVEFFHVEDLEGGHH
HHHH
;
_entity_poly.pdbx_strand_id   A
#
# COMPACT_ATOMS: atom_id res chain seq x y z
N MET A 1 -4.20 -17.96 -8.89
CA MET A 1 -5.35 -17.11 -9.30
C MET A 1 -4.92 -15.65 -9.55
N GLU A 2 -3.60 -15.42 -9.54
CA GLU A 2 -3.06 -14.06 -9.66
C GLU A 2 -2.28 -13.84 -10.97
N ASP A 3 -1.82 -12.60 -11.16
CA ASP A 3 -0.91 -12.26 -12.26
C ASP A 3 0.53 -12.09 -11.73
N GLU A 4 1.50 -12.11 -12.64
CA GLU A 4 2.90 -11.87 -12.27
C GLU A 4 3.06 -10.50 -11.59
N LEU A 5 2.44 -9.48 -12.18
CA LEU A 5 2.41 -8.13 -11.60
C LEU A 5 1.74 -8.13 -10.21
N TYR A 6 0.68 -8.93 -10.07
CA TYR A 6 -0.04 -9.03 -8.80
C TYR A 6 0.86 -9.62 -7.70
N ARG A 7 1.60 -10.68 -8.02
CA ARG A 7 2.47 -11.34 -7.04
C ARG A 7 3.59 -10.40 -6.55
N GLN A 8 4.21 -9.67 -7.48
CA GLN A 8 5.29 -8.72 -7.12
C GLN A 8 4.77 -7.63 -6.17
N SER A 9 3.67 -6.97 -6.56
CA SER A 9 3.05 -5.93 -5.75
C SER A 9 2.57 -6.50 -4.40
N LEU A 10 1.93 -7.66 -4.45
CA LEU A 10 1.48 -8.36 -3.25
C LEU A 10 2.63 -8.58 -2.25
N GLU A 11 3.78 -9.03 -2.76
CA GLU A 11 4.96 -9.27 -1.91
C GLU A 11 5.43 -7.96 -1.24
N ILE A 12 5.58 -6.90 -2.04
CA ILE A 12 6.01 -5.60 -1.52
C ILE A 12 5.10 -5.11 -0.39
N ILE A 13 3.79 -5.10 -0.67
CA ILE A 13 2.79 -4.67 0.31
C ILE A 13 2.74 -5.62 1.52
N SER A 14 2.83 -6.93 1.25
CA SER A 14 2.83 -7.95 2.31
C SER A 14 3.95 -7.70 3.33
N ARG A 15 5.16 -7.42 2.83
CA ARG A 15 6.31 -7.15 3.69
C ARG A 15 6.06 -5.89 4.54
N TYR A 16 5.72 -4.78 3.90
CA TYR A 16 5.50 -3.51 4.60
C TYR A 16 4.48 -3.66 5.75
N LEU A 17 3.40 -4.39 5.49
CA LEU A 17 2.37 -4.65 6.52
C LEU A 17 2.92 -5.50 7.68
N ARG A 18 3.70 -6.54 7.36
CA ARG A 18 4.31 -7.39 8.39
C ARG A 18 5.36 -6.62 9.22
N GLU A 19 6.15 -5.79 8.55
CA GLU A 19 7.16 -4.95 9.21
C GLU A 19 6.49 -3.98 10.20
N GLN A 20 5.48 -3.25 9.72
CA GLN A 20 4.72 -2.33 10.57
C GLN A 20 4.04 -3.06 11.74
N ALA A 21 3.52 -4.25 11.45
CA ALA A 21 2.86 -5.08 12.48
C ALA A 21 3.85 -5.52 13.57
N THR A 22 5.04 -5.94 13.14
CA THR A 22 6.07 -6.46 14.07
C THR A 22 6.93 -5.34 14.65
N GLY A 23 6.75 -4.11 14.14
CA GLY A 23 7.52 -2.98 14.65
C GLY A 23 9.02 -3.05 14.34
N ALA A 24 9.36 -3.78 13.29
CA ALA A 24 10.76 -3.99 12.89
C ALA A 24 10.88 -4.23 11.38
N LYS A 25 12.10 -4.35 10.87
CA LYS A 25 12.30 -4.59 9.44
C LYS A 25 12.37 -6.10 9.13
N ASP A 26 11.91 -6.49 7.94
CA ASP A 26 11.84 -7.89 7.54
C ASP A 26 13.13 -8.33 6.79
N THR A 27 13.32 -9.64 6.63
CA THR A 27 14.56 -10.19 6.05
C THR A 27 14.38 -10.78 4.63
N LYS A 28 13.13 -11.06 4.23
CA LYS A 28 12.86 -11.68 2.92
C LYS A 28 13.46 -10.88 1.74
N PRO A 29 13.75 -11.57 0.61
CA PRO A 29 14.12 -10.89 -0.65
C PRO A 29 12.91 -10.17 -1.28
N MET A 30 13.14 -9.44 -2.37
CA MET A 30 12.04 -8.72 -3.04
C MET A 30 11.39 -9.56 -4.15
N GLY A 31 10.08 -9.37 -4.33
CA GLY A 31 9.33 -10.19 -5.28
C GLY A 31 9.59 -9.84 -6.75
N ARG A 32 9.95 -10.86 -7.53
CA ARG A 32 10.11 -10.75 -8.99
C ARG A 32 11.18 -9.72 -9.42
N SER A 33 10.82 -8.44 -9.41
CA SER A 33 11.76 -7.37 -9.83
C SER A 33 12.70 -6.99 -8.69
N GLY A 34 13.97 -7.37 -8.83
CA GLY A 34 14.96 -7.12 -7.78
C GLY A 34 15.08 -5.65 -7.37
N ALA A 35 15.39 -4.77 -8.33
CA ALA A 35 15.59 -3.35 -8.05
C ALA A 35 14.26 -2.62 -7.84
N THR A 36 13.32 -2.80 -8.76
CA THR A 36 12.03 -2.10 -8.72
C THR A 36 11.30 -2.32 -7.39
N SER A 37 11.21 -3.57 -6.95
CA SER A 37 10.52 -3.89 -5.70
C SER A 37 11.30 -3.36 -4.48
N ARG A 38 12.63 -3.35 -4.56
CA ARG A 38 13.47 -2.79 -3.51
C ARG A 38 13.25 -1.27 -3.34
N LYS A 39 13.39 -0.54 -4.44
CA LYS A 39 13.23 0.92 -4.43
C LYS A 39 11.78 1.30 -4.05
N ALA A 40 10.82 0.53 -4.52
CA ALA A 40 9.41 0.74 -4.16
C ALA A 40 9.18 0.56 -2.65
N LEU A 41 9.72 -0.53 -2.09
CA LEU A 41 9.55 -0.84 -0.67
C LEU A 41 10.13 0.26 0.25
N GLU A 42 11.38 0.67 0.01
CA GLU A 42 12.02 1.68 0.86
C GLU A 42 11.32 3.04 0.72
N THR A 43 10.83 3.37 -0.47
CA THR A 43 10.05 4.59 -0.65
C THR A 43 8.71 4.50 0.10
N LEU A 44 8.02 3.36 -0.05
CA LEU A 44 6.75 3.11 0.65
C LEU A 44 6.87 3.30 2.17
N ARG A 45 7.88 2.67 2.76
CA ARG A 45 8.05 2.70 4.21
C ARG A 45 8.37 4.12 4.73
N ARG A 46 9.24 4.84 4.02
CA ARG A 46 9.67 6.18 4.47
C ARG A 46 8.54 7.23 4.36
N VAL A 47 7.80 7.21 3.25
CA VAL A 47 6.67 8.15 3.07
C VAL A 47 5.40 7.65 3.77
N GLY A 48 5.22 6.34 3.80
CA GLY A 48 4.06 5.74 4.46
C GLY A 48 4.00 6.05 5.95
N ASP A 49 5.16 6.00 6.61
CA ASP A 49 5.28 6.37 8.01
C ASP A 49 4.78 7.81 8.24
N GLY A 50 5.23 8.73 7.38
CA GLY A 50 4.78 10.12 7.47
C GLY A 50 3.26 10.26 7.32
N VAL A 51 2.70 9.54 6.34
CA VAL A 51 1.25 9.52 6.13
C VAL A 51 0.52 9.04 7.40
N GLN A 52 1.03 7.98 8.02
CA GLN A 52 0.46 7.47 9.26
C GLN A 52 0.51 8.53 10.38
N ARG A 53 1.62 9.24 10.49
CA ARG A 53 1.78 10.28 11.52
C ARG A 53 0.66 11.34 11.45
N ASN A 54 0.45 11.90 10.26
CA ASN A 54 -0.56 12.96 10.07
C ASN A 54 -2.00 12.41 10.06
N HIS A 55 -2.16 11.19 9.55
CA HIS A 55 -3.49 10.58 9.39
C HIS A 55 -3.94 9.74 10.60
N GLU A 56 -3.01 9.35 11.48
CA GLU A 56 -3.31 8.45 12.60
C GLU A 56 -4.56 8.91 13.39
N THR A 57 -4.58 10.19 13.78
CA THR A 57 -5.73 10.76 14.49
C THR A 57 -7.04 10.58 13.71
N ALA A 58 -6.95 10.57 12.37
CA ALA A 58 -8.11 10.40 11.50
C ALA A 58 -8.50 8.91 11.36
N PHE A 59 -7.52 8.06 11.07
CA PHE A 59 -7.75 6.62 10.90
C PHE A 59 -8.35 5.99 12.16
N GLN A 60 -7.79 6.32 13.34
CA GLN A 60 -8.31 5.81 14.62
C GLN A 60 -9.81 6.10 14.77
N GLY A 61 -10.27 7.20 14.17
CA GLY A 61 -11.69 7.54 14.20
C GLY A 61 -12.57 6.46 13.59
N MET A 62 -12.13 5.85 12.49
CA MET A 62 -12.89 4.77 11.85
C MET A 62 -12.47 3.41 12.41
N LEU A 63 -11.19 3.29 12.74
CA LEU A 63 -10.63 2.02 13.21
C LEU A 63 -11.34 1.51 14.47
N ARG A 64 -11.71 2.43 15.35
CA ARG A 64 -12.43 2.08 16.57
C ARG A 64 -13.77 1.38 16.28
N LYS A 65 -14.48 1.83 15.24
CA LYS A 65 -15.78 1.25 14.88
C LYS A 65 -15.63 0.13 13.84
N LEU A 66 -14.43 -0.02 13.28
CA LEU A 66 -14.11 -1.16 12.41
C LEU A 66 -13.74 -2.40 13.24
N ASP A 67 -12.52 -2.40 13.79
CA ASP A 67 -11.99 -3.52 14.58
C ASP A 67 -12.21 -4.89 13.90
N ILE A 68 -11.21 -5.30 13.11
CA ILE A 68 -11.32 -6.53 12.31
C ILE A 68 -11.14 -7.80 13.19
N LYS A 69 -12.22 -8.54 13.37
CA LYS A 69 -12.20 -9.78 14.15
C LYS A 69 -12.19 -11.03 13.25
N ASN A 70 -12.35 -10.84 11.93
CA ASN A 70 -12.21 -11.95 10.96
C ASN A 70 -12.08 -11.42 9.52
N GLU A 71 -11.74 -12.31 8.59
CA GLU A 71 -11.51 -11.93 7.19
C GLU A 71 -12.71 -11.18 6.58
N ASP A 72 -13.92 -11.50 7.03
CA ASP A 72 -15.14 -10.85 6.52
C ASP A 72 -15.07 -9.32 6.70
N ASP A 73 -14.44 -8.86 7.79
CA ASP A 73 -14.27 -7.43 8.02
C ASP A 73 -13.27 -6.84 7.01
N VAL A 74 -12.26 -7.63 6.65
CA VAL A 74 -11.30 -7.23 5.61
C VAL A 74 -11.99 -7.06 4.26
N LYS A 75 -12.92 -7.97 3.96
CA LYS A 75 -13.76 -7.87 2.76
C LYS A 75 -14.57 -6.56 2.78
N SER A 76 -14.94 -6.12 3.97
CA SER A 76 -15.63 -4.82 4.14
C SER A 76 -14.66 -3.66 3.91
N LEU A 77 -13.42 -3.80 4.39
CA LEU A 77 -12.37 -2.78 4.17
C LEU A 77 -12.16 -2.54 2.67
N SER A 78 -12.32 -3.60 1.86
CA SER A 78 -12.19 -3.51 0.40
C SER A 78 -13.05 -2.37 -0.17
N ARG A 79 -14.27 -2.25 0.34
CA ARG A 79 -15.19 -1.19 -0.11
C ARG A 79 -14.62 0.20 0.19
N VAL A 80 -14.05 0.37 1.38
CA VAL A 80 -13.38 1.63 1.75
C VAL A 80 -12.17 1.88 0.85
N MET A 81 -11.38 0.84 0.62
CA MET A 81 -10.18 0.92 -0.23
C MET A 81 -10.51 1.46 -1.63
N ILE A 82 -11.65 1.02 -2.17
CA ILE A 82 -12.12 1.52 -3.47
C ILE A 82 -12.40 3.04 -3.41
N HIS A 83 -13.06 3.49 -2.34
CA HIS A 83 -13.37 4.91 -2.15
C HIS A 83 -12.11 5.76 -1.99
N VAL A 84 -11.03 5.17 -1.47
CA VAL A 84 -9.74 5.86 -1.34
C VAL A 84 -9.22 6.36 -2.69
N PHE A 85 -9.71 5.76 -3.78
CA PHE A 85 -9.32 6.19 -5.15
C PHE A 85 -10.45 6.96 -5.85
N SER A 86 -11.61 7.05 -5.22
CA SER A 86 -12.81 7.66 -5.84
C SER A 86 -12.69 9.18 -6.02
N ASP A 87 -11.51 9.74 -5.71
CA ASP A 87 -11.28 11.18 -5.87
C ASP A 87 -11.30 11.63 -7.34
N GLY A 88 -11.10 10.69 -8.27
CA GLY A 88 -11.07 11.02 -9.69
C GLY A 88 -9.69 11.42 -10.20
N VAL A 89 -9.00 12.26 -9.43
CA VAL A 89 -7.65 12.72 -9.78
C VAL A 89 -6.62 11.57 -9.85
N THR A 90 -5.36 11.91 -10.12
CA THR A 90 -4.29 10.90 -10.17
C THR A 90 -3.69 10.65 -8.77
N ASN A 91 -2.81 11.56 -8.34
CA ASN A 91 -2.20 11.51 -6.99
C ASN A 91 -1.69 10.12 -6.59
N TRP A 92 -0.43 9.81 -6.92
CA TRP A 92 0.20 8.56 -6.46
C TRP A 92 0.26 8.49 -4.92
N GLY A 93 0.14 9.65 -4.27
CA GLY A 93 0.09 9.69 -2.81
C GLY A 93 -1.06 8.87 -2.23
N ARG A 94 -2.15 8.74 -3.00
CA ARG A 94 -3.29 7.93 -2.58
C ARG A 94 -2.94 6.43 -2.60
N ILE A 95 -2.09 6.02 -3.55
CA ILE A 95 -1.57 4.65 -3.59
C ILE A 95 -0.82 4.37 -2.28
N VAL A 96 0.01 5.32 -1.88
CA VAL A 96 0.71 5.26 -0.59
C VAL A 96 -0.28 5.21 0.58
N THR A 97 -1.29 6.06 0.52
CA THR A 97 -2.31 6.15 1.58
C THR A 97 -3.06 4.82 1.72
N LEU A 98 -3.29 4.14 0.60
CA LEU A 98 -3.94 2.82 0.60
C LEU A 98 -3.09 1.79 1.36
N ILE A 99 -1.84 1.64 0.95
CA ILE A 99 -0.91 0.69 1.57
C ILE A 99 -0.57 1.09 3.01
N SER A 100 -0.48 2.39 3.26
CA SER A 100 -0.20 2.93 4.60
C SER A 100 -1.34 2.62 5.57
N PHE A 101 -2.57 2.87 5.15
CA PHE A 101 -3.75 2.54 5.96
C PHE A 101 -3.84 1.02 6.19
N GLY A 102 -3.53 0.24 5.16
CA GLY A 102 -3.48 -1.21 5.30
C GLY A 102 -2.51 -1.65 6.40
N ALA A 103 -1.31 -1.06 6.39
CA ALA A 103 -0.31 -1.32 7.43
C ALA A 103 -0.77 -0.81 8.81
N PHE A 104 -1.49 0.32 8.80
CA PHE A 104 -2.03 0.91 10.03
C PHE A 104 -3.03 -0.04 10.70
N VAL A 105 -3.85 -0.70 9.89
CA VAL A 105 -4.80 -1.70 10.39
C VAL A 105 -4.06 -3.01 10.75
N ALA A 106 -3.08 -3.37 9.93
CA ALA A 106 -2.27 -4.58 10.13
C ALA A 106 -1.58 -4.61 11.50
N LYS A 107 -0.97 -3.50 11.89
CA LYS A 107 -0.30 -3.41 13.20
C LYS A 107 -1.32 -3.57 14.34
N HIS A 108 -2.54 -3.07 14.14
CA HIS A 108 -3.63 -3.30 15.09
C HIS A 108 -4.00 -4.78 15.15
N LEU A 109 -3.97 -5.44 13.99
CA LEU A 109 -4.29 -6.87 13.90
C LEU A 109 -3.31 -7.72 14.73
N LYS A 110 -2.01 -7.51 14.55
CA LYS A 110 -1.01 -8.25 15.33
C LYS A 110 -1.13 -7.91 16.82
N THR A 111 -1.47 -6.66 17.12
CA THR A 111 -1.72 -6.23 18.51
C THR A 111 -2.82 -7.10 19.14
N ILE A 112 -3.88 -7.38 18.38
CA ILE A 112 -4.98 -8.23 18.86
C ILE A 112 -4.85 -9.69 18.39
N ASN A 113 -3.62 -10.09 18.02
CA ASN A 113 -3.28 -11.49 17.67
C ASN A 113 -3.87 -11.93 16.30
N GLN A 114 -4.52 -11.02 15.59
CA GLN A 114 -5.16 -11.34 14.30
C GLN A 114 -4.17 -11.24 13.12
N GLU A 115 -2.97 -11.81 13.28
CA GLU A 115 -1.94 -11.77 12.22
C GLU A 115 -2.39 -12.48 10.93
N SER A 116 -3.17 -13.55 11.09
CA SER A 116 -3.71 -14.30 9.94
C SER A 116 -4.57 -13.41 9.04
N SER A 117 -5.16 -12.36 9.63
CA SER A 117 -5.98 -11.40 8.88
C SER A 117 -5.11 -10.40 8.07
N ILE A 118 -3.90 -10.15 8.55
CA ILE A 118 -2.97 -9.19 7.92
C ILE A 118 -2.68 -9.55 6.44
N GLU A 119 -2.38 -10.81 6.18
CA GLU A 119 -1.96 -11.26 4.85
C GLU A 119 -3.08 -11.11 3.80
N PRO A 120 -4.31 -11.65 4.04
CA PRO A 120 -5.45 -11.41 3.13
C PRO A 120 -5.80 -9.92 3.01
N LEU A 121 -5.50 -9.14 4.06
CA LEU A 121 -5.64 -7.68 4.01
C LEU A 121 -4.68 -7.09 2.97
N ALA A 122 -3.42 -7.52 3.03
CA ALA A 122 -2.42 -7.12 2.02
C ALA A 122 -2.89 -7.49 0.60
N GLU A 123 -3.50 -8.67 0.48
CA GLU A 123 -4.10 -9.11 -0.79
C GLU A 123 -5.26 -8.18 -1.20
N SER A 124 -6.04 -7.71 -0.21
CA SER A 124 -7.14 -6.76 -0.47
C SER A 124 -6.60 -5.42 -1.00
N ILE A 125 -5.53 -4.94 -0.40
CA ILE A 125 -4.85 -3.72 -0.87
C ILE A 125 -4.42 -3.89 -2.34
N THR A 126 -3.70 -4.98 -2.61
CA THR A 126 -3.25 -5.30 -3.97
C THR A 126 -4.44 -5.58 -4.91
N ASP A 127 -5.49 -6.19 -4.36
CA ASP A 127 -6.69 -6.54 -5.14
C ASP A 127 -7.35 -5.29 -5.72
N VAL A 128 -7.62 -4.30 -4.86
CA VAL A 128 -8.21 -3.03 -5.30
C VAL A 128 -7.24 -2.29 -6.24
N LEU A 129 -5.96 -2.30 -5.88
CA LEU A 129 -4.91 -1.67 -6.70
C LEU A 129 -4.92 -2.20 -8.14
N VAL A 130 -4.89 -3.52 -8.26
CA VAL A 130 -4.90 -4.19 -9.58
C VAL A 130 -6.31 -4.16 -10.21
N ARG A 131 -7.34 -4.03 -9.39
CA ARG A 131 -8.73 -4.01 -9.86
C ARG A 131 -9.06 -2.72 -10.64
N THR A 132 -8.68 -1.57 -10.09
CA THR A 132 -9.00 -0.27 -10.71
C THR A 132 -7.78 0.43 -11.34
N LYS A 133 -6.60 0.29 -10.74
CA LYS A 133 -5.39 0.97 -11.23
C LYS A 133 -4.51 0.03 -12.08
N ARG A 134 -5.10 -1.06 -12.55
CA ARG A 134 -4.38 -2.08 -13.35
C ARG A 134 -3.52 -1.44 -14.46
N ASP A 135 -4.18 -0.74 -15.38
CA ASP A 135 -3.50 -0.14 -16.53
C ASP A 135 -2.46 0.90 -16.11
N TRP A 136 -2.79 1.73 -15.12
CA TRP A 136 -1.87 2.74 -14.62
C TRP A 136 -0.57 2.12 -14.09
N LEU A 137 -0.70 0.97 -13.43
CA LEU A 137 0.47 0.25 -12.89
C LEU A 137 1.50 -0.07 -13.98
N VAL A 138 1.06 -0.68 -15.08
CA VAL A 138 1.99 -1.01 -16.18
C VAL A 138 2.34 0.22 -17.05
N LYS A 139 1.34 1.03 -17.39
CA LYS A 139 1.53 2.19 -18.26
C LYS A 139 2.51 3.22 -17.67
N GLN A 140 2.29 3.60 -16.42
CA GLN A 140 3.18 4.57 -15.76
C GLN A 140 4.27 3.85 -14.95
N ARG A 141 4.37 2.54 -15.15
CA ARG A 141 5.34 1.69 -14.44
C ARG A 141 5.16 1.76 -12.92
N GLY A 142 3.93 2.09 -12.50
CA GLY A 142 3.53 2.12 -11.08
C GLY A 142 4.66 2.33 -10.08
N TRP A 143 5.38 1.27 -9.78
CA TRP A 143 6.45 1.31 -8.76
C TRP A 143 7.67 2.13 -9.24
N ASP A 144 8.10 1.88 -10.48
CA ASP A 144 9.18 2.67 -11.08
C ASP A 144 8.77 4.15 -11.19
N GLY A 145 7.51 4.37 -11.57
CA GLY A 145 6.96 5.72 -11.63
C GLY A 145 6.75 6.34 -10.25
N PHE A 146 6.45 5.49 -9.27
CA PHE A 146 6.26 5.90 -7.88
C PHE A 146 7.55 6.50 -7.27
N VAL A 147 8.66 5.81 -7.48
CA VAL A 147 9.96 6.24 -6.95
C VAL A 147 10.45 7.55 -7.58
N GLU A 148 10.20 7.74 -8.89
CA GLU A 148 10.56 8.99 -9.56
C GLU A 148 9.62 10.14 -9.15
N PHE A 149 8.33 9.83 -9.00
CA PHE A 149 7.33 10.82 -8.62
C PHE A 149 7.64 11.44 -7.25
N PHE A 150 7.93 10.60 -6.26
CA PHE A 150 8.32 11.07 -4.92
C PHE A 150 9.81 11.44 -4.85
N HIS A 151 10.53 11.25 -5.95
CA HIS A 151 11.94 11.63 -6.08
C HIS A 151 12.82 10.97 -5.01
N VAL A 152 13.06 9.67 -5.13
CA VAL A 152 13.99 8.96 -4.25
C VAL A 152 15.33 8.70 -4.96
N GLU A 153 15.32 7.82 -5.96
CA GLU A 153 16.49 7.61 -6.82
C GLU A 153 16.38 8.47 -8.10
N ASP A 154 15.40 9.35 -8.12
CA ASP A 154 15.14 10.22 -9.27
C ASP A 154 16.08 11.45 -9.27
N LEU A 155 16.28 12.02 -10.46
CA LEU A 155 17.12 13.21 -10.61
C LEU A 155 16.47 14.24 -11.56
N GLU A 156 15.24 13.96 -11.98
CA GLU A 156 14.52 14.84 -12.90
C GLU A 156 13.41 15.61 -12.17
N GLY A 157 12.44 14.89 -11.62
CA GLY A 157 11.32 15.53 -10.95
C GLY A 157 10.10 14.63 -10.78
N GLY A 158 9.88 13.74 -11.76
CA GLY A 158 8.74 12.82 -11.71
C GLY A 158 7.38 13.48 -11.99
N HIS A 159 7.19 14.69 -11.49
CA HIS A 159 5.92 15.42 -11.67
C HIS A 159 5.79 15.99 -13.10
N HIS A 160 4.75 15.57 -13.81
CA HIS A 160 4.48 16.06 -15.16
C HIS A 160 2.98 15.95 -15.50
N HIS A 161 2.15 16.60 -14.69
CA HIS A 161 0.69 16.53 -14.83
C HIS A 161 0.20 17.21 -16.12
N HIS A 162 -0.50 16.45 -16.96
CA HIS A 162 -1.14 17.00 -18.18
C HIS A 162 -2.57 16.47 -18.32
N HIS A 163 -3.54 17.38 -18.33
CA HIS A 163 -4.95 17.02 -18.46
C HIS A 163 -5.49 17.32 -19.88
N HIS A 164 -6.30 16.41 -20.41
CA HIS A 164 -6.93 16.61 -21.72
C HIS A 164 -8.38 16.05 -21.73
N MET A 1 -3.85 -17.22 -11.57
CA MET A 1 -4.15 -16.35 -12.74
C MET A 1 -4.07 -14.87 -12.34
N GLU A 2 -2.85 -14.34 -12.30
CA GLU A 2 -2.60 -12.99 -11.80
C GLU A 2 -1.32 -12.40 -12.40
N ASP A 3 -1.28 -11.07 -12.46
CA ASP A 3 -0.11 -10.35 -12.99
C ASP A 3 1.12 -10.48 -12.08
N GLU A 4 2.31 -10.49 -12.67
CA GLU A 4 3.53 -10.41 -11.88
C GLU A 4 3.60 -9.05 -11.16
N LEU A 5 3.02 -8.04 -11.81
CA LEU A 5 2.82 -6.72 -11.20
C LEU A 5 2.05 -6.84 -9.88
N TYR A 6 1.00 -7.68 -9.91
CA TYR A 6 0.19 -7.96 -8.72
C TYR A 6 1.04 -8.60 -7.61
N ARG A 7 1.83 -9.60 -7.96
CA ARG A 7 2.66 -10.32 -6.98
C ARG A 7 3.83 -9.46 -6.47
N GLN A 8 4.34 -8.57 -7.33
CA GLN A 8 5.40 -7.63 -6.92
C GLN A 8 4.85 -6.64 -5.88
N SER A 9 3.75 -5.99 -6.21
CA SER A 9 3.09 -5.04 -5.32
C SER A 9 2.64 -5.72 -4.03
N LEU A 10 2.08 -6.92 -4.17
CA LEU A 10 1.64 -7.73 -3.02
C LEU A 10 2.79 -7.96 -2.02
N GLU A 11 3.96 -8.37 -2.52
CA GLU A 11 5.11 -8.63 -1.65
C GLU A 11 5.60 -7.34 -0.97
N ILE A 12 5.64 -6.24 -1.73
CA ILE A 12 6.00 -4.92 -1.18
C ILE A 12 5.05 -4.51 -0.05
N ILE A 13 3.75 -4.53 -0.34
CA ILE A 13 2.72 -4.15 0.63
C ILE A 13 2.74 -5.10 1.84
N SER A 14 2.84 -6.40 1.58
CA SER A 14 2.94 -7.40 2.66
C SER A 14 4.11 -7.10 3.60
N ARG A 15 5.27 -6.79 3.03
CA ARG A 15 6.43 -6.37 3.83
C ARG A 15 6.10 -5.13 4.67
N TYR A 16 5.69 -4.06 3.98
CA TYR A 16 5.44 -2.76 4.62
C TYR A 16 4.46 -2.88 5.81
N LEU A 17 3.37 -3.63 5.59
CA LEU A 17 2.38 -3.86 6.65
C LEU A 17 3.01 -4.56 7.87
N ARG A 18 3.81 -5.61 7.62
CA ARG A 18 4.49 -6.32 8.72
C ARG A 18 5.53 -5.43 9.41
N GLU A 19 6.31 -4.69 8.61
CA GLU A 19 7.37 -3.83 9.14
C GLU A 19 6.80 -2.71 10.03
N GLN A 20 5.70 -2.11 9.60
CA GLN A 20 5.03 -1.06 10.38
C GLN A 20 4.33 -1.64 11.62
N ALA A 21 3.69 -2.80 11.46
CA ALA A 21 3.02 -3.47 12.58
C ALA A 21 4.01 -3.85 13.69
N THR A 22 5.16 -4.41 13.29
CA THR A 22 6.17 -4.87 14.25
C THR A 22 7.16 -3.75 14.61
N GLY A 23 7.20 -2.69 13.81
CA GLY A 23 8.17 -1.62 14.03
C GLY A 23 9.61 -2.05 13.71
N ALA A 24 9.73 -3.01 12.80
CA ALA A 24 11.02 -3.59 12.45
C ALA A 24 11.11 -3.85 10.93
N LYS A 25 11.98 -4.78 10.54
CA LYS A 25 12.17 -5.13 9.12
C LYS A 25 11.58 -6.52 8.80
N ASP A 26 11.04 -6.67 7.59
CA ASP A 26 10.43 -7.94 7.15
C ASP A 26 11.48 -8.88 6.52
N THR A 27 11.23 -10.19 6.58
CA THR A 27 12.22 -11.20 6.14
C THR A 27 12.09 -11.56 4.64
N LYS A 28 10.96 -11.22 4.01
CA LYS A 28 10.75 -11.54 2.59
C LYS A 28 11.79 -10.83 1.70
N PRO A 29 12.14 -11.43 0.55
CA PRO A 29 13.22 -10.93 -0.31
C PRO A 29 13.00 -9.48 -0.79
N MET A 30 12.12 -9.28 -1.78
CA MET A 30 11.88 -7.95 -2.36
C MET A 30 10.92 -8.03 -3.57
N GLY A 31 10.97 -9.14 -4.29
CA GLY A 31 10.13 -9.30 -5.48
C GLY A 31 10.95 -9.52 -6.75
N ARG A 32 10.31 -10.03 -7.79
CA ARG A 32 10.98 -10.33 -9.07
C ARG A 32 11.74 -9.12 -9.65
N SER A 33 11.08 -7.97 -9.67
CA SER A 33 11.66 -6.74 -10.25
C SER A 33 12.89 -6.25 -9.45
N GLY A 34 13.04 -6.74 -8.22
CA GLY A 34 14.21 -6.42 -7.41
C GLY A 34 14.39 -4.92 -7.13
N ALA A 35 15.14 -4.24 -7.99
CA ALA A 35 15.44 -2.83 -7.79
C ALA A 35 14.18 -1.96 -7.75
N THR A 36 13.31 -2.12 -8.76
CA THR A 36 12.08 -1.32 -8.85
C THR A 36 11.19 -1.52 -7.61
N SER A 37 11.13 -2.75 -7.12
CA SER A 37 10.30 -3.06 -5.95
C SER A 37 10.92 -2.51 -4.65
N ARG A 38 12.24 -2.59 -4.52
CA ARG A 38 12.93 -1.99 -3.37
C ARG A 38 12.68 -0.48 -3.30
N LYS A 39 12.98 0.23 -4.40
CA LYS A 39 12.83 1.68 -4.45
C LYS A 39 11.40 2.11 -4.08
N ALA A 40 10.41 1.36 -4.57
CA ALA A 40 9.01 1.58 -4.21
C ALA A 40 8.80 1.42 -2.69
N LEU A 41 9.32 0.34 -2.12
CA LEU A 41 9.16 0.06 -0.69
C LEU A 41 9.82 1.14 0.19
N GLU A 42 11.09 1.43 -0.06
CA GLU A 42 11.81 2.42 0.76
C GLU A 42 11.25 3.84 0.58
N THR A 43 10.56 4.08 -0.53
CA THR A 43 9.81 5.34 -0.70
C THR A 43 8.49 5.28 0.10
N LEU A 44 7.82 4.13 0.05
CA LEU A 44 6.58 3.90 0.83
C LEU A 44 6.81 4.14 2.33
N ARG A 45 7.94 3.69 2.85
CA ARG A 45 8.25 3.89 4.27
C ARG A 45 8.60 5.37 4.55
N ARG A 46 9.31 6.01 3.62
CA ARG A 46 9.74 7.40 3.78
C ARG A 46 8.55 8.38 3.80
N VAL A 47 7.62 8.18 2.86
CA VAL A 47 6.43 9.04 2.78
C VAL A 47 5.27 8.48 3.60
N GLY A 48 5.18 7.15 3.67
CA GLY A 48 4.08 6.48 4.36
C GLY A 48 4.04 6.73 5.86
N ASP A 49 5.19 6.59 6.53
CA ASP A 49 5.26 6.80 7.98
C ASP A 49 4.65 8.16 8.36
N GLY A 50 5.13 9.23 7.72
CA GLY A 50 4.60 10.56 7.93
C GLY A 50 3.09 10.66 7.67
N VAL A 51 2.65 10.11 6.54
CA VAL A 51 1.22 10.09 6.20
C VAL A 51 0.40 9.39 7.30
N GLN A 52 0.91 8.28 7.82
CA GLN A 52 0.26 7.56 8.91
C GLN A 52 0.10 8.45 10.15
N ARG A 53 1.21 9.05 10.59
CA ARG A 53 1.21 9.88 11.80
C ARG A 53 0.22 11.06 11.69
N ASN A 54 0.18 11.69 10.52
CA ASN A 54 -0.72 12.83 10.26
C ASN A 54 -2.19 12.39 10.18
N HIS A 55 -2.42 11.32 9.42
CA HIS A 55 -3.77 10.79 9.17
C HIS A 55 -4.29 9.93 10.35
N GLU A 56 -3.37 9.49 11.21
CA GLU A 56 -3.68 8.53 12.28
C GLU A 56 -4.93 8.91 13.09
N THR A 57 -4.94 10.13 13.64
CA THR A 57 -6.10 10.58 14.43
C THR A 57 -7.40 10.54 13.62
N ALA A 58 -7.30 10.75 12.30
CA ALA A 58 -8.47 10.73 11.42
C ALA A 58 -8.94 9.29 11.14
N PHE A 59 -8.00 8.36 11.04
CA PHE A 59 -8.34 6.95 10.81
C PHE A 59 -8.85 6.27 12.09
N GLN A 60 -8.35 6.71 13.25
CA GLN A 60 -8.78 6.17 14.54
C GLN A 60 -10.31 6.09 14.66
N GLY A 61 -10.98 7.13 14.14
CA GLY A 61 -12.44 7.19 14.20
C GLY A 61 -13.14 5.96 13.61
N MET A 62 -12.58 5.42 12.52
CA MET A 62 -13.18 4.23 11.90
C MET A 62 -12.57 2.95 12.49
N LEU A 63 -11.27 3.00 12.75
CA LEU A 63 -10.52 1.83 13.21
C LEU A 63 -11.16 1.21 14.47
N ARG A 64 -11.54 2.07 15.42
CA ARG A 64 -12.12 1.64 16.69
C ARG A 64 -13.37 0.75 16.51
N LYS A 65 -14.13 0.99 15.44
CA LYS A 65 -15.38 0.25 15.21
C LYS A 65 -15.19 -0.87 14.17
N LEU A 66 -13.96 -1.08 13.72
CA LEU A 66 -13.65 -2.15 12.77
C LEU A 66 -13.04 -3.37 13.49
N ASP A 67 -11.82 -3.21 14.00
CA ASP A 67 -11.07 -4.28 14.70
C ASP A 67 -10.57 -5.39 13.77
N ILE A 68 -11.46 -5.88 12.92
CA ILE A 68 -11.18 -7.03 12.05
C ILE A 68 -10.89 -8.31 12.85
N LYS A 69 -11.90 -9.16 13.01
CA LYS A 69 -11.77 -10.40 13.77
C LYS A 69 -11.62 -11.63 12.85
N ASN A 70 -11.83 -11.44 11.55
CA ASN A 70 -11.62 -12.52 10.57
C ASN A 70 -11.51 -12.01 9.13
N GLU A 71 -11.27 -12.93 8.19
CA GLU A 71 -11.13 -12.62 6.76
C GLU A 71 -12.29 -11.76 6.23
N ASP A 72 -13.52 -12.09 6.63
CA ASP A 72 -14.71 -11.37 6.15
C ASP A 72 -14.58 -9.86 6.40
N ASP A 73 -14.03 -9.48 7.56
CA ASP A 73 -13.78 -8.06 7.87
C ASP A 73 -12.75 -7.46 6.90
N VAL A 74 -11.71 -8.22 6.62
CA VAL A 74 -10.68 -7.81 5.67
C VAL A 74 -11.29 -7.53 4.28
N LYS A 75 -12.13 -8.45 3.81
CA LYS A 75 -12.82 -8.27 2.54
C LYS A 75 -13.89 -7.16 2.63
N SER A 76 -14.38 -6.92 3.85
CA SER A 76 -15.28 -5.78 4.11
C SER A 76 -14.53 -4.46 3.93
N LEU A 77 -13.28 -4.42 4.36
CA LEU A 77 -12.42 -3.24 4.17
C LEU A 77 -12.26 -2.92 2.67
N SER A 78 -12.22 -3.97 1.84
CA SER A 78 -12.10 -3.80 0.38
C SER A 78 -13.18 -2.86 -0.16
N ARG A 79 -14.41 -3.00 0.37
CA ARG A 79 -15.53 -2.13 -0.02
C ARG A 79 -15.16 -0.63 0.13
N VAL A 80 -14.38 -0.32 1.15
CA VAL A 80 -13.90 1.05 1.37
C VAL A 80 -12.66 1.36 0.51
N MET A 81 -11.77 0.37 0.40
CA MET A 81 -10.54 0.50 -0.40
C MET A 81 -10.86 0.94 -1.85
N ILE A 82 -11.95 0.42 -2.40
CA ILE A 82 -12.42 0.83 -3.73
C ILE A 82 -12.72 2.33 -3.78
N HIS A 83 -13.31 2.88 -2.72
CA HIS A 83 -13.63 4.32 -2.64
C HIS A 83 -12.35 5.17 -2.61
N VAL A 84 -11.29 4.63 -2.00
CA VAL A 84 -10.00 5.34 -1.94
C VAL A 84 -9.47 5.67 -3.36
N PHE A 85 -9.83 4.85 -4.34
CA PHE A 85 -9.42 5.07 -5.74
C PHE A 85 -10.45 5.91 -6.53
N SER A 86 -11.26 6.69 -5.82
CA SER A 86 -12.26 7.57 -6.46
C SER A 86 -11.65 8.45 -7.55
N ASP A 87 -10.41 8.86 -7.35
CA ASP A 87 -9.68 9.69 -8.34
C ASP A 87 -9.26 8.87 -9.58
N GLY A 88 -9.54 9.42 -10.75
CA GLY A 88 -9.08 8.82 -12.01
C GLY A 88 -7.88 9.58 -12.57
N VAL A 89 -7.23 10.37 -11.72
CA VAL A 89 -6.09 11.21 -12.12
C VAL A 89 -4.76 10.64 -11.60
N THR A 90 -3.65 11.34 -11.87
CA THR A 90 -2.31 10.88 -11.50
C THR A 90 -2.00 11.08 -9.99
N ASN A 91 -3.02 11.23 -9.15
CA ASN A 91 -2.80 11.39 -7.71
C ASN A 91 -2.25 10.10 -7.08
N TRP A 92 -0.95 9.88 -7.21
CA TRP A 92 -0.28 8.70 -6.64
C TRP A 92 -0.37 8.70 -5.11
N GLY A 93 -0.69 9.86 -4.53
CA GLY A 93 -0.93 9.95 -3.10
C GLY A 93 -2.04 9.00 -2.62
N ARG A 94 -2.93 8.64 -3.53
CA ARG A 94 -3.97 7.63 -3.23
C ARG A 94 -3.36 6.27 -2.95
N ILE A 95 -2.31 5.92 -3.71
CA ILE A 95 -1.57 4.68 -3.49
C ILE A 95 -0.97 4.66 -2.08
N VAL A 96 -0.32 5.77 -1.71
CA VAL A 96 0.25 5.93 -0.36
C VAL A 96 -0.85 5.80 0.71
N THR A 97 -1.97 6.49 0.50
CA THR A 97 -3.10 6.48 1.45
C THR A 97 -3.63 5.05 1.67
N LEU A 98 -3.88 4.35 0.57
CA LEU A 98 -4.40 2.97 0.62
C LEU A 98 -3.49 2.05 1.45
N ILE A 99 -2.20 2.02 1.07
CA ILE A 99 -1.22 1.18 1.76
C ILE A 99 -0.97 1.67 3.20
N SER A 100 -1.05 3.00 3.39
CA SER A 100 -0.91 3.61 4.72
C SER A 100 -1.97 3.10 5.69
N PHE A 101 -3.23 3.17 5.28
CA PHE A 101 -4.34 2.68 6.10
C PHE A 101 -4.23 1.17 6.31
N GLY A 102 -3.81 0.44 5.27
CA GLY A 102 -3.58 -0.99 5.39
C GLY A 102 -2.55 -1.33 6.48
N ALA A 103 -1.42 -0.64 6.45
CA ALA A 103 -0.38 -0.81 7.48
C ALA A 103 -0.88 -0.35 8.86
N PHE A 104 -1.69 0.70 8.86
CA PHE A 104 -2.29 1.23 10.10
C PHE A 104 -3.21 0.18 10.76
N VAL A 105 -4.04 -0.48 9.95
CA VAL A 105 -4.89 -1.56 10.46
C VAL A 105 -4.03 -2.77 10.90
N ALA A 106 -2.95 -3.03 10.15
CA ALA A 106 -2.01 -4.10 10.48
C ALA A 106 -1.43 -3.92 11.89
N LYS A 107 -1.15 -2.68 12.28
CA LYS A 107 -0.68 -2.37 13.64
C LYS A 107 -1.72 -2.82 14.68
N HIS A 108 -2.99 -2.51 14.41
CA HIS A 108 -4.09 -2.94 15.29
C HIS A 108 -4.21 -4.47 15.30
N LEU A 109 -4.04 -5.08 14.12
CA LEU A 109 -4.11 -6.54 14.00
C LEU A 109 -3.06 -7.24 14.88
N LYS A 110 -1.81 -6.79 14.80
CA LYS A 110 -0.75 -7.37 15.63
C LYS A 110 -1.09 -7.19 17.12
N THR A 111 -1.54 -6.00 17.49
CA THR A 111 -1.93 -5.70 18.87
C THR A 111 -3.02 -6.67 19.39
N ILE A 112 -4.04 -6.93 18.56
CA ILE A 112 -5.10 -7.88 18.93
C ILE A 112 -4.74 -9.32 18.56
N ASN A 113 -3.46 -9.55 18.22
CA ASN A 113 -2.91 -10.89 17.93
C ASN A 113 -3.49 -11.52 16.64
N GLN A 114 -4.09 -10.69 15.79
CA GLN A 114 -4.60 -11.14 14.49
C GLN A 114 -3.55 -10.94 13.39
N GLU A 115 -2.28 -11.20 13.72
CA GLU A 115 -1.17 -10.96 12.78
C GLU A 115 -1.35 -11.74 11.47
N SER A 116 -1.97 -12.92 11.54
CA SER A 116 -2.24 -13.73 10.35
C SER A 116 -3.05 -12.96 9.31
N SER A 117 -4.01 -12.16 9.78
CA SER A 117 -4.90 -11.37 8.91
C SER A 117 -4.13 -10.34 8.06
N ILE A 118 -2.96 -9.89 8.54
CA ILE A 118 -2.18 -8.85 7.85
C ILE A 118 -1.86 -9.21 6.38
N GLU A 119 -1.44 -10.45 6.13
CA GLU A 119 -1.04 -10.86 4.77
C GLU A 119 -2.24 -10.88 3.77
N PRO A 120 -3.37 -11.55 4.09
CA PRO A 120 -4.58 -11.48 3.25
C PRO A 120 -5.14 -10.04 3.16
N LEU A 121 -4.87 -9.22 4.17
CA LEU A 121 -5.22 -7.79 4.12
C LEU A 121 -4.38 -7.11 3.03
N ALA A 122 -3.09 -7.41 3.00
CA ALA A 122 -2.19 -6.93 1.94
C ALA A 122 -2.70 -7.37 0.56
N GLU A 123 -3.23 -8.60 0.48
CA GLU A 123 -3.86 -9.09 -0.75
C GLU A 123 -5.09 -8.25 -1.12
N SER A 124 -5.88 -7.85 -0.12
CA SER A 124 -7.05 -6.99 -0.36
C SER A 124 -6.62 -5.62 -0.92
N ILE A 125 -5.60 -5.03 -0.31
CA ILE A 125 -5.03 -3.77 -0.79
C ILE A 125 -4.57 -3.90 -2.26
N THR A 126 -3.76 -4.92 -2.52
CA THR A 126 -3.24 -5.19 -3.87
C THR A 126 -4.36 -5.58 -4.85
N ASP A 127 -5.36 -6.31 -4.34
CA ASP A 127 -6.48 -6.76 -5.17
C ASP A 127 -7.26 -5.57 -5.72
N VAL A 128 -7.64 -4.64 -4.84
CA VAL A 128 -8.32 -3.41 -5.25
C VAL A 128 -7.44 -2.56 -6.17
N LEU A 129 -6.15 -2.49 -5.85
CA LEU A 129 -5.16 -1.79 -6.68
C LEU A 129 -5.21 -2.29 -8.14
N VAL A 130 -5.10 -3.60 -8.32
CA VAL A 130 -5.18 -4.21 -9.65
C VAL A 130 -6.62 -4.22 -10.21
N ARG A 131 -7.59 -4.31 -9.30
CA ARG A 131 -9.01 -4.39 -9.66
C ARG A 131 -9.44 -3.26 -10.61
N THR A 132 -8.98 -2.04 -10.34
CA THR A 132 -9.40 -0.87 -11.12
C THR A 132 -8.24 -0.06 -11.70
N LYS A 133 -7.04 -0.18 -11.13
CA LYS A 133 -5.91 0.67 -11.55
C LYS A 133 -4.68 -0.12 -12.05
N ARG A 134 -4.85 -1.43 -12.31
CA ARG A 134 -3.72 -2.26 -12.81
C ARG A 134 -3.21 -1.73 -14.15
N ASP A 135 -4.15 -1.32 -14.99
CA ASP A 135 -3.83 -0.74 -16.30
C ASP A 135 -2.96 0.52 -16.14
N TRP A 136 -3.40 1.44 -15.29
CA TRP A 136 -2.65 2.67 -15.02
C TRP A 136 -1.24 2.37 -14.47
N LEU A 137 -1.14 1.32 -13.65
CA LEU A 137 0.15 0.87 -13.11
C LEU A 137 1.13 0.50 -14.25
N VAL A 138 0.67 -0.30 -15.21
CA VAL A 138 1.54 -0.74 -16.31
C VAL A 138 1.73 0.37 -17.37
N LYS A 139 0.69 1.20 -17.56
CA LYS A 139 0.76 2.30 -18.55
C LYS A 139 1.82 3.34 -18.17
N GLN A 140 1.68 3.93 -16.98
CA GLN A 140 2.57 5.01 -16.53
C GLN A 140 3.77 4.47 -15.74
N ARG A 141 3.82 3.15 -15.55
CA ARG A 141 4.81 2.50 -14.68
C ARG A 141 4.69 3.03 -13.25
N GLY A 142 3.72 2.48 -12.51
CA GLY A 142 3.37 2.98 -11.19
C GLY A 142 4.53 3.06 -10.21
N TRP A 143 5.28 1.97 -10.08
CA TRP A 143 6.36 1.90 -9.09
C TRP A 143 7.58 2.72 -9.52
N ASP A 144 7.87 2.73 -10.82
CA ASP A 144 8.93 3.57 -11.37
C ASP A 144 8.62 5.06 -11.16
N GLY A 145 7.41 5.46 -11.58
CA GLY A 145 6.96 6.83 -11.42
C GLY A 145 6.76 7.24 -9.96
N PHE A 146 6.37 6.28 -9.12
CA PHE A 146 6.17 6.52 -7.69
C PHE A 146 7.44 7.08 -7.03
N VAL A 147 8.58 6.47 -7.36
CA VAL A 147 9.88 6.87 -6.79
C VAL A 147 10.29 8.28 -7.23
N GLU A 148 10.16 8.58 -8.52
CA GLU A 148 10.49 9.93 -9.05
C GLU A 148 9.44 10.98 -8.65
N PHE A 149 8.19 10.54 -8.47
CA PHE A 149 7.10 11.44 -8.06
C PHE A 149 7.44 12.17 -6.75
N PHE A 150 7.88 11.42 -5.75
CA PHE A 150 8.37 11.99 -4.51
C PHE A 150 9.85 12.41 -4.62
N HIS A 151 10.43 12.19 -5.79
CA HIS A 151 11.81 12.60 -6.11
C HIS A 151 12.84 11.97 -5.16
N VAL A 152 12.61 10.70 -4.80
CA VAL A 152 13.53 9.98 -3.90
C VAL A 152 14.79 9.54 -4.66
N GLU A 153 14.64 8.58 -5.57
CA GLU A 153 15.77 8.10 -6.40
C GLU A 153 15.42 8.19 -7.90
N ASP A 154 15.18 9.40 -8.38
CA ASP A 154 14.95 9.64 -9.80
C ASP A 154 16.25 9.44 -10.61
N LEU A 155 16.11 8.92 -11.83
CA LEU A 155 17.28 8.69 -12.70
C LEU A 155 17.32 9.70 -13.87
N GLU A 156 16.25 10.49 -14.00
CA GLU A 156 16.19 11.60 -14.97
C GLU A 156 16.31 11.15 -16.43
N GLY A 157 16.39 9.85 -16.67
CA GLY A 157 16.42 9.33 -18.03
C GLY A 157 15.03 9.30 -18.67
N GLY A 158 14.47 10.48 -18.92
CA GLY A 158 13.14 10.58 -19.51
C GLY A 158 12.02 10.18 -18.57
N HIS A 159 10.91 9.68 -19.14
CA HIS A 159 9.73 9.21 -18.39
C HIS A 159 8.95 10.36 -17.72
N HIS A 160 9.60 11.08 -16.80
CA HIS A 160 8.94 12.12 -15.99
C HIS A 160 8.00 13.05 -16.79
N HIS A 161 6.69 12.82 -16.63
CA HIS A 161 5.64 13.68 -17.20
C HIS A 161 4.47 13.78 -16.21
N HIS A 162 4.44 14.85 -15.41
CA HIS A 162 3.43 14.99 -14.36
C HIS A 162 2.11 15.57 -14.92
N HIS A 163 1.39 14.76 -15.68
CA HIS A 163 0.08 15.14 -16.21
C HIS A 163 -1.03 14.84 -15.20
N HIS A 164 -1.67 15.89 -14.68
CA HIS A 164 -2.76 15.75 -13.70
C HIS A 164 -3.90 14.85 -14.23
N MET A 1 -5.82 -17.17 -9.00
CA MET A 1 -6.28 -16.29 -10.11
C MET A 1 -5.56 -14.93 -10.04
N GLU A 2 -4.41 -14.83 -10.71
CA GLU A 2 -3.55 -13.65 -10.59
C GLU A 2 -2.53 -13.56 -11.75
N ASP A 3 -1.89 -12.40 -11.89
CA ASP A 3 -0.85 -12.18 -12.89
C ASP A 3 0.48 -11.76 -12.24
N GLU A 4 1.52 -11.58 -13.05
CA GLU A 4 2.85 -11.19 -12.54
C GLU A 4 2.83 -9.85 -11.79
N LEU A 5 2.17 -8.85 -12.36
CA LEU A 5 2.09 -7.52 -11.75
C LEU A 5 1.38 -7.60 -10.39
N TYR A 6 0.30 -8.37 -10.35
CA TYR A 6 -0.42 -8.64 -9.10
C TYR A 6 0.50 -9.26 -8.04
N ARG A 7 1.32 -10.23 -8.45
CA ARG A 7 2.22 -10.92 -7.51
C ARG A 7 3.32 -9.99 -6.95
N GLN A 8 3.99 -9.26 -7.85
CA GLN A 8 5.05 -8.34 -7.43
C GLN A 8 4.50 -7.24 -6.51
N SER A 9 3.43 -6.58 -6.95
CA SER A 9 2.77 -5.54 -6.13
C SER A 9 2.33 -6.12 -4.79
N LEU A 10 1.86 -7.37 -4.83
CA LEU A 10 1.44 -8.07 -3.61
C LEU A 10 2.58 -8.21 -2.59
N GLU A 11 3.77 -8.62 -3.04
CA GLU A 11 4.90 -8.79 -2.11
C GLU A 11 5.34 -7.44 -1.53
N ILE A 12 5.38 -6.41 -2.37
CA ILE A 12 5.75 -5.06 -1.93
C ILE A 12 4.82 -4.58 -0.80
N ILE A 13 3.52 -4.64 -1.06
CA ILE A 13 2.51 -4.21 -0.07
C ILE A 13 2.49 -5.14 1.15
N SER A 14 2.52 -6.46 0.90
CA SER A 14 2.50 -7.46 1.98
C SER A 14 3.65 -7.26 2.96
N ARG A 15 4.88 -7.21 2.44
CA ARG A 15 6.05 -6.94 3.29
C ARG A 15 5.87 -5.62 4.05
N TYR A 16 5.50 -4.56 3.33
CA TYR A 16 5.32 -3.23 3.93
C TYR A 16 4.38 -3.26 5.14
N LEU A 17 3.25 -3.96 5.02
CA LEU A 17 2.33 -4.12 6.15
C LEU A 17 3.01 -4.83 7.33
N ARG A 18 3.82 -5.84 7.05
CA ARG A 18 4.57 -6.55 8.09
C ARG A 18 5.60 -5.62 8.76
N GLU A 19 6.29 -4.82 7.93
CA GLU A 19 7.27 -3.83 8.42
C GLU A 19 6.63 -2.86 9.42
N GLN A 20 5.49 -2.30 9.01
CA GLN A 20 4.78 -1.29 9.82
C GLN A 20 4.05 -1.90 11.03
N ALA A 21 3.59 -3.15 10.89
CA ALA A 21 2.88 -3.85 11.97
C ALA A 21 3.84 -4.23 13.12
N THR A 22 5.05 -4.63 12.75
CA THR A 22 6.08 -4.99 13.75
C THR A 22 6.89 -3.76 14.18
N GLY A 23 7.14 -2.86 13.23
CA GLY A 23 7.96 -1.68 13.49
C GLY A 23 9.42 -1.86 13.06
N ALA A 24 9.72 -3.04 12.52
CA ALA A 24 11.09 -3.38 12.08
C ALA A 24 11.16 -3.52 10.55
N LYS A 25 12.19 -4.21 10.06
CA LYS A 25 12.33 -4.48 8.62
C LYS A 25 12.64 -5.96 8.34
N ASP A 26 12.19 -6.43 7.19
CA ASP A 26 12.57 -7.76 6.69
C ASP A 26 13.98 -7.73 6.08
N THR A 27 14.62 -8.90 5.98
CA THR A 27 15.98 -9.02 5.41
C THR A 27 16.06 -10.21 4.44
N LYS A 28 14.92 -10.81 4.11
CA LYS A 28 14.87 -11.97 3.22
C LYS A 28 14.87 -11.55 1.73
N PRO A 29 15.36 -12.42 0.83
CA PRO A 29 15.39 -12.15 -0.63
C PRO A 29 14.03 -11.68 -1.19
N MET A 30 14.08 -10.88 -2.25
CA MET A 30 12.87 -10.35 -2.90
C MET A 30 12.24 -11.42 -3.82
N GLY A 31 11.00 -11.20 -4.24
CA GLY A 31 10.30 -12.16 -5.09
C GLY A 31 10.84 -12.20 -6.51
N ARG A 32 10.34 -11.32 -7.39
CA ARG A 32 10.79 -11.27 -8.78
C ARG A 32 11.71 -10.07 -9.03
N SER A 33 11.14 -8.87 -9.16
CA SER A 33 11.94 -7.66 -9.36
C SER A 33 12.62 -7.23 -8.05
N GLY A 34 13.93 -7.16 -8.10
CA GLY A 34 14.72 -6.86 -6.91
C GLY A 34 14.88 -5.37 -6.65
N ALA A 35 15.32 -4.62 -7.68
CA ALA A 35 15.63 -3.20 -7.52
C ALA A 35 14.36 -2.33 -7.42
N THR A 36 13.44 -2.48 -8.37
CA THR A 36 12.21 -1.66 -8.39
C THR A 36 11.39 -1.85 -7.11
N SER A 37 11.13 -3.10 -6.76
CA SER A 37 10.36 -3.42 -5.55
C SER A 37 11.06 -2.89 -4.28
N ARG A 38 12.40 -2.88 -4.30
CA ARG A 38 13.17 -2.36 -3.16
C ARG A 38 13.02 -0.83 -3.02
N LYS A 39 13.17 -0.13 -4.15
CA LYS A 39 13.02 1.33 -4.20
C LYS A 39 11.63 1.74 -3.69
N ALA A 40 10.60 1.07 -4.22
CA ALA A 40 9.22 1.34 -3.82
C ALA A 40 8.97 0.99 -2.34
N LEU A 41 9.42 -0.19 -1.91
CA LEU A 41 9.21 -0.66 -0.53
C LEU A 41 9.72 0.34 0.51
N GLU A 42 10.98 0.74 0.39
CA GLU A 42 11.58 1.70 1.32
C GLU A 42 10.86 3.06 1.27
N THR A 43 10.55 3.52 0.05
CA THR A 43 9.85 4.80 -0.14
C THR A 43 8.44 4.76 0.48
N LEU A 44 7.77 3.61 0.40
CA LEU A 44 6.43 3.44 0.99
C LEU A 44 6.42 3.83 2.47
N ARG A 45 7.33 3.27 3.26
CA ARG A 45 7.40 3.59 4.68
C ARG A 45 8.07 4.96 4.93
N ARG A 46 8.97 5.34 4.04
CA ARG A 46 9.66 6.64 4.12
C ARG A 46 8.67 7.81 4.03
N VAL A 47 7.71 7.73 3.09
CA VAL A 47 6.67 8.75 2.97
C VAL A 47 5.41 8.36 3.75
N GLY A 48 5.14 7.06 3.81
CA GLY A 48 3.96 6.54 4.48
C GLY A 48 3.87 6.95 5.93
N ASP A 49 4.87 6.59 6.74
CA ASP A 49 4.88 6.93 8.17
C ASP A 49 4.66 8.44 8.40
N GLY A 50 5.17 9.25 7.50
CA GLY A 50 4.94 10.69 7.56
C GLY A 50 3.47 11.06 7.43
N VAL A 51 2.81 10.51 6.41
CA VAL A 51 1.37 10.74 6.18
C VAL A 51 0.50 10.07 7.26
N GLN A 52 0.93 8.89 7.71
CA GLN A 52 0.21 8.13 8.75
C GLN A 52 0.05 8.96 10.02
N ARG A 53 1.15 9.50 10.53
CA ARG A 53 1.12 10.26 11.79
C ARG A 53 0.23 11.51 11.68
N ASN A 54 0.09 12.07 10.47
CA ASN A 54 -0.81 13.22 10.24
C ASN A 54 -2.28 12.76 10.30
N HIS A 55 -2.56 11.61 9.70
CA HIS A 55 -3.90 11.02 9.67
C HIS A 55 -4.20 10.18 10.93
N GLU A 56 -3.16 9.83 11.67
CA GLU A 56 -3.25 8.85 12.78
C GLU A 56 -4.45 9.12 13.71
N THR A 57 -4.66 10.38 14.09
CA THR A 57 -5.85 10.75 14.88
C THR A 57 -7.16 10.32 14.19
N ALA A 58 -7.23 10.53 12.88
CA ALA A 58 -8.42 10.17 12.09
C ALA A 58 -8.53 8.65 11.89
N PHE A 59 -7.42 8.01 11.48
CA PHE A 59 -7.39 6.57 11.26
C PHE A 59 -7.78 5.79 12.52
N GLN A 60 -7.26 6.19 13.68
CA GLN A 60 -7.68 5.58 14.95
C GLN A 60 -9.20 5.66 15.13
N GLY A 61 -9.78 6.80 14.73
CA GLY A 61 -11.23 6.97 14.78
C GLY A 61 -11.97 6.01 13.86
N MET A 62 -11.32 5.60 12.76
CA MET A 62 -11.88 4.60 11.86
C MET A 62 -11.69 3.18 12.42
N LEU A 63 -10.48 2.88 12.87
CA LEU A 63 -10.17 1.55 13.44
C LEU A 63 -11.03 1.23 14.67
N ARG A 64 -11.37 2.25 15.48
CA ARG A 64 -12.15 2.03 16.69
C ARG A 64 -13.60 1.61 16.38
N LYS A 65 -14.03 1.81 15.14
CA LYS A 65 -15.36 1.35 14.67
C LYS A 65 -15.21 0.20 13.66
N LEU A 66 -13.99 -0.33 13.53
CA LEU A 66 -13.69 -1.44 12.62
C LEU A 66 -13.18 -2.67 13.40
N ASP A 67 -11.92 -2.59 13.86
CA ASP A 67 -11.25 -3.67 14.61
C ASP A 67 -10.90 -4.90 13.75
N ILE A 68 -11.84 -5.31 12.91
CA ILE A 68 -11.71 -6.53 12.10
C ILE A 68 -11.62 -7.78 13.00
N LYS A 69 -12.78 -8.37 13.31
CA LYS A 69 -12.84 -9.54 14.18
C LYS A 69 -12.80 -10.85 13.37
N ASN A 70 -12.98 -10.75 12.04
CA ASN A 70 -12.88 -11.94 11.17
C ASN A 70 -12.60 -11.55 9.70
N GLU A 71 -12.40 -12.57 8.86
CA GLU A 71 -12.07 -12.39 7.45
C GLU A 71 -13.12 -11.56 6.69
N ASP A 72 -14.39 -11.71 7.06
CA ASP A 72 -15.48 -10.99 6.39
C ASP A 72 -15.35 -9.46 6.54
N ASP A 73 -14.75 -9.01 7.63
CA ASP A 73 -14.46 -7.57 7.81
C ASP A 73 -13.42 -7.12 6.80
N VAL A 74 -12.39 -7.95 6.59
CA VAL A 74 -11.39 -7.70 5.55
C VAL A 74 -12.04 -7.55 4.17
N LYS A 75 -13.04 -8.40 3.90
CA LYS A 75 -13.85 -8.28 2.68
C LYS A 75 -14.53 -6.90 2.61
N SER A 76 -15.06 -6.45 3.75
CA SER A 76 -15.74 -5.14 3.84
C SER A 76 -14.77 -3.97 3.64
N LEU A 77 -13.54 -4.12 4.14
CA LEU A 77 -12.52 -3.07 3.99
C LEU A 77 -12.30 -2.71 2.51
N SER A 78 -12.49 -3.69 1.62
CA SER A 78 -12.37 -3.47 0.18
C SER A 78 -13.23 -2.29 -0.28
N ARG A 79 -14.41 -2.15 0.31
CA ARG A 79 -15.31 -1.03 0.01
C ARG A 79 -14.65 0.32 0.31
N VAL A 80 -14.07 0.43 1.50
CA VAL A 80 -13.37 1.65 1.92
C VAL A 80 -12.15 1.92 1.02
N MET A 81 -11.43 0.85 0.70
CA MET A 81 -10.25 0.96 -0.19
C MET A 81 -10.64 1.55 -1.55
N ILE A 82 -11.82 1.19 -2.06
CA ILE A 82 -12.35 1.79 -3.28
C ILE A 82 -12.62 3.29 -3.09
N HIS A 83 -13.10 3.67 -1.90
CA HIS A 83 -13.36 5.08 -1.58
C HIS A 83 -12.08 5.92 -1.62
N VAL A 84 -10.95 5.31 -1.25
CA VAL A 84 -9.65 6.00 -1.31
C VAL A 84 -9.35 6.52 -2.72
N PHE A 85 -9.79 5.78 -3.74
CA PHE A 85 -9.56 6.16 -5.14
C PHE A 85 -10.64 7.13 -5.67
N SER A 86 -11.48 7.66 -4.79
CA SER A 86 -12.51 8.63 -5.19
C SER A 86 -11.87 9.97 -5.60
N ASP A 87 -10.95 10.46 -4.78
CA ASP A 87 -10.27 11.73 -5.03
C ASP A 87 -9.46 11.70 -6.33
N GLY A 88 -9.85 12.54 -7.30
CA GLY A 88 -9.14 12.62 -8.57
C GLY A 88 -7.80 13.37 -8.47
N VAL A 89 -6.89 12.83 -7.66
CA VAL A 89 -5.58 13.47 -7.42
C VAL A 89 -4.64 13.29 -8.63
N THR A 90 -4.97 12.34 -9.50
CA THR A 90 -4.12 11.94 -10.66
C THR A 90 -2.77 11.35 -10.21
N ASN A 91 -1.97 12.15 -9.52
CA ASN A 91 -0.68 11.71 -8.96
C ASN A 91 -0.84 10.48 -8.03
N TRP A 92 0.26 9.76 -7.82
CA TRP A 92 0.26 8.52 -7.04
C TRP A 92 0.02 8.75 -5.54
N GLY A 93 -0.40 9.96 -5.15
CA GLY A 93 -0.71 10.26 -3.75
C GLY A 93 -1.75 9.31 -3.16
N ARG A 94 -2.75 8.94 -3.97
CA ARG A 94 -3.80 8.00 -3.55
C ARG A 94 -3.23 6.62 -3.19
N ILE A 95 -2.20 6.20 -3.93
CA ILE A 95 -1.54 4.91 -3.67
C ILE A 95 -0.94 4.89 -2.27
N VAL A 96 -0.27 5.98 -1.89
CA VAL A 96 0.32 6.12 -0.56
C VAL A 96 -0.76 5.99 0.53
N THR A 97 -1.86 6.74 0.37
CA THR A 97 -2.97 6.69 1.33
C THR A 97 -3.53 5.26 1.48
N LEU A 98 -3.77 4.60 0.35
CA LEU A 98 -4.32 3.24 0.34
C LEU A 98 -3.42 2.24 1.11
N ILE A 99 -2.15 2.17 0.71
CA ILE A 99 -1.22 1.20 1.29
C ILE A 99 -0.86 1.55 2.75
N SER A 100 -0.77 2.84 3.05
CA SER A 100 -0.49 3.29 4.42
C SER A 100 -1.64 2.96 5.38
N PHE A 101 -2.87 3.15 4.93
CA PHE A 101 -4.05 2.79 5.74
C PHE A 101 -4.08 1.28 6.02
N GLY A 102 -3.80 0.48 4.99
CA GLY A 102 -3.69 -0.96 5.18
C GLY A 102 -2.66 -1.34 6.24
N ALA A 103 -1.50 -0.70 6.18
CA ALA A 103 -0.43 -0.93 7.17
C ALA A 103 -0.83 -0.42 8.56
N PHE A 104 -1.61 0.67 8.60
CA PHE A 104 -2.09 1.23 9.86
C PHE A 104 -3.06 0.26 10.55
N VAL A 105 -3.95 -0.35 9.77
CA VAL A 105 -4.86 -1.38 10.28
C VAL A 105 -4.07 -2.63 10.70
N ALA A 106 -3.04 -2.96 9.92
CA ALA A 106 -2.15 -4.10 10.22
C ALA A 106 -1.55 -3.99 11.63
N LYS A 107 -1.14 -2.77 12.01
CA LYS A 107 -0.63 -2.51 13.37
C LYS A 107 -1.65 -2.97 14.43
N HIS A 108 -2.90 -2.57 14.24
CA HIS A 108 -3.97 -2.93 15.17
C HIS A 108 -4.27 -4.44 15.13
N LEU A 109 -4.25 -5.02 13.93
CA LEU A 109 -4.49 -6.46 13.76
C LEU A 109 -3.47 -7.29 14.57
N LYS A 110 -2.19 -6.98 14.40
CA LYS A 110 -1.13 -7.69 15.13
C LYS A 110 -1.32 -7.55 16.66
N THR A 111 -1.59 -6.33 17.10
CA THR A 111 -1.81 -6.03 18.51
C THR A 111 -2.93 -6.89 19.13
N ILE A 112 -4.01 -7.10 18.37
CA ILE A 112 -5.18 -7.86 18.87
C ILE A 112 -5.14 -9.34 18.43
N ASN A 113 -3.95 -9.84 18.08
CA ASN A 113 -3.74 -11.25 17.71
C ASN A 113 -4.39 -11.63 16.36
N GLN A 114 -4.86 -10.63 15.63
CA GLN A 114 -5.43 -10.84 14.27
C GLN A 114 -4.34 -10.68 13.20
N GLU A 115 -3.09 -10.95 13.59
CA GLU A 115 -1.93 -10.73 12.71
C GLU A 115 -2.02 -11.53 11.39
N SER A 116 -2.60 -12.73 11.44
CA SER A 116 -2.82 -13.55 10.24
C SER A 116 -3.64 -12.78 9.18
N SER A 117 -4.54 -11.92 9.66
CA SER A 117 -5.42 -11.11 8.79
C SER A 117 -4.63 -10.10 7.93
N ILE A 118 -3.45 -9.70 8.42
CA ILE A 118 -2.64 -8.68 7.74
C ILE A 118 -2.34 -9.04 6.26
N GLU A 119 -2.05 -10.31 5.99
CA GLU A 119 -1.68 -10.75 4.64
C GLU A 119 -2.88 -10.69 3.66
N PRO A 120 -4.03 -11.36 3.96
CA PRO A 120 -5.23 -11.24 3.12
C PRO A 120 -5.71 -9.78 2.98
N LEU A 121 -5.45 -8.97 4.01
CA LEU A 121 -5.74 -7.53 3.94
C LEU A 121 -4.86 -6.87 2.87
N ALA A 122 -3.56 -7.20 2.89
CA ALA A 122 -2.63 -6.76 1.85
C ALA A 122 -3.11 -7.20 0.46
N GLU A 123 -3.61 -8.43 0.38
CA GLU A 123 -4.15 -8.96 -0.87
C GLU A 123 -5.39 -8.17 -1.31
N SER A 124 -6.17 -7.67 -0.36
CA SER A 124 -7.30 -6.77 -0.67
C SER A 124 -6.80 -5.42 -1.20
N ILE A 125 -5.71 -4.92 -0.63
CA ILE A 125 -5.08 -3.68 -1.14
C ILE A 125 -4.68 -3.86 -2.61
N THR A 126 -3.92 -4.91 -2.90
CA THR A 126 -3.52 -5.25 -4.26
C THR A 126 -4.75 -5.60 -5.12
N ASP A 127 -5.75 -6.24 -4.52
CA ASP A 127 -6.98 -6.61 -5.24
C ASP A 127 -7.69 -5.37 -5.80
N VAL A 128 -7.95 -4.38 -4.94
CA VAL A 128 -8.58 -3.13 -5.38
C VAL A 128 -7.69 -2.38 -6.37
N LEU A 129 -6.40 -2.30 -6.04
CA LEU A 129 -5.39 -1.67 -6.91
C LEU A 129 -5.46 -2.25 -8.33
N VAL A 130 -5.41 -3.58 -8.43
CA VAL A 130 -5.51 -4.29 -9.71
C VAL A 130 -6.92 -4.19 -10.30
N ARG A 131 -7.93 -4.23 -9.44
CA ARG A 131 -9.35 -4.27 -9.86
C ARG A 131 -9.72 -3.06 -10.72
N THR A 132 -9.16 -1.89 -10.42
CA THR A 132 -9.49 -0.65 -11.14
C THR A 132 -8.27 0.03 -11.77
N LYS A 133 -7.06 -0.33 -11.34
CA LYS A 133 -5.85 0.39 -11.78
C LYS A 133 -4.70 -0.53 -12.24
N ARG A 134 -4.99 -1.80 -12.53
CA ARG A 134 -3.92 -2.71 -13.04
C ARG A 134 -3.35 -2.18 -14.38
N ASP A 135 -4.23 -1.87 -15.32
CA ASP A 135 -3.83 -1.32 -16.61
C ASP A 135 -2.99 -0.05 -16.41
N TRP A 136 -3.44 0.82 -15.52
CA TRP A 136 -2.73 2.06 -15.21
C TRP A 136 -1.35 1.78 -14.58
N LEU A 137 -1.26 0.75 -13.76
CA LEU A 137 0.03 0.32 -13.20
C LEU A 137 1.05 -0.01 -14.30
N VAL A 138 0.64 -0.83 -15.27
CA VAL A 138 1.54 -1.25 -16.35
C VAL A 138 1.73 -0.16 -17.43
N LYS A 139 0.68 0.65 -17.67
CA LYS A 139 0.77 1.75 -18.64
C LYS A 139 1.64 2.90 -18.12
N GLN A 140 1.34 3.37 -16.92
CA GLN A 140 2.07 4.50 -16.33
C GLN A 140 3.33 4.04 -15.60
N ARG A 141 3.49 2.72 -15.43
CA ARG A 141 4.64 2.15 -14.70
C ARG A 141 4.63 2.63 -13.23
N GLY A 142 3.54 2.30 -12.54
CA GLY A 142 3.27 2.83 -11.20
C GLY A 142 4.45 2.76 -10.23
N TRP A 143 5.07 1.59 -10.11
CA TRP A 143 6.13 1.39 -9.12
C TRP A 143 7.40 2.19 -9.45
N ASP A 144 7.80 2.19 -10.72
CA ASP A 144 8.93 3.01 -11.16
C ASP A 144 8.58 4.52 -11.11
N GLY A 145 7.30 4.82 -11.34
CA GLY A 145 6.82 6.20 -11.27
C GLY A 145 6.67 6.70 -9.84
N PHE A 146 6.38 5.78 -8.93
CA PHE A 146 6.27 6.09 -7.50
C PHE A 146 7.57 6.72 -6.97
N VAL A 147 8.70 6.15 -7.37
CA VAL A 147 10.01 6.63 -6.93
C VAL A 147 10.34 8.03 -7.48
N GLU A 148 10.03 8.26 -8.77
CA GLU A 148 10.28 9.55 -9.41
C GLU A 148 9.33 10.64 -8.89
N PHE A 149 8.10 10.25 -8.55
CA PHE A 149 7.10 11.20 -8.03
C PHE A 149 7.59 11.89 -6.74
N PHE A 150 8.08 11.10 -5.79
CA PHE A 150 8.66 11.66 -4.55
C PHE A 150 10.13 12.06 -4.75
N HIS A 151 10.66 11.81 -5.95
CA HIS A 151 12.02 12.23 -6.32
C HIS A 151 13.09 11.60 -5.39
N VAL A 152 12.73 10.48 -4.75
CA VAL A 152 13.62 9.82 -3.78
C VAL A 152 14.99 9.47 -4.39
N GLU A 153 14.97 8.61 -5.42
CA GLU A 153 16.19 8.22 -6.12
C GLU A 153 16.15 8.70 -7.58
N ASP A 154 15.41 9.79 -7.81
CA ASP A 154 15.30 10.40 -9.14
C ASP A 154 16.17 11.67 -9.23
N LEU A 155 16.59 12.03 -10.44
CA LEU A 155 17.50 13.16 -10.65
C LEU A 155 17.02 14.13 -11.75
N GLU A 156 15.81 13.89 -12.29
CA GLU A 156 15.24 14.79 -13.32
C GLU A 156 14.05 15.60 -12.80
N GLY A 157 13.18 14.96 -12.02
CA GLY A 157 11.97 15.62 -11.52
C GLY A 157 10.74 14.73 -11.65
N GLY A 158 10.86 13.65 -12.42
CA GLY A 158 9.73 12.75 -12.64
C GLY A 158 8.71 13.31 -13.64
N HIS A 159 7.43 13.00 -13.40
CA HIS A 159 6.31 13.53 -14.21
C HIS A 159 6.48 15.03 -14.51
N HIS A 160 6.81 15.35 -15.76
CA HIS A 160 7.05 16.74 -16.17
C HIS A 160 5.77 17.39 -16.74
N HIS A 161 4.73 16.57 -16.97
CA HIS A 161 3.44 17.07 -17.46
C HIS A 161 2.28 16.13 -17.05
N HIS A 162 1.29 16.68 -16.33
CA HIS A 162 0.15 15.90 -15.85
C HIS A 162 -0.87 15.60 -16.96
N HIS A 163 -1.66 14.54 -16.75
CA HIS A 163 -2.76 14.19 -17.67
C HIS A 163 -3.80 13.32 -16.97
N HIS A 164 -5.08 13.57 -17.24
CA HIS A 164 -6.19 12.81 -16.61
C HIS A 164 -6.98 11.96 -17.63
N MET A 1 -1.21 -18.37 -10.18
CA MET A 1 -1.58 -18.30 -11.62
C MET A 1 -1.87 -16.84 -12.04
N GLU A 2 -1.07 -15.90 -11.55
CA GLU A 2 -1.37 -14.48 -11.69
C GLU A 2 -0.16 -13.68 -12.23
N ASP A 3 -0.42 -12.43 -12.61
CA ASP A 3 0.59 -11.57 -13.26
C ASP A 3 1.75 -11.19 -12.33
N GLU A 4 2.90 -10.88 -12.95
CA GLU A 4 4.06 -10.37 -12.22
C GLU A 4 3.70 -9.10 -11.44
N LEU A 5 2.97 -8.20 -12.10
CA LEU A 5 2.52 -6.95 -11.48
C LEU A 5 1.76 -7.19 -10.17
N TYR A 6 0.87 -8.18 -10.17
CA TYR A 6 0.09 -8.52 -8.97
C TYR A 6 0.99 -9.12 -7.87
N ARG A 7 1.80 -10.12 -8.24
CA ARG A 7 2.65 -10.81 -7.27
C ARG A 7 3.70 -9.88 -6.66
N GLN A 8 4.24 -8.97 -7.48
CA GLN A 8 5.23 -8.00 -7.01
C GLN A 8 4.58 -6.97 -6.07
N SER A 9 3.50 -6.34 -6.53
CA SER A 9 2.78 -5.34 -5.72
C SER A 9 2.29 -5.93 -4.41
N LEU A 10 1.58 -7.06 -4.49
CA LEU A 10 1.08 -7.77 -3.31
C LEU A 10 2.20 -8.05 -2.31
N GLU A 11 3.35 -8.51 -2.80
CA GLU A 11 4.49 -8.81 -1.92
C GLU A 11 4.99 -7.53 -1.21
N ILE A 12 5.25 -6.48 -2.00
CA ILE A 12 5.73 -5.21 -1.45
C ILE A 12 4.80 -4.67 -0.36
N ILE A 13 3.50 -4.64 -0.66
CA ILE A 13 2.49 -4.16 0.29
C ILE A 13 2.42 -5.06 1.54
N SER A 14 2.31 -6.37 1.33
CA SER A 14 2.25 -7.34 2.45
C SER A 14 3.42 -7.16 3.42
N ARG A 15 4.65 -7.20 2.89
CA ARG A 15 5.86 -7.08 3.70
C ARG A 15 5.88 -5.76 4.50
N TYR A 16 5.63 -4.65 3.80
CA TYR A 16 5.58 -3.33 4.44
C TYR A 16 4.56 -3.31 5.60
N LEU A 17 3.36 -3.83 5.35
CA LEU A 17 2.31 -3.91 6.38
C LEU A 17 2.76 -4.71 7.61
N ARG A 18 3.38 -5.88 7.37
CA ARG A 18 3.86 -6.73 8.47
C ARG A 18 4.94 -6.01 9.30
N GLU A 19 5.98 -5.50 8.62
CA GLU A 19 7.08 -4.82 9.31
C GLU A 19 6.62 -3.52 9.99
N GLN A 20 5.68 -2.82 9.36
CA GLN A 20 5.12 -1.59 9.93
C GLN A 20 4.25 -1.89 11.17
N ALA A 21 3.72 -3.11 11.24
CA ALA A 21 2.94 -3.55 12.41
C ALA A 21 3.82 -4.14 13.52
N THR A 22 4.94 -4.76 13.13
CA THR A 22 5.86 -5.40 14.10
C THR A 22 6.91 -4.41 14.64
N GLY A 23 7.38 -3.53 13.78
CA GLY A 23 8.48 -2.62 14.13
C GLY A 23 9.82 -3.09 13.58
N ALA A 24 9.84 -4.29 13.00
CA ALA A 24 11.06 -4.88 12.44
C ALA A 24 10.96 -5.03 10.92
N LYS A 25 11.80 -4.29 10.19
CA LYS A 25 11.76 -4.30 8.72
C LYS A 25 12.19 -5.67 8.14
N ASP A 26 11.51 -6.08 7.07
CA ASP A 26 11.70 -7.42 6.49
C ASP A 26 13.00 -7.52 5.65
N THR A 27 13.45 -8.74 5.37
CA THR A 27 14.71 -8.96 4.64
C THR A 27 14.69 -10.23 3.77
N LYS A 28 13.50 -10.73 3.45
CA LYS A 28 13.35 -11.91 2.59
C LYS A 28 13.76 -11.61 1.12
N PRO A 29 14.01 -12.65 0.30
CA PRO A 29 14.22 -12.47 -1.15
C PRO A 29 13.07 -11.68 -1.80
N MET A 30 13.42 -10.69 -2.62
CA MET A 30 12.40 -9.79 -3.19
C MET A 30 11.75 -10.39 -4.46
N GLY A 31 10.61 -9.82 -4.85
CA GLY A 31 9.94 -10.22 -6.09
C GLY A 31 10.87 -10.19 -7.32
N ARG A 32 10.37 -10.72 -8.44
CA ARG A 32 11.15 -10.85 -9.69
C ARG A 32 11.97 -9.58 -9.99
N SER A 33 11.32 -8.42 -10.00
CA SER A 33 12.02 -7.14 -10.15
C SER A 33 12.79 -6.81 -8.86
N GLY A 34 14.10 -6.72 -8.95
CA GLY A 34 14.93 -6.51 -7.77
C GLY A 34 14.95 -5.06 -7.28
N ALA A 35 15.79 -4.23 -7.92
CA ALA A 35 16.00 -2.85 -7.50
C ALA A 35 14.68 -2.07 -7.36
N THR A 36 13.83 -2.14 -8.38
CA THR A 36 12.54 -1.41 -8.39
C THR A 36 11.69 -1.75 -7.16
N SER A 37 11.48 -3.04 -6.91
CA SER A 37 10.71 -3.48 -5.73
C SER A 37 11.37 -3.01 -4.41
N ARG A 38 12.68 -3.12 -4.33
CA ARG A 38 13.43 -2.68 -3.13
C ARG A 38 13.23 -1.17 -2.90
N LYS A 39 13.27 -0.40 -3.99
CA LYS A 39 13.05 1.06 -3.95
C LYS A 39 11.63 1.40 -3.50
N ALA A 40 10.64 0.68 -4.04
CA ALA A 40 9.24 0.88 -3.68
C ALA A 40 9.00 0.63 -2.18
N LEU A 41 9.38 -0.55 -1.70
CA LEU A 41 9.26 -0.90 -0.28
C LEU A 41 9.97 0.14 0.60
N GLU A 42 11.15 0.57 0.16
CA GLU A 42 11.92 1.60 0.87
C GLU A 42 11.16 2.94 0.93
N THR A 43 10.61 3.35 -0.21
CA THR A 43 9.87 4.62 -0.29
C THR A 43 8.63 4.61 0.61
N LEU A 44 7.92 3.49 0.63
CA LEU A 44 6.71 3.34 1.45
C LEU A 44 6.94 3.70 2.92
N ARG A 45 8.13 3.42 3.43
CA ARG A 45 8.47 3.74 4.82
C ARG A 45 8.67 5.25 5.03
N ARG A 46 9.58 5.85 4.24
CA ARG A 46 9.92 7.27 4.39
C ARG A 46 8.73 8.20 4.11
N VAL A 47 7.89 7.86 3.13
CA VAL A 47 6.71 8.69 2.80
C VAL A 47 5.46 8.25 3.59
N GLY A 48 5.37 6.96 3.88
CA GLY A 48 4.18 6.41 4.54
C GLY A 48 3.98 6.88 5.97
N ASP A 49 5.06 6.91 6.75
CA ASP A 49 4.98 7.30 8.17
C ASP A 49 4.25 8.64 8.35
N GLY A 50 4.72 9.68 7.65
CA GLY A 50 4.10 11.00 7.74
C GLY A 50 2.60 10.97 7.44
N VAL A 51 2.23 10.28 6.36
CA VAL A 51 0.82 10.13 5.99
C VAL A 51 0.01 9.46 7.12
N GLN A 52 0.53 8.34 7.63
CA GLN A 52 -0.13 7.60 8.71
C GLN A 52 -0.36 8.48 9.97
N ARG A 53 0.65 9.26 10.34
CA ARG A 53 0.57 10.12 11.52
C ARG A 53 -0.43 11.28 11.35
N ASN A 54 -0.29 12.02 10.24
CA ASN A 54 -1.20 13.15 9.96
C ASN A 54 -2.65 12.68 9.80
N HIS A 55 -2.81 11.51 9.19
CA HIS A 55 -4.13 10.90 8.98
C HIS A 55 -4.71 10.23 10.24
N GLU A 56 -3.86 9.97 11.25
CA GLU A 56 -4.25 9.18 12.43
C GLU A 56 -5.60 9.62 13.02
N THR A 57 -5.79 10.92 13.26
CA THR A 57 -7.06 11.42 13.80
C THR A 57 -8.26 10.97 12.95
N ALA A 58 -8.09 11.00 11.63
CA ALA A 58 -9.16 10.60 10.70
C ALA A 58 -9.33 9.08 10.66
N PHE A 59 -8.22 8.35 10.67
CA PHE A 59 -8.24 6.89 10.68
C PHE A 59 -8.91 6.34 11.96
N GLN A 60 -8.52 6.87 13.12
CA GLN A 60 -9.14 6.49 14.39
C GLN A 60 -10.67 6.65 14.34
N GLY A 61 -11.12 7.72 13.69
CA GLY A 61 -12.55 7.96 13.52
C GLY A 61 -13.26 6.84 12.75
N MET A 62 -12.53 6.17 11.86
CA MET A 62 -13.09 5.04 11.11
C MET A 62 -12.87 3.70 11.84
N LEU A 63 -11.68 3.52 12.42
CA LEU A 63 -11.34 2.28 13.15
C LEU A 63 -12.35 1.98 14.27
N ARG A 64 -12.87 3.03 14.92
CA ARG A 64 -13.86 2.85 16.00
C ARG A 64 -15.18 2.22 15.49
N LYS A 65 -15.46 2.33 14.20
CA LYS A 65 -16.64 1.65 13.61
C LYS A 65 -16.21 0.47 12.73
N LEU A 66 -14.93 0.11 12.81
CA LEU A 66 -14.38 -1.06 12.11
C LEU A 66 -13.86 -2.10 13.13
N ASP A 67 -12.68 -1.80 13.70
CA ASP A 67 -12.04 -2.63 14.74
C ASP A 67 -11.47 -3.96 14.20
N ILE A 68 -12.22 -4.59 13.32
CA ILE A 68 -11.87 -5.88 12.71
C ILE A 68 -11.70 -7.01 13.76
N LYS A 69 -12.78 -7.76 13.98
CA LYS A 69 -12.73 -8.91 14.90
C LYS A 69 -12.72 -10.24 14.12
N ASN A 70 -12.94 -10.16 12.81
CA ASN A 70 -12.87 -11.35 11.93
C ASN A 70 -12.66 -10.92 10.46
N GLU A 71 -12.36 -11.91 9.60
CA GLU A 71 -11.99 -11.64 8.20
C GLU A 71 -13.08 -10.85 7.43
N ASP A 72 -14.33 -11.06 7.77
CA ASP A 72 -15.44 -10.33 7.13
C ASP A 72 -15.23 -8.80 7.23
N ASP A 73 -14.62 -8.34 8.33
CA ASP A 73 -14.30 -6.92 8.49
C ASP A 73 -13.16 -6.52 7.55
N VAL A 74 -12.17 -7.41 7.41
CA VAL A 74 -11.04 -7.19 6.50
C VAL A 74 -11.54 -7.00 5.06
N LYS A 75 -12.47 -7.86 4.63
CA LYS A 75 -13.10 -7.73 3.32
C LYS A 75 -13.85 -6.41 3.18
N SER A 76 -14.43 -5.94 4.30
CA SER A 76 -15.12 -4.66 4.35
C SER A 76 -14.13 -3.49 4.20
N LEU A 77 -12.89 -3.69 4.65
CA LEU A 77 -11.83 -2.70 4.47
C LEU A 77 -11.55 -2.45 2.98
N SER A 78 -11.67 -3.51 2.18
CA SER A 78 -11.53 -3.40 0.71
C SER A 78 -12.50 -2.36 0.14
N ARG A 79 -13.73 -2.34 0.70
CA ARG A 79 -14.74 -1.37 0.28
C ARG A 79 -14.28 0.07 0.59
N VAL A 80 -13.67 0.24 1.77
CA VAL A 80 -13.08 1.54 2.14
C VAL A 80 -12.00 1.96 1.12
N MET A 81 -11.16 0.99 0.74
CA MET A 81 -10.11 1.22 -0.27
C MET A 81 -10.70 1.75 -1.59
N ILE A 82 -11.80 1.14 -2.02
CA ILE A 82 -12.54 1.60 -3.21
C ILE A 82 -13.01 3.05 -3.04
N HIS A 83 -13.35 3.43 -1.81
CA HIS A 83 -13.78 4.79 -1.49
C HIS A 83 -12.59 5.77 -1.53
N VAL A 84 -11.40 5.29 -1.15
CA VAL A 84 -10.18 6.12 -1.13
C VAL A 84 -9.85 6.68 -2.51
N PHE A 85 -10.07 5.89 -3.56
CA PHE A 85 -9.79 6.32 -4.94
C PHE A 85 -11.01 7.02 -5.57
N SER A 86 -11.79 7.73 -4.76
CA SER A 86 -12.93 8.51 -5.26
C SER A 86 -12.46 9.66 -6.16
N ASP A 87 -11.18 10.03 -6.04
CA ASP A 87 -10.56 11.06 -6.88
C ASP A 87 -10.37 10.57 -8.33
N GLY A 88 -10.54 11.47 -9.29
CA GLY A 88 -10.40 11.11 -10.70
C GLY A 88 -8.98 11.27 -11.23
N VAL A 89 -8.16 12.06 -10.54
CA VAL A 89 -6.78 12.32 -10.96
C VAL A 89 -5.85 11.12 -10.67
N THR A 90 -4.89 10.89 -11.59
CA THR A 90 -3.90 9.83 -11.39
C THR A 90 -2.68 10.37 -10.63
N ASN A 91 -2.70 10.23 -9.31
CA ASN A 91 -1.62 10.73 -8.46
C ASN A 91 -1.14 9.66 -7.46
N TRP A 92 0.18 9.51 -7.35
CA TRP A 92 0.79 8.49 -6.50
C TRP A 92 0.55 8.75 -5.00
N GLY A 93 0.17 9.99 -4.67
CA GLY A 93 -0.17 10.33 -3.29
C GLY A 93 -1.31 9.48 -2.72
N ARG A 94 -2.29 9.16 -3.57
CA ARG A 94 -3.40 8.30 -3.17
C ARG A 94 -2.94 6.85 -2.97
N ILE A 95 -1.95 6.43 -3.75
CA ILE A 95 -1.34 5.10 -3.60
C ILE A 95 -0.68 4.98 -2.21
N VAL A 96 0.09 6.01 -1.83
CA VAL A 96 0.68 6.08 -0.48
C VAL A 96 -0.41 6.00 0.60
N THR A 97 -1.45 6.81 0.43
CA THR A 97 -2.58 6.83 1.38
C THR A 97 -3.21 5.43 1.54
N LEU A 98 -3.39 4.74 0.42
CA LEU A 98 -3.98 3.38 0.42
C LEU A 98 -3.14 2.41 1.27
N ILE A 99 -1.85 2.31 0.95
CA ILE A 99 -0.94 1.38 1.64
C ILE A 99 -0.69 1.81 3.09
N SER A 100 -0.66 3.13 3.32
CA SER A 100 -0.48 3.68 4.67
C SER A 100 -1.65 3.32 5.59
N PHE A 101 -2.88 3.48 5.09
CA PHE A 101 -4.08 3.12 5.86
C PHE A 101 -4.07 1.61 6.17
N GLY A 102 -3.72 0.80 5.18
CA GLY A 102 -3.59 -0.64 5.40
C GLY A 102 -2.58 -0.97 6.50
N ALA A 103 -1.42 -0.32 6.44
CA ALA A 103 -0.37 -0.51 7.46
C ALA A 103 -0.80 0.04 8.83
N PHE A 104 -1.61 1.09 8.82
CA PHE A 104 -2.14 1.68 10.05
C PHE A 104 -3.10 0.68 10.76
N VAL A 105 -4.03 0.12 10.00
CA VAL A 105 -4.95 -0.90 10.52
C VAL A 105 -4.18 -2.17 10.93
N ALA A 106 -3.15 -2.50 10.14
CA ALA A 106 -2.27 -3.65 10.43
C ALA A 106 -1.70 -3.58 11.85
N LYS A 107 -1.24 -2.39 12.26
CA LYS A 107 -0.77 -2.19 13.64
C LYS A 107 -1.83 -2.62 14.67
N HIS A 108 -3.06 -2.14 14.47
CA HIS A 108 -4.19 -2.47 15.35
C HIS A 108 -4.46 -3.99 15.34
N LEU A 109 -4.37 -4.60 14.17
CA LEU A 109 -4.63 -6.04 14.02
C LEU A 109 -3.64 -6.87 14.84
N LYS A 110 -2.35 -6.60 14.68
CA LYS A 110 -1.32 -7.35 15.42
C LYS A 110 -1.45 -7.13 16.94
N THR A 111 -1.90 -5.93 17.33
CA THR A 111 -2.13 -5.61 18.74
C THR A 111 -3.25 -6.47 19.34
N ILE A 112 -4.36 -6.61 18.61
CA ILE A 112 -5.52 -7.37 19.10
C ILE A 112 -5.46 -8.86 18.69
N ASN A 113 -4.25 -9.37 18.44
CA ASN A 113 -4.02 -10.80 18.14
C ASN A 113 -4.57 -11.21 16.76
N GLN A 114 -4.94 -10.23 15.94
CA GLN A 114 -5.46 -10.50 14.59
C GLN A 114 -4.37 -10.33 13.51
N GLU A 115 -3.14 -10.72 13.82
CA GLU A 115 -2.00 -10.54 12.89
C GLU A 115 -2.26 -11.26 11.55
N SER A 116 -2.96 -12.38 11.61
CA SER A 116 -3.38 -13.11 10.38
C SER A 116 -4.13 -12.18 9.41
N SER A 117 -5.01 -11.34 9.96
CA SER A 117 -5.86 -10.44 9.17
C SER A 117 -5.05 -9.52 8.25
N ILE A 118 -3.82 -9.20 8.64
CA ILE A 118 -2.97 -8.29 7.85
C ILE A 118 -2.76 -8.78 6.41
N GLU A 119 -2.70 -10.10 6.21
CA GLU A 119 -2.45 -10.68 4.88
C GLU A 119 -3.66 -10.52 3.93
N PRO A 120 -4.88 -10.97 4.30
CA PRO A 120 -6.08 -10.69 3.49
C PRO A 120 -6.33 -9.18 3.35
N LEU A 121 -5.85 -8.40 4.32
CA LEU A 121 -5.90 -6.93 4.23
C LEU A 121 -4.99 -6.46 3.08
N ALA A 122 -3.77 -7.00 3.04
CA ALA A 122 -2.84 -6.72 1.93
C ALA A 122 -3.46 -7.11 0.59
N GLU A 123 -4.08 -8.28 0.53
CA GLU A 123 -4.81 -8.73 -0.67
C GLU A 123 -5.92 -7.73 -1.05
N SER A 124 -6.61 -7.20 -0.04
CA SER A 124 -7.65 -6.18 -0.27
C SER A 124 -7.05 -4.92 -0.91
N ILE A 125 -5.87 -4.52 -0.42
CA ILE A 125 -5.16 -3.36 -0.97
C ILE A 125 -4.81 -3.58 -2.45
N THR A 126 -4.13 -4.70 -2.73
CA THR A 126 -3.71 -5.03 -4.09
C THR A 126 -4.89 -5.35 -5.02
N ASP A 127 -5.95 -5.95 -4.47
CA ASP A 127 -7.14 -6.27 -5.26
C ASP A 127 -7.78 -5.00 -5.83
N VAL A 128 -8.04 -4.02 -4.97
CA VAL A 128 -8.61 -2.74 -5.40
C VAL A 128 -7.62 -1.99 -6.31
N LEU A 129 -6.34 -2.06 -5.97
CA LEU A 129 -5.28 -1.42 -6.75
C LEU A 129 -5.25 -1.94 -8.20
N VAL A 130 -5.18 -3.26 -8.36
CA VAL A 130 -5.08 -3.89 -9.68
C VAL A 130 -6.44 -3.91 -10.40
N ARG A 131 -7.53 -4.05 -9.64
CA ARG A 131 -8.88 -4.14 -10.20
C ARG A 131 -9.20 -2.97 -11.15
N THR A 132 -8.65 -1.79 -10.85
CA THR A 132 -8.96 -0.58 -11.63
C THR A 132 -7.71 0.20 -12.08
N LYS A 133 -6.61 0.12 -11.32
CA LYS A 133 -5.39 0.89 -11.65
C LYS A 133 -4.28 0.00 -12.26
N ARG A 134 -4.60 -1.26 -12.60
CA ARG A 134 -3.62 -2.17 -13.22
C ARG A 134 -2.93 -1.54 -14.43
N ASP A 135 -3.74 -1.04 -15.36
CA ASP A 135 -3.22 -0.45 -16.60
C ASP A 135 -2.23 0.69 -16.32
N TRP A 136 -2.59 1.60 -15.43
CA TRP A 136 -1.71 2.71 -15.07
C TRP A 136 -0.42 2.20 -14.39
N LEU A 137 -0.54 1.15 -13.59
CA LEU A 137 0.63 0.52 -12.95
C LEU A 137 1.65 0.05 -13.99
N VAL A 138 1.21 -0.69 -15.00
CA VAL A 138 2.13 -1.21 -16.03
C VAL A 138 2.51 -0.12 -17.07
N LYS A 139 1.55 0.70 -17.48
CA LYS A 139 1.77 1.74 -18.50
C LYS A 139 2.79 2.80 -18.03
N GLN A 140 2.51 3.44 -16.90
CA GLN A 140 3.39 4.50 -16.38
C GLN A 140 4.54 3.93 -15.55
N ARG A 141 4.51 2.60 -15.35
CA ARG A 141 5.45 1.91 -14.47
C ARG A 141 5.28 2.40 -13.02
N GLY A 142 4.39 1.71 -12.29
CA GLY A 142 3.97 2.16 -10.96
C GLY A 142 5.11 2.31 -9.96
N TRP A 143 5.78 1.19 -9.66
CA TRP A 143 6.80 1.18 -8.60
C TRP A 143 8.08 1.92 -9.03
N ASP A 144 8.23 2.17 -10.33
CA ASP A 144 9.33 3.00 -10.83
C ASP A 144 8.99 4.49 -10.68
N GLY A 145 7.88 4.91 -11.30
CA GLY A 145 7.43 6.30 -11.23
C GLY A 145 7.15 6.76 -9.80
N PHE A 146 6.64 5.85 -8.98
CA PHE A 146 6.36 6.12 -7.56
C PHE A 146 7.60 6.64 -6.83
N VAL A 147 8.72 5.95 -7.00
CA VAL A 147 9.97 6.31 -6.31
C VAL A 147 10.59 7.61 -6.85
N GLU A 148 10.59 7.77 -8.17
CA GLU A 148 11.17 8.97 -8.80
C GLU A 148 10.28 10.22 -8.60
N PHE A 149 8.98 10.02 -8.44
CA PHE A 149 8.05 11.11 -8.16
C PHE A 149 8.36 11.76 -6.80
N PHE A 150 8.57 10.92 -5.79
CA PHE A 150 8.95 11.40 -4.46
C PHE A 150 10.47 11.70 -4.37
N HIS A 151 11.16 11.54 -5.51
CA HIS A 151 12.57 11.92 -5.64
C HIS A 151 13.47 11.18 -4.63
N VAL A 152 13.15 9.90 -4.38
CA VAL A 152 13.91 9.08 -3.43
C VAL A 152 15.31 8.71 -3.98
N GLU A 153 15.34 7.85 -5.00
CA GLU A 153 16.58 7.47 -5.68
C GLU A 153 16.79 8.31 -6.95
N ASP A 154 15.78 9.10 -7.27
CA ASP A 154 15.73 9.91 -8.50
C ASP A 154 16.74 11.07 -8.50
N LEU A 155 16.90 11.71 -9.67
CA LEU A 155 17.81 12.85 -9.84
C LEU A 155 17.18 14.03 -10.63
N GLU A 156 15.93 13.86 -11.08
CA GLU A 156 15.24 14.92 -11.86
C GLU A 156 13.76 15.03 -11.46
N GLY A 157 13.07 13.90 -11.35
CA GLY A 157 11.67 13.89 -10.92
C GLY A 157 10.67 13.90 -12.07
N GLY A 158 9.74 12.93 -12.07
CA GLY A 158 8.65 12.93 -13.03
C GLY A 158 7.64 14.05 -12.74
N HIS A 159 8.06 15.29 -13.00
CA HIS A 159 7.28 16.48 -12.64
C HIS A 159 6.11 16.71 -13.61
N HIS A 160 6.06 15.95 -14.70
CA HIS A 160 4.98 16.08 -15.69
C HIS A 160 3.66 15.49 -15.16
N HIS A 161 2.63 16.31 -15.08
CA HIS A 161 1.32 15.88 -14.55
C HIS A 161 0.65 14.84 -15.46
N HIS A 162 1.07 14.77 -16.72
CA HIS A 162 0.52 13.83 -17.70
C HIS A 162 -0.97 14.16 -18.01
N HIS A 163 -1.36 15.41 -17.75
CA HIS A 163 -2.72 15.87 -18.03
C HIS A 163 -2.95 16.07 -19.53
N HIS A 164 -4.13 15.69 -20.00
CA HIS A 164 -4.50 15.86 -21.42
C HIS A 164 -5.69 16.83 -21.58
N MET A 1 -3.58 -18.41 -8.57
CA MET A 1 -4.49 -17.69 -9.49
C MET A 1 -4.05 -16.24 -9.69
N GLU A 2 -2.75 -15.98 -9.60
CA GLU A 2 -2.22 -14.62 -9.57
C GLU A 2 -1.20 -14.35 -10.68
N ASP A 3 -1.26 -13.14 -11.25
CA ASP A 3 -0.28 -12.69 -12.23
C ASP A 3 0.97 -12.12 -11.53
N GLU A 4 2.06 -11.94 -12.28
CA GLU A 4 3.30 -11.41 -11.70
C GLU A 4 3.06 -10.01 -11.11
N LEU A 5 2.31 -9.18 -11.84
CA LEU A 5 1.96 -7.84 -11.36
C LEU A 5 1.28 -7.91 -9.98
N TYR A 6 0.41 -8.89 -9.80
CA TYR A 6 -0.25 -9.12 -8.52
C TYR A 6 0.76 -9.59 -7.46
N ARG A 7 1.70 -10.45 -7.85
CA ARG A 7 2.72 -10.95 -6.92
C ARG A 7 3.69 -9.84 -6.46
N GLN A 8 4.26 -9.12 -7.42
CA GLN A 8 5.13 -7.97 -7.11
C GLN A 8 4.45 -7.00 -6.14
N SER A 9 3.23 -6.57 -6.49
CA SER A 9 2.48 -5.61 -5.66
C SER A 9 2.14 -6.18 -4.28
N LEU A 10 1.50 -7.35 -4.27
CA LEU A 10 1.11 -8.02 -3.02
C LEU A 10 2.30 -8.19 -2.06
N GLU A 11 3.43 -8.65 -2.60
CA GLU A 11 4.63 -8.89 -1.78
C GLU A 11 5.14 -7.58 -1.14
N ILE A 12 5.20 -6.50 -1.94
CA ILE A 12 5.60 -5.19 -1.44
C ILE A 12 4.68 -4.73 -0.28
N ILE A 13 3.38 -4.78 -0.54
CA ILE A 13 2.37 -4.38 0.45
C ILE A 13 2.45 -5.25 1.72
N SER A 14 2.51 -6.56 1.53
CA SER A 14 2.60 -7.53 2.65
C SER A 14 3.79 -7.20 3.57
N ARG A 15 4.96 -7.02 2.97
CA ARG A 15 6.17 -6.69 3.73
C ARG A 15 6.03 -5.35 4.48
N TYR A 16 5.56 -4.32 3.78
CA TYR A 16 5.32 -3.01 4.38
C TYR A 16 4.41 -3.12 5.62
N LEU A 17 3.29 -3.84 5.48
CA LEU A 17 2.39 -4.10 6.61
C LEU A 17 3.11 -4.85 7.74
N ARG A 18 3.92 -5.86 7.38
CA ARG A 18 4.70 -6.62 8.37
C ARG A 18 5.67 -5.71 9.15
N GLU A 19 6.36 -4.81 8.43
CA GLU A 19 7.31 -3.89 9.05
C GLU A 19 6.62 -2.92 10.02
N GLN A 20 5.46 -2.41 9.61
CA GLN A 20 4.71 -1.46 10.43
C GLN A 20 4.04 -2.14 11.65
N ALA A 21 3.77 -3.43 11.52
CA ALA A 21 3.17 -4.20 12.62
C ALA A 21 4.20 -4.72 13.62
N THR A 22 5.31 -5.25 13.11
CA THR A 22 6.35 -5.85 13.96
C THR A 22 7.37 -4.80 14.44
N GLY A 23 7.60 -3.78 13.62
CA GLY A 23 8.59 -2.76 13.92
C GLY A 23 9.97 -3.10 13.36
N ALA A 24 10.09 -4.25 12.70
CA ALA A 24 11.35 -4.72 12.13
C ALA A 24 11.49 -4.33 10.64
N LYS A 25 12.58 -4.76 10.02
CA LYS A 25 12.83 -4.49 8.60
C LYS A 25 12.91 -5.78 7.77
N ASP A 26 12.61 -5.68 6.48
CA ASP A 26 12.80 -6.79 5.55
C ASP A 26 13.57 -6.32 4.31
N THR A 27 14.85 -6.70 4.20
CA THR A 27 15.71 -6.25 3.09
C THR A 27 15.92 -7.36 2.04
N LYS A 28 15.09 -8.39 2.10
CA LYS A 28 15.20 -9.52 1.15
C LYS A 28 14.61 -9.16 -0.23
N PRO A 29 14.92 -9.96 -1.28
CA PRO A 29 14.33 -9.77 -2.63
C PRO A 29 12.79 -9.77 -2.60
N MET A 30 12.16 -9.22 -3.64
CA MET A 30 10.70 -9.03 -3.66
C MET A 30 10.02 -9.83 -4.78
N GLY A 31 10.01 -9.26 -5.99
CA GLY A 31 9.30 -9.87 -7.11
C GLY A 31 10.19 -10.15 -8.31
N ARG A 32 9.59 -10.29 -9.47
CA ARG A 32 10.32 -10.63 -10.71
C ARG A 32 10.93 -9.37 -11.37
N SER A 33 10.33 -8.22 -11.13
CA SER A 33 10.83 -6.93 -11.65
C SER A 33 12.26 -6.64 -11.16
N GLY A 34 12.45 -6.62 -9.84
CA GLY A 34 13.77 -6.38 -9.26
C GLY A 34 13.91 -5.00 -8.64
N ALA A 35 14.72 -4.14 -9.27
CA ALA A 35 14.93 -2.77 -8.79
C ALA A 35 13.61 -2.01 -8.62
N THR A 36 12.68 -2.23 -9.56
CA THR A 36 11.36 -1.60 -9.50
C THR A 36 10.65 -1.88 -8.17
N SER A 37 10.57 -3.16 -7.79
CA SER A 37 9.92 -3.55 -6.53
C SER A 37 10.71 -3.08 -5.30
N ARG A 38 12.03 -2.98 -5.45
CA ARG A 38 12.91 -2.50 -4.37
C ARG A 38 12.63 -1.01 -4.09
N LYS A 39 12.69 -0.21 -5.15
CA LYS A 39 12.44 1.24 -5.06
C LYS A 39 11.01 1.52 -4.58
N ALA A 40 10.06 0.72 -5.05
CA ALA A 40 8.66 0.86 -4.63
C ALA A 40 8.50 0.71 -3.11
N LEU A 41 9.13 -0.31 -2.53
CA LEU A 41 9.05 -0.55 -1.08
C LEU A 41 9.65 0.63 -0.28
N GLU A 42 10.88 1.02 -0.61
CA GLU A 42 11.56 2.10 0.12
C GLU A 42 10.78 3.42 0.01
N THR A 43 10.24 3.70 -1.17
CA THR A 43 9.44 4.91 -1.38
C THR A 43 8.14 4.85 -0.56
N LEU A 44 7.42 3.73 -0.68
CA LEU A 44 6.16 3.52 0.07
C LEU A 44 6.36 3.72 1.59
N ARG A 45 7.43 3.14 2.13
CA ARG A 45 7.66 3.20 3.57
C ARG A 45 8.13 4.59 4.03
N ARG A 46 8.97 5.25 3.23
CA ARG A 46 9.51 6.57 3.60
C ARG A 46 8.44 7.67 3.50
N VAL A 47 7.53 7.55 2.51
CA VAL A 47 6.43 8.52 2.37
C VAL A 47 5.21 8.10 3.19
N GLY A 48 5.00 6.79 3.32
CA GLY A 48 3.85 6.27 4.06
C GLY A 48 3.89 6.61 5.56
N ASP A 49 5.07 6.49 6.16
CA ASP A 49 5.24 6.80 7.59
C ASP A 49 4.76 8.23 7.92
N GLY A 50 5.09 9.18 7.05
CA GLY A 50 4.61 10.55 7.22
C GLY A 50 3.10 10.68 7.04
N VAL A 51 2.57 10.00 6.02
CA VAL A 51 1.11 9.98 5.77
C VAL A 51 0.35 9.39 6.96
N GLN A 52 0.90 8.33 7.55
CA GLN A 52 0.29 7.69 8.73
C GLN A 52 0.13 8.68 9.89
N ARG A 53 1.14 9.52 10.11
CA ARG A 53 1.12 10.48 11.22
C ARG A 53 -0.04 11.49 11.10
N ASN A 54 -0.11 12.22 9.98
CA ASN A 54 -1.14 13.25 9.80
C ASN A 54 -2.54 12.62 9.61
N HIS A 55 -2.58 11.36 9.19
CA HIS A 55 -3.84 10.63 9.06
C HIS A 55 -4.22 9.87 10.33
N GLU A 56 -3.26 9.61 11.21
CA GLU A 56 -3.46 8.75 12.38
C GLU A 56 -4.69 9.13 13.20
N THR A 57 -4.84 10.41 13.53
CA THR A 57 -6.00 10.89 14.29
C THR A 57 -7.32 10.59 13.56
N ALA A 58 -7.29 10.65 12.23
CA ALA A 58 -8.48 10.39 11.41
C ALA A 58 -8.75 8.88 11.26
N PHE A 59 -7.69 8.10 11.01
CA PHE A 59 -7.82 6.65 10.88
C PHE A 59 -8.28 6.00 12.19
N GLN A 60 -7.76 6.48 13.32
CA GLN A 60 -8.23 6.03 14.64
C GLN A 60 -9.76 6.18 14.75
N GLY A 61 -10.28 7.28 14.23
CA GLY A 61 -11.72 7.50 14.19
C GLY A 61 -12.46 6.48 13.33
N MET A 62 -11.75 5.92 12.34
CA MET A 62 -12.32 4.88 11.48
C MET A 62 -12.25 3.50 12.16
N LEU A 63 -11.06 3.14 12.64
CA LEU A 63 -10.85 1.84 13.28
C LEU A 63 -11.81 1.59 14.44
N ARG A 64 -12.12 2.61 15.22
CA ARG A 64 -13.04 2.47 16.35
C ARG A 64 -14.47 2.14 15.90
N LYS A 65 -14.83 2.52 14.67
CA LYS A 65 -16.14 2.17 14.11
C LYS A 65 -16.04 0.91 13.23
N LEU A 66 -14.81 0.57 12.84
CA LEU A 66 -14.54 -0.65 12.05
C LEU A 66 -14.45 -1.89 12.97
N ASP A 67 -13.40 -1.94 13.79
CA ASP A 67 -13.14 -3.07 14.70
C ASP A 67 -13.13 -4.42 13.97
N ILE A 68 -11.93 -4.89 13.65
CA ILE A 68 -11.76 -6.14 12.88
C ILE A 68 -11.59 -7.34 13.83
N LYS A 69 -12.67 -8.09 14.02
CA LYS A 69 -12.64 -9.28 14.88
C LYS A 69 -12.71 -10.59 14.05
N ASN A 70 -12.90 -10.48 12.73
CA ASN A 70 -12.93 -11.66 11.86
C ASN A 70 -12.56 -11.28 10.41
N GLU A 71 -12.45 -12.29 9.54
CA GLU A 71 -12.03 -12.08 8.15
C GLU A 71 -13.01 -11.17 7.37
N ASP A 72 -14.31 -11.31 7.65
CA ASP A 72 -15.34 -10.50 6.99
C ASP A 72 -15.04 -8.99 7.15
N ASP A 73 -14.57 -8.61 8.34
CA ASP A 73 -14.22 -7.21 8.60
C ASP A 73 -13.07 -6.75 7.71
N VAL A 74 -12.10 -7.64 7.48
CA VAL A 74 -10.98 -7.37 6.58
C VAL A 74 -11.49 -7.12 5.14
N LYS A 75 -12.40 -7.98 4.68
CA LYS A 75 -13.02 -7.82 3.36
C LYS A 75 -13.97 -6.60 3.33
N SER A 76 -14.47 -6.22 4.50
CA SER A 76 -15.23 -4.96 4.64
C SER A 76 -14.30 -3.75 4.43
N LEU A 77 -13.07 -3.86 4.93
CA LEU A 77 -12.05 -2.82 4.70
C LEU A 77 -11.83 -2.64 3.20
N SER A 78 -11.87 -3.74 2.45
CA SER A 78 -11.75 -3.69 0.98
C SER A 78 -12.78 -2.72 0.37
N ARG A 79 -13.99 -2.68 0.93
CA ARG A 79 -15.04 -1.77 0.47
C ARG A 79 -14.60 -0.31 0.67
N VAL A 80 -13.96 -0.04 1.81
CA VAL A 80 -13.40 1.29 2.09
C VAL A 80 -12.24 1.60 1.14
N MET A 81 -11.42 0.58 0.86
CA MET A 81 -10.31 0.71 -0.07
C MET A 81 -10.78 1.19 -1.46
N ILE A 82 -11.94 0.67 -1.89
CA ILE A 82 -12.58 1.11 -3.13
C ILE A 82 -12.94 2.62 -3.07
N HIS A 83 -13.30 3.09 -1.87
CA HIS A 83 -13.66 4.51 -1.68
C HIS A 83 -12.43 5.42 -1.74
N VAL A 84 -11.27 4.89 -1.37
CA VAL A 84 -10.00 5.66 -1.42
C VAL A 84 -9.70 6.18 -2.84
N PHE A 85 -10.17 5.45 -3.85
CA PHE A 85 -9.94 5.83 -5.26
C PHE A 85 -11.04 6.75 -5.82
N SER A 86 -11.91 7.26 -4.95
CA SER A 86 -13.07 8.09 -5.36
C SER A 86 -12.66 9.29 -6.25
N ASP A 87 -11.48 9.88 -5.98
CA ASP A 87 -11.00 11.04 -6.75
C ASP A 87 -10.97 10.79 -8.26
N GLY A 88 -10.59 9.58 -8.67
CA GLY A 88 -10.48 9.28 -10.09
C GLY A 88 -9.20 9.82 -10.74
N VAL A 89 -8.93 11.11 -10.52
CA VAL A 89 -7.76 11.80 -11.09
C VAL A 89 -6.45 11.00 -10.89
N THR A 90 -5.64 10.88 -11.94
CA THR A 90 -4.40 10.12 -11.88
C THR A 90 -3.34 10.76 -10.95
N ASN A 91 -3.43 10.45 -9.68
CA ASN A 91 -2.45 10.89 -8.68
C ASN A 91 -2.03 9.73 -7.77
N TRP A 92 -0.75 9.37 -7.83
CA TRP A 92 -0.23 8.22 -7.08
C TRP A 92 -0.33 8.40 -5.56
N GLY A 93 -0.73 9.59 -5.12
CA GLY A 93 -0.98 9.84 -3.70
C GLY A 93 -2.08 8.93 -3.13
N ARG A 94 -3.06 8.57 -3.98
CA ARG A 94 -4.12 7.64 -3.56
C ARG A 94 -3.55 6.23 -3.31
N ILE A 95 -2.56 5.84 -4.10
CA ILE A 95 -1.87 4.55 -3.91
C ILE A 95 -1.20 4.50 -2.52
N VAL A 96 -0.49 5.57 -2.18
CA VAL A 96 0.13 5.71 -0.86
C VAL A 96 -0.93 5.65 0.25
N THR A 97 -1.98 6.45 0.11
CA THR A 97 -3.08 6.49 1.09
C THR A 97 -3.69 5.09 1.31
N LEU A 98 -3.87 4.36 0.21
CA LEU A 98 -4.43 2.99 0.26
C LEU A 98 -3.55 2.04 1.08
N ILE A 99 -2.27 1.95 0.71
CA ILE A 99 -1.35 1.00 1.34
C ILE A 99 -0.98 1.42 2.77
N SER A 100 -0.86 2.72 3.01
CA SER A 100 -0.55 3.25 4.35
C SER A 100 -1.67 2.93 5.34
N PHE A 101 -2.92 3.15 4.92
CA PHE A 101 -4.08 2.81 5.75
C PHE A 101 -4.11 1.30 6.06
N GLY A 102 -3.80 0.49 5.07
CA GLY A 102 -3.69 -0.95 5.29
C GLY A 102 -2.67 -1.30 6.36
N ALA A 103 -1.52 -0.64 6.31
CA ALA A 103 -0.47 -0.82 7.32
C ALA A 103 -0.91 -0.30 8.69
N PHE A 104 -1.70 0.77 8.68
CA PHE A 104 -2.23 1.35 9.92
C PHE A 104 -3.16 0.35 10.63
N VAL A 105 -4.00 -0.33 9.87
CA VAL A 105 -4.86 -1.38 10.43
C VAL A 105 -4.05 -2.62 10.81
N ALA A 106 -3.05 -2.95 9.99
CA ALA A 106 -2.18 -4.11 10.24
C ALA A 106 -1.50 -4.05 11.63
N LYS A 107 -0.91 -2.90 11.96
CA LYS A 107 -0.26 -2.74 13.27
C LYS A 107 -1.28 -2.89 14.41
N HIS A 108 -2.51 -2.42 14.18
CA HIS A 108 -3.60 -2.58 15.15
C HIS A 108 -4.02 -4.06 15.26
N LEU A 109 -3.96 -4.78 14.14
CA LEU A 109 -4.28 -6.21 14.14
C LEU A 109 -3.31 -7.00 15.02
N LYS A 110 -2.02 -6.79 14.83
CA LYS A 110 -1.00 -7.47 15.63
C LYS A 110 -1.13 -7.08 17.12
N THR A 111 -1.52 -5.84 17.38
CA THR A 111 -1.76 -5.36 18.75
C THR A 111 -2.89 -6.17 19.43
N ILE A 112 -3.96 -6.45 18.68
CA ILE A 112 -5.08 -7.24 19.21
C ILE A 112 -4.92 -8.75 18.91
N ASN A 113 -3.68 -9.17 18.61
CA ASN A 113 -3.34 -10.59 18.39
C ASN A 113 -3.97 -11.17 17.11
N GLN A 114 -4.45 -10.30 16.22
CA GLN A 114 -4.95 -10.72 14.89
C GLN A 114 -3.83 -10.68 13.84
N GLU A 115 -2.64 -11.13 14.24
CA GLU A 115 -1.43 -11.05 13.39
C GLU A 115 -1.65 -11.70 12.01
N SER A 116 -2.35 -12.84 12.00
CA SER A 116 -2.65 -13.55 10.73
C SER A 116 -3.53 -12.72 9.79
N SER A 117 -4.42 -11.91 10.36
CA SER A 117 -5.35 -11.08 9.58
C SER A 117 -4.61 -10.12 8.64
N ILE A 118 -3.38 -9.75 8.99
CA ILE A 118 -2.56 -8.86 8.18
C ILE A 118 -2.41 -9.36 6.73
N GLU A 119 -2.32 -10.68 6.54
CA GLU A 119 -2.13 -11.25 5.21
C GLU A 119 -3.35 -11.04 4.28
N PRO A 120 -4.58 -11.50 4.66
CA PRO A 120 -5.79 -11.24 3.86
C PRO A 120 -6.03 -9.73 3.65
N LEU A 121 -5.58 -8.92 4.61
CA LEU A 121 -5.67 -7.46 4.49
C LEU A 121 -4.79 -6.98 3.33
N ALA A 122 -3.54 -7.43 3.30
CA ALA A 122 -2.60 -7.10 2.22
C ALA A 122 -3.18 -7.54 0.86
N GLU A 123 -3.80 -8.71 0.83
CA GLU A 123 -4.44 -9.22 -0.39
C GLU A 123 -5.68 -8.39 -0.75
N SER A 124 -6.35 -7.81 0.25
CA SER A 124 -7.50 -6.90 -0.01
C SER A 124 -7.03 -5.59 -0.64
N ILE A 125 -5.94 -5.03 -0.12
CA ILE A 125 -5.32 -3.84 -0.72
C ILE A 125 -4.98 -4.09 -2.19
N THR A 126 -4.25 -5.17 -2.44
CA THR A 126 -3.86 -5.56 -3.80
C THR A 126 -5.09 -5.93 -4.66
N ASP A 127 -6.09 -6.56 -4.05
CA ASP A 127 -7.32 -6.94 -4.75
C ASP A 127 -7.99 -5.71 -5.38
N VAL A 128 -8.22 -4.68 -4.56
CA VAL A 128 -8.82 -3.44 -5.04
C VAL A 128 -7.92 -2.73 -6.06
N LEU A 129 -6.62 -2.70 -5.76
CA LEU A 129 -5.62 -2.11 -6.66
C LEU A 129 -5.71 -2.71 -8.07
N VAL A 130 -5.65 -4.03 -8.14
CA VAL A 130 -5.73 -4.76 -9.41
C VAL A 130 -7.16 -4.73 -9.99
N ARG A 131 -8.16 -4.68 -9.10
CA ARG A 131 -9.57 -4.66 -9.48
C ARG A 131 -9.91 -3.48 -10.41
N THR A 132 -9.48 -2.27 -10.02
CA THR A 132 -9.88 -1.04 -10.71
C THR A 132 -8.77 -0.44 -11.60
N LYS A 133 -7.50 -0.64 -11.24
CA LYS A 133 -6.40 0.05 -11.95
C LYS A 133 -5.26 -0.87 -12.41
N ARG A 134 -5.54 -2.17 -12.56
CA ARG A 134 -4.54 -3.12 -13.09
C ARG A 134 -3.98 -2.66 -14.45
N ASP A 135 -4.87 -2.19 -15.32
CA ASP A 135 -4.48 -1.73 -16.66
C ASP A 135 -3.46 -0.59 -16.58
N TRP A 136 -3.74 0.43 -15.77
CA TRP A 136 -2.84 1.57 -15.62
C TRP A 136 -1.51 1.17 -14.97
N LEU A 137 -1.57 0.22 -14.03
CA LEU A 137 -0.36 -0.35 -13.42
C LEU A 137 0.65 -0.82 -14.49
N VAL A 138 0.16 -1.59 -15.47
CA VAL A 138 1.03 -2.07 -16.55
C VAL A 138 1.30 -0.98 -17.63
N LYS A 139 0.33 -0.09 -17.86
CA LYS A 139 0.48 0.99 -18.85
C LYS A 139 1.58 2.00 -18.45
N GLN A 140 1.37 2.70 -17.35
CA GLN A 140 2.30 3.74 -16.88
C GLN A 140 3.44 3.14 -16.04
N ARG A 141 3.44 1.81 -15.93
CA ARG A 141 4.36 1.10 -15.04
C ARG A 141 4.27 1.68 -13.62
N GLY A 142 3.15 1.41 -12.95
CA GLY A 142 2.82 2.02 -11.68
C GLY A 142 3.98 2.13 -10.70
N TRP A 143 4.68 1.02 -10.46
CA TRP A 143 5.75 1.00 -9.47
C TRP A 143 7.01 1.76 -9.94
N ASP A 144 7.21 1.85 -11.24
CA ASP A 144 8.29 2.67 -11.80
C ASP A 144 7.93 4.17 -11.74
N GLY A 145 6.77 4.50 -12.30
CA GLY A 145 6.28 5.87 -12.28
C GLY A 145 6.11 6.41 -10.86
N PHE A 146 5.75 5.52 -9.93
CA PHE A 146 5.60 5.87 -8.51
C PHE A 146 6.91 6.46 -7.93
N VAL A 147 8.03 5.81 -8.25
CA VAL A 147 9.34 6.22 -7.73
C VAL A 147 9.81 7.56 -8.34
N GLU A 148 9.62 7.72 -9.64
CA GLU A 148 9.99 8.97 -10.33
C GLU A 148 9.02 10.11 -9.99
N PHE A 149 7.77 9.75 -9.67
CA PHE A 149 6.73 10.72 -9.28
C PHE A 149 7.12 11.48 -8.01
N PHE A 150 7.53 10.75 -6.97
CA PHE A 150 7.99 11.35 -5.71
C PHE A 150 9.45 11.78 -5.79
N HIS A 151 10.15 11.35 -6.84
CA HIS A 151 11.59 11.63 -7.03
C HIS A 151 12.44 10.92 -5.94
N VAL A 152 12.59 9.62 -6.08
CA VAL A 152 13.47 8.85 -5.20
C VAL A 152 14.69 8.35 -5.98
N GLU A 153 14.46 7.41 -6.90
CA GLU A 153 15.53 6.93 -7.79
C GLU A 153 15.01 6.77 -9.23
N ASP A 154 15.04 7.86 -9.99
CA ASP A 154 14.73 7.84 -11.42
C ASP A 154 16.02 7.90 -12.26
N LEU A 155 15.90 8.21 -13.55
CA LEU A 155 17.06 8.25 -14.44
C LEU A 155 17.19 9.61 -15.17
N GLU A 156 16.41 10.60 -14.74
CA GLU A 156 16.46 11.95 -15.32
C GLU A 156 16.93 12.98 -14.28
N GLY A 157 16.07 13.27 -13.32
CA GLY A 157 16.35 14.26 -12.29
C GLY A 157 15.14 14.58 -11.43
N GLY A 158 14.21 13.63 -11.34
CA GLY A 158 12.97 13.84 -10.61
C GLY A 158 11.96 14.71 -11.34
N HIS A 159 10.67 14.43 -11.12
CA HIS A 159 9.61 15.26 -11.71
C HIS A 159 9.53 16.62 -11.00
N HIS A 160 9.27 17.68 -11.77
CA HIS A 160 9.28 19.03 -11.24
C HIS A 160 8.01 19.33 -10.43
N HIS A 161 6.87 18.82 -10.89
CA HIS A 161 5.59 19.03 -10.20
C HIS A 161 4.75 17.75 -10.16
N HIS A 162 4.17 17.44 -9.00
CA HIS A 162 3.42 16.19 -8.82
C HIS A 162 1.96 16.33 -9.32
N HIS A 163 1.80 16.40 -10.65
CA HIS A 163 0.49 16.68 -11.27
C HIS A 163 -0.10 18.02 -10.79
N HIS A 164 0.73 18.83 -10.13
CA HIS A 164 0.31 20.13 -9.59
C HIS A 164 1.52 21.08 -9.47
N MET A 1 -3.41 -18.18 -10.85
CA MET A 1 -3.92 -17.34 -11.97
C MET A 1 -3.46 -15.88 -11.85
N GLU A 2 -2.43 -15.64 -11.03
CA GLU A 2 -1.97 -14.27 -10.75
C GLU A 2 -1.02 -13.75 -11.83
N ASP A 3 -1.06 -12.44 -12.06
CA ASP A 3 -0.15 -11.79 -13.01
C ASP A 3 1.15 -11.34 -12.31
N GLU A 4 2.22 -11.18 -13.08
CA GLU A 4 3.51 -10.72 -12.54
C GLU A 4 3.36 -9.38 -11.80
N LEU A 5 2.57 -8.48 -12.38
CA LEU A 5 2.26 -7.20 -11.75
C LEU A 5 1.65 -7.40 -10.36
N TYR A 6 0.68 -8.32 -10.27
CA TYR A 6 0.06 -8.66 -8.99
C TYR A 6 1.09 -9.26 -8.01
N ARG A 7 1.94 -10.14 -8.51
CA ARG A 7 3.00 -10.77 -7.71
C ARG A 7 3.96 -9.72 -7.11
N GLN A 8 4.37 -8.74 -7.91
CA GLN A 8 5.30 -7.70 -7.45
C GLN A 8 4.61 -6.71 -6.50
N SER A 9 3.40 -6.26 -6.88
CA SER A 9 2.63 -5.34 -6.04
C SER A 9 2.30 -5.96 -4.67
N LEU A 10 1.71 -7.16 -4.70
CA LEU A 10 1.43 -7.91 -3.46
C LEU A 10 2.69 -8.09 -2.60
N GLU A 11 3.82 -8.38 -3.26
CA GLU A 11 5.10 -8.54 -2.56
C GLU A 11 5.47 -7.28 -1.75
N ILE A 12 5.43 -6.14 -2.41
CA ILE A 12 5.79 -4.86 -1.78
C ILE A 12 4.80 -4.50 -0.64
N ILE A 13 3.51 -4.58 -0.94
CA ILE A 13 2.46 -4.26 0.03
C ILE A 13 2.50 -5.22 1.24
N SER A 14 2.60 -6.52 0.97
CA SER A 14 2.65 -7.55 2.02
C SER A 14 3.77 -7.27 3.04
N ARG A 15 4.99 -7.13 2.54
CA ARG A 15 6.15 -6.87 3.40
C ARG A 15 5.98 -5.56 4.19
N TYR A 16 5.55 -4.50 3.51
CA TYR A 16 5.33 -3.21 4.15
C TYR A 16 4.34 -3.31 5.33
N LEU A 17 3.21 -3.97 5.09
CA LEU A 17 2.22 -4.21 6.16
C LEU A 17 2.83 -5.00 7.32
N ARG A 18 3.63 -6.02 7.01
CA ARG A 18 4.28 -6.84 8.04
C ARG A 18 5.27 -6.03 8.89
N GLU A 19 6.23 -5.38 8.23
CA GLU A 19 7.26 -4.60 8.94
C GLU A 19 6.64 -3.44 9.76
N GLN A 20 5.65 -2.77 9.20
CA GLN A 20 4.97 -1.68 9.91
C GLN A 20 4.09 -2.22 11.05
N ALA A 21 3.70 -3.49 10.96
CA ALA A 21 2.91 -4.15 12.00
C ALA A 21 3.79 -4.60 13.18
N THR A 22 4.95 -5.18 12.87
CA THR A 22 5.87 -5.69 13.91
C THR A 22 6.82 -4.59 14.40
N GLY A 23 6.94 -3.52 13.62
CA GLY A 23 7.86 -2.45 13.95
C GLY A 23 9.31 -2.80 13.57
N ALA A 24 9.48 -3.92 12.87
CA ALA A 24 10.81 -4.40 12.47
C ALA A 24 10.81 -4.94 11.04
N LYS A 25 11.89 -4.66 10.31
CA LYS A 25 12.02 -5.06 8.91
C LYS A 25 12.44 -6.54 8.76
N ASP A 26 12.13 -7.14 7.61
CA ASP A 26 12.57 -8.51 7.32
C ASP A 26 13.77 -8.51 6.36
N THR A 27 14.17 -9.68 5.89
CA THR A 27 15.31 -9.79 4.95
C THR A 27 15.09 -10.89 3.89
N LYS A 28 13.91 -10.88 3.26
CA LYS A 28 13.62 -11.77 2.12
C LYS A 28 14.04 -11.16 0.78
N PRO A 29 14.21 -12.00 -0.27
CA PRO A 29 14.53 -11.52 -1.63
C PRO A 29 13.37 -10.68 -2.20
N MET A 30 13.65 -9.40 -2.49
CA MET A 30 12.60 -8.42 -2.73
C MET A 30 12.04 -8.41 -4.16
N GLY A 31 10.82 -8.92 -4.31
CA GLY A 31 10.06 -8.76 -5.55
C GLY A 31 10.61 -9.47 -6.79
N ARG A 32 9.91 -9.32 -7.91
CA ARG A 32 10.32 -9.88 -9.19
C ARG A 32 11.29 -8.94 -9.93
N SER A 33 11.01 -7.64 -9.86
CA SER A 33 11.86 -6.62 -10.48
C SER A 33 13.18 -6.42 -9.71
N GLY A 34 13.14 -6.68 -8.40
CA GLY A 34 14.34 -6.54 -7.58
C GLY A 34 14.60 -5.11 -7.12
N ALA A 35 15.47 -4.40 -7.84
CA ALA A 35 15.86 -3.03 -7.46
C ALA A 35 14.66 -2.09 -7.36
N THR A 36 13.81 -2.09 -8.40
CA THR A 36 12.60 -1.26 -8.40
C THR A 36 11.67 -1.64 -7.23
N SER A 37 11.54 -2.94 -6.98
CA SER A 37 10.69 -3.44 -5.89
C SER A 37 11.21 -2.97 -4.52
N ARG A 38 12.53 -3.01 -4.35
CA ARG A 38 13.15 -2.54 -3.10
C ARG A 38 12.93 -1.05 -2.88
N LYS A 39 13.33 -0.24 -3.87
CA LYS A 39 13.29 1.22 -3.73
C LYS A 39 11.84 1.72 -3.58
N ALA A 40 10.89 0.99 -4.15
CA ALA A 40 9.47 1.30 -3.95
C ALA A 40 9.06 1.05 -2.48
N LEU A 41 9.51 -0.08 -1.93
CA LEU A 41 9.19 -0.45 -0.53
C LEU A 41 9.70 0.62 0.46
N GLU A 42 10.99 0.94 0.39
CA GLU A 42 11.57 1.93 1.30
C GLU A 42 11.04 3.35 1.04
N THR A 43 10.58 3.61 -0.18
CA THR A 43 9.86 4.86 -0.47
C THR A 43 8.52 4.88 0.26
N LEU A 44 7.81 3.74 0.25
CA LEU A 44 6.57 3.58 1.01
C LEU A 44 6.77 3.87 2.50
N ARG A 45 7.96 3.57 3.03
CA ARG A 45 8.30 3.92 4.41
C ARG A 45 8.42 5.44 4.58
N ARG A 46 9.27 6.04 3.74
CA ARG A 46 9.56 7.47 3.79
C ARG A 46 8.28 8.33 3.66
N VAL A 47 7.42 7.98 2.71
CA VAL A 47 6.19 8.74 2.47
C VAL A 47 4.98 8.18 3.25
N GLY A 48 4.96 6.86 3.43
CA GLY A 48 3.82 6.19 4.05
C GLY A 48 3.62 6.58 5.51
N ASP A 49 4.68 6.52 6.31
CA ASP A 49 4.56 6.87 7.73
C ASP A 49 4.14 8.33 7.90
N GLY A 50 4.63 9.20 7.01
CA GLY A 50 4.20 10.60 7.00
C GLY A 50 2.69 10.72 6.77
N VAL A 51 2.18 10.05 5.74
CA VAL A 51 0.74 10.02 5.47
C VAL A 51 -0.04 9.46 6.66
N GLN A 52 0.52 8.45 7.32
CA GLN A 52 -0.10 7.88 8.53
C GLN A 52 -0.28 8.97 9.61
N ARG A 53 0.77 9.72 9.90
CA ARG A 53 0.75 10.73 10.98
C ARG A 53 -0.40 11.74 10.82
N ASN A 54 -0.54 12.34 9.64
CA ASN A 54 -1.57 13.38 9.44
C ASN A 54 -2.98 12.78 9.23
N HIS A 55 -3.05 11.53 8.79
CA HIS A 55 -4.33 10.81 8.66
C HIS A 55 -4.71 10.02 9.92
N GLU A 56 -3.75 9.79 10.81
CA GLU A 56 -3.89 8.85 11.93
C GLU A 56 -5.18 9.03 12.73
N THR A 57 -5.41 10.22 13.29
CA THR A 57 -6.64 10.47 14.06
C THR A 57 -7.90 10.33 13.18
N ALA A 58 -7.76 10.65 11.89
CA ALA A 58 -8.86 10.51 10.94
C ALA A 58 -9.16 9.02 10.64
N PHE A 59 -8.13 8.19 10.72
CA PHE A 59 -8.30 6.74 10.56
C PHE A 59 -8.89 6.11 11.84
N GLN A 60 -8.38 6.52 13.00
CA GLN A 60 -8.90 6.04 14.30
C GLN A 60 -10.43 6.18 14.39
N GLY A 61 -10.94 7.30 13.88
CA GLY A 61 -12.38 7.53 13.88
C GLY A 61 -13.19 6.41 13.21
N MET A 62 -12.61 5.79 12.17
CA MET A 62 -13.24 4.65 11.52
C MET A 62 -12.81 3.33 12.18
N LEU A 63 -11.54 3.29 12.57
CA LEU A 63 -10.92 2.08 13.10
C LEU A 63 -11.58 1.63 14.41
N ARG A 64 -11.95 2.60 15.25
CA ARG A 64 -12.56 2.32 16.54
C ARG A 64 -13.84 1.47 16.42
N LYS A 65 -14.65 1.76 15.39
CA LYS A 65 -15.89 1.01 15.18
C LYS A 65 -15.68 -0.22 14.27
N LEU A 66 -14.44 -0.38 13.78
CA LEU A 66 -14.06 -1.58 13.02
C LEU A 66 -13.42 -2.63 13.92
N ASP A 67 -12.16 -2.38 14.30
CA ASP A 67 -11.33 -3.33 15.05
C ASP A 67 -11.48 -4.76 14.50
N ILE A 68 -10.72 -5.05 13.45
CA ILE A 68 -10.85 -6.31 12.69
C ILE A 68 -10.59 -7.55 13.60
N LYS A 69 -11.64 -8.33 13.80
CA LYS A 69 -11.56 -9.54 14.64
C LYS A 69 -11.52 -10.83 13.80
N ASN A 70 -11.76 -10.72 12.49
CA ASN A 70 -11.62 -11.86 11.57
C ASN A 70 -11.62 -11.42 10.10
N GLU A 71 -11.49 -12.39 9.18
CA GLU A 71 -11.43 -12.12 7.74
C GLU A 71 -12.62 -11.28 7.25
N ASP A 72 -13.81 -11.55 7.78
CA ASP A 72 -15.02 -10.83 7.37
C ASP A 72 -14.84 -9.30 7.45
N ASP A 73 -14.16 -8.83 8.49
CA ASP A 73 -13.89 -7.41 8.65
C ASP A 73 -12.89 -6.92 7.59
N VAL A 74 -11.94 -7.78 7.22
CA VAL A 74 -11.00 -7.47 6.15
C VAL A 74 -11.75 -7.26 4.81
N LYS A 75 -12.77 -8.09 4.58
CA LYS A 75 -13.65 -7.92 3.42
C LYS A 75 -14.40 -6.57 3.51
N SER A 76 -14.81 -6.20 4.72
CA SER A 76 -15.43 -4.89 4.98
C SER A 76 -14.44 -3.74 4.69
N LEU A 77 -13.16 -3.97 4.95
CA LEU A 77 -12.11 -3.00 4.63
C LEU A 77 -12.04 -2.75 3.12
N SER A 78 -12.18 -3.82 2.33
CA SER A 78 -12.18 -3.72 0.86
C SER A 78 -13.19 -2.68 0.37
N ARG A 79 -14.35 -2.63 1.04
CA ARG A 79 -15.39 -1.64 0.72
C ARG A 79 -14.84 -0.21 0.84
N VAL A 80 -14.05 0.04 1.88
CA VAL A 80 -13.41 1.35 2.08
C VAL A 80 -12.31 1.59 1.05
N MET A 81 -11.53 0.53 0.78
CA MET A 81 -10.45 0.60 -0.22
C MET A 81 -10.97 1.07 -1.59
N ILE A 82 -12.16 0.58 -1.96
CA ILE A 82 -12.83 1.03 -3.19
C ILE A 82 -13.22 2.52 -3.12
N HIS A 83 -13.54 2.99 -1.91
CA HIS A 83 -13.91 4.41 -1.70
C HIS A 83 -12.68 5.33 -1.77
N VAL A 84 -11.51 4.80 -1.43
CA VAL A 84 -10.26 5.58 -1.52
C VAL A 84 -10.02 6.10 -2.95
N PHE A 85 -10.27 5.24 -3.93
CA PHE A 85 -10.08 5.60 -5.36
C PHE A 85 -11.30 6.36 -5.91
N SER A 86 -11.81 7.32 -5.13
CA SER A 86 -13.00 8.09 -5.53
C SER A 86 -12.70 9.08 -6.68
N ASP A 87 -11.45 9.13 -7.14
CA ASP A 87 -11.05 10.01 -8.25
C ASP A 87 -9.94 9.37 -9.11
N GLY A 88 -9.42 10.12 -10.08
CA GLY A 88 -8.35 9.62 -10.94
C GLY A 88 -7.29 10.67 -11.26
N VAL A 89 -6.67 11.24 -10.24
CA VAL A 89 -5.57 12.20 -10.42
C VAL A 89 -4.27 11.47 -10.86
N THR A 90 -3.44 12.14 -11.67
CA THR A 90 -2.19 11.54 -12.16
C THR A 90 -1.14 11.37 -11.04
N ASN A 91 -1.44 11.90 -9.85
CA ASN A 91 -0.55 11.77 -8.69
C ASN A 91 -0.66 10.38 -8.04
N TRP A 92 0.43 9.92 -7.43
CA TRP A 92 0.49 8.58 -6.82
C TRP A 92 0.13 8.62 -5.32
N GLY A 93 -0.12 9.81 -4.77
CA GLY A 93 -0.53 9.94 -3.38
C GLY A 93 -1.75 9.07 -3.03
N ARG A 94 -2.67 8.95 -3.99
CA ARG A 94 -3.83 8.06 -3.84
C ARG A 94 -3.40 6.60 -3.57
N ILE A 95 -2.37 6.14 -4.28
CA ILE A 95 -1.86 4.78 -4.10
C ILE A 95 -1.21 4.64 -2.72
N VAL A 96 -0.43 5.65 -2.33
CA VAL A 96 0.16 5.69 -0.99
C VAL A 96 -0.93 5.62 0.08
N THR A 97 -2.02 6.35 -0.13
CA THR A 97 -3.15 6.37 0.81
C THR A 97 -3.70 4.96 1.05
N LEU A 98 -3.93 4.22 -0.03
CA LEU A 98 -4.44 2.85 0.06
C LEU A 98 -3.51 1.95 0.91
N ILE A 99 -2.23 1.91 0.53
CA ILE A 99 -1.24 1.06 1.21
C ILE A 99 -1.00 1.51 2.66
N SER A 100 -1.00 2.81 2.90
CA SER A 100 -0.81 3.37 4.25
C SER A 100 -1.94 2.96 5.19
N PHE A 101 -3.18 3.07 4.72
CA PHE A 101 -4.34 2.67 5.52
C PHE A 101 -4.34 1.15 5.77
N GLY A 102 -3.96 0.38 4.75
CA GLY A 102 -3.82 -1.07 4.91
C GLY A 102 -2.82 -1.43 6.01
N ALA A 103 -1.65 -0.80 5.98
CA ALA A 103 -0.63 -0.99 7.02
C ALA A 103 -1.11 -0.44 8.37
N PHE A 104 -1.92 0.62 8.33
CA PHE A 104 -2.46 1.24 9.54
C PHE A 104 -3.38 0.26 10.30
N VAL A 105 -4.22 -0.45 9.56
CA VAL A 105 -5.07 -1.48 10.16
C VAL A 105 -4.23 -2.72 10.57
N ALA A 106 -3.28 -3.08 9.70
CA ALA A 106 -2.40 -4.23 9.95
C ALA A 106 -1.60 -4.10 11.27
N LYS A 107 -1.04 -2.92 11.51
CA LYS A 107 -0.28 -2.68 12.74
C LYS A 107 -1.18 -2.78 13.97
N HIS A 108 -2.45 -2.39 13.83
CA HIS A 108 -3.44 -2.57 14.89
C HIS A 108 -3.76 -4.06 15.08
N LEU A 109 -3.73 -4.84 13.99
CA LEU A 109 -3.93 -6.29 14.06
C LEU A 109 -2.83 -6.96 14.90
N LYS A 110 -1.57 -6.63 14.61
CA LYS A 110 -0.44 -7.14 15.40
C LYS A 110 -0.66 -6.83 16.89
N THR A 111 -1.08 -5.59 17.18
CA THR A 111 -1.43 -5.18 18.55
C THR A 111 -2.43 -6.15 19.20
N ILE A 112 -3.53 -6.43 18.51
CA ILE A 112 -4.57 -7.31 19.04
C ILE A 112 -4.31 -8.80 18.75
N ASN A 113 -3.07 -9.12 18.39
CA ASN A 113 -2.64 -10.52 18.16
C ASN A 113 -3.30 -11.16 16.92
N GLN A 114 -3.84 -10.34 16.02
CA GLN A 114 -4.40 -10.80 14.75
C GLN A 114 -3.35 -10.78 13.63
N GLU A 115 -2.14 -11.24 13.94
CA GLU A 115 -1.02 -11.21 12.99
C GLU A 115 -1.30 -12.09 11.75
N SER A 116 -2.27 -12.99 11.88
CA SER A 116 -2.73 -13.80 10.73
C SER A 116 -3.51 -12.95 9.74
N SER A 117 -4.46 -12.16 10.26
CA SER A 117 -5.35 -11.32 9.44
C SER A 117 -4.56 -10.36 8.53
N ILE A 118 -3.37 -9.97 8.98
CA ILE A 118 -2.50 -9.04 8.23
C ILE A 118 -2.21 -9.53 6.80
N GLU A 119 -1.97 -10.82 6.64
CA GLU A 119 -1.56 -11.38 5.34
C GLU A 119 -2.68 -11.29 4.28
N PRO A 120 -3.91 -11.81 4.55
CA PRO A 120 -5.04 -11.62 3.63
C PRO A 120 -5.42 -10.14 3.46
N LEU A 121 -5.10 -9.31 4.45
CA LEU A 121 -5.30 -7.86 4.34
C LEU A 121 -4.46 -7.30 3.18
N ALA A 122 -3.19 -7.71 3.11
CA ALA A 122 -2.32 -7.33 1.99
C ALA A 122 -2.92 -7.73 0.64
N GLU A 123 -3.64 -8.85 0.63
CA GLU A 123 -4.31 -9.34 -0.59
C GLU A 123 -5.47 -8.41 -1.00
N SER A 124 -6.24 -7.91 -0.03
CA SER A 124 -7.35 -6.97 -0.34
C SER A 124 -6.82 -5.68 -0.96
N ILE A 125 -5.78 -5.10 -0.34
CA ILE A 125 -5.13 -3.89 -0.86
C ILE A 125 -4.71 -4.08 -2.33
N THR A 126 -3.96 -5.14 -2.58
CA THR A 126 -3.50 -5.47 -3.93
C THR A 126 -4.66 -5.83 -4.87
N ASP A 127 -5.68 -6.50 -4.32
CA ASP A 127 -6.85 -6.90 -5.11
C ASP A 127 -7.58 -5.68 -5.68
N VAL A 128 -7.92 -4.72 -4.81
CA VAL A 128 -8.60 -3.50 -5.23
C VAL A 128 -7.71 -2.66 -6.17
N LEU A 129 -6.42 -2.59 -5.83
CA LEU A 129 -5.43 -1.86 -6.65
C LEU A 129 -5.48 -2.34 -8.12
N VAL A 130 -5.37 -3.66 -8.30
CA VAL A 130 -5.44 -4.27 -9.64
C VAL A 130 -6.88 -4.30 -10.18
N ARG A 131 -7.84 -4.48 -9.28
CA ARG A 131 -9.26 -4.63 -9.63
C ARG A 131 -9.76 -3.45 -10.48
N THR A 132 -9.23 -2.25 -10.24
CA THR A 132 -9.68 -1.05 -10.96
C THR A 132 -8.52 -0.26 -11.63
N LYS A 133 -7.27 -0.47 -11.20
CA LYS A 133 -6.12 0.23 -11.83
C LYS A 133 -5.04 -0.73 -12.37
N ARG A 134 -5.41 -1.99 -12.62
CA ARG A 134 -4.46 -2.99 -13.18
C ARG A 134 -3.65 -2.43 -14.35
N ASP A 135 -4.34 -2.08 -15.43
CA ASP A 135 -3.71 -1.62 -16.65
C ASP A 135 -2.91 -0.32 -16.41
N TRP A 136 -3.45 0.59 -15.62
CA TRP A 136 -2.76 1.85 -15.30
C TRP A 136 -1.41 1.58 -14.60
N LEU A 137 -1.41 0.63 -13.66
CA LEU A 137 -0.19 0.24 -12.95
C LEU A 137 0.95 -0.12 -13.93
N VAL A 138 0.67 -1.02 -14.87
CA VAL A 138 1.69 -1.48 -15.81
C VAL A 138 1.97 -0.46 -16.92
N LYS A 139 0.92 0.22 -17.40
CA LYS A 139 1.05 1.19 -18.50
C LYS A 139 1.90 2.41 -18.11
N GLN A 140 1.71 2.90 -16.88
CA GLN A 140 2.47 4.06 -16.40
C GLN A 140 3.78 3.63 -15.71
N ARG A 141 4.02 2.31 -15.66
CA ARG A 141 5.15 1.75 -14.92
C ARG A 141 5.09 2.21 -13.45
N GLY A 142 4.16 1.61 -12.72
CA GLY A 142 3.78 2.07 -11.38
C GLY A 142 4.94 2.22 -10.41
N TRP A 143 5.53 1.10 -10.00
CA TRP A 143 6.55 1.11 -8.94
C TRP A 143 7.85 1.82 -9.39
N ASP A 144 7.96 2.08 -10.69
CA ASP A 144 9.08 2.86 -11.23
C ASP A 144 8.78 4.37 -11.12
N GLY A 145 7.68 4.80 -11.73
CA GLY A 145 7.27 6.21 -11.67
C GLY A 145 6.95 6.68 -10.26
N PHE A 146 6.48 5.75 -9.43
CA PHE A 146 6.18 6.02 -8.02
C PHE A 146 7.39 6.63 -7.29
N VAL A 147 8.55 6.02 -7.48
CA VAL A 147 9.78 6.40 -6.77
C VAL A 147 10.36 7.73 -7.29
N GLU A 148 10.33 7.93 -8.62
CA GLU A 148 10.80 9.19 -9.21
C GLU A 148 9.89 10.35 -8.81
N PHE A 149 8.57 10.09 -8.76
CA PHE A 149 7.57 11.11 -8.40
C PHE A 149 7.90 11.78 -7.05
N PHE A 150 8.21 10.97 -6.04
CA PHE A 150 8.61 11.49 -4.72
C PHE A 150 10.10 11.87 -4.69
N HIS A 151 10.80 11.58 -5.79
CA HIS A 151 12.22 11.96 -5.97
C HIS A 151 13.14 11.39 -4.87
N VAL A 152 12.73 10.27 -4.28
CA VAL A 152 13.47 9.66 -3.16
C VAL A 152 14.93 9.33 -3.55
N GLU A 153 15.11 8.75 -4.73
CA GLU A 153 16.45 8.47 -5.27
C GLU A 153 16.58 8.97 -6.70
N ASP A 154 15.56 8.70 -7.51
CA ASP A 154 15.54 9.11 -8.92
C ASP A 154 15.12 10.59 -9.07
N LEU A 155 15.97 11.49 -8.59
CA LEU A 155 15.70 12.94 -8.66
C LEU A 155 15.56 13.43 -10.11
N GLU A 156 16.19 12.73 -11.04
CA GLU A 156 16.12 13.06 -12.47
C GLU A 156 14.70 12.84 -13.04
N GLY A 157 13.87 12.12 -12.29
CA GLY A 157 12.47 11.92 -12.68
C GLY A 157 11.55 12.98 -12.08
N GLY A 158 11.22 14.01 -12.86
CA GLY A 158 10.34 15.07 -12.39
C GLY A 158 9.18 15.36 -13.33
N HIS A 159 8.48 14.31 -13.74
CA HIS A 159 7.36 14.45 -14.68
C HIS A 159 6.11 15.07 -14.00
N HIS A 160 6.03 16.40 -14.00
CA HIS A 160 4.88 17.11 -13.42
C HIS A 160 3.67 17.09 -14.37
N HIS A 161 2.46 17.26 -13.81
CA HIS A 161 1.23 17.28 -14.62
C HIS A 161 0.28 18.39 -14.16
N HIS A 162 0.11 19.41 -15.00
CA HIS A 162 -0.88 20.46 -14.75
C HIS A 162 -1.25 21.21 -16.05
N HIS A 163 -2.49 21.04 -16.49
CA HIS A 163 -2.98 21.71 -17.70
C HIS A 163 -3.69 23.03 -17.35
N HIS A 164 -3.83 23.91 -18.35
CA HIS A 164 -4.46 25.22 -18.15
C HIS A 164 -5.75 25.37 -19.01
N MET A 1 -2.94 -17.86 -8.39
CA MET A 1 -3.50 -17.74 -9.77
C MET A 1 -3.81 -16.28 -10.09
N GLU A 2 -2.85 -15.60 -10.74
CA GLU A 2 -2.93 -14.16 -10.95
C GLU A 2 -1.95 -13.69 -12.04
N ASP A 3 -1.73 -12.38 -12.10
CA ASP A 3 -0.81 -11.79 -13.08
C ASP A 3 0.53 -11.43 -12.42
N GLU A 4 1.59 -11.35 -13.24
CA GLU A 4 2.92 -10.99 -12.76
C GLU A 4 2.90 -9.66 -11.98
N LEU A 5 2.18 -8.68 -12.55
CA LEU A 5 2.02 -7.36 -11.93
C LEU A 5 1.35 -7.47 -10.55
N TYR A 6 0.44 -8.43 -10.40
CA TYR A 6 -0.23 -8.67 -9.12
C TYR A 6 0.78 -9.21 -8.08
N ARG A 7 1.60 -10.18 -8.50
CA ARG A 7 2.65 -10.73 -7.62
C ARG A 7 3.65 -9.65 -7.21
N GLN A 8 4.05 -8.82 -8.17
CA GLN A 8 4.96 -7.69 -7.91
C GLN A 8 4.38 -6.76 -6.83
N SER A 9 3.15 -6.31 -7.04
CA SER A 9 2.47 -5.39 -6.12
C SER A 9 2.23 -6.04 -4.75
N LEU A 10 1.77 -7.30 -4.77
CA LEU A 10 1.48 -8.04 -3.54
C LEU A 10 2.74 -8.19 -2.67
N GLU A 11 3.87 -8.52 -3.28
CA GLU A 11 5.15 -8.65 -2.57
C GLU A 11 5.51 -7.33 -1.86
N ILE A 12 5.47 -6.23 -2.60
CA ILE A 12 5.80 -4.90 -2.07
C ILE A 12 4.86 -4.51 -0.91
N ILE A 13 3.56 -4.57 -1.16
CA ILE A 13 2.56 -4.22 -0.16
C ILE A 13 2.62 -5.14 1.08
N SER A 14 2.79 -6.44 0.84
CA SER A 14 2.86 -7.44 1.92
C SER A 14 3.94 -7.09 2.95
N ARG A 15 5.18 -6.89 2.47
CA ARG A 15 6.29 -6.56 3.37
C ARG A 15 6.06 -5.24 4.11
N TYR A 16 5.49 -4.25 3.42
CA TYR A 16 5.21 -2.94 4.04
C TYR A 16 4.23 -3.09 5.23
N LEU A 17 3.13 -3.81 5.01
CA LEU A 17 2.16 -4.07 6.08
C LEU A 17 2.80 -4.88 7.22
N ARG A 18 3.65 -5.83 6.87
CA ARG A 18 4.37 -6.65 7.86
C ARG A 18 5.35 -5.80 8.69
N GLU A 19 6.10 -4.90 8.05
CA GLU A 19 7.10 -4.09 8.76
C GLU A 19 6.43 -3.06 9.68
N GLN A 20 5.35 -2.45 9.22
CA GLN A 20 4.61 -1.48 10.02
C GLN A 20 3.86 -2.16 11.18
N ALA A 21 3.48 -3.43 10.99
CA ALA A 21 2.80 -4.21 12.03
C ALA A 21 3.77 -4.68 13.11
N THR A 22 4.96 -5.14 12.71
CA THR A 22 5.96 -5.65 13.65
C THR A 22 6.89 -4.54 14.18
N GLY A 23 7.10 -3.52 13.36
CA GLY A 23 8.04 -2.46 13.70
C GLY A 23 9.45 -2.74 13.16
N ALA A 24 9.56 -3.74 12.28
CA ALA A 24 10.85 -4.13 11.70
C ALA A 24 10.71 -4.53 10.22
N LYS A 25 11.53 -3.92 9.36
CA LYS A 25 11.52 -4.24 7.92
C LYS A 25 12.67 -5.19 7.55
N ASP A 26 12.57 -5.83 6.39
CA ASP A 26 13.58 -6.80 5.96
C ASP A 26 14.36 -6.29 4.72
N THR A 27 15.23 -7.16 4.21
CA THR A 27 15.97 -6.88 2.96
C THR A 27 16.10 -8.15 2.13
N LYS A 28 15.17 -9.08 2.34
CA LYS A 28 15.19 -10.39 1.67
C LYS A 28 14.99 -10.22 0.15
N PRO A 29 15.48 -11.18 -0.66
CA PRO A 29 15.31 -11.17 -2.12
C PRO A 29 13.84 -10.94 -2.52
N MET A 30 13.60 -9.94 -3.38
CA MET A 30 12.23 -9.53 -3.72
C MET A 30 11.60 -10.50 -4.75
N GLY A 31 10.28 -10.66 -4.67
CA GLY A 31 9.55 -11.62 -5.52
C GLY A 31 9.86 -11.52 -7.01
N ARG A 32 9.31 -10.51 -7.69
CA ARG A 32 9.48 -10.39 -9.15
C ARG A 32 10.77 -9.61 -9.51
N SER A 33 10.70 -8.28 -9.47
CA SER A 33 11.85 -7.43 -9.86
C SER A 33 12.87 -7.30 -8.73
N GLY A 34 13.97 -6.59 -9.01
CA GLY A 34 14.98 -6.33 -7.99
C GLY A 34 15.01 -4.85 -7.55
N ALA A 35 15.58 -4.00 -8.38
CA ALA A 35 15.70 -2.57 -8.07
C ALA A 35 14.33 -1.88 -8.00
N THR A 36 13.50 -2.08 -9.02
CA THR A 36 12.18 -1.43 -9.09
C THR A 36 11.29 -1.79 -7.90
N SER A 37 11.15 -3.08 -7.64
CA SER A 37 10.31 -3.57 -6.54
C SER A 37 10.80 -3.05 -5.18
N ARG A 38 12.12 -3.13 -4.96
CA ARG A 38 12.70 -2.65 -3.70
C ARG A 38 12.54 -1.13 -3.54
N LYS A 39 12.84 -0.36 -4.59
CA LYS A 39 12.75 1.10 -4.50
C LYS A 39 11.30 1.57 -4.33
N ALA A 40 10.35 0.80 -4.86
CA ALA A 40 8.93 1.08 -4.64
C ALA A 40 8.57 0.95 -3.16
N LEU A 41 8.94 -0.18 -2.55
CA LEU A 41 8.77 -0.40 -1.11
C LEU A 41 9.52 0.67 -0.29
N GLU A 42 10.76 0.94 -0.69
CA GLU A 42 11.60 1.93 -0.02
C GLU A 42 10.95 3.32 -0.03
N THR A 43 10.36 3.68 -1.16
CA THR A 43 9.65 4.96 -1.28
C THR A 43 8.33 4.94 -0.50
N LEU A 44 7.64 3.79 -0.52
CA LEU A 44 6.39 3.61 0.24
C LEU A 44 6.57 3.95 1.73
N ARG A 45 7.63 3.45 2.34
CA ARG A 45 7.89 3.71 3.76
C ARG A 45 8.40 5.15 3.97
N ARG A 46 9.10 5.70 2.96
CA ARG A 46 9.59 7.08 3.01
C ARG A 46 8.43 8.08 3.08
N VAL A 47 7.41 7.87 2.23
CA VAL A 47 6.24 8.76 2.21
C VAL A 47 5.15 8.27 3.17
N GLY A 48 5.09 6.95 3.36
CA GLY A 48 4.08 6.34 4.22
C GLY A 48 4.18 6.81 5.66
N ASP A 49 5.40 6.88 6.20
CA ASP A 49 5.62 7.40 7.55
C ASP A 49 4.95 8.78 7.73
N GLY A 50 5.32 9.73 6.88
CA GLY A 50 4.75 11.07 6.95
C GLY A 50 3.22 11.10 6.84
N VAL A 51 2.67 10.34 5.89
CA VAL A 51 1.22 10.25 5.71
C VAL A 51 0.54 9.63 6.95
N GLN A 52 1.15 8.59 7.50
CA GLN A 52 0.62 7.91 8.69
C GLN A 52 0.68 8.82 9.94
N ARG A 53 1.63 9.76 9.97
CA ARG A 53 1.71 10.72 11.07
C ARG A 53 0.46 11.63 11.11
N ASN A 54 0.03 12.09 9.93
CA ASN A 54 -1.11 13.02 9.82
C ASN A 54 -2.46 12.28 9.81
N HIS A 55 -2.57 11.26 8.96
CA HIS A 55 -3.84 10.57 8.72
C HIS A 55 -4.25 9.63 9.87
N GLU A 56 -3.29 9.21 10.70
CA GLU A 56 -3.55 8.25 11.79
C GLU A 56 -4.75 8.69 12.65
N THR A 57 -4.72 9.93 13.14
CA THR A 57 -5.80 10.46 13.98
C THR A 57 -7.17 10.36 13.27
N ALA A 58 -7.17 10.58 11.95
CA ALA A 58 -8.41 10.52 11.16
C ALA A 58 -8.88 9.07 10.96
N PHE A 59 -7.93 8.16 10.71
CA PHE A 59 -8.25 6.73 10.55
C PHE A 59 -8.76 6.12 11.87
N GLN A 60 -8.18 6.54 12.99
CA GLN A 60 -8.63 6.10 14.32
C GLN A 60 -10.16 6.22 14.45
N GLY A 61 -10.69 7.39 14.10
CA GLY A 61 -12.13 7.63 14.19
C GLY A 61 -12.97 6.61 13.44
N MET A 62 -12.45 6.08 12.34
CA MET A 62 -13.16 5.05 11.56
C MET A 62 -12.83 3.65 12.08
N LEU A 63 -11.62 3.51 12.60
CA LEU A 63 -11.14 2.22 13.12
C LEU A 63 -12.01 1.75 14.30
N ARG A 64 -12.53 2.72 15.05
CA ARG A 64 -13.35 2.43 16.24
C ARG A 64 -14.70 1.79 15.86
N LYS A 65 -15.10 1.90 14.60
CA LYS A 65 -16.34 1.26 14.12
C LYS A 65 -16.03 0.07 13.19
N LEU A 66 -14.75 -0.26 13.06
CA LEU A 66 -14.30 -1.39 12.23
C LEU A 66 -13.92 -2.60 13.08
N ASP A 67 -12.76 -2.50 13.75
CA ASP A 67 -12.20 -3.60 14.56
C ASP A 67 -12.43 -4.99 13.94
N ILE A 68 -11.50 -5.38 13.08
CA ILE A 68 -11.60 -6.63 12.33
C ILE A 68 -11.51 -7.87 13.24
N LYS A 69 -12.62 -8.62 13.33
CA LYS A 69 -12.66 -9.85 14.14
C LYS A 69 -12.50 -11.11 13.25
N ASN A 70 -12.47 -10.91 11.94
CA ASN A 70 -12.14 -12.00 10.99
C ASN A 70 -12.02 -11.48 9.54
N GLU A 71 -11.62 -12.37 8.63
CA GLU A 71 -11.45 -12.04 7.20
C GLU A 71 -12.68 -11.33 6.61
N ASP A 72 -13.86 -11.65 7.13
CA ASP A 72 -15.11 -11.00 6.71
C ASP A 72 -15.00 -9.47 6.80
N ASP A 73 -14.39 -8.98 7.87
CA ASP A 73 -14.20 -7.53 8.06
C ASP A 73 -13.12 -6.99 7.13
N VAL A 74 -12.17 -7.84 6.76
CA VAL A 74 -11.16 -7.46 5.75
C VAL A 74 -11.83 -7.17 4.40
N LYS A 75 -12.82 -7.99 4.04
CA LYS A 75 -13.62 -7.75 2.84
C LYS A 75 -14.48 -6.49 3.00
N SER A 76 -14.88 -6.18 4.24
CA SER A 76 -15.54 -4.90 4.54
C SER A 76 -14.58 -3.72 4.33
N LEU A 77 -13.31 -3.94 4.69
CA LEU A 77 -12.26 -2.95 4.42
C LEU A 77 -12.09 -2.71 2.92
N SER A 78 -12.21 -3.78 2.14
CA SER A 78 -12.12 -3.70 0.66
C SER A 78 -13.09 -2.64 0.11
N ARG A 79 -14.30 -2.60 0.67
CA ARG A 79 -15.29 -1.58 0.31
C ARG A 79 -14.71 -0.17 0.50
N VAL A 80 -14.08 0.06 1.65
CA VAL A 80 -13.41 1.35 1.94
C VAL A 80 -12.25 1.59 0.97
N MET A 81 -11.49 0.55 0.70
CA MET A 81 -10.36 0.63 -0.25
C MET A 81 -10.82 1.12 -1.62
N ILE A 82 -11.96 0.62 -2.08
CA ILE A 82 -12.58 1.08 -3.33
C ILE A 82 -12.97 2.57 -3.22
N HIS A 83 -13.45 2.99 -2.04
CA HIS A 83 -13.81 4.39 -1.81
C HIS A 83 -12.58 5.31 -1.87
N VAL A 84 -11.40 4.77 -1.54
CA VAL A 84 -10.14 5.51 -1.65
C VAL A 84 -9.87 5.89 -3.12
N PHE A 85 -10.16 4.97 -4.03
CA PHE A 85 -9.98 5.22 -5.48
C PHE A 85 -11.23 5.85 -6.12
N SER A 86 -12.01 6.57 -5.32
CA SER A 86 -13.18 7.30 -5.83
C SER A 86 -12.76 8.55 -6.61
N ASP A 87 -11.48 8.90 -6.50
CA ASP A 87 -10.92 10.07 -7.20
C ASP A 87 -10.34 9.65 -8.56
N GLY A 88 -10.57 10.45 -9.60
CA GLY A 88 -10.20 10.05 -10.95
C GLY A 88 -9.20 10.98 -11.64
N VAL A 89 -8.24 11.53 -10.90
CA VAL A 89 -7.18 12.35 -11.50
C VAL A 89 -5.79 11.75 -11.20
N THR A 90 -4.75 12.27 -11.86
CA THR A 90 -3.39 11.75 -11.69
C THR A 90 -2.75 12.19 -10.36
N ASN A 91 -2.92 11.37 -9.33
CA ASN A 91 -2.28 11.60 -8.02
C ASN A 91 -1.92 10.28 -7.31
N TRP A 92 -0.64 9.91 -7.34
CA TRP A 92 -0.17 8.66 -6.71
C TRP A 92 -0.41 8.65 -5.19
N GLY A 93 -0.75 9.81 -4.62
CA GLY A 93 -1.10 9.89 -3.21
C GLY A 93 -2.26 8.96 -2.82
N ARG A 94 -3.12 8.65 -3.79
CA ARG A 94 -4.21 7.69 -3.57
C ARG A 94 -3.64 6.29 -3.24
N ILE A 95 -2.60 5.91 -3.98
CA ILE A 95 -1.92 4.63 -3.76
C ILE A 95 -1.29 4.59 -2.36
N VAL A 96 -0.61 5.69 -1.99
CA VAL A 96 -0.01 5.82 -0.67
C VAL A 96 -1.06 5.66 0.44
N THR A 97 -2.18 6.37 0.29
CA THR A 97 -3.29 6.30 1.26
C THR A 97 -3.80 4.87 1.41
N LEU A 98 -4.00 4.18 0.29
CA LEU A 98 -4.48 2.79 0.29
C LEU A 98 -3.55 1.87 1.11
N ILE A 99 -2.28 1.87 0.74
CA ILE A 99 -1.29 0.96 1.35
C ILE A 99 -0.96 1.34 2.80
N SER A 100 -0.88 2.65 3.08
CA SER A 100 -0.60 3.14 4.44
C SER A 100 -1.74 2.80 5.41
N PHE A 101 -2.98 3.02 4.97
CA PHE A 101 -4.16 2.64 5.77
C PHE A 101 -4.18 1.11 6.01
N GLY A 102 -3.83 0.34 4.98
CA GLY A 102 -3.69 -1.10 5.13
C GLY A 102 -2.69 -1.47 6.23
N ALA A 103 -1.52 -0.84 6.19
CA ALA A 103 -0.49 -1.05 7.22
C ALA A 103 -0.96 -0.56 8.60
N PHE A 104 -1.74 0.53 8.60
CA PHE A 104 -2.32 1.07 9.82
C PHE A 104 -3.28 0.05 10.50
N VAL A 105 -4.14 -0.57 9.69
CA VAL A 105 -5.04 -1.60 10.22
C VAL A 105 -4.26 -2.87 10.60
N ALA A 106 -3.25 -3.21 9.79
CA ALA A 106 -2.42 -4.40 10.03
C ALA A 106 -1.82 -4.41 11.45
N LYS A 107 -1.22 -3.30 11.87
CA LYS A 107 -0.63 -3.20 13.21
C LYS A 107 -1.72 -3.36 14.30
N HIS A 108 -2.91 -2.81 14.03
CA HIS A 108 -4.04 -2.97 14.95
C HIS A 108 -4.47 -4.45 15.03
N LEU A 109 -4.33 -5.16 13.91
CA LEU A 109 -4.65 -6.59 13.85
C LEU A 109 -3.66 -7.40 14.70
N LYS A 110 -2.36 -7.18 14.48
CA LYS A 110 -1.33 -7.85 15.27
C LYS A 110 -1.53 -7.59 16.77
N THR A 111 -1.88 -6.33 17.09
CA THR A 111 -2.20 -5.92 18.45
C THR A 111 -3.33 -6.79 19.06
N ILE A 112 -4.43 -6.95 18.31
CA ILE A 112 -5.57 -7.75 18.79
C ILE A 112 -5.43 -9.24 18.41
N ASN A 113 -4.18 -9.69 18.17
CA ASN A 113 -3.87 -11.10 17.91
C ASN A 113 -4.45 -11.62 16.58
N GLN A 114 -4.90 -10.70 15.73
CA GLN A 114 -5.49 -11.04 14.43
C GLN A 114 -4.46 -10.97 13.29
N GLU A 115 -3.22 -11.40 13.54
CA GLU A 115 -2.19 -11.40 12.49
C GLU A 115 -2.65 -12.21 11.27
N SER A 116 -3.46 -13.25 11.51
CA SER A 116 -4.03 -14.07 10.43
C SER A 116 -4.84 -13.24 9.43
N SER A 117 -5.41 -12.14 9.91
CA SER A 117 -6.21 -11.23 9.06
C SER A 117 -5.32 -10.35 8.18
N ILE A 118 -4.09 -10.08 8.63
CA ILE A 118 -3.14 -9.24 7.89
C ILE A 118 -2.82 -9.82 6.50
N GLU A 119 -2.72 -11.15 6.42
CA GLU A 119 -2.35 -11.82 5.17
C GLU A 119 -3.38 -11.55 4.04
N PRO A 120 -4.68 -11.87 4.24
CA PRO A 120 -5.72 -11.56 3.23
C PRO A 120 -5.90 -10.04 3.05
N LEU A 121 -5.59 -9.26 4.08
CA LEU A 121 -5.65 -7.79 4.00
C LEU A 121 -4.63 -7.28 2.97
N ALA A 122 -3.39 -7.75 3.08
CA ALA A 122 -2.34 -7.42 2.10
C ALA A 122 -2.79 -7.76 0.67
N GLU A 123 -3.45 -8.92 0.53
CA GLU A 123 -4.02 -9.33 -0.75
C GLU A 123 -5.18 -8.41 -1.16
N SER A 124 -5.98 -7.96 -0.19
CA SER A 124 -7.11 -7.05 -0.46
C SER A 124 -6.63 -5.71 -1.02
N ILE A 125 -5.58 -5.14 -0.41
CA ILE A 125 -4.97 -3.91 -0.92
C ILE A 125 -4.56 -4.08 -2.39
N THR A 126 -3.83 -5.16 -2.66
CA THR A 126 -3.37 -5.47 -4.02
C THR A 126 -4.56 -5.85 -4.94
N ASP A 127 -5.57 -6.49 -4.37
CA ASP A 127 -6.74 -6.92 -5.12
C ASP A 127 -7.51 -5.72 -5.68
N VAL A 128 -7.84 -4.77 -4.81
CA VAL A 128 -8.52 -3.53 -5.24
C VAL A 128 -7.63 -2.72 -6.20
N LEU A 129 -6.34 -2.66 -5.88
CA LEU A 129 -5.35 -1.98 -6.73
C LEU A 129 -5.39 -2.53 -8.17
N VAL A 130 -5.27 -3.85 -8.30
CA VAL A 130 -5.27 -4.52 -9.60
C VAL A 130 -6.69 -4.59 -10.22
N ARG A 131 -7.71 -4.60 -9.36
CA ARG A 131 -9.11 -4.68 -9.82
C ARG A 131 -9.46 -3.56 -10.82
N THR A 132 -8.92 -2.37 -10.58
CA THR A 132 -9.25 -1.21 -11.41
C THR A 132 -8.00 -0.44 -11.91
N LYS A 133 -6.97 -0.34 -11.06
CA LYS A 133 -5.75 0.41 -11.42
C LYS A 133 -4.66 -0.47 -12.07
N ARG A 134 -4.97 -1.75 -12.35
CA ARG A 134 -4.01 -2.69 -12.95
C ARG A 134 -3.31 -2.11 -14.19
N ASP A 135 -4.09 -1.86 -15.23
CA ASP A 135 -3.55 -1.35 -16.49
C ASP A 135 -2.81 -0.02 -16.30
N TRP A 136 -3.27 0.80 -15.38
CA TRP A 136 -2.60 2.07 -15.07
C TRP A 136 -1.21 1.82 -14.45
N LEU A 137 -1.10 0.78 -13.63
CA LEU A 137 0.19 0.38 -13.04
C LEU A 137 1.24 0.07 -14.13
N VAL A 138 0.86 -0.74 -15.12
CA VAL A 138 1.79 -1.10 -16.21
C VAL A 138 1.95 0.02 -17.25
N LYS A 139 0.86 0.72 -17.55
CA LYS A 139 0.89 1.81 -18.55
C LYS A 139 1.67 3.03 -18.06
N GLN A 140 1.36 3.50 -16.86
CA GLN A 140 2.04 4.67 -16.29
C GLN A 140 3.34 4.25 -15.57
N ARG A 141 3.64 2.95 -15.61
CA ARG A 141 4.80 2.39 -14.90
C ARG A 141 4.79 2.81 -13.42
N GLY A 142 3.65 2.56 -12.76
CA GLY A 142 3.44 3.01 -11.39
C GLY A 142 4.63 2.83 -10.46
N TRP A 143 5.12 1.61 -10.30
CA TRP A 143 6.21 1.33 -9.35
C TRP A 143 7.52 2.06 -9.72
N ASP A 144 7.66 2.45 -10.99
CA ASP A 144 8.79 3.30 -11.41
C ASP A 144 8.48 4.80 -11.21
N GLY A 145 7.39 5.28 -11.82
CA GLY A 145 7.03 6.69 -11.75
C GLY A 145 6.73 7.19 -10.34
N PHE A 146 6.15 6.33 -9.51
CA PHE A 146 5.86 6.64 -8.11
C PHE A 146 7.13 7.05 -7.34
N VAL A 147 8.24 6.37 -7.65
CA VAL A 147 9.51 6.61 -6.94
C VAL A 147 10.14 7.95 -7.35
N GLU A 148 10.20 8.22 -8.64
CA GLU A 148 10.74 9.49 -9.15
C GLU A 148 9.81 10.66 -8.80
N PHE A 149 8.52 10.37 -8.66
CA PHE A 149 7.50 11.38 -8.33
C PHE A 149 7.87 12.11 -7.02
N PHE A 150 8.17 11.34 -5.97
CA PHE A 150 8.70 11.88 -4.72
C PHE A 150 10.23 12.03 -4.75
N HIS A 151 10.89 11.20 -5.57
CA HIS A 151 12.36 11.14 -5.68
C HIS A 151 13.00 10.48 -4.44
N VAL A 152 13.47 9.24 -4.61
CA VAL A 152 14.15 8.50 -3.53
C VAL A 152 15.32 7.67 -4.10
N GLU A 153 15.00 6.58 -4.79
CA GLU A 153 16.00 5.66 -5.34
C GLU A 153 16.00 5.68 -6.88
N ASP A 154 15.50 6.76 -7.46
CA ASP A 154 15.42 6.92 -8.91
C ASP A 154 16.73 7.46 -9.49
N LEU A 155 17.20 6.86 -10.59
CA LEU A 155 18.40 7.35 -11.28
C LEU A 155 18.09 8.59 -12.14
N GLU A 156 16.80 8.88 -12.32
CA GLU A 156 16.36 10.05 -13.09
C GLU A 156 16.72 11.36 -12.38
N GLY A 157 16.57 11.38 -11.06
CA GLY A 157 16.94 12.55 -10.26
C GLY A 157 16.09 13.78 -10.55
N GLY A 158 14.78 13.66 -10.36
CA GLY A 158 13.88 14.78 -10.62
C GLY A 158 12.51 14.61 -9.98
N HIS A 159 11.58 15.53 -10.30
CA HIS A 159 10.21 15.46 -9.81
C HIS A 159 9.20 15.82 -10.92
N HIS A 160 8.71 14.81 -11.62
CA HIS A 160 7.71 15.04 -12.67
C HIS A 160 6.29 14.90 -12.10
N HIS A 161 5.85 15.94 -11.38
CA HIS A 161 4.54 15.92 -10.71
C HIS A 161 3.42 16.34 -11.68
N HIS A 162 2.75 15.37 -12.28
CA HIS A 162 1.63 15.63 -13.19
C HIS A 162 0.29 15.65 -12.42
N HIS A 163 -0.45 16.75 -12.51
CA HIS A 163 -1.74 16.89 -11.82
C HIS A 163 -2.75 17.64 -12.70
N HIS A 164 -4.01 17.21 -12.65
CA HIS A 164 -5.10 17.88 -13.41
C HIS A 164 -6.24 18.32 -12.49
N MET A 1 -2.39 -19.83 -8.37
CA MET A 1 -3.26 -19.52 -9.55
C MET A 1 -3.64 -18.02 -9.58
N GLU A 2 -2.83 -17.23 -10.26
CA GLU A 2 -3.05 -15.78 -10.37
C GLU A 2 -2.08 -15.14 -11.37
N ASP A 3 -2.21 -13.83 -11.57
CA ASP A 3 -1.35 -13.09 -12.51
C ASP A 3 -0.01 -12.69 -11.87
N GLU A 4 1.05 -12.64 -12.69
CA GLU A 4 2.39 -12.28 -12.22
C GLU A 4 2.41 -10.88 -11.58
N LEU A 5 1.72 -9.93 -12.23
CA LEU A 5 1.60 -8.55 -11.72
C LEU A 5 0.93 -8.54 -10.33
N TYR A 6 -0.05 -9.42 -10.14
CA TYR A 6 -0.73 -9.56 -8.84
C TYR A 6 0.26 -10.02 -7.76
N ARG A 7 1.12 -10.99 -8.09
CA ARG A 7 2.11 -11.51 -7.13
C ARG A 7 3.20 -10.48 -6.81
N GLN A 8 3.67 -9.72 -7.80
CA GLN A 8 4.64 -8.65 -7.54
C GLN A 8 4.07 -7.61 -6.58
N SER A 9 2.86 -7.14 -6.88
CA SER A 9 2.17 -6.14 -6.06
C SER A 9 1.91 -6.69 -4.64
N LEU A 10 1.38 -7.91 -4.57
CA LEU A 10 1.12 -8.58 -3.29
C LEU A 10 2.42 -8.74 -2.48
N GLU A 11 3.52 -9.03 -3.17
CA GLU A 11 4.83 -9.16 -2.54
C GLU A 11 5.21 -7.86 -1.80
N ILE A 12 5.15 -6.75 -2.52
CA ILE A 12 5.52 -5.43 -1.99
C ILE A 12 4.59 -5.01 -0.84
N ILE A 13 3.28 -5.10 -1.08
CA ILE A 13 2.28 -4.68 -0.09
C ILE A 13 2.33 -5.53 1.19
N SER A 14 2.28 -6.86 1.04
CA SER A 14 2.29 -7.76 2.21
C SER A 14 3.52 -7.55 3.11
N ARG A 15 4.70 -7.50 2.49
CA ARG A 15 5.95 -7.29 3.22
C ARG A 15 5.97 -5.91 3.91
N TYR A 16 5.48 -4.88 3.21
CA TYR A 16 5.38 -3.54 3.78
C TYR A 16 4.51 -3.52 5.03
N LEU A 17 3.28 -4.04 4.91
CA LEU A 17 2.37 -4.15 6.06
C LEU A 17 3.02 -4.91 7.22
N ARG A 18 3.75 -5.98 6.89
CA ARG A 18 4.44 -6.79 7.90
C ARG A 18 5.51 -5.98 8.66
N GLU A 19 6.47 -5.41 7.93
CA GLU A 19 7.54 -4.62 8.55
C GLU A 19 6.96 -3.39 9.28
N GLN A 20 5.86 -2.85 8.76
CA GLN A 20 5.15 -1.74 9.40
C GLN A 20 4.53 -2.17 10.75
N ALA A 21 4.09 -3.42 10.83
CA ALA A 21 3.51 -3.94 12.06
C ALA A 21 4.58 -4.14 13.15
N THR A 22 5.74 -4.64 12.76
CA THR A 22 6.84 -4.90 13.70
C THR A 22 7.73 -3.66 13.90
N GLY A 23 7.67 -2.73 12.95
CA GLY A 23 8.50 -1.54 13.01
C GLY A 23 9.95 -1.81 12.64
N ALA A 24 10.17 -2.85 11.85
CA ALA A 24 11.52 -3.25 11.44
C ALA A 24 11.54 -3.71 9.97
N LYS A 25 12.51 -3.19 9.21
CA LYS A 25 12.63 -3.46 7.76
C LYS A 25 12.53 -4.96 7.41
N ASP A 26 11.95 -5.25 6.24
CA ASP A 26 11.90 -6.60 5.70
C ASP A 26 13.31 -7.07 5.23
N THR A 27 13.46 -8.36 4.90
CA THR A 27 14.78 -8.91 4.50
C THR A 27 14.66 -10.10 3.51
N LYS A 28 13.54 -10.18 2.82
CA LYS A 28 13.28 -11.28 1.86
C LYS A 28 13.74 -10.90 0.42
N PRO A 29 13.91 -11.90 -0.47
CA PRO A 29 14.18 -11.65 -1.90
C PRO A 29 12.96 -11.04 -2.62
N MET A 30 13.20 -10.21 -3.64
CA MET A 30 12.10 -9.51 -4.34
C MET A 30 11.54 -10.28 -5.54
N GLY A 31 10.71 -11.28 -5.24
CA GLY A 31 10.02 -12.08 -6.24
C GLY A 31 10.79 -12.30 -7.55
N ARG A 32 10.24 -11.78 -8.65
CA ARG A 32 10.84 -11.93 -9.99
C ARG A 32 11.24 -10.57 -10.60
N SER A 33 11.08 -9.50 -9.80
CA SER A 33 11.29 -8.12 -10.32
C SER A 33 12.51 -7.44 -9.67
N GLY A 34 13.04 -8.03 -8.61
CA GLY A 34 14.25 -7.54 -7.96
C GLY A 34 14.20 -6.05 -7.58
N ALA A 35 15.02 -5.25 -8.27
CA ALA A 35 15.21 -3.82 -7.95
C ALA A 35 13.88 -3.05 -7.91
N THR A 36 13.03 -3.25 -8.91
CA THR A 36 11.73 -2.56 -9.00
C THR A 36 10.91 -2.74 -7.72
N SER A 37 10.76 -4.00 -7.30
CA SER A 37 9.98 -4.32 -6.11
C SER A 37 10.60 -3.72 -4.83
N ARG A 38 11.94 -3.68 -4.77
CA ARG A 38 12.62 -3.04 -3.62
C ARG A 38 12.35 -1.53 -3.58
N LYS A 39 12.67 -0.86 -4.68
CA LYS A 39 12.50 0.60 -4.78
C LYS A 39 11.07 1.02 -4.47
N ALA A 40 10.10 0.27 -5.00
CA ALA A 40 8.69 0.49 -4.69
C ALA A 40 8.42 0.35 -3.18
N LEU A 41 8.96 -0.71 -2.58
CA LEU A 41 8.78 -0.98 -1.15
C LEU A 41 9.36 0.15 -0.27
N GLU A 42 10.63 0.47 -0.46
CA GLU A 42 11.29 1.51 0.34
C GLU A 42 10.71 2.91 0.06
N THR A 43 10.25 3.15 -1.15
CA THR A 43 9.57 4.41 -1.48
C THR A 43 8.21 4.48 -0.78
N LEU A 44 7.48 3.37 -0.77
CA LEU A 44 6.24 3.26 0.03
C LEU A 44 6.51 3.63 1.49
N ARG A 45 7.68 3.24 2.00
CA ARG A 45 8.12 3.59 3.33
C ARG A 45 8.42 5.10 3.45
N ARG A 46 9.25 5.62 2.55
CA ARG A 46 9.73 7.00 2.64
C ARG A 46 8.61 8.04 2.44
N VAL A 47 7.51 7.64 1.80
CA VAL A 47 6.34 8.54 1.64
C VAL A 47 5.15 8.08 2.50
N GLY A 48 5.00 6.76 2.66
CA GLY A 48 3.85 6.22 3.36
C GLY A 48 3.86 6.48 4.87
N ASP A 49 5.05 6.55 5.47
CA ASP A 49 5.16 6.84 6.90
C ASP A 49 4.58 8.23 7.21
N GLY A 50 5.04 9.25 6.49
CA GLY A 50 4.53 10.60 6.65
C GLY A 50 3.03 10.71 6.41
N VAL A 51 2.55 10.02 5.38
CA VAL A 51 1.11 9.95 5.09
C VAL A 51 0.33 9.35 6.27
N GLN A 52 0.80 8.20 6.77
CA GLN A 52 0.19 7.55 7.93
C GLN A 52 0.18 8.48 9.15
N ARG A 53 1.22 9.29 9.31
CA ARG A 53 1.29 10.25 10.42
C ARG A 53 0.09 11.22 10.42
N ASN A 54 -0.07 11.99 9.33
CA ASN A 54 -1.13 13.00 9.27
C ASN A 54 -2.52 12.37 9.04
N HIS A 55 -2.55 11.13 8.57
CA HIS A 55 -3.83 10.40 8.39
C HIS A 55 -4.21 9.58 9.62
N GLU A 56 -3.24 9.24 10.47
CA GLU A 56 -3.51 8.39 11.65
C GLU A 56 -4.62 8.98 12.54
N THR A 57 -4.46 10.25 12.90
CA THR A 57 -5.46 10.95 13.72
C THR A 57 -6.88 10.85 13.11
N ALA A 58 -6.94 10.74 11.78
CA ALA A 58 -8.21 10.57 11.07
C ALA A 58 -8.68 9.11 11.08
N PHE A 59 -7.80 8.21 10.63
CA PHE A 59 -8.11 6.78 10.53
C PHE A 59 -8.50 6.16 11.88
N GLN A 60 -7.96 6.70 12.98
CA GLN A 60 -8.32 6.23 14.34
C GLN A 60 -9.84 6.19 14.53
N GLY A 61 -10.53 7.22 14.02
CA GLY A 61 -11.98 7.28 14.12
C GLY A 61 -12.68 6.13 13.39
N MET A 62 -12.03 5.62 12.34
CA MET A 62 -12.58 4.50 11.57
C MET A 62 -12.12 3.16 12.17
N LEU A 63 -10.91 3.16 12.72
CA LEU A 63 -10.29 1.95 13.26
C LEU A 63 -11.09 1.39 14.45
N ARG A 64 -11.56 2.30 15.31
CA ARG A 64 -12.41 1.91 16.44
C ARG A 64 -13.78 1.40 15.96
N LYS A 65 -14.21 1.87 14.79
CA LYS A 65 -15.46 1.39 14.16
C LYS A 65 -15.27 0.00 13.52
N LEU A 66 -14.06 -0.24 13.01
CA LEU A 66 -13.72 -1.52 12.37
C LEU A 66 -13.34 -2.59 13.40
N ASP A 67 -12.14 -2.44 13.98
CA ASP A 67 -11.58 -3.42 14.92
C ASP A 67 -11.74 -4.87 14.41
N ILE A 68 -10.82 -5.29 13.56
CA ILE A 68 -10.88 -6.60 12.90
C ILE A 68 -10.77 -7.76 13.90
N LYS A 69 -11.85 -8.54 14.04
CA LYS A 69 -11.82 -9.74 14.89
C LYS A 69 -11.73 -11.03 14.06
N ASN A 70 -11.85 -10.92 12.73
CA ASN A 70 -11.67 -12.06 11.83
C ASN A 70 -11.50 -11.62 10.36
N GLU A 71 -11.14 -12.56 9.49
CA GLU A 71 -10.87 -12.27 8.08
C GLU A 71 -12.10 -11.62 7.38
N ASP A 72 -13.30 -11.93 7.86
CA ASP A 72 -14.52 -11.34 7.30
C ASP A 72 -14.50 -9.80 7.35
N ASP A 73 -13.97 -9.23 8.44
CA ASP A 73 -13.82 -7.78 8.54
C ASP A 73 -12.87 -7.28 7.43
N VAL A 74 -11.79 -8.03 7.23
CA VAL A 74 -10.83 -7.76 6.16
C VAL A 74 -11.50 -7.80 4.78
N LYS A 75 -12.44 -8.73 4.60
CA LYS A 75 -13.20 -8.82 3.35
C LYS A 75 -14.08 -7.57 3.16
N SER A 76 -14.69 -7.10 4.25
CA SER A 76 -15.52 -5.89 4.21
C SER A 76 -14.68 -4.65 3.87
N LEU A 77 -13.42 -4.63 4.32
CA LEU A 77 -12.49 -3.54 4.02
C LEU A 77 -12.36 -3.31 2.50
N SER A 78 -12.45 -4.39 1.71
CA SER A 78 -12.33 -4.31 0.25
C SER A 78 -13.34 -3.30 -0.32
N ARG A 79 -14.55 -3.29 0.23
CA ARG A 79 -15.59 -2.34 -0.18
C ARG A 79 -15.13 -0.89 0.03
N VAL A 80 -14.58 -0.60 1.20
CA VAL A 80 -14.06 0.74 1.52
C VAL A 80 -12.89 1.12 0.60
N MET A 81 -12.01 0.15 0.35
CA MET A 81 -10.84 0.35 -0.50
C MET A 81 -11.25 0.80 -1.92
N ILE A 82 -12.32 0.21 -2.45
CA ILE A 82 -12.87 0.64 -3.74
C ILE A 82 -13.25 2.13 -3.72
N HIS A 83 -13.76 2.60 -2.58
CA HIS A 83 -14.12 4.02 -2.42
C HIS A 83 -12.86 4.91 -2.30
N VAL A 84 -11.75 4.35 -1.81
CA VAL A 84 -10.48 5.07 -1.75
C VAL A 84 -10.05 5.56 -3.15
N PHE A 85 -10.28 4.73 -4.17
CA PHE A 85 -9.94 5.09 -5.56
C PHE A 85 -11.03 5.95 -6.23
N SER A 86 -12.00 6.43 -5.45
CA SER A 86 -13.05 7.31 -5.98
C SER A 86 -12.45 8.65 -6.43
N ASP A 87 -11.34 9.03 -5.82
CA ASP A 87 -10.63 10.26 -6.16
C ASP A 87 -9.74 10.05 -7.40
N GLY A 88 -10.11 10.68 -8.51
CA GLY A 88 -9.45 10.41 -9.79
C GLY A 88 -8.40 11.46 -10.18
N VAL A 89 -7.53 11.82 -9.25
CA VAL A 89 -6.43 12.75 -9.55
C VAL A 89 -5.27 12.04 -10.27
N THR A 90 -5.26 10.70 -10.20
CA THR A 90 -4.27 9.86 -10.91
C THR A 90 -2.81 10.24 -10.59
N ASN A 91 -2.58 10.86 -9.44
CA ASN A 91 -1.25 11.35 -9.05
C ASN A 91 -0.39 10.25 -8.39
N TRP A 92 -0.84 8.99 -8.46
CA TRP A 92 -0.16 7.85 -7.81
C TRP A 92 -0.23 7.91 -6.26
N GLY A 93 -0.36 9.12 -5.69
CA GLY A 93 -0.50 9.27 -4.24
C GLY A 93 -1.69 8.50 -3.67
N ARG A 94 -2.70 8.25 -4.51
CA ARG A 94 -3.85 7.42 -4.12
C ARG A 94 -3.41 5.98 -3.81
N ILE A 95 -2.40 5.49 -4.54
CA ILE A 95 -1.82 4.17 -4.27
C ILE A 95 -1.21 4.14 -2.87
N VAL A 96 -0.45 5.20 -2.54
CA VAL A 96 0.11 5.37 -1.20
C VAL A 96 -1.00 5.39 -0.14
N THR A 97 -2.09 6.09 -0.43
CA THR A 97 -3.23 6.20 0.49
C THR A 97 -3.79 4.81 0.84
N LEU A 98 -4.01 4.00 -0.18
CA LEU A 98 -4.54 2.64 0.00
C LEU A 98 -3.60 1.77 0.87
N ILE A 99 -2.33 1.69 0.46
CA ILE A 99 -1.35 0.83 1.14
C ILE A 99 -1.00 1.36 2.54
N SER A 100 -0.98 2.69 2.70
CA SER A 100 -0.67 3.30 4.01
C SER A 100 -1.73 2.94 5.06
N PHE A 101 -3.00 3.07 4.71
CA PHE A 101 -4.09 2.68 5.61
C PHE A 101 -3.99 1.18 5.97
N GLY A 102 -3.67 0.35 4.97
CA GLY A 102 -3.45 -1.07 5.23
C GLY A 102 -2.33 -1.32 6.23
N ALA A 103 -1.22 -0.61 6.06
CA ALA A 103 -0.08 -0.69 6.98
C ALA A 103 -0.45 -0.15 8.38
N PHE A 104 -1.31 0.86 8.40
CA PHE A 104 -1.82 1.42 9.65
C PHE A 104 -2.65 0.38 10.43
N VAL A 105 -3.58 -0.28 9.73
CA VAL A 105 -4.39 -1.33 10.35
C VAL A 105 -3.52 -2.54 10.74
N ALA A 106 -2.54 -2.86 9.90
CA ALA A 106 -1.59 -3.94 10.19
C ALA A 106 -0.93 -3.77 11.57
N LYS A 107 -0.53 -2.53 11.88
CA LYS A 107 0.00 -2.19 13.20
C LYS A 107 -1.01 -2.57 14.31
N HIS A 108 -2.27 -2.18 14.11
CA HIS A 108 -3.35 -2.50 15.06
C HIS A 108 -3.60 -4.01 15.15
N LEU A 109 -3.44 -4.71 14.03
CA LEU A 109 -3.64 -6.17 14.00
C LEU A 109 -2.64 -6.89 14.92
N LYS A 110 -1.35 -6.56 14.78
CA LYS A 110 -0.33 -7.10 15.68
C LYS A 110 -0.64 -6.72 17.14
N THR A 111 -1.05 -5.47 17.33
CA THR A 111 -1.44 -4.96 18.66
C THR A 111 -2.51 -5.85 19.32
N ILE A 112 -3.54 -6.22 18.55
CA ILE A 112 -4.62 -7.07 19.07
C ILE A 112 -4.39 -8.56 18.81
N ASN A 113 -3.13 -8.92 18.51
CA ASN A 113 -2.70 -10.32 18.32
C ASN A 113 -3.23 -10.94 17.01
N GLN A 114 -3.86 -10.14 16.16
CA GLN A 114 -4.35 -10.60 14.84
C GLN A 114 -3.21 -10.58 13.80
N GLU A 115 -2.05 -11.10 14.18
CA GLU A 115 -0.84 -11.09 13.33
C GLU A 115 -1.10 -11.74 11.96
N SER A 116 -1.80 -12.87 11.98
CA SER A 116 -2.15 -13.61 10.74
C SER A 116 -3.02 -12.76 9.80
N SER A 117 -3.91 -11.95 10.38
CA SER A 117 -4.87 -11.14 9.62
C SER A 117 -4.17 -10.18 8.64
N ILE A 118 -2.94 -9.79 8.96
CA ILE A 118 -2.17 -8.85 8.12
C ILE A 118 -2.08 -9.32 6.65
N GLU A 119 -1.90 -10.63 6.43
CA GLU A 119 -1.74 -11.16 5.07
C GLU A 119 -3.03 -11.05 4.22
N PRO A 120 -4.18 -11.61 4.68
CA PRO A 120 -5.46 -11.46 3.95
C PRO A 120 -5.83 -9.98 3.73
N LEU A 121 -5.39 -9.11 4.64
CA LEU A 121 -5.58 -7.66 4.47
C LEU A 121 -4.76 -7.15 3.28
N ALA A 122 -3.51 -7.57 3.20
CA ALA A 122 -2.65 -7.24 2.06
C ALA A 122 -3.27 -7.73 0.74
N GLU A 123 -3.95 -8.86 0.79
CA GLU A 123 -4.67 -9.39 -0.37
C GLU A 123 -5.80 -8.44 -0.80
N SER A 124 -6.60 -7.98 0.17
CA SER A 124 -7.68 -7.02 -0.10
C SER A 124 -7.14 -5.75 -0.78
N ILE A 125 -6.02 -5.24 -0.27
CA ILE A 125 -5.36 -4.07 -0.87
C ILE A 125 -4.95 -4.34 -2.32
N THR A 126 -4.21 -5.43 -2.53
CA THR A 126 -3.74 -5.83 -3.87
C THR A 126 -4.91 -6.13 -4.82
N ASP A 127 -5.98 -6.72 -4.28
CA ASP A 127 -7.14 -7.11 -5.07
C ASP A 127 -7.80 -5.88 -5.72
N VAL A 128 -8.10 -4.86 -4.92
CA VAL A 128 -8.70 -3.63 -5.43
C VAL A 128 -7.74 -2.90 -6.38
N LEU A 129 -6.45 -2.94 -6.04
CA LEU A 129 -5.40 -2.35 -6.87
C LEU A 129 -5.43 -2.94 -8.30
N VAL A 130 -5.40 -4.27 -8.38
CA VAL A 130 -5.43 -4.99 -9.65
C VAL A 130 -6.86 -5.00 -10.25
N ARG A 131 -7.86 -4.86 -9.40
CA ARG A 131 -9.28 -4.87 -9.81
C ARG A 131 -9.58 -3.80 -10.87
N THR A 132 -9.09 -2.58 -10.65
CA THR A 132 -9.45 -1.43 -11.50
C THR A 132 -8.25 -0.85 -12.30
N LYS A 133 -7.04 -0.93 -11.76
CA LYS A 133 -5.86 -0.33 -12.42
C LYS A 133 -4.80 -1.37 -12.83
N ARG A 134 -5.23 -2.59 -13.13
CA ARG A 134 -4.30 -3.67 -13.55
C ARG A 134 -3.55 -3.30 -14.84
N ASP A 135 -4.30 -2.97 -15.88
CA ASP A 135 -3.72 -2.64 -17.19
C ASP A 135 -2.77 -1.43 -17.09
N TRP A 136 -3.11 -0.46 -16.25
CA TRP A 136 -2.24 0.70 -16.03
C TRP A 136 -0.96 0.32 -15.28
N LEU A 137 -1.08 -0.60 -14.31
CA LEU A 137 0.09 -1.10 -13.58
C LEU A 137 1.15 -1.70 -14.53
N VAL A 138 0.73 -2.51 -15.50
CA VAL A 138 1.66 -3.10 -16.46
C VAL A 138 2.09 -2.10 -17.56
N LYS A 139 1.14 -1.34 -18.09
CA LYS A 139 1.40 -0.41 -19.20
C LYS A 139 2.28 0.78 -18.77
N GLN A 140 2.08 1.27 -17.55
CA GLN A 140 2.87 2.41 -17.05
C GLN A 140 3.98 1.94 -16.10
N ARG A 141 4.12 0.61 -15.94
CA ARG A 141 5.06 0.03 -14.98
C ARG A 141 4.89 0.68 -13.60
N GLY A 142 3.71 0.49 -13.00
CA GLY A 142 3.33 1.18 -11.78
C GLY A 142 4.41 1.27 -10.71
N TRP A 143 5.08 0.16 -10.42
CA TRP A 143 6.08 0.14 -9.35
C TRP A 143 7.40 0.82 -9.75
N ASP A 144 7.65 0.97 -11.06
CA ASP A 144 8.76 1.80 -11.55
C ASP A 144 8.35 3.29 -11.62
N GLY A 145 7.21 3.55 -12.27
CA GLY A 145 6.68 4.90 -12.38
C GLY A 145 6.41 5.55 -11.03
N PHE A 146 6.05 4.73 -10.05
CA PHE A 146 5.83 5.18 -8.67
C PHE A 146 7.11 5.82 -8.11
N VAL A 147 8.26 5.24 -8.43
CA VAL A 147 9.55 5.73 -7.94
C VAL A 147 9.96 7.03 -8.65
N GLU A 148 9.73 7.10 -9.96
CA GLU A 148 10.12 8.30 -10.74
C GLU A 148 9.19 9.49 -10.45
N PHE A 149 7.90 9.22 -10.19
CA PHE A 149 6.93 10.30 -9.93
C PHE A 149 7.32 11.13 -8.70
N PHE A 150 7.71 10.45 -7.62
CA PHE A 150 8.17 11.12 -6.40
C PHE A 150 9.65 11.51 -6.51
N HIS A 151 10.31 11.01 -7.56
CA HIS A 151 11.73 11.29 -7.83
C HIS A 151 12.61 10.93 -6.64
N VAL A 152 13.02 9.67 -6.58
CA VAL A 152 13.76 9.14 -5.45
C VAL A 152 15.29 9.19 -5.70
N GLU A 153 15.75 8.50 -6.73
CA GLU A 153 17.17 8.48 -7.10
C GLU A 153 17.42 9.27 -8.39
N ASP A 154 16.41 10.01 -8.82
CA ASP A 154 16.48 10.80 -10.07
C ASP A 154 17.62 11.82 -10.06
N LEU A 155 18.48 11.74 -11.09
CA LEU A 155 19.53 12.74 -11.29
C LEU A 155 18.96 14.14 -11.54
N GLU A 156 17.70 14.18 -11.97
CA GLU A 156 17.00 15.46 -12.22
C GLU A 156 16.58 16.13 -10.91
N GLY A 157 15.67 15.47 -10.19
CA GLY A 157 15.06 16.06 -9.00
C GLY A 157 13.60 16.42 -9.23
N GLY A 158 13.12 17.48 -8.58
CA GLY A 158 11.74 17.92 -8.77
C GLY A 158 10.75 17.22 -7.83
N HIS A 159 10.00 18.01 -7.07
CA HIS A 159 8.98 17.47 -6.16
C HIS A 159 7.73 18.38 -6.15
N HIS A 160 6.55 17.79 -5.97
CA HIS A 160 5.31 18.57 -5.88
C HIS A 160 5.21 19.30 -4.52
N HIS A 161 5.80 20.49 -4.43
CA HIS A 161 5.71 21.33 -3.22
C HIS A 161 5.02 22.66 -3.53
N HIS A 162 4.23 22.66 -4.61
CA HIS A 162 3.46 23.83 -5.03
C HIS A 162 2.35 23.41 -6.02
N HIS A 163 1.12 23.34 -5.53
CA HIS A 163 -0.01 22.85 -6.34
C HIS A 163 -1.11 23.91 -6.49
N HIS A 164 -1.50 24.17 -7.74
CA HIS A 164 -2.62 25.08 -8.03
C HIS A 164 -3.98 24.34 -7.87
N MET A 1 -2.07 -19.00 -13.12
CA MET A 1 -3.13 -18.32 -12.33
C MET A 1 -2.68 -16.90 -11.93
N GLU A 2 -1.69 -16.82 -11.05
CA GLU A 2 -1.14 -15.52 -10.59
C GLU A 2 -0.46 -14.76 -11.73
N ASP A 3 -0.55 -13.44 -11.68
CA ASP A 3 0.22 -12.57 -12.56
C ASP A 3 1.56 -12.19 -11.90
N GLU A 4 2.60 -12.05 -12.72
CA GLU A 4 3.92 -11.62 -12.23
C GLU A 4 3.81 -10.34 -11.39
N LEU A 5 2.93 -9.45 -11.82
CA LEU A 5 2.67 -8.18 -11.12
C LEU A 5 1.97 -8.40 -9.77
N TYR A 6 1.07 -9.40 -9.70
CA TYR A 6 0.30 -9.64 -8.48
C TYR A 6 1.22 -10.20 -7.39
N ARG A 7 2.09 -11.14 -7.77
CA ARG A 7 3.06 -11.71 -6.84
C ARG A 7 4.01 -10.64 -6.28
N GLN A 8 4.60 -9.84 -7.17
CA GLN A 8 5.51 -8.77 -6.74
C GLN A 8 4.80 -7.72 -5.86
N SER A 9 3.68 -7.21 -6.35
CA SER A 9 2.91 -6.20 -5.61
C SER A 9 2.52 -6.71 -4.22
N LEU A 10 2.04 -7.94 -4.16
CA LEU A 10 1.69 -8.58 -2.87
C LEU A 10 2.92 -8.68 -1.95
N GLU A 11 4.06 -9.05 -2.53
CA GLU A 11 5.32 -9.16 -1.77
C GLU A 11 5.70 -7.81 -1.16
N ILE A 12 5.66 -6.75 -1.98
CA ILE A 12 5.98 -5.39 -1.52
C ILE A 12 5.02 -4.92 -0.42
N ILE A 13 3.72 -5.00 -0.71
CA ILE A 13 2.68 -4.57 0.23
C ILE A 13 2.72 -5.38 1.54
N SER A 14 2.71 -6.71 1.42
CA SER A 14 2.76 -7.60 2.60
C SER A 14 3.95 -7.26 3.49
N ARG A 15 5.13 -7.11 2.89
CA ARG A 15 6.33 -6.71 3.63
C ARG A 15 6.11 -5.38 4.38
N TYR A 16 5.71 -4.34 3.66
CA TYR A 16 5.51 -3.01 4.26
C TYR A 16 4.54 -3.07 5.45
N LEU A 17 3.44 -3.80 5.28
CA LEU A 17 2.48 -4.01 6.38
C LEU A 17 3.14 -4.70 7.58
N ARG A 18 3.96 -5.72 7.30
CA ARG A 18 4.68 -6.45 8.37
C ARG A 18 5.69 -5.54 9.08
N GLU A 19 6.53 -4.86 8.30
CA GLU A 19 7.56 -3.97 8.84
C GLU A 19 6.95 -2.83 9.68
N GLN A 20 5.81 -2.31 9.23
CA GLN A 20 5.07 -1.28 9.96
C GLN A 20 4.42 -1.84 11.25
N ALA A 21 3.77 -3.00 11.12
CA ALA A 21 3.09 -3.62 12.27
C ALA A 21 4.07 -4.07 13.36
N THR A 22 5.24 -4.55 12.95
CA THR A 22 6.26 -5.03 13.90
C THR A 22 7.17 -3.91 14.39
N GLY A 23 7.34 -2.87 13.58
CA GLY A 23 8.21 -1.76 13.95
C GLY A 23 9.69 -2.06 13.72
N ALA A 24 9.97 -2.82 12.66
CA ALA A 24 11.34 -3.21 12.32
C ALA A 24 11.49 -3.45 10.82
N LYS A 25 12.65 -3.94 10.39
CA LYS A 25 12.87 -4.27 8.98
C LYS A 25 12.67 -5.77 8.70
N ASP A 26 12.11 -6.08 7.55
CA ASP A 26 11.90 -7.46 7.13
C ASP A 26 12.99 -7.89 6.12
N THR A 27 13.08 -9.20 5.84
CA THR A 27 14.12 -9.73 4.95
C THR A 27 13.57 -10.88 4.06
N LYS A 28 12.30 -10.78 3.68
CA LYS A 28 11.68 -11.74 2.75
C LYS A 28 12.18 -11.51 1.30
N PRO A 29 12.46 -12.60 0.55
CA PRO A 29 12.87 -12.52 -0.87
C PRO A 29 11.88 -11.70 -1.73
N MET A 30 12.38 -10.66 -2.38
CA MET A 30 11.54 -9.69 -3.09
C MET A 30 10.99 -10.24 -4.44
N GLY A 31 10.04 -9.50 -5.03
CA GLY A 31 9.37 -9.96 -6.26
C GLY A 31 10.25 -9.95 -7.52
N ARG A 32 9.61 -10.25 -8.67
CA ARG A 32 10.32 -10.39 -9.96
C ARG A 32 11.19 -9.15 -10.31
N SER A 33 10.67 -7.94 -10.11
CA SER A 33 11.48 -6.73 -10.30
C SER A 33 12.25 -6.39 -9.02
N GLY A 34 13.49 -6.87 -8.93
CA GLY A 34 14.29 -6.69 -7.72
C GLY A 34 14.50 -5.22 -7.34
N ALA A 35 15.28 -4.50 -8.16
CA ALA A 35 15.58 -3.09 -7.90
C ALA A 35 14.30 -2.25 -7.72
N THR A 36 13.35 -2.40 -8.65
CA THR A 36 12.08 -1.67 -8.59
C THR A 36 11.36 -1.87 -7.26
N SER A 37 11.27 -3.12 -6.81
CA SER A 37 10.58 -3.42 -5.55
C SER A 37 11.31 -2.81 -4.34
N ARG A 38 12.64 -2.77 -4.40
CA ARG A 38 13.43 -2.12 -3.35
C ARG A 38 13.15 -0.60 -3.32
N LYS A 39 13.23 0.03 -4.49
CA LYS A 39 12.97 1.46 -4.64
C LYS A 39 11.54 1.81 -4.21
N ALA A 40 10.58 0.99 -4.63
CA ALA A 40 9.17 1.18 -4.25
C ALA A 40 8.97 1.01 -2.74
N LEU A 41 9.55 -0.06 -2.19
CA LEU A 41 9.42 -0.36 -0.75
C LEU A 41 10.00 0.76 0.12
N GLU A 42 11.10 1.38 -0.32
CA GLU A 42 11.71 2.47 0.44
C GLU A 42 10.95 3.80 0.22
N THR A 43 10.48 4.03 -1.01
CA THR A 43 9.65 5.22 -1.31
C THR A 43 8.34 5.18 -0.51
N LEU A 44 7.79 3.98 -0.33
CA LEU A 44 6.61 3.77 0.54
C LEU A 44 6.88 4.29 1.96
N ARG A 45 8.13 4.18 2.40
CA ARG A 45 8.53 4.70 3.71
C ARG A 45 8.75 6.22 3.64
N ARG A 46 9.42 6.66 2.57
CA ARG A 46 9.73 8.08 2.33
C ARG A 46 8.47 8.98 2.45
N VAL A 47 7.37 8.53 1.85
CA VAL A 47 6.12 9.31 1.90
C VAL A 47 5.07 8.68 2.83
N GLY A 48 5.05 7.35 2.90
CA GLY A 48 4.06 6.65 3.71
C GLY A 48 4.15 6.98 5.19
N ASP A 49 5.37 7.09 5.72
CA ASP A 49 5.57 7.44 7.12
C ASP A 49 4.94 8.81 7.44
N GLY A 50 5.36 9.84 6.69
CA GLY A 50 4.82 11.17 6.87
C GLY A 50 3.30 11.23 6.74
N VAL A 51 2.77 10.61 5.67
CA VAL A 51 1.33 10.58 5.43
C VAL A 51 0.58 9.95 6.61
N GLN A 52 1.03 8.76 7.05
CA GLN A 52 0.44 8.09 8.21
C GLN A 52 0.42 9.00 9.44
N ARG A 53 1.55 9.65 9.73
CA ARG A 53 1.68 10.50 10.92
C ARG A 53 0.67 11.67 10.94
N ASN A 54 0.50 12.39 9.82
CA ASN A 54 -0.42 13.52 9.78
C ASN A 54 -1.88 13.08 9.49
N HIS A 55 -2.03 11.89 8.89
CA HIS A 55 -3.37 11.32 8.61
C HIS A 55 -3.88 10.44 9.77
N GLU A 56 -2.99 10.00 10.66
CA GLU A 56 -3.33 9.06 11.74
C GLU A 56 -4.59 9.48 12.52
N THR A 57 -4.66 10.75 12.89
CA THR A 57 -5.84 11.30 13.59
C THR A 57 -7.14 11.06 12.80
N ALA A 58 -7.05 11.13 11.48
CA ALA A 58 -8.21 10.89 10.60
C ALA A 58 -8.49 9.39 10.42
N PHE A 59 -7.44 8.61 10.19
CA PHE A 59 -7.56 7.16 10.04
C PHE A 59 -8.18 6.51 11.28
N GLN A 60 -7.67 6.87 12.46
CA GLN A 60 -8.21 6.37 13.73
C GLN A 60 -9.73 6.63 13.82
N GLY A 61 -10.16 7.78 13.30
CA GLY A 61 -11.58 8.09 13.24
C GLY A 61 -12.37 7.02 12.47
N MET A 62 -11.79 6.55 11.35
CA MET A 62 -12.42 5.48 10.58
C MET A 62 -12.32 4.12 11.30
N LEU A 63 -11.22 3.91 12.03
CA LEU A 63 -11.07 2.70 12.84
C LEU A 63 -12.16 2.62 13.92
N ARG A 64 -12.58 3.78 14.43
CA ARG A 64 -13.69 3.85 15.39
C ARG A 64 -15.03 3.50 14.72
N LYS A 65 -15.05 3.55 13.39
CA LYS A 65 -16.20 3.10 12.59
C LYS A 65 -16.01 1.64 12.13
N LEU A 66 -14.76 1.19 12.12
CA LEU A 66 -14.41 -0.16 11.68
C LEU A 66 -14.21 -1.12 12.86
N ASP A 67 -13.01 -1.09 13.45
CA ASP A 67 -12.58 -2.04 14.49
C ASP A 67 -12.86 -3.50 14.07
N ILE A 68 -11.81 -4.16 13.58
CA ILE A 68 -11.93 -5.53 13.05
C ILE A 68 -12.03 -6.58 14.19
N LYS A 69 -13.10 -7.38 14.17
CA LYS A 69 -13.29 -8.46 15.15
C LYS A 69 -13.20 -9.86 14.50
N ASN A 70 -13.10 -9.90 13.16
CA ASN A 70 -12.86 -11.17 12.44
C ASN A 70 -12.48 -10.92 10.97
N GLU A 71 -12.13 -12.00 10.27
CA GLU A 71 -11.68 -11.92 8.87
C GLU A 71 -12.68 -11.15 7.98
N ASP A 72 -13.97 -11.34 8.23
CA ASP A 72 -15.02 -10.67 7.46
C ASP A 72 -14.80 -9.14 7.38
N ASP A 73 -14.41 -8.53 8.50
CA ASP A 73 -14.16 -7.08 8.51
C ASP A 73 -13.01 -6.71 7.58
N VAL A 74 -11.95 -7.52 7.62
CA VAL A 74 -10.79 -7.33 6.75
C VAL A 74 -11.21 -7.35 5.27
N LYS A 75 -12.08 -8.28 4.92
CA LYS A 75 -12.62 -8.37 3.55
C LYS A 75 -13.62 -7.24 3.26
N SER A 76 -14.31 -6.78 4.31
CA SER A 76 -15.22 -5.63 4.18
C SER A 76 -14.44 -4.33 3.92
N LEU A 77 -13.20 -4.28 4.41
CA LEU A 77 -12.30 -3.15 4.15
C LEU A 77 -12.14 -2.88 2.65
N SER A 78 -12.27 -3.93 1.84
CA SER A 78 -12.14 -3.82 0.37
C SER A 78 -13.04 -2.72 -0.19
N ARG A 79 -14.22 -2.56 0.41
CA ARG A 79 -15.16 -1.51 -0.02
C ARG A 79 -14.54 -0.12 0.15
N VAL A 80 -13.92 0.11 1.31
CA VAL A 80 -13.19 1.36 1.56
C VAL A 80 -12.00 1.49 0.60
N MET A 81 -11.29 0.39 0.41
CA MET A 81 -10.13 0.35 -0.49
C MET A 81 -10.49 0.79 -1.91
N ILE A 82 -11.67 0.39 -2.37
CA ILE A 82 -12.20 0.86 -3.66
C ILE A 82 -12.44 2.38 -3.65
N HIS A 83 -12.99 2.87 -2.54
CA HIS A 83 -13.25 4.31 -2.36
C HIS A 83 -11.95 5.15 -2.34
N VAL A 84 -10.85 4.54 -1.91
CA VAL A 84 -9.55 5.21 -1.88
C VAL A 84 -9.15 5.76 -3.26
N PHE A 85 -9.53 5.05 -4.32
CA PHE A 85 -9.23 5.47 -5.70
C PHE A 85 -10.20 6.57 -6.21
N SER A 86 -10.50 7.54 -5.35
CA SER A 86 -11.48 8.60 -5.68
C SER A 86 -10.91 10.01 -5.41
N ASP A 87 -9.62 10.17 -5.67
CA ASP A 87 -8.89 11.43 -5.41
C ASP A 87 -9.50 12.63 -6.15
N GLY A 88 -10.13 12.37 -7.30
CA GLY A 88 -10.58 13.44 -8.18
C GLY A 88 -9.52 13.83 -9.20
N VAL A 89 -8.31 13.30 -9.02
CA VAL A 89 -7.19 13.50 -9.94
C VAL A 89 -6.41 12.18 -10.11
N THR A 90 -6.03 11.85 -11.34
CA THR A 90 -5.32 10.59 -11.61
C THR A 90 -3.86 10.66 -11.15
N ASN A 91 -3.59 10.16 -9.95
CA ASN A 91 -2.25 10.23 -9.35
C ASN A 91 -1.83 8.87 -8.77
N TRP A 92 -0.70 8.85 -8.06
CA TRP A 92 -0.29 7.65 -7.31
C TRP A 92 -0.58 7.83 -5.81
N GLY A 93 -1.20 8.97 -5.45
CA GLY A 93 -1.59 9.24 -4.07
C GLY A 93 -2.59 8.22 -3.52
N ARG A 94 -3.56 7.86 -4.36
CA ARG A 94 -4.49 6.76 -4.05
C ARG A 94 -3.74 5.48 -3.66
N ILE A 95 -2.63 5.22 -4.33
CA ILE A 95 -1.80 4.04 -4.03
C ILE A 95 -1.11 4.20 -2.67
N VAL A 96 -0.59 5.39 -2.41
CA VAL A 96 0.01 5.71 -1.11
C VAL A 96 -0.99 5.50 0.03
N THR A 97 -2.16 6.14 -0.10
CA THR A 97 -3.23 6.01 0.90
C THR A 97 -3.64 4.55 1.09
N LEU A 98 -3.82 3.83 -0.01
CA LEU A 98 -4.24 2.42 0.02
C LEU A 98 -3.28 1.56 0.86
N ILE A 99 -1.99 1.61 0.52
CA ILE A 99 -0.97 0.81 1.19
C ILE A 99 -0.72 1.31 2.63
N SER A 100 -0.67 2.64 2.80
CA SER A 100 -0.45 3.23 4.13
C SER A 100 -1.60 2.90 5.09
N PHE A 101 -2.83 2.95 4.59
CA PHE A 101 -4.00 2.59 5.40
C PHE A 101 -4.02 1.09 5.71
N GLY A 102 -3.65 0.27 4.73
CA GLY A 102 -3.50 -1.17 4.96
C GLY A 102 -2.50 -1.47 6.07
N ALA A 103 -1.33 -0.83 6.00
CA ALA A 103 -0.30 -0.96 7.04
C ALA A 103 -0.79 -0.37 8.39
N PHE A 104 -1.56 0.70 8.29
CA PHE A 104 -2.14 1.35 9.48
C PHE A 104 -3.07 0.37 10.23
N VAL A 105 -4.00 -0.24 9.51
CA VAL A 105 -4.91 -1.22 10.09
C VAL A 105 -4.13 -2.44 10.62
N ALA A 106 -3.09 -2.85 9.89
CA ALA A 106 -2.21 -3.95 10.31
C ALA A 106 -1.62 -3.69 11.71
N LYS A 107 -1.22 -2.45 11.97
CA LYS A 107 -0.73 -2.04 13.30
C LYS A 107 -1.80 -2.30 14.38
N HIS A 108 -3.05 -1.93 14.09
CA HIS A 108 -4.16 -2.18 15.01
C HIS A 108 -4.45 -3.68 15.13
N LEU A 109 -4.32 -4.41 14.03
CA LEU A 109 -4.57 -5.87 14.03
C LEU A 109 -3.59 -6.61 14.94
N LYS A 110 -2.30 -6.34 14.78
CA LYS A 110 -1.27 -6.97 15.63
C LYS A 110 -1.49 -6.61 17.11
N THR A 111 -1.83 -5.36 17.36
CA THR A 111 -2.13 -4.88 18.71
C THR A 111 -3.29 -5.65 19.36
N ILE A 112 -4.33 -5.97 18.57
CA ILE A 112 -5.52 -6.68 19.09
C ILE A 112 -5.43 -8.21 18.91
N ASN A 113 -4.22 -8.72 18.66
CA ASN A 113 -3.98 -10.17 18.50
C ASN A 113 -4.54 -10.73 17.17
N GLN A 114 -4.92 -9.84 16.25
CA GLN A 114 -5.41 -10.23 14.93
C GLN A 114 -4.30 -10.15 13.87
N GLU A 115 -3.05 -10.39 14.27
CA GLU A 115 -1.89 -10.31 13.37
C GLU A 115 -2.05 -11.24 12.14
N SER A 116 -2.66 -12.39 12.34
CA SER A 116 -2.91 -13.35 11.25
C SER A 116 -3.72 -12.71 10.11
N SER A 117 -4.53 -11.71 10.46
CA SER A 117 -5.36 -10.99 9.48
C SER A 117 -4.54 -10.09 8.55
N ILE A 118 -3.36 -9.66 9.00
CA ILE A 118 -2.51 -8.72 8.25
C ILE A 118 -2.21 -9.20 6.81
N GLU A 119 -1.82 -10.47 6.66
CA GLU A 119 -1.44 -10.99 5.33
C GLU A 119 -2.63 -11.02 4.34
N PRO A 120 -3.78 -11.66 4.68
CA PRO A 120 -4.98 -11.61 3.82
C PRO A 120 -5.46 -10.17 3.55
N LEU A 121 -5.14 -9.25 4.48
CA LEU A 121 -5.40 -7.82 4.27
C LEU A 121 -4.50 -7.29 3.14
N ALA A 122 -3.22 -7.66 3.18
CA ALA A 122 -2.27 -7.32 2.11
C ALA A 122 -2.74 -7.87 0.76
N GLU A 123 -3.32 -9.08 0.79
CA GLU A 123 -3.90 -9.69 -0.41
C GLU A 123 -5.11 -8.87 -0.90
N SER A 124 -5.91 -8.37 0.04
CA SER A 124 -7.06 -7.49 -0.28
C SER A 124 -6.58 -6.19 -0.95
N ILE A 125 -5.53 -5.58 -0.39
CA ILE A 125 -4.93 -4.38 -0.98
C ILE A 125 -4.51 -4.63 -2.43
N THR A 126 -3.73 -5.69 -2.63
CA THR A 126 -3.26 -6.08 -3.97
C THR A 126 -4.42 -6.46 -4.89
N ASP A 127 -5.45 -7.10 -4.32
CA ASP A 127 -6.60 -7.54 -5.09
C ASP A 127 -7.35 -6.35 -5.70
N VAL A 128 -7.71 -5.36 -4.88
CA VAL A 128 -8.35 -4.13 -5.37
C VAL A 128 -7.43 -3.39 -6.34
N LEU A 129 -6.17 -3.25 -5.94
CA LEU A 129 -5.14 -2.61 -6.77
C LEU A 129 -5.11 -3.18 -8.20
N VAL A 130 -5.01 -4.50 -8.29
CA VAL A 130 -4.94 -5.19 -9.59
C VAL A 130 -6.31 -5.29 -10.27
N ARG A 131 -7.38 -5.40 -9.48
CA ARG A 131 -8.74 -5.58 -10.03
C ARG A 131 -9.10 -4.45 -11.02
N THR A 132 -8.59 -3.25 -10.76
CA THR A 132 -8.87 -2.08 -11.60
C THR A 132 -7.62 -1.54 -12.31
N LYS A 133 -6.48 -1.50 -11.60
CA LYS A 133 -5.26 -0.90 -12.15
C LYS A 133 -4.23 -1.94 -12.66
N ARG A 134 -4.68 -3.18 -12.92
CA ARG A 134 -3.79 -4.24 -13.44
C ARG A 134 -2.94 -3.76 -14.64
N ASP A 135 -3.59 -3.26 -15.67
CA ASP A 135 -2.89 -2.82 -16.88
C ASP A 135 -2.16 -1.49 -16.64
N TRP A 136 -2.82 -0.56 -15.97
CA TRP A 136 -2.23 0.74 -15.65
C TRP A 136 -0.91 0.60 -14.87
N LEU A 137 -0.87 -0.38 -13.97
CA LEU A 137 0.33 -0.65 -13.17
C LEU A 137 1.58 -0.88 -14.06
N VAL A 138 1.49 -1.75 -15.05
CA VAL A 138 2.63 -1.99 -15.94
C VAL A 138 2.79 -0.87 -16.99
N LYS A 139 1.69 -0.43 -17.58
CA LYS A 139 1.72 0.58 -18.65
C LYS A 139 2.36 1.89 -18.17
N GLN A 140 2.06 2.30 -16.94
CA GLN A 140 2.62 3.52 -16.37
C GLN A 140 3.76 3.20 -15.40
N ARG A 141 4.18 1.93 -15.42
CA ARG A 141 5.30 1.43 -14.60
C ARG A 141 5.00 1.43 -13.09
N GLY A 142 3.74 1.74 -12.73
CA GLY A 142 3.25 1.66 -11.36
C GLY A 142 4.27 1.94 -10.26
N TRP A 143 5.05 0.93 -9.92
CA TRP A 143 6.03 1.03 -8.83
C TRP A 143 7.21 1.94 -9.21
N ASP A 144 7.76 1.76 -10.42
CA ASP A 144 8.75 2.70 -10.96
C ASP A 144 8.12 4.09 -11.12
N GLY A 145 6.86 4.11 -11.58
CA GLY A 145 6.12 5.36 -11.70
C GLY A 145 5.93 6.07 -10.36
N PHE A 146 5.76 5.27 -9.31
CA PHE A 146 5.63 5.78 -7.94
C PHE A 146 6.95 6.41 -7.46
N VAL A 147 8.06 5.72 -7.73
CA VAL A 147 9.39 6.22 -7.36
C VAL A 147 9.74 7.54 -8.06
N GLU A 148 9.45 7.62 -9.36
CA GLU A 148 9.73 8.83 -10.15
C GLU A 148 8.73 9.97 -9.82
N PHE A 149 7.49 9.60 -9.48
CA PHE A 149 6.43 10.57 -9.18
C PHE A 149 6.85 11.55 -8.07
N PHE A 150 7.33 11.01 -6.95
CA PHE A 150 7.89 11.81 -5.86
C PHE A 150 9.38 12.13 -6.08
N HIS A 151 10.00 11.43 -7.01
CA HIS A 151 11.46 11.50 -7.26
C HIS A 151 12.25 11.15 -5.99
N VAL A 152 12.37 9.86 -5.72
CA VAL A 152 13.18 9.37 -4.59
C VAL A 152 14.47 8.73 -5.09
N GLU A 153 14.33 7.59 -5.76
CA GLU A 153 15.46 6.87 -6.31
C GLU A 153 15.53 7.03 -7.84
N ASP A 154 15.80 8.26 -8.28
CA ASP A 154 15.93 8.59 -9.70
C ASP A 154 17.01 9.64 -9.94
N LEU A 155 17.63 9.61 -11.11
CA LEU A 155 18.78 10.49 -11.42
C LEU A 155 18.39 11.72 -12.25
N GLU A 156 17.28 11.67 -12.99
CA GLU A 156 16.89 12.77 -13.87
C GLU A 156 16.17 13.91 -13.12
N GLY A 157 15.13 13.56 -12.36
CA GLY A 157 14.40 14.57 -11.58
C GLY A 157 12.89 14.47 -11.72
N GLY A 158 12.30 15.38 -12.50
CA GLY A 158 10.85 15.38 -12.73
C GLY A 158 10.04 15.68 -11.46
N HIS A 159 9.35 14.66 -10.96
CA HIS A 159 8.49 14.74 -9.76
C HIS A 159 7.36 15.79 -9.90
N HIS A 160 6.14 15.37 -9.58
CA HIS A 160 4.97 16.25 -9.68
C HIS A 160 3.80 15.69 -8.83
N HIS A 161 3.19 16.53 -8.00
CA HIS A 161 2.09 16.08 -7.13
C HIS A 161 1.14 17.23 -6.73
N HIS A 162 -0.17 16.97 -6.83
CA HIS A 162 -1.20 17.89 -6.32
C HIS A 162 -2.36 17.11 -5.67
N HIS A 163 -3.05 17.73 -4.73
CA HIS A 163 -4.04 17.03 -3.90
C HIS A 163 -5.35 17.83 -3.72
N HIS A 164 -6.29 17.24 -2.97
CA HIS A 164 -7.58 17.89 -2.67
C HIS A 164 -7.73 18.16 -1.15
N MET A 1 -6.40 -15.78 -12.23
CA MET A 1 -4.94 -15.51 -12.13
C MET A 1 -4.65 -14.01 -12.11
N GLU A 2 -3.50 -13.63 -11.54
CA GLU A 2 -3.12 -12.22 -11.45
C GLU A 2 -1.88 -11.89 -12.31
N ASP A 3 -1.75 -10.62 -12.68
CA ASP A 3 -0.68 -10.16 -13.58
C ASP A 3 0.67 -10.01 -12.88
N GLU A 4 1.74 -9.93 -13.68
CA GLU A 4 3.10 -9.63 -13.18
C GLU A 4 3.08 -8.36 -12.30
N LEU A 5 2.31 -7.36 -12.75
CA LEU A 5 2.11 -6.11 -12.01
C LEU A 5 1.52 -6.38 -10.61
N TYR A 6 0.61 -7.34 -10.51
CA TYR A 6 -0.01 -7.70 -9.23
C TYR A 6 1.03 -8.35 -8.29
N ARG A 7 1.89 -9.20 -8.84
CA ARG A 7 2.97 -9.83 -8.07
C ARG A 7 3.84 -8.76 -7.38
N GLN A 8 4.30 -7.78 -8.15
CA GLN A 8 5.15 -6.70 -7.63
C GLN A 8 4.41 -5.84 -6.59
N SER A 9 3.23 -5.34 -6.96
CA SER A 9 2.43 -4.47 -6.08
C SER A 9 2.12 -5.18 -4.75
N LEU A 10 1.75 -6.45 -4.83
CA LEU A 10 1.47 -7.24 -3.62
C LEU A 10 2.72 -7.37 -2.74
N GLU A 11 3.88 -7.61 -3.35
CA GLU A 11 5.14 -7.71 -2.58
C GLU A 11 5.43 -6.42 -1.80
N ILE A 12 5.39 -5.29 -2.50
CA ILE A 12 5.66 -3.98 -1.88
C ILE A 12 4.74 -3.72 -0.68
N ILE A 13 3.43 -3.86 -0.91
CA ILE A 13 2.43 -3.62 0.14
C ILE A 13 2.51 -4.66 1.27
N SER A 14 2.70 -5.94 0.90
CA SER A 14 2.81 -7.02 1.90
C SER A 14 3.97 -6.80 2.86
N ARG A 15 5.16 -6.51 2.31
CA ARG A 15 6.34 -6.22 3.14
C ARG A 15 6.07 -5.02 4.04
N TYR A 16 5.55 -3.94 3.46
CA TYR A 16 5.31 -2.70 4.20
C TYR A 16 4.39 -2.92 5.41
N LEU A 17 3.21 -3.50 5.19
CA LEU A 17 2.26 -3.76 6.28
C LEU A 17 2.87 -4.65 7.37
N ARG A 18 3.63 -5.67 6.96
CA ARG A 18 4.30 -6.57 7.91
C ARG A 18 5.34 -5.82 8.77
N GLU A 19 6.31 -5.18 8.13
CA GLU A 19 7.38 -4.47 8.83
C GLU A 19 6.86 -3.26 9.61
N GLN A 20 5.81 -2.63 9.11
CA GLN A 20 5.21 -1.47 9.76
C GLN A 20 4.36 -1.89 10.97
N ALA A 21 3.70 -3.05 10.88
CA ALA A 21 2.96 -3.59 12.01
C ALA A 21 3.90 -4.10 13.11
N THR A 22 5.05 -4.63 12.70
CA THR A 22 6.05 -5.14 13.63
C THR A 22 7.02 -4.04 14.10
N GLY A 23 7.12 -2.97 13.31
CA GLY A 23 8.03 -1.87 13.65
C GLY A 23 9.50 -2.22 13.42
N ALA A 24 9.76 -2.96 12.34
CA ALA A 24 11.12 -3.43 12.03
C ALA A 24 11.42 -3.34 10.53
N LYS A 25 12.44 -4.08 10.10
CA LYS A 25 12.85 -4.10 8.69
C LYS A 25 13.45 -5.47 8.31
N ASP A 26 12.94 -6.06 7.24
CA ASP A 26 13.46 -7.35 6.77
C ASP A 26 14.64 -7.15 5.80
N THR A 27 15.24 -8.26 5.36
CA THR A 27 16.38 -8.21 4.43
C THR A 27 16.18 -9.17 3.24
N LYS A 28 14.92 -9.45 2.91
CA LYS A 28 14.61 -10.39 1.82
C LYS A 28 14.92 -9.77 0.45
N PRO A 29 15.51 -10.58 -0.46
CA PRO A 29 15.80 -10.13 -1.84
C PRO A 29 14.54 -9.61 -2.54
N MET A 30 14.65 -8.47 -3.22
CA MET A 30 13.48 -7.85 -3.86
C MET A 30 13.04 -8.63 -5.10
N GLY A 31 11.75 -8.52 -5.43
CA GLY A 31 11.17 -9.30 -6.51
C GLY A 31 11.71 -8.99 -7.91
N ARG A 32 11.01 -9.50 -8.91
CA ARG A 32 11.42 -9.46 -10.32
C ARG A 32 11.76 -8.04 -10.82
N SER A 33 11.11 -7.01 -10.27
CA SER A 33 11.32 -5.62 -10.72
C SER A 33 12.60 -5.01 -10.12
N GLY A 34 13.17 -5.68 -9.13
CA GLY A 34 14.41 -5.25 -8.52
C GLY A 34 14.32 -3.87 -7.86
N ALA A 35 15.09 -2.91 -8.39
CA ALA A 35 15.15 -1.55 -7.84
C ALA A 35 13.76 -0.89 -7.74
N THR A 36 12.91 -1.13 -8.75
CA THR A 36 11.58 -0.49 -8.80
C THR A 36 10.73 -0.85 -7.57
N SER A 37 10.68 -2.13 -7.22
CA SER A 37 9.93 -2.58 -6.04
C SER A 37 10.56 -2.03 -4.75
N ARG A 38 11.90 -2.07 -4.67
CA ARG A 38 12.63 -1.57 -3.51
C ARG A 38 12.38 -0.07 -3.27
N LYS A 39 12.62 0.75 -4.28
CA LYS A 39 12.46 2.21 -4.17
C LYS A 39 11.04 2.56 -3.71
N ALA A 40 10.03 1.88 -4.26
CA ALA A 40 8.64 2.09 -3.85
C ALA A 40 8.44 1.74 -2.36
N LEU A 41 8.96 0.60 -1.93
CA LEU A 41 8.82 0.13 -0.55
C LEU A 41 9.40 1.13 0.47
N GLU A 42 10.68 1.49 0.30
CA GLU A 42 11.34 2.39 1.27
C GLU A 42 10.79 3.82 1.18
N THR A 43 10.31 4.23 0.00
CA THR A 43 9.59 5.50 -0.13
C THR A 43 8.31 5.48 0.72
N LEU A 44 7.56 4.38 0.63
CA LEU A 44 6.36 4.18 1.46
C LEU A 44 6.67 4.35 2.96
N ARG A 45 7.86 3.93 3.38
CA ARG A 45 8.26 4.08 4.78
C ARG A 45 8.52 5.55 5.13
N ARG A 46 9.35 6.22 4.32
CA ARG A 46 9.73 7.61 4.56
C ARG A 46 8.51 8.56 4.57
N VAL A 47 7.59 8.38 3.63
CA VAL A 47 6.38 9.23 3.55
C VAL A 47 5.23 8.67 4.41
N GLY A 48 5.16 7.33 4.50
CA GLY A 48 4.05 6.69 5.18
C GLY A 48 4.02 6.91 6.69
N ASP A 49 5.19 7.07 7.31
CA ASP A 49 5.25 7.30 8.75
C ASP A 49 4.45 8.54 9.17
N GLY A 50 4.80 9.69 8.60
CA GLY A 50 4.08 10.93 8.89
C GLY A 50 2.61 10.86 8.52
N VAL A 51 2.29 10.28 7.37
CA VAL A 51 0.90 10.09 6.94
C VAL A 51 0.11 9.28 7.99
N GLN A 52 0.69 8.20 8.48
CA GLN A 52 0.08 7.40 9.55
C GLN A 52 -0.11 8.24 10.82
N ARG A 53 0.91 9.01 11.19
CA ARG A 53 0.84 9.88 12.38
C ARG A 53 -0.34 10.86 12.30
N ASN A 54 -0.47 11.55 11.16
CA ASN A 54 -1.57 12.51 10.94
C ASN A 54 -2.94 11.80 10.88
N HIS A 55 -3.00 10.73 10.10
CA HIS A 55 -4.25 9.99 9.89
C HIS A 55 -4.66 9.16 11.10
N GLU A 56 -3.71 8.87 11.99
CA GLU A 56 -3.94 8.00 13.17
C GLU A 56 -5.19 8.43 13.95
N THR A 57 -5.25 9.69 14.36
CA THR A 57 -6.39 10.24 15.10
C THR A 57 -7.74 9.98 14.38
N ALA A 58 -7.73 10.04 13.05
CA ALA A 58 -8.94 9.82 12.26
C ALA A 58 -9.28 8.32 12.16
N PHE A 59 -8.28 7.51 11.79
CA PHE A 59 -8.46 6.06 11.65
C PHE A 59 -8.91 5.40 12.97
N GLN A 60 -8.38 5.91 14.10
CA GLN A 60 -8.79 5.42 15.43
C GLN A 60 -10.32 5.34 15.56
N GLY A 61 -10.99 6.43 15.20
CA GLY A 61 -12.45 6.48 15.26
C GLY A 61 -13.12 5.38 14.44
N MET A 62 -12.53 5.03 13.30
CA MET A 62 -13.08 3.98 12.44
C MET A 62 -12.78 2.58 13.02
N LEU A 63 -11.54 2.35 13.45
CA LEU A 63 -11.17 1.08 14.08
C LEU A 63 -12.08 0.74 15.27
N ARG A 64 -12.63 1.77 15.90
CA ARG A 64 -13.62 1.59 16.98
C ARG A 64 -14.91 0.95 16.46
N LYS A 65 -15.41 1.44 15.31
CA LYS A 65 -16.64 0.90 14.71
C LYS A 65 -16.37 -0.26 13.75
N LEU A 66 -15.09 -0.52 13.47
CA LEU A 66 -14.68 -1.66 12.63
C LEU A 66 -14.30 -2.88 13.48
N ASP A 67 -13.15 -2.77 14.14
CA ASP A 67 -12.54 -3.88 14.89
C ASP A 67 -12.51 -5.18 14.06
N ILE A 68 -11.42 -5.36 13.30
CA ILE A 68 -11.28 -6.51 12.43
C ILE A 68 -10.98 -7.78 13.24
N LYS A 69 -12.00 -8.63 13.42
CA LYS A 69 -11.84 -9.87 14.19
C LYS A 69 -11.78 -11.11 13.29
N ASN A 70 -12.09 -10.94 12.00
CA ASN A 70 -12.03 -12.06 11.05
C ASN A 70 -11.81 -11.58 9.60
N GLU A 71 -11.67 -12.55 8.68
CA GLU A 71 -11.41 -12.25 7.26
C GLU A 71 -12.51 -11.36 6.64
N ASP A 72 -13.76 -11.62 7.01
CA ASP A 72 -14.90 -10.85 6.50
C ASP A 72 -14.74 -9.34 6.76
N ASP A 73 -14.22 -8.99 7.95
CA ASP A 73 -13.96 -7.59 8.28
C ASP A 73 -12.90 -6.99 7.33
N VAL A 74 -11.90 -7.80 7.00
CA VAL A 74 -10.87 -7.39 6.03
C VAL A 74 -11.50 -7.10 4.66
N LYS A 75 -12.35 -8.00 4.19
CA LYS A 75 -13.06 -7.81 2.93
C LYS A 75 -14.03 -6.61 3.01
N SER A 76 -14.54 -6.33 4.21
CA SER A 76 -15.33 -5.12 4.44
C SER A 76 -14.44 -3.87 4.31
N LEU A 77 -13.19 -3.98 4.77
CA LEU A 77 -12.21 -2.91 4.57
C LEU A 77 -12.01 -2.62 3.07
N SER A 78 -11.97 -3.68 2.27
CA SER A 78 -11.86 -3.56 0.80
C SER A 78 -12.93 -2.61 0.25
N ARG A 79 -14.12 -2.67 0.82
CA ARG A 79 -15.22 -1.77 0.43
C ARG A 79 -14.81 -0.30 0.69
N VAL A 80 -14.27 -0.04 1.88
CA VAL A 80 -13.75 1.29 2.22
C VAL A 80 -12.61 1.70 1.28
N MET A 81 -11.72 0.75 0.99
CA MET A 81 -10.56 0.98 0.10
C MET A 81 -11.03 1.51 -1.26
N ILE A 82 -12.07 0.92 -1.81
CA ILE A 82 -12.67 1.37 -3.08
C ILE A 82 -13.20 2.81 -2.96
N HIS A 83 -13.76 3.13 -1.79
CA HIS A 83 -14.28 4.48 -1.54
C HIS A 83 -13.15 5.52 -1.38
N VAL A 84 -11.96 5.07 -0.92
CA VAL A 84 -10.80 5.96 -0.76
C VAL A 84 -10.40 6.65 -2.08
N PHE A 85 -10.76 6.05 -3.20
CA PHE A 85 -10.45 6.62 -4.54
C PHE A 85 -11.70 7.21 -5.22
N SER A 86 -12.81 7.28 -4.48
CA SER A 86 -14.08 7.80 -5.05
C SER A 86 -14.04 9.32 -5.25
N ASP A 87 -12.96 9.95 -4.80
CA ASP A 87 -12.77 11.39 -4.96
C ASP A 87 -12.63 11.80 -6.44
N GLY A 88 -12.16 10.86 -7.27
CA GLY A 88 -12.02 11.13 -8.70
C GLY A 88 -10.77 11.94 -9.07
N VAL A 89 -9.95 12.27 -8.08
CA VAL A 89 -8.74 13.07 -8.31
C VAL A 89 -7.58 12.21 -8.83
N THR A 90 -6.59 12.85 -9.46
CA THR A 90 -5.44 12.14 -10.05
C THR A 90 -4.23 12.10 -9.09
N ASN A 91 -4.37 12.75 -7.94
CA ASN A 91 -3.27 12.88 -6.97
C ASN A 91 -2.73 11.51 -6.51
N TRP A 92 -1.45 11.26 -6.77
CA TRP A 92 -0.78 10.00 -6.37
C TRP A 92 -0.67 9.87 -4.84
N GLY A 93 -0.77 10.99 -4.13
CA GLY A 93 -0.67 10.96 -2.66
C GLY A 93 -1.67 10.02 -2.00
N ARG A 94 -2.82 9.81 -2.65
CA ARG A 94 -3.86 8.94 -2.10
C ARG A 94 -3.41 7.47 -2.05
N ILE A 95 -2.46 7.09 -2.90
CA ILE A 95 -1.87 5.75 -2.85
C ILE A 95 -1.26 5.49 -1.46
N VAL A 96 -0.61 6.52 -0.90
CA VAL A 96 -0.04 6.43 0.45
C VAL A 96 -1.16 6.31 1.50
N THR A 97 -2.23 7.07 1.33
CA THR A 97 -3.39 7.01 2.24
C THR A 97 -3.98 5.59 2.30
N LEU A 98 -4.11 4.96 1.13
CA LEU A 98 -4.64 3.59 1.05
C LEU A 98 -3.74 2.59 1.79
N ILE A 99 -2.45 2.57 1.45
CA ILE A 99 -1.50 1.61 2.02
C ILE A 99 -1.23 1.88 3.52
N SER A 100 -1.18 3.15 3.90
CA SER A 100 -0.95 3.54 5.31
C SER A 100 -2.10 3.07 6.21
N PHE A 101 -3.35 3.21 5.73
CA PHE A 101 -4.51 2.72 6.47
C PHE A 101 -4.41 1.20 6.69
N GLY A 102 -4.01 0.48 5.63
CA GLY A 102 -3.78 -0.95 5.74
C GLY A 102 -2.73 -1.30 6.80
N ALA A 103 -1.61 -0.57 6.78
CA ALA A 103 -0.54 -0.75 7.75
C ALA A 103 -0.99 -0.38 9.17
N PHE A 104 -1.84 0.63 9.27
CA PHE A 104 -2.38 1.07 10.57
C PHE A 104 -3.28 -0.02 11.19
N VAL A 105 -4.20 -0.56 10.38
CA VAL A 105 -5.06 -1.65 10.84
C VAL A 105 -4.23 -2.91 11.14
N ALA A 106 -3.16 -3.12 10.36
CA ALA A 106 -2.22 -4.22 10.58
C ALA A 106 -1.61 -4.17 11.99
N LYS A 107 -1.28 -2.96 12.46
CA LYS A 107 -0.80 -2.74 13.83
C LYS A 107 -1.82 -3.27 14.86
N HIS A 108 -3.08 -2.93 14.65
CA HIS A 108 -4.17 -3.39 15.51
C HIS A 108 -4.30 -4.92 15.47
N LEU A 109 -4.05 -5.50 14.30
CA LEU A 109 -4.08 -6.95 14.12
C LEU A 109 -2.97 -7.64 14.93
N LYS A 110 -1.75 -7.08 14.87
CA LYS A 110 -0.63 -7.61 15.64
C LYS A 110 -0.94 -7.64 17.14
N THR A 111 -1.53 -6.55 17.64
CA THR A 111 -1.91 -6.44 19.05
C THR A 111 -2.81 -7.61 19.49
N ILE A 112 -3.83 -7.91 18.69
CA ILE A 112 -4.77 -9.00 18.99
C ILE A 112 -4.32 -10.34 18.36
N ASN A 113 -3.03 -10.42 17.99
CA ASN A 113 -2.42 -11.66 17.48
C ASN A 113 -2.96 -12.11 16.10
N GLN A 114 -3.76 -11.27 15.45
CA GLN A 114 -4.32 -11.61 14.14
C GLN A 114 -3.38 -11.21 12.99
N GLU A 115 -2.09 -11.48 13.15
CA GLU A 115 -1.09 -11.16 12.12
C GLU A 115 -1.37 -11.91 10.81
N SER A 116 -1.97 -13.09 10.90
CA SER A 116 -2.39 -13.85 9.72
C SER A 116 -3.33 -13.03 8.82
N SER A 117 -4.06 -12.09 9.42
CA SER A 117 -4.98 -11.21 8.67
C SER A 117 -4.23 -10.13 7.87
N ILE A 118 -3.04 -9.76 8.33
CA ILE A 118 -2.25 -8.68 7.72
C ILE A 118 -1.99 -8.90 6.22
N GLU A 119 -1.59 -10.11 5.84
CA GLU A 119 -1.23 -10.40 4.44
C GLU A 119 -2.44 -10.36 3.49
N PRO A 120 -3.56 -11.07 3.79
CA PRO A 120 -4.80 -10.94 2.99
C PRO A 120 -5.33 -9.49 2.98
N LEU A 121 -5.03 -8.74 4.05
CA LEU A 121 -5.35 -7.31 4.10
C LEU A 121 -4.49 -6.56 3.06
N ALA A 122 -3.20 -6.89 3.01
CA ALA A 122 -2.30 -6.36 1.98
C ALA A 122 -2.79 -6.75 0.57
N GLU A 123 -3.30 -7.98 0.44
CA GLU A 123 -3.89 -8.43 -0.82
C GLU A 123 -5.17 -7.65 -1.13
N SER A 124 -5.91 -7.25 -0.10
CA SER A 124 -7.10 -6.39 -0.28
C SER A 124 -6.70 -5.01 -0.83
N ILE A 125 -5.66 -4.41 -0.25
CA ILE A 125 -5.12 -3.15 -0.75
C ILE A 125 -4.71 -3.28 -2.23
N THR A 126 -3.94 -4.32 -2.52
CA THR A 126 -3.46 -4.60 -3.88
C THR A 126 -4.63 -4.92 -4.83
N ASP A 127 -5.59 -5.70 -4.35
CA ASP A 127 -6.73 -6.12 -5.17
C ASP A 127 -7.53 -4.90 -5.65
N VAL A 128 -7.91 -4.03 -4.71
CA VAL A 128 -8.63 -2.79 -5.05
C VAL A 128 -7.82 -1.92 -6.03
N LEU A 129 -6.53 -1.79 -5.75
CA LEU A 129 -5.61 -1.02 -6.61
C LEU A 129 -5.66 -1.54 -8.06
N VAL A 130 -5.48 -2.86 -8.21
CA VAL A 130 -5.49 -3.51 -9.52
C VAL A 130 -6.92 -3.65 -10.09
N ARG A 131 -7.90 -3.71 -9.20
CA ARG A 131 -9.31 -3.91 -9.58
C ARG A 131 -9.84 -2.79 -10.49
N THR A 132 -9.37 -1.57 -10.25
CA THR A 132 -9.84 -0.40 -11.01
C THR A 132 -8.71 0.35 -11.72
N LYS A 133 -7.51 0.36 -11.12
CA LYS A 133 -6.40 1.18 -11.64
C LYS A 133 -5.22 0.34 -12.16
N ARG A 134 -5.45 -0.95 -12.48
CA ARG A 134 -4.39 -1.80 -13.04
C ARG A 134 -3.77 -1.20 -14.31
N ASP A 135 -4.63 -0.83 -15.25
CA ASP A 135 -4.19 -0.24 -16.52
C ASP A 135 -3.38 1.05 -16.27
N TRP A 136 -3.91 1.93 -15.42
CA TRP A 136 -3.19 3.18 -15.08
C TRP A 136 -1.84 2.89 -14.40
N LEU A 137 -1.80 1.85 -13.56
CA LEU A 137 -0.55 1.44 -12.90
C LEU A 137 0.55 1.10 -13.92
N VAL A 138 0.22 0.29 -14.93
CA VAL A 138 1.20 -0.10 -15.95
C VAL A 138 1.44 1.01 -17.00
N LYS A 139 0.37 1.70 -17.40
CA LYS A 139 0.46 2.76 -18.42
C LYS A 139 1.26 3.97 -17.95
N GLN A 140 0.94 4.48 -16.76
CA GLN A 140 1.65 5.65 -16.21
C GLN A 140 2.79 5.23 -15.28
N ARG A 141 2.94 3.92 -15.09
CA ARG A 141 3.94 3.36 -14.18
C ARG A 141 3.79 3.93 -12.77
N GLY A 142 2.81 3.39 -12.04
CA GLY A 142 2.45 3.92 -10.72
C GLY A 142 3.61 4.02 -9.75
N TRP A 143 4.33 2.92 -9.55
CA TRP A 143 5.42 2.88 -8.56
C TRP A 143 6.57 3.83 -8.94
N ASP A 144 6.91 3.87 -10.22
CA ASP A 144 7.94 4.79 -10.72
C ASP A 144 7.52 6.24 -10.49
N GLY A 145 6.36 6.63 -11.06
CA GLY A 145 5.85 7.99 -10.88
C GLY A 145 5.61 8.34 -9.42
N PHE A 146 5.27 7.34 -8.62
CA PHE A 146 5.10 7.51 -7.18
C PHE A 146 6.39 8.02 -6.52
N VAL A 147 7.49 7.30 -6.73
CA VAL A 147 8.78 7.66 -6.17
C VAL A 147 9.29 9.01 -6.74
N GLU A 148 9.01 9.25 -8.02
CA GLU A 148 9.37 10.53 -8.66
C GLU A 148 8.55 11.69 -8.08
N PHE A 149 7.27 11.43 -7.81
CA PHE A 149 6.35 12.45 -7.28
C PHE A 149 6.81 12.99 -5.92
N PHE A 150 7.13 12.08 -5.00
CA PHE A 150 7.61 12.46 -3.66
C PHE A 150 9.12 12.79 -3.66
N HIS A 151 9.84 12.26 -4.65
CA HIS A 151 11.30 12.42 -4.74
C HIS A 151 11.99 11.81 -3.51
N VAL A 152 12.31 10.53 -3.61
CA VAL A 152 13.00 9.81 -2.53
C VAL A 152 14.21 9.04 -3.10
N GLU A 153 13.94 7.93 -3.78
CA GLU A 153 15.00 7.08 -4.35
C GLU A 153 14.91 7.04 -5.88
N ASP A 154 15.42 8.09 -6.51
CA ASP A 154 15.46 8.16 -7.98
C ASP A 154 16.66 9.02 -8.42
N LEU A 155 16.88 9.13 -9.73
CA LEU A 155 18.04 9.87 -10.26
C LEU A 155 17.64 10.98 -11.26
N GLU A 156 16.41 10.92 -11.78
CA GLU A 156 15.90 11.93 -12.73
C GLU A 156 16.71 11.99 -14.06
N GLY A 157 17.76 11.17 -14.18
CA GLY A 157 18.53 11.11 -15.41
C GLY A 157 17.82 10.31 -16.49
N GLY A 158 16.83 10.93 -17.12
CA GLY A 158 16.00 10.25 -18.11
C GLY A 158 14.60 9.97 -17.58
N HIS A 159 13.95 8.94 -18.11
CA HIS A 159 12.61 8.54 -17.66
C HIS A 159 12.22 7.15 -18.20
N HIS A 160 11.86 6.24 -17.29
CA HIS A 160 11.49 4.86 -17.67
C HIS A 160 10.05 4.80 -18.24
N HIS A 161 9.60 5.88 -18.86
CA HIS A 161 8.24 6.01 -19.36
C HIS A 161 8.08 7.29 -20.20
N HIS A 162 7.46 7.16 -21.37
CA HIS A 162 7.17 8.32 -22.22
C HIS A 162 5.80 8.93 -21.87
N HIS A 163 5.83 10.02 -21.10
CA HIS A 163 4.62 10.63 -20.54
C HIS A 163 3.73 11.26 -21.64
N HIS A 164 2.43 11.25 -21.42
CA HIS A 164 1.46 11.88 -22.33
C HIS A 164 0.43 12.72 -21.55
N MET A 1 -4.11 -18.82 -8.27
CA MET A 1 -5.19 -18.16 -9.06
C MET A 1 -4.81 -16.73 -9.49
N GLU A 2 -3.58 -16.30 -9.20
CA GLU A 2 -3.17 -14.91 -9.45
C GLU A 2 -2.39 -14.75 -10.77
N ASP A 3 -2.18 -13.50 -11.17
CA ASP A 3 -1.29 -13.15 -12.27
C ASP A 3 0.10 -12.80 -11.70
N GLU A 4 1.17 -12.93 -12.48
CA GLU A 4 2.51 -12.63 -11.95
C GLU A 4 2.63 -11.16 -11.51
N LEU A 5 1.94 -10.26 -12.20
CA LEU A 5 1.86 -8.85 -11.78
C LEU A 5 1.23 -8.73 -10.39
N TYR A 6 0.26 -9.61 -10.11
CA TYR A 6 -0.38 -9.67 -8.79
C TYR A 6 0.62 -10.16 -7.73
N ARG A 7 1.51 -11.08 -8.12
CA ARG A 7 2.56 -11.57 -7.22
C ARG A 7 3.51 -10.44 -6.80
N GLN A 8 4.03 -9.69 -7.78
CA GLN A 8 4.97 -8.58 -7.50
C GLN A 8 4.31 -7.51 -6.62
N SER A 9 3.10 -7.10 -6.99
CA SER A 9 2.35 -6.08 -6.22
C SER A 9 2.08 -6.55 -4.79
N LEU A 10 1.50 -7.74 -4.65
CA LEU A 10 1.25 -8.35 -3.32
C LEU A 10 2.56 -8.52 -2.54
N GLU A 11 3.63 -8.85 -3.24
CA GLU A 11 4.96 -9.07 -2.64
C GLU A 11 5.43 -7.78 -1.90
N ILE A 12 5.41 -6.67 -2.63
CA ILE A 12 5.78 -5.36 -2.08
C ILE A 12 4.81 -4.91 -0.97
N ILE A 13 3.51 -4.91 -1.28
CA ILE A 13 2.47 -4.44 -0.35
C ILE A 13 2.47 -5.25 0.96
N SER A 14 2.45 -6.58 0.84
CA SER A 14 2.43 -7.46 2.03
C SER A 14 3.61 -7.16 2.97
N ARG A 15 4.82 -7.11 2.41
CA ARG A 15 6.01 -6.79 3.22
C ARG A 15 5.90 -5.39 3.86
N TYR A 16 5.44 -4.42 3.09
CA TYR A 16 5.27 -3.04 3.59
C TYR A 16 4.32 -3.00 4.81
N LEU A 17 3.13 -3.56 4.66
CA LEU A 17 2.15 -3.60 5.76
C LEU A 17 2.75 -4.23 7.02
N ARG A 18 3.52 -5.30 6.87
CA ARG A 18 4.18 -5.97 7.99
C ARG A 18 5.22 -5.06 8.68
N GLU A 19 6.16 -4.52 7.92
CA GLU A 19 7.21 -3.67 8.49
C GLU A 19 6.64 -2.40 9.15
N GLN A 20 5.55 -1.86 8.59
CA GLN A 20 4.87 -0.71 9.18
C GLN A 20 4.17 -1.10 10.50
N ALA A 21 3.69 -2.33 10.56
CA ALA A 21 3.04 -2.85 11.78
C ALA A 21 4.06 -3.15 12.89
N THR A 22 5.28 -3.51 12.50
CA THR A 22 6.36 -3.82 13.46
C THR A 22 7.11 -2.56 13.89
N GLY A 23 7.21 -1.59 12.98
CA GLY A 23 7.97 -0.37 13.24
C GLY A 23 9.43 -0.50 12.80
N ALA A 24 9.73 -1.59 12.11
CA ALA A 24 11.10 -1.87 11.62
C ALA A 24 11.07 -2.72 10.35
N LYS A 25 11.69 -2.23 9.28
CA LYS A 25 11.71 -2.92 7.98
C LYS A 25 12.32 -4.33 8.06
N ASP A 26 11.93 -5.19 7.11
CA ASP A 26 12.46 -6.55 7.03
C ASP A 26 13.75 -6.60 6.19
N THR A 27 14.56 -7.65 6.38
CA THR A 27 15.87 -7.77 5.71
C THR A 27 15.93 -8.98 4.77
N LYS A 28 14.85 -9.76 4.68
CA LYS A 28 14.81 -10.96 3.83
C LYS A 28 14.67 -10.59 2.33
N PRO A 29 15.20 -11.42 1.42
CA PRO A 29 15.03 -11.22 -0.04
C PRO A 29 13.56 -11.07 -0.44
N MET A 30 13.29 -10.16 -1.39
CA MET A 30 11.91 -9.86 -1.81
C MET A 30 11.19 -11.10 -2.40
N GLY A 31 11.61 -11.53 -3.59
CA GLY A 31 11.00 -12.68 -4.24
C GLY A 31 11.21 -12.67 -5.75
N ARG A 32 10.12 -12.55 -6.52
CA ARG A 32 10.20 -12.54 -7.98
C ARG A 32 10.63 -11.18 -8.54
N SER A 33 10.54 -10.14 -7.69
CA SER A 33 10.94 -8.79 -8.10
C SER A 33 12.17 -8.32 -7.31
N GLY A 34 13.15 -7.75 -8.03
CA GLY A 34 14.39 -7.32 -7.38
C GLY A 34 14.53 -5.80 -7.25
N ALA A 35 15.07 -5.16 -8.29
CA ALA A 35 15.35 -3.71 -8.24
C ALA A 35 14.07 -2.87 -8.08
N THR A 36 13.07 -3.11 -8.92
CA THR A 36 11.81 -2.34 -8.89
C THR A 36 11.13 -2.39 -7.52
N SER A 37 10.94 -3.60 -6.99
CA SER A 37 10.32 -3.78 -5.68
C SER A 37 11.09 -3.04 -4.57
N ARG A 38 12.41 -3.22 -4.55
CA ARG A 38 13.27 -2.50 -3.60
C ARG A 38 13.02 -0.98 -3.66
N LYS A 39 13.14 -0.41 -4.86
CA LYS A 39 12.93 1.02 -5.08
C LYS A 39 11.53 1.46 -4.60
N ALA A 40 10.51 0.70 -4.99
CA ALA A 40 9.12 1.01 -4.59
C ALA A 40 8.92 0.90 -3.08
N LEU A 41 9.52 -0.13 -2.47
CA LEU A 41 9.35 -0.38 -1.03
C LEU A 41 9.95 0.75 -0.18
N GLU A 42 11.21 1.10 -0.41
CA GLU A 42 11.86 2.17 0.36
C GLU A 42 11.19 3.53 0.11
N THR A 43 10.65 3.73 -1.11
CA THR A 43 9.88 4.94 -1.41
C THR A 43 8.57 4.95 -0.61
N LEU A 44 7.89 3.80 -0.57
CA LEU A 44 6.62 3.66 0.19
C LEU A 44 6.77 4.06 1.67
N ARG A 45 7.85 3.62 2.31
CA ARG A 45 8.04 3.91 3.75
C ARG A 45 8.39 5.38 4.02
N ARG A 46 9.19 6.00 3.14
CA ARG A 46 9.59 7.40 3.35
C ARG A 46 8.43 8.38 3.05
N VAL A 47 7.67 8.12 1.98
CA VAL A 47 6.49 8.94 1.66
C VAL A 47 5.30 8.55 2.54
N GLY A 48 5.23 7.25 2.87
CA GLY A 48 4.14 6.75 3.71
C GLY A 48 4.09 7.40 5.08
N ASP A 49 5.23 7.44 5.76
CA ASP A 49 5.32 8.07 7.08
C ASP A 49 4.80 9.52 7.06
N GLY A 50 5.23 10.30 6.06
CA GLY A 50 4.77 11.68 5.92
C GLY A 50 3.25 11.79 5.82
N VAL A 51 2.66 10.97 4.94
CA VAL A 51 1.19 10.92 4.79
C VAL A 51 0.52 10.44 6.09
N GLN A 52 1.04 9.36 6.66
CA GLN A 52 0.50 8.77 7.89
C GLN A 52 0.44 9.81 9.02
N ARG A 53 1.53 10.55 9.22
CA ARG A 53 1.63 11.52 10.33
C ARG A 53 0.51 12.59 10.29
N ASN A 54 0.19 13.11 9.11
CA ASN A 54 -0.86 14.14 9.00
C ASN A 54 -2.28 13.51 8.89
N HIS A 55 -2.35 12.28 8.36
CA HIS A 55 -3.64 11.58 8.20
C HIS A 55 -4.00 10.70 9.41
N GLU A 56 -3.02 10.37 10.26
CA GLU A 56 -3.22 9.38 11.34
C GLU A 56 -4.48 9.62 12.16
N THR A 57 -4.67 10.85 12.66
CA THR A 57 -5.87 11.19 13.44
C THR A 57 -7.15 10.93 12.62
N ALA A 58 -7.09 11.17 11.32
CA ALA A 58 -8.23 10.96 10.42
C ALA A 58 -8.53 9.46 10.24
N PHE A 59 -7.51 8.67 9.93
CA PHE A 59 -7.67 7.21 9.77
C PHE A 59 -8.12 6.54 11.08
N GLN A 60 -7.55 6.98 12.21
CA GLN A 60 -7.97 6.46 13.52
C GLN A 60 -9.48 6.56 13.70
N GLY A 61 -10.06 7.70 13.32
CA GLY A 61 -11.51 7.86 13.36
C GLY A 61 -12.26 6.74 12.66
N MET A 62 -11.71 6.28 11.53
CA MET A 62 -12.30 5.17 10.78
C MET A 62 -12.08 3.82 11.50
N LEU A 63 -10.86 3.62 12.01
CA LEU A 63 -10.52 2.40 12.75
C LEU A 63 -11.43 2.18 13.97
N ARG A 64 -11.95 3.27 14.55
CA ARG A 64 -12.82 3.19 15.73
C ARG A 64 -14.14 2.48 15.45
N LYS A 65 -14.43 2.23 14.17
CA LYS A 65 -15.61 1.44 13.78
C LYS A 65 -15.21 0.21 12.95
N LEU A 66 -13.91 0.08 12.69
CA LEU A 66 -13.38 -1.05 11.91
C LEU A 66 -12.85 -2.16 12.85
N ASP A 67 -11.64 -1.95 13.38
CA ASP A 67 -10.98 -2.89 14.31
C ASP A 67 -10.56 -4.22 13.66
N ILE A 68 -11.47 -4.83 12.93
CA ILE A 68 -11.26 -6.13 12.27
C ILE A 68 -11.07 -7.26 13.30
N LYS A 69 -12.02 -8.20 13.31
CA LYS A 69 -11.94 -9.38 14.18
C LYS A 69 -11.79 -10.68 13.36
N ASN A 70 -11.87 -10.58 12.04
CA ASN A 70 -11.60 -11.70 11.13
C ASN A 70 -11.54 -11.24 9.67
N GLU A 71 -11.21 -12.17 8.76
CA GLU A 71 -11.08 -11.85 7.34
C GLU A 71 -12.39 -11.27 6.76
N ASP A 72 -13.52 -11.57 7.39
CA ASP A 72 -14.81 -11.02 6.98
C ASP A 72 -14.77 -9.47 6.96
N ASP A 73 -14.21 -8.87 8.02
CA ASP A 73 -14.02 -7.42 8.09
C ASP A 73 -13.06 -6.95 6.97
N VAL A 74 -12.00 -7.73 6.77
CA VAL A 74 -11.02 -7.46 5.71
C VAL A 74 -11.69 -7.40 4.32
N LYS A 75 -12.60 -8.34 4.06
CA LYS A 75 -13.39 -8.33 2.83
C LYS A 75 -14.22 -7.04 2.73
N SER A 76 -14.77 -6.61 3.86
CA SER A 76 -15.54 -5.36 3.92
C SER A 76 -14.64 -4.14 3.68
N LEU A 77 -13.38 -4.24 4.12
CA LEU A 77 -12.37 -3.19 3.85
C LEU A 77 -12.17 -3.03 2.34
N SER A 78 -12.20 -4.15 1.60
CA SER A 78 -12.06 -4.12 0.14
C SER A 78 -13.08 -3.15 -0.50
N ARG A 79 -14.31 -3.17 0.03
CA ARG A 79 -15.35 -2.26 -0.43
C ARG A 79 -14.90 -0.79 -0.33
N VAL A 80 -14.29 -0.46 0.81
CA VAL A 80 -13.76 0.89 1.07
C VAL A 80 -12.54 1.18 0.18
N MET A 81 -11.66 0.19 0.04
CA MET A 81 -10.44 0.34 -0.77
C MET A 81 -10.76 0.78 -2.20
N ILE A 82 -11.84 0.24 -2.76
CA ILE A 82 -12.34 0.67 -4.08
C ILE A 82 -12.67 2.18 -4.07
N HIS A 83 -13.26 2.64 -2.98
CA HIS A 83 -13.67 4.04 -2.83
C HIS A 83 -12.47 4.98 -2.60
N VAL A 84 -11.39 4.44 -2.03
CA VAL A 84 -10.16 5.21 -1.84
C VAL A 84 -9.67 5.86 -3.15
N PHE A 85 -10.04 5.26 -4.28
CA PHE A 85 -9.65 5.77 -5.60
C PHE A 85 -10.72 6.69 -6.23
N SER A 86 -11.71 7.07 -5.43
CA SER A 86 -12.84 7.89 -5.93
C SER A 86 -12.39 9.27 -6.42
N ASP A 87 -11.13 9.63 -6.15
CA ASP A 87 -10.57 10.91 -6.63
C ASP A 87 -10.49 10.95 -8.17
N GLY A 88 -10.33 9.78 -8.78
CA GLY A 88 -10.24 9.69 -10.24
C GLY A 88 -8.95 10.26 -10.82
N VAL A 89 -8.10 10.85 -9.95
CA VAL A 89 -6.84 11.47 -10.38
C VAL A 89 -5.85 10.46 -10.98
N THR A 90 -5.01 10.92 -11.89
CA THR A 90 -4.02 10.05 -12.55
C THR A 90 -2.79 9.84 -11.66
N ASN A 91 -2.43 10.87 -10.89
CA ASN A 91 -1.28 10.83 -9.98
C ASN A 91 -1.31 9.59 -9.06
N TRP A 92 -0.12 9.13 -8.64
CA TRP A 92 0.00 7.91 -7.84
C TRP A 92 -0.28 8.15 -6.34
N GLY A 93 -0.66 9.38 -5.98
CA GLY A 93 -1.02 9.67 -4.59
C GLY A 93 -2.17 8.79 -4.09
N ARG A 94 -3.10 8.48 -4.99
CA ARG A 94 -4.19 7.53 -4.72
C ARG A 94 -3.66 6.16 -4.27
N ILE A 95 -2.57 5.70 -4.90
CA ILE A 95 -1.94 4.42 -4.55
C ILE A 95 -1.30 4.49 -3.16
N VAL A 96 -0.58 5.60 -2.90
CA VAL A 96 0.02 5.84 -1.59
C VAL A 96 -1.02 5.77 -0.46
N THR A 97 -2.16 6.43 -0.68
CA THR A 97 -3.26 6.43 0.30
C THR A 97 -3.75 5.00 0.58
N LEU A 98 -3.98 4.23 -0.48
CA LEU A 98 -4.44 2.83 -0.34
C LEU A 98 -3.47 2.00 0.51
N ILE A 99 -2.21 1.99 0.11
CA ILE A 99 -1.20 1.15 0.77
C ILE A 99 -0.87 1.63 2.19
N SER A 100 -0.87 2.95 2.39
CA SER A 100 -0.62 3.53 3.72
C SER A 100 -1.76 3.21 4.69
N PHE A 101 -3.00 3.34 4.22
CA PHE A 101 -4.17 2.98 5.04
C PHE A 101 -4.17 1.48 5.37
N GLY A 102 -3.84 0.65 4.38
CA GLY A 102 -3.70 -0.78 4.64
C GLY A 102 -2.67 -1.08 5.71
N ALA A 103 -1.49 -0.46 5.58
CA ALA A 103 -0.43 -0.60 6.59
C ALA A 103 -0.86 -0.01 7.93
N PHE A 104 -1.67 1.04 7.88
CA PHE A 104 -2.20 1.69 9.08
C PHE A 104 -3.09 0.73 9.88
N VAL A 105 -4.01 0.05 9.19
CA VAL A 105 -4.85 -0.97 9.82
C VAL A 105 -3.99 -2.16 10.30
N ALA A 106 -2.95 -2.49 9.51
CA ALA A 106 -2.01 -3.55 9.88
C ALA A 106 -1.41 -3.33 11.28
N LYS A 107 -1.05 -2.08 11.58
CA LYS A 107 -0.55 -1.73 12.92
C LYS A 107 -1.58 -2.09 13.99
N HIS A 108 -2.83 -1.69 13.76
CA HIS A 108 -3.94 -1.96 14.68
C HIS A 108 -4.16 -3.48 14.84
N LEU A 109 -3.92 -4.24 13.77
CA LEU A 109 -4.03 -5.70 13.81
C LEU A 109 -2.93 -6.34 14.66
N LYS A 110 -1.67 -5.96 14.43
CA LYS A 110 -0.55 -6.52 15.18
C LYS A 110 -0.64 -6.15 16.68
N THR A 111 -1.17 -4.96 16.97
CA THR A 111 -1.42 -4.52 18.35
C THR A 111 -2.28 -5.55 19.10
N ILE A 112 -3.33 -6.03 18.43
CA ILE A 112 -4.20 -7.07 18.99
C ILE A 112 -3.79 -8.48 18.52
N ASN A 113 -2.47 -8.65 18.30
CA ASN A 113 -1.83 -9.92 17.89
C ASN A 113 -2.53 -10.63 16.70
N GLN A 114 -3.28 -9.88 15.91
CA GLN A 114 -3.89 -10.42 14.68
C GLN A 114 -2.98 -10.15 13.46
N GLU A 115 -1.67 -10.23 13.69
CA GLU A 115 -0.67 -9.98 12.63
C GLU A 115 -0.90 -10.87 11.40
N SER A 116 -1.46 -12.05 11.61
CA SER A 116 -1.80 -12.97 10.50
C SER A 116 -2.77 -12.30 9.51
N SER A 117 -3.75 -11.57 10.05
CA SER A 117 -4.78 -10.88 9.22
C SER A 117 -4.15 -9.87 8.25
N ILE A 118 -2.98 -9.35 8.59
CA ILE A 118 -2.28 -8.36 7.77
C ILE A 118 -2.06 -8.86 6.31
N GLU A 119 -1.78 -10.15 6.15
CA GLU A 119 -1.49 -10.70 4.82
C GLU A 119 -2.74 -10.80 3.93
N PRO A 120 -3.86 -11.43 4.38
CA PRO A 120 -5.13 -11.40 3.64
C PRO A 120 -5.62 -9.97 3.39
N LEU A 121 -5.29 -9.06 4.31
CA LEU A 121 -5.57 -7.63 4.12
C LEU A 121 -4.76 -7.08 2.94
N ALA A 122 -3.48 -7.45 2.88
CA ALA A 122 -2.61 -7.10 1.75
C ALA A 122 -3.15 -7.67 0.44
N GLU A 123 -3.73 -8.87 0.50
CA GLU A 123 -4.39 -9.48 -0.66
C GLU A 123 -5.58 -8.62 -1.11
N SER A 124 -6.39 -8.13 -0.17
CA SER A 124 -7.50 -7.22 -0.49
C SER A 124 -6.99 -5.92 -1.15
N ILE A 125 -5.93 -5.35 -0.57
CA ILE A 125 -5.28 -4.16 -1.14
C ILE A 125 -4.86 -4.39 -2.60
N THR A 126 -4.13 -5.48 -2.81
CA THR A 126 -3.64 -5.84 -4.14
C THR A 126 -4.78 -6.25 -5.08
N ASP A 127 -5.81 -6.89 -4.52
CA ASP A 127 -6.96 -7.35 -5.32
C ASP A 127 -7.70 -6.16 -5.93
N VAL A 128 -8.06 -5.18 -5.11
CA VAL A 128 -8.71 -3.95 -5.59
C VAL A 128 -7.82 -3.24 -6.63
N LEU A 129 -6.51 -3.31 -6.41
CA LEU A 129 -5.54 -2.67 -7.29
C LEU A 129 -5.56 -3.30 -8.70
N VAL A 130 -5.41 -4.61 -8.76
CA VAL A 130 -5.38 -5.35 -10.03
C VAL A 130 -6.78 -5.55 -10.63
N ARG A 131 -7.80 -5.62 -9.76
CA ARG A 131 -9.18 -5.94 -10.16
C ARG A 131 -9.66 -5.07 -11.35
N THR A 132 -9.30 -3.78 -11.33
CA THR A 132 -9.70 -2.85 -12.41
C THR A 132 -8.52 -2.03 -12.96
N LYS A 133 -7.46 -1.84 -12.16
CA LYS A 133 -6.26 -1.12 -12.63
C LYS A 133 -5.17 -2.08 -13.13
N ARG A 134 -5.54 -3.33 -13.41
CA ARG A 134 -4.62 -4.34 -13.95
C ARG A 134 -3.76 -3.76 -15.10
N ASP A 135 -4.43 -3.24 -16.12
CA ASP A 135 -3.74 -2.71 -17.29
C ASP A 135 -2.93 -1.45 -16.92
N TRP A 136 -3.58 -0.50 -16.25
CA TRP A 136 -2.93 0.76 -15.87
C TRP A 136 -1.61 0.52 -15.11
N LEU A 137 -1.58 -0.52 -14.28
CA LEU A 137 -0.37 -0.90 -13.55
C LEU A 137 0.81 -1.18 -14.48
N VAL A 138 0.61 -2.06 -15.46
CA VAL A 138 1.69 -2.43 -16.41
C VAL A 138 1.91 -1.34 -17.47
N LYS A 139 0.81 -0.78 -18.00
CA LYS A 139 0.89 0.26 -19.03
C LYS A 139 1.71 1.48 -18.57
N GLN A 140 1.40 1.99 -17.37
CA GLN A 140 2.09 3.17 -16.84
C GLN A 140 3.25 2.80 -15.92
N ARG A 141 3.50 1.49 -15.77
CA ARG A 141 4.62 1.00 -14.95
C ARG A 141 4.54 1.54 -13.51
N GLY A 142 3.42 1.26 -12.84
CA GLY A 142 3.13 1.82 -11.53
C GLY A 142 4.31 1.85 -10.55
N TRP A 143 4.89 0.68 -10.27
CA TRP A 143 5.95 0.57 -9.27
C TRP A 143 7.24 1.30 -9.68
N ASP A 144 7.45 1.44 -10.98
CA ASP A 144 8.62 2.14 -11.51
C ASP A 144 8.39 3.65 -11.53
N GLY A 145 7.28 4.08 -12.12
CA GLY A 145 6.93 5.50 -12.18
C GLY A 145 6.70 6.12 -10.82
N PHE A 146 6.15 5.34 -9.90
CA PHE A 146 5.93 5.77 -8.50
C PHE A 146 7.23 6.30 -7.87
N VAL A 147 8.32 5.56 -8.03
CA VAL A 147 9.62 5.92 -7.44
C VAL A 147 10.15 7.25 -7.99
N GLU A 148 10.10 7.43 -9.31
CA GLU A 148 10.60 8.64 -9.96
C GLU A 148 9.65 9.84 -9.73
N PHE A 149 8.37 9.57 -9.53
CA PHE A 149 7.36 10.61 -9.28
C PHE A 149 7.76 11.49 -8.07
N PHE A 150 8.09 10.83 -6.96
CA PHE A 150 8.59 11.54 -5.77
C PHE A 150 10.10 11.82 -5.87
N HIS A 151 10.74 11.14 -6.83
CA HIS A 151 12.18 11.27 -7.08
C HIS A 151 13.02 10.69 -5.93
N VAL A 152 13.26 9.39 -5.98
CA VAL A 152 14.03 8.69 -4.96
C VAL A 152 15.22 7.93 -5.57
N GLU A 153 14.94 6.85 -6.29
CA GLU A 153 15.98 6.06 -6.94
C GLU A 153 15.96 6.29 -8.45
N ASP A 154 16.32 7.50 -8.87
CA ASP A 154 16.28 7.90 -10.27
C ASP A 154 16.98 9.26 -10.48
N LEU A 155 16.78 9.85 -11.66
CA LEU A 155 17.32 11.18 -11.98
C LEU A 155 16.39 11.96 -12.94
N GLU A 156 15.18 11.44 -13.15
CA GLU A 156 14.23 12.02 -14.11
C GLU A 156 13.03 12.70 -13.43
N GLY A 157 12.88 12.47 -12.13
CA GLY A 157 11.76 13.03 -11.38
C GLY A 157 11.73 14.56 -11.35
N GLY A 158 10.91 15.16 -12.21
CA GLY A 158 10.81 16.61 -12.27
C GLY A 158 9.99 17.21 -11.13
N HIS A 159 10.48 17.02 -9.90
CA HIS A 159 9.80 17.50 -8.70
C HIS A 159 9.79 19.04 -8.60
N HIS A 160 8.59 19.63 -8.65
CA HIS A 160 8.43 21.08 -8.48
C HIS A 160 7.69 21.41 -7.17
N HIS A 161 6.50 20.82 -6.99
CA HIS A 161 5.68 21.06 -5.79
C HIS A 161 5.42 19.76 -5.03
N HIS A 162 6.06 19.60 -3.87
CA HIS A 162 5.89 18.41 -3.04
C HIS A 162 4.70 18.55 -2.07
N HIS A 163 3.83 17.53 -2.06
CA HIS A 163 2.72 17.48 -1.10
C HIS A 163 2.98 16.42 -0.02
N HIS A 164 2.14 16.38 1.02
CA HIS A 164 2.29 15.38 2.11
C HIS A 164 1.16 14.33 2.08
N MET A 1 -3.25 -18.36 -9.88
CA MET A 1 -2.99 -17.88 -11.26
C MET A 1 -2.96 -16.34 -11.32
N GLU A 2 -1.87 -15.75 -10.85
CA GLU A 2 -1.77 -14.28 -10.74
C GLU A 2 -0.80 -13.70 -11.78
N ASP A 3 -1.07 -12.46 -12.20
CA ASP A 3 -0.14 -11.72 -13.07
C ASP A 3 1.15 -11.35 -12.32
N GLU A 4 2.27 -11.29 -13.04
CA GLU A 4 3.55 -10.88 -12.44
C GLU A 4 3.44 -9.46 -11.85
N LEU A 5 2.58 -8.64 -12.46
CA LEU A 5 2.26 -7.31 -11.94
C LEU A 5 1.61 -7.41 -10.55
N TYR A 6 0.67 -8.36 -10.41
CA TYR A 6 0.00 -8.60 -9.12
C TYR A 6 1.00 -9.06 -8.06
N ARG A 7 1.83 -10.05 -8.41
CA ARG A 7 2.86 -10.55 -7.50
C ARG A 7 3.84 -9.45 -7.06
N GLN A 8 4.19 -8.57 -7.99
CA GLN A 8 5.06 -7.43 -7.66
C GLN A 8 4.37 -6.49 -6.67
N SER A 9 3.16 -6.07 -7.00
CA SER A 9 2.38 -5.15 -6.15
C SER A 9 2.14 -5.75 -4.76
N LEU A 10 1.73 -7.02 -4.73
CA LEU A 10 1.50 -7.74 -3.48
C LEU A 10 2.78 -7.85 -2.64
N GLU A 11 3.92 -8.06 -3.29
CA GLU A 11 5.21 -8.13 -2.61
C GLU A 11 5.49 -6.83 -1.83
N ILE A 12 5.35 -5.70 -2.52
CA ILE A 12 5.59 -4.38 -1.93
C ILE A 12 4.64 -4.09 -0.76
N ILE A 13 3.33 -4.22 -1.02
CA ILE A 13 2.30 -3.93 -0.03
C ILE A 13 2.38 -4.89 1.19
N SER A 14 2.51 -6.18 0.92
CA SER A 14 2.57 -7.19 1.99
C SER A 14 3.71 -6.91 2.98
N ARG A 15 4.92 -6.73 2.45
CA ARG A 15 6.09 -6.45 3.31
C ARG A 15 5.97 -5.09 4.01
N TYR A 16 5.33 -4.11 3.34
CA TYR A 16 5.10 -2.81 3.96
C TYR A 16 4.20 -2.95 5.20
N LEU A 17 3.03 -3.55 5.04
CA LEU A 17 2.11 -3.79 6.17
C LEU A 17 2.80 -4.57 7.30
N ARG A 18 3.54 -5.62 6.94
CA ARG A 18 4.27 -6.42 7.93
C ARG A 18 5.36 -5.61 8.66
N GLU A 19 6.36 -5.12 7.93
CA GLU A 19 7.52 -4.45 8.54
C GLU A 19 7.11 -3.23 9.38
N GLN A 20 6.07 -2.50 8.95
CA GLN A 20 5.60 -1.33 9.71
C GLN A 20 4.71 -1.74 10.90
N ALA A 21 4.04 -2.89 10.79
CA ALA A 21 3.27 -3.42 11.92
C ALA A 21 4.19 -3.96 13.03
N THR A 22 5.34 -4.49 12.61
CA THR A 22 6.35 -5.00 13.55
C THR A 22 7.31 -3.88 13.99
N GLY A 23 7.54 -2.91 13.10
CA GLY A 23 8.47 -1.82 13.38
C GLY A 23 9.90 -2.14 12.94
N ALA A 24 10.04 -3.11 12.03
CA ALA A 24 11.36 -3.56 11.57
C ALA A 24 11.74 -2.92 10.21
N LYS A 25 12.79 -3.47 9.60
CA LYS A 25 13.30 -2.96 8.32
C LYS A 25 13.88 -4.10 7.47
N ASP A 26 13.75 -4.01 6.15
CA ASP A 26 14.25 -5.04 5.24
C ASP A 26 15.53 -4.60 4.51
N THR A 27 16.28 -5.57 4.00
CA THR A 27 17.53 -5.32 3.27
C THR A 27 17.74 -6.37 2.17
N LYS A 28 16.65 -6.76 1.52
CA LYS A 28 16.65 -7.86 0.53
C LYS A 28 16.01 -7.42 -0.80
N PRO A 29 16.22 -8.20 -1.89
CA PRO A 29 15.54 -7.94 -3.18
C PRO A 29 14.06 -8.40 -3.13
N MET A 30 13.19 -7.71 -3.87
CA MET A 30 11.75 -7.94 -3.75
C MET A 30 11.07 -8.27 -5.10
N GLY A 31 10.23 -9.30 -5.10
CA GLY A 31 9.39 -9.63 -6.25
C GLY A 31 10.16 -9.90 -7.54
N ARG A 32 9.52 -9.62 -8.67
CA ARG A 32 10.13 -9.81 -10.00
C ARG A 32 11.09 -8.65 -10.32
N SER A 33 10.59 -7.42 -10.23
CA SER A 33 11.44 -6.23 -10.43
C SER A 33 12.02 -5.77 -9.09
N GLY A 34 13.17 -6.34 -8.73
CA GLY A 34 13.78 -6.08 -7.43
C GLY A 34 13.99 -4.61 -7.12
N ALA A 35 14.76 -3.92 -7.96
CA ALA A 35 15.06 -2.50 -7.74
C ALA A 35 13.80 -1.64 -7.65
N THR A 36 12.91 -1.77 -8.63
CA THR A 36 11.66 -0.99 -8.66
C THR A 36 10.82 -1.24 -7.39
N SER A 37 10.80 -2.50 -6.94
CA SER A 37 10.01 -2.87 -5.76
C SER A 37 10.54 -2.20 -4.49
N ARG A 38 11.86 -2.32 -4.26
CA ARG A 38 12.50 -1.67 -3.09
C ARG A 38 12.30 -0.15 -3.11
N LYS A 39 12.52 0.48 -4.27
CA LYS A 39 12.35 1.93 -4.41
C LYS A 39 10.94 2.37 -3.99
N ALA A 40 9.93 1.67 -4.50
CA ALA A 40 8.53 1.95 -4.14
C ALA A 40 8.28 1.73 -2.64
N LEU A 41 8.82 0.64 -2.10
CA LEU A 41 8.66 0.30 -0.68
C LEU A 41 9.21 1.39 0.25
N GLU A 42 10.46 1.78 0.04
CA GLU A 42 11.11 2.79 0.89
C GLU A 42 10.47 4.19 0.69
N THR A 43 9.99 4.46 -0.53
CA THR A 43 9.24 5.69 -0.78
C THR A 43 7.93 5.70 0.01
N LEU A 44 7.24 4.55 0.02
CA LEU A 44 6.04 4.35 0.84
C LEU A 44 6.33 4.67 2.32
N ARG A 45 7.50 4.29 2.79
CA ARG A 45 7.93 4.61 4.17
C ARG A 45 8.18 6.12 4.35
N ARG A 46 8.88 6.72 3.39
CA ARG A 46 9.24 8.14 3.48
C ARG A 46 8.01 9.06 3.54
N VAL A 47 7.02 8.80 2.67
CA VAL A 47 5.78 9.60 2.67
C VAL A 47 4.75 9.04 3.66
N GLY A 48 4.74 7.72 3.81
CA GLY A 48 3.79 7.06 4.70
C GLY A 48 4.03 7.34 6.18
N ASP A 49 5.27 7.68 6.54
CA ASP A 49 5.62 7.98 7.93
C ASP A 49 4.65 9.03 8.52
N GLY A 50 4.53 10.16 7.82
CA GLY A 50 3.56 11.20 8.22
C GLY A 50 2.11 10.82 7.90
N VAL A 51 1.89 10.28 6.70
CA VAL A 51 0.52 9.94 6.23
C VAL A 51 -0.20 8.97 7.18
N GLN A 52 0.48 7.91 7.61
CA GLN A 52 -0.12 6.94 8.55
C GLN A 52 -0.59 7.64 9.83
N ARG A 53 0.25 8.52 10.37
CA ARG A 53 -0.04 9.19 11.64
C ARG A 53 -1.23 10.17 11.52
N ASN A 54 -1.18 11.10 10.57
CA ASN A 54 -2.23 12.12 10.44
C ASN A 54 -3.56 11.52 9.92
N HIS A 55 -3.49 10.34 9.30
CA HIS A 55 -4.70 9.59 8.93
C HIS A 55 -5.12 8.63 10.06
N GLU A 56 -4.16 8.18 10.88
CA GLU A 56 -4.43 7.27 12.01
C GLU A 56 -5.53 7.82 12.92
N THR A 57 -5.35 9.04 13.41
CA THR A 57 -6.34 9.69 14.27
C THR A 57 -7.72 9.79 13.58
N ALA A 58 -7.72 9.83 12.25
CA ALA A 58 -8.97 9.89 11.47
C ALA A 58 -9.61 8.50 11.34
N PHE A 59 -8.79 7.49 11.04
CA PHE A 59 -9.29 6.12 10.85
C PHE A 59 -9.75 5.49 12.18
N GLN A 60 -9.23 5.99 13.30
CA GLN A 60 -9.67 5.56 14.64
C GLN A 60 -11.19 5.57 14.76
N GLY A 61 -11.83 6.55 14.11
CA GLY A 61 -13.30 6.62 14.11
C GLY A 61 -13.96 5.40 13.49
N MET A 62 -13.28 4.77 12.54
CA MET A 62 -13.79 3.54 11.91
C MET A 62 -13.33 2.29 12.67
N LEU A 63 -12.04 2.19 13.01
CA LEU A 63 -11.52 1.02 13.72
C LEU A 63 -12.26 0.76 15.04
N ARG A 64 -12.69 1.83 15.72
CA ARG A 64 -13.43 1.70 16.98
C ARG A 64 -14.77 0.96 16.79
N LYS A 65 -15.24 0.89 15.54
CA LYS A 65 -16.46 0.12 15.21
C LYS A 65 -16.12 -1.09 14.31
N LEU A 66 -14.82 -1.26 14.00
CA LEU A 66 -14.35 -2.39 13.19
C LEU A 66 -13.70 -3.48 14.06
N ASP A 67 -12.49 -3.18 14.55
CA ASP A 67 -11.65 -4.15 15.28
C ASP A 67 -11.71 -5.55 14.64
N ILE A 68 -10.87 -5.75 13.62
CA ILE A 68 -10.88 -6.98 12.82
C ILE A 68 -10.63 -8.25 13.66
N LYS A 69 -11.70 -8.99 13.90
CA LYS A 69 -11.64 -10.25 14.67
C LYS A 69 -11.88 -11.48 13.79
N ASN A 70 -12.21 -11.27 12.52
CA ASN A 70 -12.34 -12.38 11.55
C ASN A 70 -12.21 -11.90 10.10
N GLU A 71 -12.10 -12.84 9.17
CA GLU A 71 -11.87 -12.54 7.75
C GLU A 71 -12.94 -11.61 7.15
N ASP A 72 -14.20 -11.79 7.57
CA ASP A 72 -15.30 -10.96 7.09
C ASP A 72 -15.03 -9.46 7.30
N ASP A 73 -14.36 -9.13 8.40
CA ASP A 73 -13.97 -7.72 8.66
C ASP A 73 -13.02 -7.21 7.57
N VAL A 74 -12.06 -8.05 7.20
CA VAL A 74 -11.13 -7.72 6.11
C VAL A 74 -11.88 -7.49 4.79
N LYS A 75 -12.85 -8.36 4.52
CA LYS A 75 -13.71 -8.21 3.34
C LYS A 75 -14.59 -6.95 3.46
N SER A 76 -14.92 -6.56 4.68
CA SER A 76 -15.65 -5.30 4.94
C SER A 76 -14.75 -4.10 4.62
N LEU A 77 -13.47 -4.21 4.94
CA LEU A 77 -12.48 -3.17 4.62
C LEU A 77 -12.42 -2.91 3.11
N SER A 78 -12.65 -3.96 2.31
CA SER A 78 -12.65 -3.86 0.84
C SER A 78 -13.59 -2.74 0.35
N ARG A 79 -14.77 -2.64 0.98
CA ARG A 79 -15.75 -1.60 0.65
C ARG A 79 -15.18 -0.19 0.89
N VAL A 80 -14.40 -0.04 1.96
CA VAL A 80 -13.73 1.23 2.26
C VAL A 80 -12.57 1.48 1.28
N MET A 81 -11.81 0.42 0.99
CA MET A 81 -10.66 0.50 0.09
C MET A 81 -11.07 1.06 -1.29
N ILE A 82 -12.22 0.61 -1.80
CA ILE A 82 -12.77 1.13 -3.05
C ILE A 82 -13.01 2.65 -2.97
N HIS A 83 -13.53 3.11 -1.82
CA HIS A 83 -13.80 4.53 -1.59
C HIS A 83 -12.51 5.36 -1.52
N VAL A 84 -11.39 4.75 -1.12
CA VAL A 84 -10.09 5.43 -1.13
C VAL A 84 -9.76 5.95 -2.54
N PHE A 85 -10.33 5.31 -3.56
CA PHE A 85 -10.11 5.71 -4.96
C PHE A 85 -11.17 6.71 -5.46
N SER A 86 -12.08 7.15 -4.59
CA SER A 86 -13.14 8.10 -4.97
C SER A 86 -12.57 9.37 -5.63
N ASP A 87 -11.40 9.81 -5.18
CA ASP A 87 -10.73 10.98 -5.74
C ASP A 87 -10.04 10.65 -7.08
N GLY A 88 -9.18 9.63 -7.06
CA GLY A 88 -8.45 9.22 -8.27
C GLY A 88 -7.58 10.31 -8.87
N VAL A 89 -6.61 10.79 -8.10
CA VAL A 89 -5.75 11.91 -8.54
C VAL A 89 -4.39 11.44 -9.08
N THR A 90 -3.84 12.21 -10.02
CA THR A 90 -2.56 11.89 -10.67
C THR A 90 -1.35 11.96 -9.71
N ASN A 91 -1.60 12.43 -8.49
CA ASN A 91 -0.56 12.50 -7.46
C ASN A 91 -0.20 11.10 -6.90
N TRP A 92 -1.07 10.12 -7.16
CA TRP A 92 -0.90 8.75 -6.65
C TRP A 92 -1.00 8.69 -5.11
N GLY A 93 -1.27 9.84 -4.48
CA GLY A 93 -1.42 9.90 -3.03
C GLY A 93 -2.53 8.98 -2.49
N ARG A 94 -3.50 8.66 -3.35
CA ARG A 94 -4.57 7.73 -2.99
C ARG A 94 -4.04 6.30 -2.81
N ILE A 95 -3.02 5.94 -3.58
CA ILE A 95 -2.33 4.65 -3.40
C ILE A 95 -1.66 4.61 -2.02
N VAL A 96 -0.96 5.69 -1.68
CA VAL A 96 -0.35 5.85 -0.36
C VAL A 96 -1.41 5.73 0.75
N THR A 97 -2.54 6.40 0.56
CA THR A 97 -3.66 6.36 1.53
C THR A 97 -4.19 4.93 1.71
N LEU A 98 -4.37 4.23 0.59
CA LEU A 98 -4.85 2.83 0.60
C LEU A 98 -3.90 1.93 1.41
N ILE A 99 -2.62 1.94 1.03
CA ILE A 99 -1.61 1.14 1.72
C ILE A 99 -1.40 1.61 3.17
N SER A 100 -1.57 2.91 3.41
CA SER A 100 -1.47 3.50 4.75
C SER A 100 -2.57 2.97 5.68
N PHE A 101 -3.81 2.99 5.19
CA PHE A 101 -4.95 2.46 5.95
C PHE A 101 -4.76 0.96 6.22
N GLY A 102 -4.31 0.23 5.20
CA GLY A 102 -3.99 -1.18 5.38
C GLY A 102 -2.92 -1.41 6.44
N ALA A 103 -1.86 -0.60 6.40
CA ALA A 103 -0.79 -0.66 7.40
C ALA A 103 -1.31 -0.31 8.81
N PHE A 104 -2.20 0.68 8.89
CA PHE A 104 -2.78 1.08 10.17
C PHE A 104 -3.64 -0.04 10.77
N VAL A 105 -4.48 -0.67 9.96
CA VAL A 105 -5.26 -1.82 10.43
C VAL A 105 -4.31 -2.98 10.80
N ALA A 106 -3.26 -3.15 10.00
CA ALA A 106 -2.26 -4.21 10.23
C ALA A 106 -1.54 -4.05 11.59
N LYS A 107 -1.03 -2.85 11.88
CA LYS A 107 -0.37 -2.58 13.17
C LYS A 107 -1.34 -2.81 14.34
N HIS A 108 -2.62 -2.45 14.14
CA HIS A 108 -3.66 -2.74 15.14
C HIS A 108 -3.91 -4.26 15.24
N LEU A 109 -3.80 -4.96 14.12
CA LEU A 109 -3.93 -6.43 14.11
C LEU A 109 -2.85 -7.08 14.98
N LYS A 110 -1.59 -6.69 14.78
CA LYS A 110 -0.50 -7.23 15.58
C LYS A 110 -0.68 -6.87 17.07
N THR A 111 -1.15 -5.65 17.32
CA THR A 111 -1.46 -5.20 18.70
C THR A 111 -2.41 -6.19 19.39
N ILE A 112 -3.37 -6.72 18.65
CA ILE A 112 -4.32 -7.71 19.17
C ILE A 112 -3.98 -9.14 18.71
N ASN A 113 -2.74 -9.35 18.27
CA ASN A 113 -2.23 -10.67 17.86
C ASN A 113 -3.08 -11.30 16.72
N GLN A 114 -3.15 -10.58 15.60
CA GLN A 114 -3.92 -11.03 14.43
C GLN A 114 -3.07 -10.92 13.14
N GLU A 115 -1.76 -11.14 13.26
CA GLU A 115 -0.84 -11.00 12.13
C GLU A 115 -1.23 -11.87 10.92
N SER A 116 -1.80 -13.04 11.18
CA SER A 116 -2.29 -13.94 10.12
C SER A 116 -3.29 -13.21 9.20
N SER A 117 -3.97 -12.20 9.72
CA SER A 117 -4.93 -11.41 8.95
C SER A 117 -4.23 -10.36 8.07
N ILE A 118 -3.04 -9.91 8.49
CA ILE A 118 -2.31 -8.85 7.78
C ILE A 118 -2.04 -9.20 6.29
N GLU A 119 -1.59 -10.43 6.03
CA GLU A 119 -1.22 -10.85 4.67
C GLU A 119 -2.44 -10.85 3.70
N PRO A 120 -3.56 -11.54 4.03
CA PRO A 120 -4.78 -11.47 3.19
C PRO A 120 -5.35 -10.04 3.11
N LEU A 121 -5.08 -9.23 4.14
CA LEU A 121 -5.44 -7.81 4.12
C LEU A 121 -4.61 -7.08 3.04
N ALA A 122 -3.31 -7.39 3.01
CA ALA A 122 -2.42 -6.87 1.96
C ALA A 122 -2.90 -7.33 0.57
N GLU A 123 -3.39 -8.57 0.49
CA GLU A 123 -4.01 -9.08 -0.73
C GLU A 123 -5.25 -8.25 -1.10
N SER A 124 -6.04 -7.88 -0.09
CA SER A 124 -7.23 -7.04 -0.31
C SER A 124 -6.85 -5.66 -0.87
N ILE A 125 -5.83 -5.05 -0.28
CA ILE A 125 -5.28 -3.77 -0.78
C ILE A 125 -4.91 -3.90 -2.27
N THR A 126 -4.12 -4.93 -2.56
CA THR A 126 -3.67 -5.19 -3.94
C THR A 126 -4.84 -5.63 -4.84
N ASP A 127 -5.81 -6.35 -4.26
CA ASP A 127 -6.93 -6.90 -5.03
C ASP A 127 -7.80 -5.76 -5.61
N VAL A 128 -8.23 -4.84 -4.76
CA VAL A 128 -9.00 -3.68 -5.22
C VAL A 128 -8.19 -2.86 -6.24
N LEU A 129 -6.91 -2.69 -5.94
CA LEU A 129 -5.98 -1.98 -6.83
C LEU A 129 -5.96 -2.61 -8.24
N VAL A 130 -5.72 -3.92 -8.29
CA VAL A 130 -5.63 -4.68 -9.54
C VAL A 130 -7.03 -4.91 -10.16
N ARG A 131 -8.06 -4.92 -9.33
CA ARG A 131 -9.44 -5.20 -9.77
C ARG A 131 -9.90 -4.22 -10.85
N THR A 132 -9.50 -2.96 -10.73
CA THR A 132 -9.93 -1.91 -11.67
C THR A 132 -8.75 -1.16 -12.31
N LYS A 133 -7.69 -0.89 -11.54
CA LYS A 133 -6.58 -0.06 -12.02
C LYS A 133 -5.32 -0.90 -12.37
N ARG A 134 -5.50 -2.21 -12.59
CA ARG A 134 -4.38 -3.08 -13.01
C ARG A 134 -3.69 -2.54 -14.27
N ASP A 135 -4.49 -2.31 -15.31
CA ASP A 135 -3.98 -1.79 -16.58
C ASP A 135 -3.18 -0.49 -16.38
N TRP A 136 -3.69 0.42 -15.56
CA TRP A 136 -3.00 1.69 -15.28
C TRP A 136 -1.65 1.46 -14.59
N LEU A 137 -1.59 0.47 -13.69
CA LEU A 137 -0.32 0.12 -13.01
C LEU A 137 0.78 -0.24 -14.02
N VAL A 138 0.47 -1.12 -14.97
CA VAL A 138 1.45 -1.55 -15.97
C VAL A 138 1.66 -0.47 -17.07
N LYS A 139 0.56 0.12 -17.56
CA LYS A 139 0.64 1.14 -18.62
C LYS A 139 1.42 2.38 -18.16
N GLN A 140 0.93 3.03 -17.10
CA GLN A 140 1.56 4.26 -16.59
C GLN A 140 2.75 3.95 -15.68
N ARG A 141 2.98 2.65 -15.45
CA ARG A 141 4.09 2.19 -14.60
C ARG A 141 3.98 2.80 -13.19
N GLY A 142 2.89 2.49 -12.51
CA GLY A 142 2.58 3.09 -11.22
C GLY A 142 3.72 3.04 -10.19
N TRP A 143 4.37 1.89 -10.07
CA TRP A 143 5.43 1.71 -9.07
C TRP A 143 6.71 2.47 -9.45
N ASP A 144 6.90 2.73 -10.75
CA ASP A 144 8.00 3.56 -11.23
C ASP A 144 7.66 5.05 -11.08
N GLY A 145 6.46 5.41 -11.54
CA GLY A 145 5.98 6.80 -11.45
C GLY A 145 5.84 7.30 -10.02
N PHE A 146 5.54 6.39 -9.10
CA PHE A 146 5.43 6.71 -7.68
C PHE A 146 6.74 7.30 -7.13
N VAL A 147 7.87 6.73 -7.56
CA VAL A 147 9.18 7.16 -7.07
C VAL A 147 9.61 8.51 -7.66
N GLU A 148 9.35 8.71 -8.96
CA GLU A 148 9.74 9.96 -9.64
C GLU A 148 8.86 11.16 -9.25
N PHE A 149 7.58 10.90 -8.95
CA PHE A 149 6.66 11.97 -8.54
C PHE A 149 7.17 12.72 -7.30
N PHE A 150 7.55 11.96 -6.28
CA PHE A 150 8.15 12.55 -5.07
C PHE A 150 9.66 12.77 -5.25
N HIS A 151 10.24 12.15 -6.29
CA HIS A 151 11.67 12.21 -6.56
C HIS A 151 12.48 11.73 -5.34
N VAL A 152 12.38 10.43 -5.05
CA VAL A 152 13.00 9.85 -3.86
C VAL A 152 14.29 9.08 -4.19
N GLU A 153 14.18 8.05 -5.03
CA GLU A 153 15.31 7.17 -5.34
C GLU A 153 15.45 6.95 -6.87
N ASP A 154 14.83 7.82 -7.66
CA ASP A 154 14.85 7.69 -9.12
C ASP A 154 16.18 8.17 -9.73
N LEU A 155 16.47 7.69 -10.93
CA LEU A 155 17.74 8.02 -11.62
C LEU A 155 17.61 9.28 -12.49
N GLU A 156 16.44 9.91 -12.48
CA GLU A 156 16.16 11.11 -13.30
C GLU A 156 16.25 10.79 -14.81
N GLY A 157 15.15 10.29 -15.37
CA GLY A 157 15.13 9.95 -16.79
C GLY A 157 13.77 9.47 -17.28
N GLY A 158 13.78 8.63 -18.32
CA GLY A 158 12.54 8.15 -18.93
C GLY A 158 11.62 9.28 -19.34
N HIS A 159 10.41 9.29 -18.79
CA HIS A 159 9.46 10.40 -19.00
C HIS A 159 8.69 10.69 -17.70
N HIS A 160 9.46 10.94 -16.63
CA HIS A 160 8.90 11.21 -15.30
C HIS A 160 7.89 12.37 -15.33
N HIS A 161 6.67 12.12 -14.86
CA HIS A 161 5.59 13.11 -14.91
C HIS A 161 5.81 14.22 -13.86
N HIS A 162 5.95 13.82 -12.59
CA HIS A 162 6.15 14.78 -11.47
C HIS A 162 5.05 15.88 -11.39
N HIS A 163 4.05 15.85 -12.30
CA HIS A 163 2.97 16.84 -12.30
C HIS A 163 1.85 16.43 -11.33
N HIS A 164 1.03 17.41 -10.93
CA HIS A 164 -0.08 17.17 -10.00
C HIS A 164 -1.45 17.31 -10.71
N MET A 1 -5.92 -18.83 -8.51
CA MET A 1 -5.75 -18.13 -9.81
C MET A 1 -5.17 -16.74 -9.61
N GLU A 2 -3.84 -16.65 -9.66
CA GLU A 2 -3.11 -15.40 -9.44
C GLU A 2 -1.91 -15.29 -10.38
N ASP A 3 -1.85 -14.22 -11.17
CA ASP A 3 -0.77 -14.01 -12.14
C ASP A 3 0.51 -13.48 -11.47
N GLU A 4 1.57 -13.30 -12.27
CA GLU A 4 2.86 -12.82 -11.74
C GLU A 4 2.75 -11.41 -11.16
N LEU A 5 2.08 -10.52 -11.88
CA LEU A 5 1.93 -9.11 -11.46
C LEU A 5 1.17 -9.02 -10.12
N TYR A 6 0.16 -9.86 -9.96
CA TYR A 6 -0.57 -9.96 -8.68
C TYR A 6 0.38 -10.37 -7.55
N ARG A 7 1.19 -11.41 -7.78
CA ARG A 7 2.16 -11.87 -6.77
C ARG A 7 3.21 -10.80 -6.44
N GLN A 8 3.75 -10.16 -7.47
CA GLN A 8 4.75 -9.09 -7.30
C GLN A 8 4.20 -7.98 -6.39
N SER A 9 3.02 -7.47 -6.74
CA SER A 9 2.35 -6.42 -5.97
C SER A 9 2.03 -6.90 -4.55
N LEU A 10 1.52 -8.13 -4.45
CA LEU A 10 1.18 -8.74 -3.15
C LEU A 10 2.40 -8.80 -2.21
N GLU A 11 3.53 -9.26 -2.75
CA GLU A 11 4.78 -9.35 -1.99
C GLU A 11 5.21 -7.97 -1.44
N ILE A 12 5.24 -6.97 -2.33
CA ILE A 12 5.62 -5.61 -1.95
C ILE A 12 4.71 -5.04 -0.86
N ILE A 13 3.39 -5.13 -1.08
CA ILE A 13 2.39 -4.60 -0.14
C ILE A 13 2.41 -5.38 1.20
N SER A 14 2.38 -6.70 1.12
CA SER A 14 2.41 -7.55 2.33
C SER A 14 3.62 -7.23 3.19
N ARG A 15 4.79 -7.12 2.55
CA ARG A 15 6.01 -6.68 3.25
C ARG A 15 5.79 -5.35 3.98
N TYR A 16 5.39 -4.31 3.24
CA TYR A 16 5.24 -2.97 3.81
C TYR A 16 4.34 -2.95 5.06
N LEU A 17 3.20 -3.63 4.99
CA LEU A 17 2.29 -3.74 6.13
C LEU A 17 3.00 -4.36 7.36
N ARG A 18 3.73 -5.44 7.13
CA ARG A 18 4.53 -6.07 8.19
C ARG A 18 5.61 -5.11 8.73
N GLU A 19 6.34 -4.48 7.81
CA GLU A 19 7.42 -3.54 8.17
C GLU A 19 6.91 -2.40 9.05
N GLN A 20 5.84 -1.75 8.62
CA GLN A 20 5.29 -0.59 9.34
C GLN A 20 4.61 -1.00 10.66
N ALA A 21 3.96 -2.16 10.67
CA ALA A 21 3.29 -2.66 11.88
C ALA A 21 4.30 -3.11 12.95
N THR A 22 5.41 -3.71 12.51
CA THR A 22 6.44 -4.22 13.43
C THR A 22 7.57 -3.22 13.67
N GLY A 23 7.67 -2.23 12.79
CA GLY A 23 8.71 -1.21 12.91
C GLY A 23 10.10 -1.71 12.51
N ALA A 24 10.19 -2.36 11.35
CA ALA A 24 11.48 -2.88 10.83
C ALA A 24 11.72 -2.46 9.37
N LYS A 25 12.92 -2.78 8.87
CA LYS A 25 13.29 -2.53 7.47
C LYS A 25 13.86 -3.80 6.82
N ASP A 26 13.58 -3.98 5.52
CA ASP A 26 13.92 -5.23 4.83
C ASP A 26 15.34 -5.22 4.24
N THR A 27 15.94 -6.41 4.12
CA THR A 27 17.28 -6.57 3.54
C THR A 27 17.40 -7.88 2.74
N LYS A 28 16.35 -8.72 2.77
CA LYS A 28 16.37 -10.02 2.08
C LYS A 28 16.07 -9.85 0.58
N PRO A 29 16.58 -10.78 -0.26
CA PRO A 29 16.36 -10.72 -1.72
C PRO A 29 14.89 -10.99 -2.10
N MET A 30 14.32 -10.13 -2.95
CA MET A 30 12.91 -10.23 -3.33
C MET A 30 12.60 -11.57 -4.02
N GLY A 31 11.36 -12.04 -3.85
CA GLY A 31 10.98 -13.36 -4.33
C GLY A 31 10.64 -13.44 -5.82
N ARG A 32 10.82 -12.35 -6.56
CA ARG A 32 10.53 -12.36 -8.01
C ARG A 32 11.32 -11.26 -8.76
N SER A 33 10.87 -10.01 -8.65
CA SER A 33 11.55 -8.87 -9.31
C SER A 33 12.53 -8.19 -8.35
N GLY A 34 13.72 -7.86 -8.83
CA GLY A 34 14.73 -7.26 -7.98
C GLY A 34 14.57 -5.75 -7.78
N ALA A 35 15.23 -4.96 -8.61
CA ALA A 35 15.31 -3.50 -8.44
C ALA A 35 13.93 -2.82 -8.37
N THR A 36 13.04 -3.13 -9.32
CA THR A 36 11.73 -2.46 -9.39
C THR A 36 10.94 -2.60 -8.09
N SER A 37 10.90 -3.81 -7.54
CA SER A 37 10.18 -4.07 -6.28
C SER A 37 10.80 -3.30 -5.12
N ARG A 38 12.14 -3.32 -5.04
CA ARG A 38 12.85 -2.64 -3.96
C ARG A 38 12.65 -1.12 -4.00
N LYS A 39 12.94 -0.50 -5.15
CA LYS A 39 12.77 0.95 -5.30
C LYS A 39 11.34 1.38 -4.96
N ALA A 40 10.37 0.56 -5.36
CA ALA A 40 8.96 0.83 -5.05
C ALA A 40 8.69 0.68 -3.54
N LEU A 41 9.20 -0.40 -2.95
CA LEU A 41 8.98 -0.67 -1.53
C LEU A 41 9.62 0.40 -0.62
N GLU A 42 10.85 0.80 -0.93
CA GLU A 42 11.52 1.85 -0.14
C GLU A 42 10.82 3.19 -0.32
N THR A 43 10.28 3.44 -1.52
CA THR A 43 9.43 4.62 -1.76
C THR A 43 8.19 4.56 -0.86
N LEU A 44 7.53 3.40 -0.82
CA LEU A 44 6.38 3.18 0.05
C LEU A 44 6.71 3.52 1.51
N ARG A 45 7.95 3.32 1.92
CA ARG A 45 8.36 3.63 3.29
C ARG A 45 8.45 5.16 3.51
N ARG A 46 9.24 5.84 2.67
CA ARG A 46 9.43 7.28 2.81
C ARG A 46 8.13 8.08 2.59
N VAL A 47 7.34 7.73 1.57
CA VAL A 47 6.09 8.44 1.30
C VAL A 47 4.91 7.86 2.10
N GLY A 48 4.92 6.54 2.33
CA GLY A 48 3.81 5.90 3.00
C GLY A 48 3.68 6.31 4.47
N ASP A 49 4.80 6.28 5.19
CA ASP A 49 4.82 6.72 6.59
C ASP A 49 4.34 8.18 6.71
N GLY A 50 4.95 9.06 5.91
CA GLY A 50 4.55 10.47 5.90
C GLY A 50 3.06 10.66 5.64
N VAL A 51 2.55 10.05 4.57
CA VAL A 51 1.13 10.12 4.22
C VAL A 51 0.24 9.59 5.36
N GLN A 52 0.63 8.47 5.95
CA GLN A 52 -0.10 7.88 7.09
C GLN A 52 -0.27 8.89 8.23
N ARG A 53 0.82 9.58 8.57
CA ARG A 53 0.82 10.47 9.74
C ARG A 53 -0.10 11.70 9.55
N ASN A 54 -0.16 12.27 8.34
CA ASN A 54 -1.06 13.40 8.09
C ASN A 54 -2.49 12.93 7.71
N HIS A 55 -2.62 11.70 7.23
CA HIS A 55 -3.93 11.11 6.93
C HIS A 55 -4.55 10.43 8.18
N GLU A 56 -3.71 10.07 9.15
CA GLU A 56 -4.14 9.37 10.36
C GLU A 56 -5.33 10.05 11.05
N THR A 57 -5.22 11.37 11.25
CA THR A 57 -6.30 12.14 11.91
C THR A 57 -7.65 11.98 11.18
N ALA A 58 -7.60 11.73 9.88
CA ALA A 58 -8.81 11.48 9.09
C ALA A 58 -9.28 10.02 9.19
N PHE A 59 -8.32 9.09 9.23
CA PHE A 59 -8.64 7.65 9.26
C PHE A 59 -9.11 7.17 10.66
N GLN A 60 -8.58 7.79 11.71
CA GLN A 60 -8.90 7.41 13.10
C GLN A 60 -10.41 7.21 13.33
N GLY A 61 -11.19 8.25 13.05
CA GLY A 61 -12.64 8.20 13.26
C GLY A 61 -13.35 7.10 12.49
N MET A 62 -12.75 6.63 11.39
CA MET A 62 -13.33 5.54 10.63
C MET A 62 -12.85 4.20 11.21
N LEU A 63 -11.60 4.19 11.64
CA LEU A 63 -10.98 2.99 12.22
C LEU A 63 -11.75 2.52 13.46
N ARG A 64 -12.31 3.48 14.19
CA ARG A 64 -13.09 3.19 15.40
C ARG A 64 -14.38 2.42 15.08
N LYS A 65 -15.08 2.82 14.02
CA LYS A 65 -16.30 2.12 13.60
C LYS A 65 -15.97 0.80 12.88
N LEU A 66 -14.71 0.67 12.45
CA LEU A 66 -14.21 -0.56 11.82
C LEU A 66 -13.83 -1.61 12.89
N ASP A 67 -12.62 -1.46 13.45
CA ASP A 67 -12.04 -2.45 14.38
C ASP A 67 -12.19 -3.89 13.85
N ILE A 68 -11.21 -4.35 13.09
CA ILE A 68 -11.27 -5.66 12.45
C ILE A 68 -11.19 -6.81 13.49
N LYS A 69 -12.35 -7.41 13.78
CA LYS A 69 -12.41 -8.51 14.74
C LYS A 69 -12.34 -9.89 14.05
N ASN A 70 -12.47 -9.91 12.71
CA ASN A 70 -12.30 -11.14 11.94
C ASN A 70 -12.09 -10.86 10.45
N GLU A 71 -11.82 -11.93 9.68
CA GLU A 71 -11.57 -11.83 8.23
C GLU A 71 -12.66 -11.02 7.50
N ASP A 72 -13.91 -11.18 7.93
CA ASP A 72 -15.04 -10.51 7.27
C ASP A 72 -14.85 -8.99 7.23
N ASP A 73 -14.33 -8.40 8.31
CA ASP A 73 -14.05 -6.97 8.35
C ASP A 73 -13.00 -6.58 7.31
N VAL A 74 -12.02 -7.46 7.10
CA VAL A 74 -11.00 -7.28 6.07
C VAL A 74 -11.64 -7.25 4.67
N LYS A 75 -12.54 -8.20 4.42
CA LYS A 75 -13.29 -8.23 3.17
C LYS A 75 -14.19 -6.98 3.03
N SER A 76 -14.65 -6.45 4.17
CA SER A 76 -15.37 -5.17 4.21
C SER A 76 -14.44 -4.00 3.83
N LEU A 77 -13.20 -4.06 4.32
CA LEU A 77 -12.18 -3.06 3.98
C LEU A 77 -11.94 -3.02 2.46
N SER A 78 -12.02 -4.18 1.81
CA SER A 78 -11.89 -4.26 0.35
C SER A 78 -12.84 -3.29 -0.35
N ARG A 79 -14.04 -3.13 0.21
CA ARG A 79 -15.02 -2.16 -0.30
C ARG A 79 -14.50 -0.72 -0.15
N VAL A 80 -14.02 -0.38 1.04
CA VAL A 80 -13.42 0.95 1.27
C VAL A 80 -12.29 1.20 0.27
N MET A 81 -11.49 0.18 0.01
CA MET A 81 -10.39 0.24 -0.96
C MET A 81 -10.92 0.56 -2.37
N ILE A 82 -12.07 -0.02 -2.73
CA ILE A 82 -12.74 0.28 -3.98
C ILE A 82 -13.14 1.78 -4.03
N HIS A 83 -13.58 2.31 -2.89
CA HIS A 83 -13.88 3.75 -2.78
C HIS A 83 -12.62 4.61 -2.87
N VAL A 84 -11.48 4.05 -2.44
CA VAL A 84 -10.19 4.75 -2.59
C VAL A 84 -9.85 5.00 -4.07
N PHE A 85 -10.26 4.08 -4.94
CA PHE A 85 -10.06 4.23 -6.39
C PHE A 85 -11.32 4.79 -7.08
N SER A 86 -12.24 5.35 -6.29
CA SER A 86 -13.44 6.00 -6.84
C SER A 86 -13.06 7.30 -7.55
N ASP A 87 -12.00 7.93 -7.08
CA ASP A 87 -11.45 9.13 -7.72
C ASP A 87 -10.82 8.80 -9.08
N GLY A 88 -11.52 9.14 -10.17
CA GLY A 88 -11.02 8.89 -11.51
C GLY A 88 -9.90 9.84 -11.92
N VAL A 89 -8.75 9.72 -11.26
CA VAL A 89 -7.58 10.57 -11.54
C VAL A 89 -6.30 9.73 -11.69
N THR A 90 -5.45 10.12 -12.63
CA THR A 90 -4.22 9.37 -12.95
C THR A 90 -3.08 9.61 -11.92
N ASN A 91 -3.39 10.36 -10.86
CA ASN A 91 -2.38 10.67 -9.83
C ASN A 91 -2.08 9.45 -8.94
N TRP A 92 -0.82 8.99 -8.98
CA TRP A 92 -0.40 7.81 -8.22
C TRP A 92 -0.57 7.98 -6.70
N GLY A 93 -0.87 9.20 -6.25
CA GLY A 93 -1.15 9.45 -4.83
C GLY A 93 -2.31 8.60 -4.31
N ARG A 94 -3.21 8.18 -5.20
CA ARG A 94 -4.31 7.29 -4.84
C ARG A 94 -3.80 5.88 -4.52
N ILE A 95 -2.77 5.43 -5.24
CA ILE A 95 -2.09 4.17 -4.95
C ILE A 95 -1.46 4.21 -3.55
N VAL A 96 -0.78 5.32 -3.26
CA VAL A 96 -0.21 5.56 -1.93
C VAL A 96 -1.30 5.48 -0.86
N THR A 97 -2.43 6.15 -1.09
CA THR A 97 -3.56 6.14 -0.14
C THR A 97 -4.01 4.71 0.18
N LEU A 98 -4.11 3.87 -0.86
CA LEU A 98 -4.53 2.47 -0.70
C LEU A 98 -3.61 1.70 0.26
N ILE A 99 -2.32 1.71 -0.05
CA ILE A 99 -1.32 0.99 0.74
C ILE A 99 -1.08 1.66 2.10
N SER A 100 -1.21 2.99 2.13
CA SER A 100 -1.08 3.78 3.35
C SER A 100 -2.13 3.39 4.38
N PHE A 101 -3.41 3.39 3.97
CA PHE A 101 -4.50 3.00 4.85
C PHE A 101 -4.38 1.53 5.28
N GLY A 102 -3.91 0.68 4.36
CA GLY A 102 -3.66 -0.72 4.68
C GLY A 102 -2.64 -0.90 5.81
N ALA A 103 -1.51 -0.21 5.68
CA ALA A 103 -0.47 -0.24 6.72
C ALA A 103 -0.96 0.40 8.02
N PHE A 104 -1.76 1.46 7.89
CA PHE A 104 -2.34 2.13 9.05
C PHE A 104 -3.23 1.18 9.86
N VAL A 105 -4.11 0.44 9.17
CA VAL A 105 -4.95 -0.57 9.83
C VAL A 105 -4.08 -1.69 10.40
N ALA A 106 -3.01 -2.05 9.68
CA ALA A 106 -2.05 -3.05 10.14
C ALA A 106 -1.47 -2.69 11.52
N LYS A 107 -1.20 -1.40 11.74
CA LYS A 107 -0.75 -0.91 13.05
C LYS A 107 -1.76 -1.28 14.14
N HIS A 108 -3.03 -0.99 13.87
CA HIS A 108 -4.12 -1.27 14.82
C HIS A 108 -4.25 -2.78 15.07
N LEU A 109 -4.15 -3.58 14.01
CA LEU A 109 -4.23 -5.05 14.11
C LEU A 109 -3.09 -5.62 14.96
N LYS A 110 -1.88 -5.21 14.64
CA LYS A 110 -0.67 -5.66 15.34
C LYS A 110 -0.74 -5.29 16.84
N THR A 111 -1.43 -4.18 17.12
CA THR A 111 -1.63 -3.72 18.50
C THR A 111 -2.71 -4.53 19.23
N ILE A 112 -3.87 -4.72 18.61
CA ILE A 112 -5.02 -5.40 19.25
C ILE A 112 -4.92 -6.94 19.13
N ASN A 113 -3.70 -7.46 18.96
CA ASN A 113 -3.44 -8.91 18.89
C ASN A 113 -4.15 -9.58 17.69
N GLN A 114 -4.56 -8.77 16.71
CA GLN A 114 -5.17 -9.27 15.47
C GLN A 114 -4.16 -9.25 14.32
N GLU A 115 -2.88 -9.45 14.66
CA GLU A 115 -1.77 -9.32 13.71
C GLU A 115 -1.93 -10.27 12.50
N SER A 116 -2.51 -11.44 12.73
CA SER A 116 -2.75 -12.42 11.65
C SER A 116 -3.58 -11.80 10.51
N SER A 117 -4.48 -10.88 10.85
CA SER A 117 -5.35 -10.21 9.88
C SER A 117 -4.56 -9.39 8.85
N ILE A 118 -3.37 -8.93 9.24
CA ILE A 118 -2.52 -8.10 8.36
C ILE A 118 -2.23 -8.76 7.00
N GLU A 119 -1.90 -10.05 7.01
CA GLU A 119 -1.50 -10.75 5.79
C GLU A 119 -2.66 -10.83 4.75
N PRO A 120 -3.87 -11.34 5.12
CA PRO A 120 -5.03 -11.33 4.21
C PRO A 120 -5.47 -9.90 3.84
N LEU A 121 -5.23 -8.94 4.74
CA LEU A 121 -5.52 -7.53 4.47
C LEU A 121 -4.68 -7.05 3.27
N ALA A 122 -3.41 -7.47 3.22
CA ALA A 122 -2.54 -7.18 2.09
C ALA A 122 -3.09 -7.77 0.77
N GLU A 123 -3.76 -8.92 0.88
CA GLU A 123 -4.44 -9.54 -0.26
C GLU A 123 -5.61 -8.66 -0.74
N SER A 124 -6.38 -8.11 0.21
CA SER A 124 -7.47 -7.17 -0.12
C SER A 124 -6.93 -5.94 -0.86
N ILE A 125 -5.82 -5.38 -0.35
CA ILE A 125 -5.16 -4.24 -0.99
C ILE A 125 -4.77 -4.56 -2.45
N THR A 126 -4.06 -5.67 -2.62
CA THR A 126 -3.58 -6.09 -3.95
C THR A 126 -4.75 -6.48 -4.88
N ASP A 127 -5.77 -7.12 -4.32
CA ASP A 127 -6.94 -7.55 -5.10
C ASP A 127 -7.63 -6.34 -5.75
N VAL A 128 -7.94 -5.32 -4.95
CA VAL A 128 -8.58 -4.10 -5.47
C VAL A 128 -7.64 -3.36 -6.45
N LEU A 129 -6.34 -3.34 -6.11
CA LEU A 129 -5.33 -2.74 -6.99
C LEU A 129 -5.37 -3.38 -8.39
N VAL A 130 -5.30 -4.71 -8.43
CA VAL A 130 -5.34 -5.48 -9.68
C VAL A 130 -6.76 -5.47 -10.29
N ARG A 131 -7.78 -5.41 -9.44
CA ARG A 131 -9.19 -5.48 -9.88
C ARG A 131 -9.53 -4.40 -10.92
N THR A 132 -8.86 -3.25 -10.83
CA THR A 132 -9.16 -2.12 -11.72
C THR A 132 -7.91 -1.52 -12.39
N LYS A 133 -6.74 -1.57 -11.73
CA LYS A 133 -5.51 -1.01 -12.32
C LYS A 133 -4.46 -2.08 -12.67
N ARG A 134 -4.91 -3.32 -12.90
CA ARG A 134 -3.99 -4.42 -13.27
C ARG A 134 -3.13 -4.07 -14.49
N ASP A 135 -3.80 -3.91 -15.62
CA ASP A 135 -3.14 -3.71 -16.91
C ASP A 135 -2.31 -2.43 -16.90
N TRP A 136 -2.76 -1.43 -16.15
CA TRP A 136 -2.03 -0.16 -16.02
C TRP A 136 -0.71 -0.35 -15.24
N LEU A 137 -0.73 -1.24 -14.24
CA LEU A 137 0.49 -1.58 -13.49
C LEU A 137 1.61 -2.04 -14.43
N VAL A 138 1.30 -2.91 -15.38
CA VAL A 138 2.31 -3.39 -16.35
C VAL A 138 2.56 -2.35 -17.47
N LYS A 139 1.49 -1.76 -18.02
CA LYS A 139 1.61 -0.79 -19.13
C LYS A 139 2.43 0.45 -18.72
N GLN A 140 2.00 1.14 -17.67
CA GLN A 140 2.67 2.36 -17.22
C GLN A 140 3.80 2.05 -16.24
N ARG A 141 4.01 0.77 -15.97
CA ARG A 141 5.04 0.33 -15.03
C ARG A 141 4.80 0.94 -13.65
N GLY A 142 3.65 0.60 -13.07
CA GLY A 142 3.21 1.20 -11.80
C GLY A 142 4.31 1.34 -10.76
N TRP A 143 5.02 0.25 -10.48
CA TRP A 143 6.05 0.25 -9.43
C TRP A 143 7.31 1.04 -9.84
N ASP A 144 7.51 1.23 -11.14
CA ASP A 144 8.61 2.06 -11.65
C ASP A 144 8.20 3.55 -11.69
N GLY A 145 7.12 3.84 -12.41
CA GLY A 145 6.59 5.20 -12.51
C GLY A 145 6.24 5.79 -11.14
N PHE A 146 5.82 4.94 -10.22
CA PHE A 146 5.55 5.33 -8.84
C PHE A 146 6.78 6.01 -8.20
N VAL A 147 7.96 5.48 -8.53
CA VAL A 147 9.22 5.99 -7.98
C VAL A 147 9.62 7.34 -8.59
N GLU A 148 9.48 7.48 -9.92
CA GLU A 148 9.83 8.73 -10.61
C GLU A 148 8.81 9.85 -10.33
N PHE A 149 7.53 9.47 -10.18
CA PHE A 149 6.45 10.44 -9.93
C PHE A 149 6.75 11.27 -8.66
N PHE A 150 7.12 10.60 -7.58
CA PHE A 150 7.52 11.26 -6.34
C PHE A 150 8.99 11.70 -6.39
N HIS A 151 9.70 11.31 -7.44
CA HIS A 151 11.10 11.71 -7.68
C HIS A 151 12.03 11.23 -6.55
N VAL A 152 11.93 9.95 -6.23
CA VAL A 152 12.71 9.34 -5.16
C VAL A 152 14.21 9.25 -5.50
N GLU A 153 14.51 9.15 -6.79
CA GLU A 153 15.90 9.04 -7.27
C GLU A 153 16.19 10.03 -8.40
N ASP A 154 15.24 10.92 -8.66
CA ASP A 154 15.28 11.81 -9.82
C ASP A 154 15.69 13.24 -9.44
N LEU A 155 16.80 13.72 -10.03
CA LEU A 155 17.20 15.13 -9.88
C LEU A 155 16.19 16.06 -10.59
N GLU A 156 15.46 15.50 -11.55
CA GLU A 156 14.43 16.23 -12.30
C GLU A 156 13.11 16.32 -11.51
N GLY A 157 13.18 16.88 -10.31
CA GLY A 157 11.99 17.08 -9.50
C GLY A 157 12.24 17.00 -8.00
N GLY A 158 11.65 17.93 -7.24
CA GLY A 158 11.80 17.95 -5.79
C GLY A 158 10.64 17.28 -5.06
N HIS A 159 10.28 17.81 -3.89
CA HIS A 159 9.18 17.25 -3.10
C HIS A 159 7.82 17.89 -3.46
N HIS A 160 6.93 17.07 -4.00
CA HIS A 160 5.60 17.53 -4.43
C HIS A 160 4.76 18.07 -3.25
N HIS A 161 4.55 17.22 -2.25
CA HIS A 161 3.78 17.61 -1.06
C HIS A 161 4.13 16.72 0.13
N HIS A 162 4.12 17.29 1.33
CA HIS A 162 4.47 16.53 2.55
C HIS A 162 3.71 17.08 3.77
N HIS A 163 3.97 16.49 4.95
CA HIS A 163 3.35 16.96 6.19
C HIS A 163 4.11 18.17 6.78
N HIS A 164 3.46 19.33 6.83
CA HIS A 164 4.09 20.53 7.41
C HIS A 164 4.33 20.36 8.93
N MET A 1 -0.54 -18.10 -8.30
CA MET A 1 -1.44 -18.04 -9.50
C MET A 1 -1.78 -16.59 -9.89
N GLU A 2 -1.06 -15.63 -9.30
CA GLU A 2 -1.38 -14.20 -9.52
C GLU A 2 -0.70 -13.65 -10.78
N ASP A 3 -1.26 -12.57 -11.32
CA ASP A 3 -0.66 -11.84 -12.45
C ASP A 3 0.79 -11.40 -12.12
N GLU A 4 1.63 -11.30 -13.14
CA GLU A 4 3.05 -10.91 -12.94
C GLU A 4 3.16 -9.55 -12.24
N LEU A 5 2.38 -8.57 -12.70
CA LEU A 5 2.34 -7.24 -12.09
C LEU A 5 1.71 -7.29 -10.70
N TYR A 6 0.73 -8.19 -10.53
CA TYR A 6 0.12 -8.42 -9.21
C TYR A 6 1.20 -8.89 -8.21
N ARG A 7 2.02 -9.85 -8.63
CA ARG A 7 3.10 -10.38 -7.79
C ARG A 7 4.06 -9.27 -7.33
N GLN A 8 4.54 -8.45 -8.28
CA GLN A 8 5.43 -7.34 -7.93
C GLN A 8 4.76 -6.33 -6.99
N SER A 9 3.54 -5.93 -7.35
CA SER A 9 2.76 -5.02 -6.49
C SER A 9 2.51 -5.66 -5.12
N LEU A 10 2.39 -6.99 -5.10
CA LEU A 10 2.17 -7.73 -3.85
C LEU A 10 3.44 -7.78 -2.98
N GLU A 11 4.60 -8.08 -3.58
CA GLU A 11 5.85 -8.17 -2.81
C GLU A 11 6.13 -6.85 -2.07
N ILE A 12 5.93 -5.73 -2.77
CA ILE A 12 6.14 -4.39 -2.20
C ILE A 12 5.15 -4.10 -1.05
N ILE A 13 3.85 -4.23 -1.32
CA ILE A 13 2.81 -3.94 -0.32
C ILE A 13 2.85 -4.94 0.85
N SER A 14 2.86 -6.23 0.52
CA SER A 14 2.90 -7.30 1.54
C SER A 14 4.01 -7.08 2.56
N ARG A 15 5.23 -6.85 2.07
CA ARG A 15 6.35 -6.53 2.96
C ARG A 15 6.07 -5.29 3.80
N TYR A 16 5.57 -4.22 3.17
CA TYR A 16 5.33 -2.96 3.87
C TYR A 16 4.45 -3.15 5.12
N LEU A 17 3.39 -3.95 5.01
CA LEU A 17 2.53 -4.26 6.15
C LEU A 17 3.30 -5.00 7.25
N ARG A 18 4.14 -5.96 6.86
CA ARG A 18 5.01 -6.66 7.84
C ARG A 18 5.99 -5.68 8.51
N GLU A 19 6.66 -4.85 7.70
CA GLU A 19 7.60 -3.85 8.20
C GLU A 19 6.94 -2.94 9.26
N GLN A 20 5.75 -2.46 8.94
CA GLN A 20 5.03 -1.50 9.79
C GLN A 20 4.41 -2.17 11.04
N ALA A 21 3.80 -3.34 10.85
CA ALA A 21 3.13 -4.05 11.95
C ALA A 21 4.12 -4.57 12.99
N THR A 22 5.25 -5.10 12.54
CA THR A 22 6.26 -5.68 13.46
C THR A 22 7.22 -4.61 13.97
N GLY A 23 7.45 -3.57 13.18
CA GLY A 23 8.35 -2.50 13.58
C GLY A 23 9.82 -2.82 13.30
N ALA A 24 10.06 -3.95 12.63
CA ALA A 24 11.42 -4.38 12.29
C ALA A 24 11.62 -4.49 10.77
N LYS A 25 12.48 -3.65 10.23
CA LYS A 25 12.80 -3.69 8.80
C LYS A 25 13.70 -4.88 8.46
N ASP A 26 13.30 -5.67 7.46
CA ASP A 26 14.02 -6.91 7.12
C ASP A 26 14.89 -6.74 5.85
N THR A 27 15.95 -7.53 5.75
CA THR A 27 16.89 -7.48 4.62
C THR A 27 16.54 -8.51 3.53
N LYS A 28 15.45 -9.25 3.72
CA LYS A 28 14.97 -10.23 2.72
C LYS A 28 14.84 -9.59 1.32
N PRO A 29 15.26 -10.33 0.26
CA PRO A 29 15.22 -9.85 -1.13
C PRO A 29 13.78 -9.65 -1.67
N MET A 30 13.11 -8.60 -1.20
CA MET A 30 11.77 -8.20 -1.67
C MET A 30 10.83 -9.38 -1.98
N GLY A 31 10.87 -9.84 -3.24
CA GLY A 31 10.05 -10.96 -3.66
C GLY A 31 10.37 -11.43 -5.08
N ARG A 32 10.42 -10.49 -6.01
CA ARG A 32 10.76 -10.77 -7.41
C ARG A 32 11.71 -9.72 -7.99
N SER A 33 11.23 -8.48 -8.08
CA SER A 33 11.97 -7.40 -8.75
C SER A 33 13.02 -6.74 -7.85
N GLY A 34 13.85 -5.88 -8.44
CA GLY A 34 14.95 -5.25 -7.71
C GLY A 34 14.76 -3.75 -7.49
N ALA A 35 15.30 -2.94 -8.39
CA ALA A 35 15.29 -1.47 -8.25
C ALA A 35 13.89 -0.91 -7.98
N THR A 36 12.90 -1.31 -8.78
CA THR A 36 11.53 -0.80 -8.64
C THR A 36 10.90 -1.22 -7.31
N SER A 37 11.15 -2.46 -6.90
CA SER A 37 10.64 -2.98 -5.63
C SER A 37 11.26 -2.24 -4.44
N ARG A 38 12.58 -2.00 -4.50
CA ARG A 38 13.29 -1.30 -3.41
C ARG A 38 12.87 0.16 -3.33
N LYS A 39 12.96 0.88 -4.46
CA LYS A 39 12.65 2.31 -4.50
C LYS A 39 11.23 2.56 -3.97
N ALA A 40 10.29 1.68 -4.30
CA ALA A 40 8.91 1.77 -3.81
C ALA A 40 8.84 1.53 -2.29
N LEU A 41 9.40 0.40 -1.84
CA LEU A 41 9.31 0.02 -0.42
C LEU A 41 9.93 1.06 0.53
N GLU A 42 11.07 1.63 0.12
CA GLU A 42 11.75 2.64 0.95
C GLU A 42 11.00 3.99 0.93
N THR A 43 10.51 4.40 -0.24
CA THR A 43 9.75 5.65 -0.34
C THR A 43 8.38 5.54 0.35
N LEU A 44 7.78 4.35 0.30
CA LEU A 44 6.51 4.09 0.99
C LEU A 44 6.60 4.39 2.49
N ARG A 45 7.68 3.96 3.14
CA ARG A 45 7.89 4.25 4.57
C ARG A 45 8.40 5.68 4.78
N ARG A 46 9.18 6.18 3.81
CA ARG A 46 9.70 7.55 3.83
C ARG A 46 8.57 8.60 3.89
N VAL A 47 7.53 8.41 3.08
CA VAL A 47 6.34 9.28 3.13
C VAL A 47 5.28 8.72 4.09
N GLY A 48 5.20 7.39 4.16
CA GLY A 48 4.20 6.73 5.00
C GLY A 48 4.29 7.09 6.47
N ASP A 49 5.51 7.35 6.96
CA ASP A 49 5.70 7.78 8.35
C ASP A 49 4.83 9.01 8.69
N GLY A 50 4.99 10.07 7.90
CA GLY A 50 4.20 11.28 8.10
C GLY A 50 2.72 11.08 7.77
N VAL A 51 2.45 10.41 6.65
CA VAL A 51 1.07 10.17 6.19
C VAL A 51 0.23 9.43 7.24
N GLN A 52 0.79 8.37 7.83
CA GLN A 52 0.08 7.60 8.85
C GLN A 52 -0.24 8.44 10.10
N ARG A 53 0.59 9.46 10.37
CA ARG A 53 0.37 10.33 11.53
C ARG A 53 -0.88 11.21 11.35
N ASN A 54 -0.94 11.93 10.22
CA ASN A 54 -2.10 12.79 9.94
C ASN A 54 -3.34 11.98 9.52
N HIS A 55 -3.12 10.77 9.03
CA HIS A 55 -4.22 9.83 8.73
C HIS A 55 -4.68 9.08 9.99
N GLU A 56 -3.79 8.99 10.99
CA GLU A 56 -4.06 8.23 12.22
C GLU A 56 -5.41 8.61 12.85
N THR A 57 -5.58 9.90 13.14
CA THR A 57 -6.81 10.40 13.77
C THR A 57 -8.07 10.00 12.99
N ALA A 58 -7.99 10.03 11.66
CA ALA A 58 -9.12 9.69 10.79
C ALA A 58 -9.39 8.18 10.78
N PHE A 59 -8.32 7.39 10.64
CA PHE A 59 -8.43 5.93 10.62
C PHE A 59 -8.93 5.37 11.96
N GLN A 60 -8.44 5.95 13.07
CA GLN A 60 -8.87 5.54 14.42
C GLN A 60 -10.40 5.39 14.50
N GLY A 61 -11.12 6.45 14.14
CA GLY A 61 -12.58 6.44 14.17
C GLY A 61 -13.22 5.27 13.44
N MET A 62 -12.62 4.85 12.33
CA MET A 62 -13.14 3.71 11.56
C MET A 62 -12.77 2.37 12.21
N LEU A 63 -11.51 2.24 12.63
CA LEU A 63 -11.03 1.01 13.29
C LEU A 63 -11.84 0.70 14.56
N ARG A 64 -12.29 1.74 15.26
CA ARG A 64 -13.15 1.60 16.44
C ARG A 64 -14.47 0.87 16.09
N LYS A 65 -14.97 1.12 14.88
CA LYS A 65 -16.18 0.46 14.39
C LYS A 65 -15.85 -0.91 13.77
N LEU A 66 -14.71 -0.98 13.06
CA LEU A 66 -14.28 -2.21 12.40
C LEU A 66 -13.84 -3.28 13.41
N ASP A 67 -12.63 -3.10 13.97
CA ASP A 67 -11.99 -4.12 14.82
C ASP A 67 -12.14 -5.53 14.21
N ILE A 68 -11.22 -5.88 13.32
CA ILE A 68 -11.30 -7.14 12.57
C ILE A 68 -11.28 -8.37 13.50
N LYS A 69 -12.44 -9.01 13.64
CA LYS A 69 -12.58 -10.21 14.49
C LYS A 69 -12.65 -11.50 13.67
N ASN A 70 -12.71 -11.39 12.34
CA ASN A 70 -12.69 -12.57 11.46
C ASN A 70 -12.35 -12.17 10.00
N GLU A 71 -12.16 -13.19 9.15
CA GLU A 71 -11.81 -12.98 7.73
C GLU A 71 -12.82 -12.05 7.02
N ASP A 72 -14.08 -12.18 7.39
CA ASP A 72 -15.16 -11.35 6.81
C ASP A 72 -14.82 -9.85 6.87
N ASP A 73 -14.27 -9.40 7.99
CA ASP A 73 -13.89 -7.99 8.14
C ASP A 73 -12.85 -7.57 7.10
N VAL A 74 -11.89 -8.45 6.83
CA VAL A 74 -10.85 -8.18 5.83
C VAL A 74 -11.48 -7.99 4.43
N LYS A 75 -12.45 -8.83 4.11
CA LYS A 75 -13.19 -8.72 2.85
C LYS A 75 -14.10 -7.48 2.85
N SER A 76 -14.55 -7.09 4.04
CA SER A 76 -15.28 -5.82 4.20
C SER A 76 -14.35 -4.62 3.97
N LEU A 77 -13.10 -4.76 4.41
CA LEU A 77 -12.07 -3.74 4.15
C LEU A 77 -11.85 -3.57 2.65
N SER A 78 -11.88 -4.67 1.90
CA SER A 78 -11.75 -4.65 0.43
C SER A 78 -12.76 -3.67 -0.18
N ARG A 79 -13.97 -3.63 0.38
CA ARG A 79 -15.01 -2.70 -0.08
C ARG A 79 -14.59 -1.24 0.19
N VAL A 80 -13.97 -1.00 1.36
CA VAL A 80 -13.41 0.32 1.69
C VAL A 80 -12.25 0.68 0.75
N MET A 81 -11.42 -0.32 0.45
CA MET A 81 -10.29 -0.14 -0.47
C MET A 81 -10.77 0.37 -1.84
N ILE A 82 -11.94 -0.12 -2.26
CA ILE A 82 -12.61 0.38 -3.46
C ILE A 82 -12.98 1.87 -3.31
N HIS A 83 -13.45 2.24 -2.11
CA HIS A 83 -13.80 3.64 -1.82
C HIS A 83 -12.57 4.56 -1.85
N VAL A 84 -11.40 4.03 -1.47
CA VAL A 84 -10.16 4.81 -1.50
C VAL A 84 -9.89 5.40 -2.89
N PHE A 85 -10.15 4.62 -3.94
CA PHE A 85 -9.98 5.08 -5.31
C PHE A 85 -11.22 5.83 -5.84
N SER A 86 -12.28 5.85 -5.03
CA SER A 86 -13.52 6.57 -5.39
C SER A 86 -13.42 8.06 -5.04
N ASP A 87 -12.36 8.43 -4.32
CA ASP A 87 -12.09 9.82 -3.93
C ASP A 87 -12.19 10.80 -5.11
N GLY A 88 -11.84 10.33 -6.31
CA GLY A 88 -11.92 11.16 -7.50
C GLY A 88 -10.56 11.39 -8.15
N VAL A 89 -9.73 12.23 -7.54
CA VAL A 89 -8.38 12.50 -8.04
C VAL A 89 -7.43 11.31 -7.76
N THR A 90 -7.67 10.19 -8.45
CA THR A 90 -6.87 8.98 -8.26
C THR A 90 -5.43 9.17 -8.78
N ASN A 91 -4.57 9.74 -7.94
CA ASN A 91 -3.16 9.91 -8.25
C ASN A 91 -2.29 8.97 -7.41
N TRP A 92 -0.97 9.08 -7.56
CA TRP A 92 -0.03 8.23 -6.81
C TRP A 92 -0.13 8.49 -5.30
N GLY A 93 -0.58 9.70 -4.93
CA GLY A 93 -0.87 9.98 -3.54
C GLY A 93 -1.98 9.10 -2.96
N ARG A 94 -2.90 8.67 -3.82
CA ARG A 94 -3.98 7.76 -3.40
C ARG A 94 -3.45 6.34 -3.16
N ILE A 95 -2.42 5.96 -3.92
CA ILE A 95 -1.74 4.68 -3.69
C ILE A 95 -1.17 4.63 -2.27
N VAL A 96 -0.54 5.74 -1.86
CA VAL A 96 -0.05 5.90 -0.49
C VAL A 96 -1.20 5.77 0.52
N THR A 97 -2.34 6.41 0.21
CA THR A 97 -3.54 6.34 1.05
C THR A 97 -3.95 4.87 1.29
N LEU A 98 -4.06 4.11 0.21
CA LEU A 98 -4.45 2.69 0.26
C LEU A 98 -3.48 1.85 1.11
N ILE A 99 -2.20 1.91 0.76
CA ILE A 99 -1.17 1.10 1.44
C ILE A 99 -1.00 1.49 2.92
N SER A 100 -1.01 2.81 3.18
CA SER A 100 -0.88 3.32 4.56
C SER A 100 -2.01 2.80 5.45
N PHE A 101 -3.23 2.80 4.92
CA PHE A 101 -4.39 2.28 5.66
C PHE A 101 -4.23 0.78 5.96
N GLY A 102 -3.78 0.02 4.96
CA GLY A 102 -3.52 -1.42 5.16
C GLY A 102 -2.51 -1.70 6.26
N ALA A 103 -1.40 -0.95 6.26
CA ALA A 103 -0.35 -1.10 7.28
C ALA A 103 -0.83 -0.61 8.66
N PHE A 104 -1.58 0.50 8.67
CA PHE A 104 -2.12 1.06 9.90
C PHE A 104 -3.08 0.06 10.59
N VAL A 105 -3.94 -0.58 9.80
CA VAL A 105 -4.83 -1.62 10.31
C VAL A 105 -4.03 -2.82 10.82
N ALA A 106 -2.96 -3.17 10.09
CA ALA A 106 -2.07 -4.28 10.48
C ALA A 106 -1.57 -4.11 11.93
N LYS A 107 -1.19 -2.88 12.30
CA LYS A 107 -0.81 -2.57 13.69
C LYS A 107 -1.95 -2.92 14.67
N HIS A 108 -3.16 -2.47 14.36
CA HIS A 108 -4.33 -2.74 15.19
C HIS A 108 -4.62 -4.25 15.26
N LEU A 109 -4.37 -4.95 14.14
CA LEU A 109 -4.54 -6.41 14.09
C LEU A 109 -3.60 -7.11 15.06
N LYS A 110 -2.32 -6.75 15.01
CA LYS A 110 -1.32 -7.35 15.88
C LYS A 110 -1.67 -7.16 17.36
N THR A 111 -2.15 -5.97 17.71
CA THR A 111 -2.57 -5.65 19.08
C THR A 111 -3.71 -6.57 19.56
N ILE A 112 -4.67 -6.85 18.69
CA ILE A 112 -5.80 -7.73 19.03
C ILE A 112 -5.56 -9.19 18.60
N ASN A 113 -4.27 -9.56 18.46
CA ASN A 113 -3.85 -10.96 18.17
C ASN A 113 -4.21 -11.40 16.73
N GLN A 114 -4.79 -10.50 15.95
CA GLN A 114 -5.27 -10.83 14.59
C GLN A 114 -4.16 -10.68 13.53
N GLU A 115 -2.92 -11.02 13.90
CA GLU A 115 -1.79 -10.98 12.93
C GLU A 115 -2.07 -11.85 11.69
N SER A 116 -2.81 -12.94 11.88
CA SER A 116 -3.21 -13.81 10.77
C SER A 116 -3.92 -13.03 9.66
N SER A 117 -4.66 -11.99 10.06
CA SER A 117 -5.42 -11.15 9.13
C SER A 117 -4.51 -10.29 8.24
N ILE A 118 -3.31 -9.95 8.75
CA ILE A 118 -2.37 -9.10 8.02
C ILE A 118 -2.04 -9.65 6.62
N GLU A 119 -1.87 -10.97 6.52
CA GLU A 119 -1.47 -11.61 5.26
C GLU A 119 -2.52 -11.47 4.15
N PRO A 120 -3.79 -11.91 4.36
CA PRO A 120 -4.87 -11.72 3.36
C PRO A 120 -5.22 -10.23 3.16
N LEU A 121 -5.02 -9.43 4.20
CA LEU A 121 -5.23 -7.98 4.09
C LEU A 121 -4.24 -7.37 3.09
N ALA A 122 -2.97 -7.77 3.20
CA ALA A 122 -1.94 -7.35 2.25
C ALA A 122 -2.33 -7.72 0.81
N GLU A 123 -2.94 -8.90 0.66
CA GLU A 123 -3.40 -9.38 -0.66
C GLU A 123 -4.59 -8.55 -1.18
N SER A 124 -5.50 -8.15 -0.28
CA SER A 124 -6.67 -7.33 -0.68
C SER A 124 -6.25 -5.98 -1.26
N ILE A 125 -5.24 -5.37 -0.64
CA ILE A 125 -4.69 -4.09 -1.12
C ILE A 125 -4.30 -4.20 -2.61
N THR A 126 -3.49 -5.21 -2.93
CA THR A 126 -3.06 -5.45 -4.31
C THR A 126 -4.23 -5.95 -5.18
N ASP A 127 -5.14 -6.71 -4.58
CA ASP A 127 -6.31 -7.24 -5.30
C ASP A 127 -7.17 -6.11 -5.90
N VAL A 128 -7.56 -5.16 -5.07
CA VAL A 128 -8.35 -4.00 -5.52
C VAL A 128 -7.53 -3.14 -6.49
N LEU A 129 -6.26 -2.94 -6.15
CA LEU A 129 -5.33 -2.17 -6.99
C LEU A 129 -5.28 -2.71 -8.43
N VAL A 130 -5.06 -4.02 -8.56
CA VAL A 130 -4.96 -4.69 -9.86
C VAL A 130 -6.35 -4.88 -10.49
N ARG A 131 -7.38 -4.98 -9.66
CA ARG A 131 -8.77 -5.17 -10.11
C ARG A 131 -9.24 -4.01 -11.02
N THR A 132 -8.66 -2.82 -10.84
CA THR A 132 -9.06 -1.65 -11.64
C THR A 132 -7.86 -0.87 -12.25
N LYS A 133 -6.77 -0.68 -11.50
CA LYS A 133 -5.64 0.15 -11.98
C LYS A 133 -4.43 -0.68 -12.47
N ARG A 134 -4.63 -1.95 -12.82
CA ARG A 134 -3.52 -2.78 -13.34
C ARG A 134 -2.86 -2.15 -14.56
N ASP A 135 -3.67 -1.77 -15.55
CA ASP A 135 -3.16 -1.16 -16.77
C ASP A 135 -2.35 0.13 -16.47
N TRP A 136 -2.89 0.96 -15.60
CA TRP A 136 -2.24 2.22 -15.23
C TRP A 136 -0.89 1.97 -14.52
N LEU A 137 -0.84 0.93 -13.69
CA LEU A 137 0.40 0.55 -12.98
C LEU A 137 1.56 0.29 -13.97
N VAL A 138 1.30 -0.52 -14.98
CA VAL A 138 2.35 -0.85 -15.97
C VAL A 138 2.56 0.28 -17.00
N LYS A 139 1.47 0.88 -17.47
CA LYS A 139 1.55 1.95 -18.47
C LYS A 139 2.19 3.23 -17.91
N GLN A 140 1.55 3.82 -16.91
CA GLN A 140 2.05 5.07 -16.31
C GLN A 140 3.19 4.80 -15.33
N ARG A 141 3.43 3.53 -15.04
CA ARG A 141 4.46 3.10 -14.09
C ARG A 141 4.20 3.66 -12.69
N GLY A 142 3.35 2.96 -11.95
CA GLY A 142 2.92 3.43 -10.64
C GLY A 142 4.02 3.47 -9.59
N TRP A 143 4.72 2.36 -9.40
CA TRP A 143 5.74 2.25 -8.36
C TRP A 143 6.94 3.15 -8.66
N ASP A 144 7.34 3.22 -9.93
CA ASP A 144 8.42 4.11 -10.36
C ASP A 144 7.97 5.58 -10.30
N GLY A 145 6.84 5.87 -10.95
CA GLY A 145 6.30 7.23 -10.99
C GLY A 145 6.05 7.82 -9.60
N PHE A 146 5.55 6.99 -8.68
CA PHE A 146 5.33 7.39 -7.28
C PHE A 146 6.64 7.86 -6.61
N VAL A 147 7.64 7.00 -6.64
CA VAL A 147 8.95 7.30 -6.03
C VAL A 147 9.61 8.53 -6.65
N GLU A 148 9.58 8.60 -7.97
CA GLU A 148 10.20 9.70 -8.71
C GLU A 148 9.38 11.00 -8.60
N PHE A 149 8.08 10.87 -8.34
CA PHE A 149 7.22 12.03 -8.06
C PHE A 149 7.74 12.81 -6.84
N PHE A 150 8.03 12.10 -5.75
CA PHE A 150 8.58 12.72 -4.53
C PHE A 150 10.10 12.91 -4.63
N HIS A 151 10.70 12.45 -5.72
CA HIS A 151 12.14 12.57 -5.95
C HIS A 151 12.98 11.88 -4.85
N VAL A 152 13.13 10.57 -4.98
CA VAL A 152 13.91 9.77 -4.01
C VAL A 152 14.93 8.90 -4.75
N GLU A 153 14.42 7.92 -5.49
CA GLU A 153 15.24 7.05 -6.35
C GLU A 153 14.80 7.18 -7.80
N ASP A 154 15.07 8.34 -8.39
CA ASP A 154 14.63 8.65 -9.75
C ASP A 154 15.74 8.44 -10.78
N LEU A 155 15.36 7.91 -11.94
CA LEU A 155 16.27 7.81 -13.09
C LEU A 155 15.82 8.78 -14.19
N GLU A 156 14.70 9.46 -13.90
CA GLU A 156 14.14 10.53 -14.73
C GLU A 156 13.35 9.98 -15.93
N GLY A 157 14.04 9.23 -16.78
CA GLY A 157 13.41 8.65 -17.99
C GLY A 157 12.43 9.59 -18.69
N GLY A 158 12.65 10.90 -18.58
CA GLY A 158 11.71 11.88 -19.11
C GLY A 158 10.40 11.98 -18.33
N HIS A 159 9.85 10.84 -17.91
CA HIS A 159 8.49 10.78 -17.34
C HIS A 159 8.45 10.91 -15.80
N HIS A 160 9.62 11.14 -15.16
CA HIS A 160 9.64 11.36 -13.71
C HIS A 160 8.70 12.52 -13.32
N HIS A 161 7.58 12.18 -12.72
CA HIS A 161 6.48 13.13 -12.50
C HIS A 161 6.81 14.16 -11.42
N HIS A 162 7.48 15.25 -11.79
CA HIS A 162 7.64 16.38 -10.88
C HIS A 162 6.41 17.30 -10.98
N HIS A 163 5.55 16.99 -11.95
CA HIS A 163 4.24 17.63 -12.11
C HIS A 163 3.22 16.63 -12.67
N HIS A 164 1.96 16.81 -12.32
CA HIS A 164 0.88 15.91 -12.78
C HIS A 164 0.13 16.50 -13.99
N MET A 1 -2.97 -18.37 -9.81
CA MET A 1 -3.29 -17.95 -11.21
C MET A 1 -3.27 -16.42 -11.35
N GLU A 2 -2.07 -15.88 -11.47
CA GLU A 2 -1.87 -14.43 -11.51
C GLU A 2 -0.66 -14.05 -12.37
N ASP A 3 -0.41 -12.76 -12.50
CA ASP A 3 0.75 -12.24 -13.23
C ASP A 3 1.95 -12.03 -12.30
N GLU A 4 3.16 -11.99 -12.88
CA GLU A 4 4.37 -11.66 -12.12
C GLU A 4 4.19 -10.29 -11.44
N LEU A 5 3.52 -9.37 -12.14
CA LEU A 5 3.15 -8.06 -11.58
C LEU A 5 2.33 -8.21 -10.29
N TYR A 6 1.41 -9.17 -10.26
CA TYR A 6 0.56 -9.42 -9.09
C TYR A 6 1.41 -9.96 -7.93
N ARG A 7 2.36 -10.85 -8.24
CA ARG A 7 3.28 -11.38 -7.24
C ARG A 7 4.23 -10.30 -6.70
N GLN A 8 4.75 -9.46 -7.60
CA GLN A 8 5.64 -8.35 -7.19
C GLN A 8 4.90 -7.36 -6.26
N SER A 9 3.74 -6.90 -6.70
CA SER A 9 2.93 -5.95 -5.92
C SER A 9 2.55 -6.54 -4.56
N LEU A 10 1.98 -7.74 -4.58
CA LEU A 10 1.63 -8.45 -3.34
C LEU A 10 2.83 -8.59 -2.40
N GLU A 11 3.99 -8.96 -2.96
CA GLU A 11 5.23 -9.09 -2.20
C GLU A 11 5.60 -7.78 -1.49
N ILE A 12 5.62 -6.68 -2.25
CA ILE A 12 5.96 -5.36 -1.71
C ILE A 12 4.99 -4.95 -0.60
N ILE A 13 3.70 -5.01 -0.89
CA ILE A 13 2.66 -4.62 0.07
C ILE A 13 2.68 -5.50 1.33
N SER A 14 2.82 -6.82 1.13
CA SER A 14 2.85 -7.78 2.26
C SER A 14 3.95 -7.43 3.28
N ARG A 15 5.18 -7.30 2.79
CA ARG A 15 6.33 -7.00 3.67
C ARG A 15 6.23 -5.59 4.24
N TYR A 16 5.70 -4.65 3.45
CA TYR A 16 5.49 -3.28 3.90
C TYR A 16 4.55 -3.21 5.11
N LEU A 17 3.40 -3.86 5.01
CA LEU A 17 2.44 -3.91 6.12
C LEU A 17 3.06 -4.58 7.37
N ARG A 18 3.86 -5.62 7.16
CA ARG A 18 4.53 -6.30 8.28
C ARG A 18 5.55 -5.39 8.99
N GLU A 19 6.51 -4.87 8.23
CA GLU A 19 7.57 -4.02 8.80
C GLU A 19 7.00 -2.79 9.53
N GLN A 20 5.94 -2.19 8.97
CA GLN A 20 5.27 -1.05 9.59
C GLN A 20 4.55 -1.47 10.88
N ALA A 21 3.97 -2.66 10.88
CA ALA A 21 3.22 -3.17 12.04
C ALA A 21 4.15 -3.62 13.18
N THR A 22 5.29 -4.21 12.82
CA THR A 22 6.23 -4.76 13.82
C THR A 22 7.17 -3.69 14.36
N GLY A 23 7.60 -2.79 13.49
CA GLY A 23 8.55 -1.76 13.89
C GLY A 23 10.00 -2.15 13.57
N ALA A 24 10.17 -3.28 12.88
CA ALA A 24 11.50 -3.78 12.52
C ALA A 24 11.46 -4.50 11.16
N LYS A 25 12.53 -4.36 10.38
CA LYS A 25 12.58 -4.99 9.05
C LYS A 25 12.76 -6.51 9.12
N ASP A 26 12.25 -7.18 8.09
CA ASP A 26 12.31 -8.63 7.98
C ASP A 26 13.74 -9.13 7.69
N THR A 27 13.91 -10.44 7.67
CA THR A 27 15.19 -11.06 7.26
C THR A 27 15.10 -11.59 5.82
N LYS A 28 13.96 -11.31 5.18
CA LYS A 28 13.63 -11.91 3.88
C LYS A 28 13.69 -10.89 2.74
N PRO A 29 14.15 -11.32 1.54
CA PRO A 29 14.29 -10.45 0.37
C PRO A 29 12.95 -10.21 -0.37
N MET A 30 13.01 -9.43 -1.44
CA MET A 30 11.80 -9.06 -2.18
C MET A 30 11.51 -10.02 -3.36
N GLY A 31 10.55 -9.65 -4.20
CA GLY A 31 10.13 -10.49 -5.32
C GLY A 31 11.18 -10.63 -6.43
N ARG A 32 10.81 -11.33 -7.50
CA ARG A 32 11.73 -11.64 -8.61
C ARG A 32 12.22 -10.38 -9.35
N SER A 33 11.55 -9.24 -9.13
CA SER A 33 11.93 -7.98 -9.76
C SER A 33 13.07 -7.28 -8.99
N GLY A 34 13.49 -7.89 -7.89
CA GLY A 34 14.66 -7.43 -7.14
C GLY A 34 14.69 -5.94 -6.85
N ALA A 35 15.49 -5.20 -7.64
CA ALA A 35 15.69 -3.77 -7.42
C ALA A 35 14.39 -2.97 -7.44
N THR A 36 13.55 -3.19 -8.47
CA THR A 36 12.27 -2.48 -8.59
C THR A 36 11.39 -2.69 -7.36
N SER A 37 11.28 -3.94 -6.91
CA SER A 37 10.47 -4.26 -5.73
C SER A 37 11.11 -3.74 -4.44
N ARG A 38 12.45 -3.69 -4.41
CA ARG A 38 13.18 -3.18 -3.24
C ARG A 38 13.02 -1.66 -3.08
N LYS A 39 13.37 -0.91 -4.12
CA LYS A 39 13.27 0.55 -4.08
C LYS A 39 11.82 1.01 -3.82
N ALA A 40 10.86 0.30 -4.41
CA ALA A 40 9.44 0.58 -4.16
C ALA A 40 9.09 0.41 -2.68
N LEU A 41 9.54 -0.70 -2.07
CA LEU A 41 9.30 -0.98 -0.66
C LEU A 41 9.83 0.14 0.26
N GLU A 42 11.10 0.49 0.10
CA GLU A 42 11.73 1.49 0.97
C GLU A 42 11.22 2.92 0.68
N THR A 43 10.76 3.18 -0.54
CA THR A 43 10.13 4.47 -0.86
C THR A 43 8.73 4.55 -0.21
N LEU A 44 8.02 3.42 -0.18
CA LEU A 44 6.70 3.37 0.47
C LEU A 44 6.75 3.86 1.92
N ARG A 45 7.69 3.34 2.71
CA ARG A 45 7.78 3.69 4.14
C ARG A 45 8.05 5.19 4.37
N ARG A 46 8.96 5.77 3.57
CA ARG A 46 9.38 7.16 3.77
C ARG A 46 8.29 8.17 3.35
N VAL A 47 7.50 7.83 2.33
CA VAL A 47 6.40 8.71 1.90
C VAL A 47 5.07 8.33 2.56
N GLY A 48 4.92 7.05 2.87
CA GLY A 48 3.65 6.53 3.40
C GLY A 48 3.41 6.86 4.86
N ASP A 49 4.40 6.58 5.72
CA ASP A 49 4.24 6.79 7.17
C ASP A 49 3.78 8.22 7.49
N GLY A 50 4.41 9.21 6.85
CA GLY A 50 4.01 10.59 7.03
C GLY A 50 2.56 10.84 6.64
N VAL A 51 2.15 10.33 5.48
CA VAL A 51 0.76 10.43 5.01
C VAL A 51 -0.20 9.80 6.03
N GLN A 52 0.17 8.61 6.52
CA GLN A 52 -0.61 7.92 7.56
C GLN A 52 -0.80 8.80 8.80
N ARG A 53 0.27 9.50 9.20
CA ARG A 53 0.24 10.35 10.39
C ARG A 53 -0.68 11.57 10.22
N ASN A 54 -0.57 12.28 9.09
CA ASN A 54 -1.43 13.45 8.85
C ASN A 54 -2.88 13.03 8.56
N HIS A 55 -3.04 11.87 7.93
CA HIS A 55 -4.37 11.32 7.63
C HIS A 55 -4.98 10.60 8.85
N GLU A 56 -4.14 10.23 9.82
CA GLU A 56 -4.58 9.46 10.99
C GLU A 56 -5.84 10.04 11.64
N THR A 57 -5.90 11.36 11.80
CA THR A 57 -7.09 12.00 12.38
C THR A 57 -8.36 11.63 11.61
N ALA A 58 -8.24 11.47 10.29
CA ALA A 58 -9.36 11.06 9.44
C ALA A 58 -9.60 9.54 9.48
N PHE A 59 -8.50 8.77 9.45
CA PHE A 59 -8.58 7.31 9.48
C PHE A 59 -9.18 6.79 10.80
N GLN A 60 -8.79 7.39 11.92
CA GLN A 60 -9.31 7.02 13.24
C GLN A 60 -10.85 7.07 13.27
N GLY A 61 -11.42 8.05 12.56
CA GLY A 61 -12.87 8.16 12.46
C GLY A 61 -13.54 6.90 11.90
N MET A 62 -12.82 6.20 11.02
CA MET A 62 -13.31 4.94 10.47
C MET A 62 -12.88 3.75 11.35
N LEU A 63 -11.62 3.75 11.79
CA LEU A 63 -11.10 2.67 12.64
C LEU A 63 -11.97 2.43 13.88
N ARG A 64 -12.57 3.49 14.42
CA ARG A 64 -13.44 3.36 15.61
C ARG A 64 -14.72 2.56 15.31
N LYS A 65 -15.19 2.61 14.05
CA LYS A 65 -16.36 1.82 13.64
C LYS A 65 -15.95 0.54 12.90
N LEU A 66 -14.67 0.43 12.58
CA LEU A 66 -14.12 -0.78 11.96
C LEU A 66 -13.64 -1.78 13.02
N ASP A 67 -12.50 -1.47 13.65
CA ASP A 67 -11.79 -2.36 14.58
C ASP A 67 -11.95 -3.85 14.20
N ILE A 68 -11.01 -4.35 13.40
CA ILE A 68 -11.07 -5.70 12.86
C ILE A 68 -11.01 -6.77 13.96
N LYS A 69 -12.15 -7.37 14.27
CA LYS A 69 -12.23 -8.45 15.26
C LYS A 69 -12.29 -9.84 14.58
N ASN A 70 -12.38 -9.85 13.25
CA ASN A 70 -12.30 -11.10 12.48
C ASN A 70 -11.97 -10.83 11.00
N GLU A 71 -11.56 -11.87 10.27
CA GLU A 71 -11.14 -11.74 8.87
C GLU A 71 -12.24 -11.11 7.98
N ASP A 72 -13.50 -11.35 8.33
CA ASP A 72 -14.62 -10.76 7.61
C ASP A 72 -14.52 -9.22 7.52
N ASP A 73 -14.03 -8.60 8.59
CA ASP A 73 -13.81 -7.14 8.59
C ASP A 73 -12.78 -6.76 7.51
N VAL A 74 -11.70 -7.54 7.43
CA VAL A 74 -10.66 -7.33 6.41
C VAL A 74 -11.26 -7.40 5.00
N LYS A 75 -12.04 -8.45 4.75
CA LYS A 75 -12.74 -8.59 3.46
C LYS A 75 -13.68 -7.40 3.20
N SER A 76 -14.26 -6.87 4.28
CA SER A 76 -15.10 -5.66 4.18
C SER A 76 -14.26 -4.41 3.86
N LEU A 77 -13.03 -4.37 4.37
CA LEU A 77 -12.10 -3.26 4.08
C LEU A 77 -11.85 -3.13 2.57
N SER A 78 -11.87 -4.27 1.87
CA SER A 78 -11.73 -4.29 0.41
C SER A 78 -12.74 -3.36 -0.26
N ARG A 79 -13.94 -3.27 0.32
CA ARG A 79 -14.98 -2.36 -0.18
C ARG A 79 -14.52 -0.90 -0.06
N VAL A 80 -13.98 -0.54 1.12
CA VAL A 80 -13.41 0.80 1.33
C VAL A 80 -12.29 1.07 0.30
N MET A 81 -11.44 0.07 0.09
CA MET A 81 -10.32 0.19 -0.85
C MET A 81 -10.78 0.58 -2.26
N ILE A 82 -11.92 0.02 -2.69
CA ILE A 82 -12.52 0.39 -3.98
C ILE A 82 -12.97 1.86 -3.98
N HIS A 83 -13.47 2.32 -2.83
CA HIS A 83 -13.89 3.72 -2.67
C HIS A 83 -12.69 4.68 -2.53
N VAL A 84 -11.57 4.17 -2.01
CA VAL A 84 -10.34 4.98 -1.87
C VAL A 84 -9.96 5.65 -3.21
N PHE A 85 -10.22 4.96 -4.33
CA PHE A 85 -9.94 5.51 -5.66
C PHE A 85 -11.05 6.46 -6.15
N SER A 86 -11.73 7.14 -5.22
CA SER A 86 -12.79 8.09 -5.59
C SER A 86 -12.23 9.50 -5.92
N ASP A 87 -10.90 9.62 -5.93
CA ASP A 87 -10.23 10.90 -6.22
C ASP A 87 -10.65 11.49 -7.57
N GLY A 88 -10.37 10.76 -8.64
CA GLY A 88 -10.56 11.26 -10.00
C GLY A 88 -9.25 11.54 -10.71
N VAL A 89 -8.27 12.07 -9.97
CA VAL A 89 -6.94 12.37 -10.52
C VAL A 89 -6.03 11.13 -10.51
N THR A 90 -5.37 10.87 -11.64
CA THR A 90 -4.53 9.67 -11.81
C THR A 90 -3.07 9.93 -11.43
N ASN A 91 -2.84 10.45 -10.23
CA ASN A 91 -1.47 10.64 -9.71
C ASN A 91 -1.08 9.47 -8.77
N TRP A 92 0.18 9.05 -8.83
CA TRP A 92 0.67 7.91 -8.03
C TRP A 92 0.44 8.11 -6.52
N GLY A 93 0.27 9.37 -6.09
CA GLY A 93 0.00 9.65 -4.69
C GLY A 93 -1.20 8.89 -4.13
N ARG A 94 -2.19 8.64 -4.97
CA ARG A 94 -3.40 7.91 -4.55
C ARG A 94 -3.08 6.43 -4.30
N ILE A 95 -2.11 5.89 -5.02
CA ILE A 95 -1.63 4.52 -4.80
C ILE A 95 -0.96 4.43 -3.42
N VAL A 96 -0.21 5.48 -3.08
CA VAL A 96 0.39 5.61 -1.74
C VAL A 96 -0.70 5.58 -0.66
N THR A 97 -1.75 6.39 -0.85
CA THR A 97 -2.88 6.43 0.09
C THR A 97 -3.47 5.04 0.36
N LEU A 98 -3.67 4.26 -0.70
CA LEU A 98 -4.22 2.90 -0.58
C LEU A 98 -3.32 1.99 0.27
N ILE A 99 -2.05 1.88 -0.13
CA ILE A 99 -1.10 0.98 0.53
C ILE A 99 -0.76 1.45 1.96
N SER A 100 -0.62 2.77 2.12
CA SER A 100 -0.30 3.36 3.43
C SER A 100 -1.44 3.14 4.44
N PHE A 101 -2.68 3.36 4.01
CA PHE A 101 -3.85 3.06 4.85
C PHE A 101 -3.84 1.58 5.27
N GLY A 102 -3.49 0.70 4.35
CA GLY A 102 -3.35 -0.72 4.68
C GLY A 102 -2.32 -0.96 5.79
N ALA A 103 -1.14 -0.35 5.65
CA ALA A 103 -0.09 -0.45 6.67
C ALA A 103 -0.50 0.23 7.98
N PHE A 104 -1.30 1.29 7.87
CA PHE A 104 -1.83 1.99 9.04
C PHE A 104 -2.76 1.09 9.84
N VAL A 105 -3.67 0.41 9.16
CA VAL A 105 -4.57 -0.56 9.80
C VAL A 105 -3.75 -1.76 10.33
N ALA A 106 -2.72 -2.14 9.57
CA ALA A 106 -1.81 -3.22 9.96
C ALA A 106 -1.18 -2.96 11.34
N LYS A 107 -0.68 -1.74 11.56
CA LYS A 107 -0.12 -1.35 12.86
C LYS A 107 -1.17 -1.58 13.97
N HIS A 108 -2.40 -1.11 13.72
CA HIS A 108 -3.51 -1.30 14.65
C HIS A 108 -3.83 -2.78 14.85
N LEU A 109 -3.73 -3.57 13.77
CA LEU A 109 -4.04 -5.01 13.83
C LEU A 109 -3.08 -5.75 14.76
N LYS A 110 -1.78 -5.57 14.59
CA LYS A 110 -0.78 -6.23 15.45
C LYS A 110 -0.98 -5.80 16.91
N THR A 111 -1.28 -4.52 17.10
CA THR A 111 -1.56 -3.97 18.44
C THR A 111 -2.74 -4.72 19.11
N ILE A 112 -3.81 -4.94 18.36
CA ILE A 112 -4.99 -5.66 18.88
C ILE A 112 -4.87 -7.18 18.68
N ASN A 113 -3.63 -7.66 18.52
CA ASN A 113 -3.31 -9.11 18.45
C ASN A 113 -3.84 -9.78 17.17
N GLN A 114 -4.21 -8.97 16.19
CA GLN A 114 -4.75 -9.46 14.91
C GLN A 114 -3.70 -9.44 13.78
N GLU A 115 -2.43 -9.76 14.11
CA GLU A 115 -1.36 -9.73 13.11
C GLU A 115 -1.62 -10.70 11.94
N SER A 116 -2.26 -11.83 12.23
CA SER A 116 -2.65 -12.80 11.17
C SER A 116 -3.55 -12.14 10.11
N SER A 117 -4.31 -11.13 10.52
CA SER A 117 -5.22 -10.41 9.61
C SER A 117 -4.46 -9.49 8.63
N ILE A 118 -3.28 -9.04 9.05
CA ILE A 118 -2.46 -8.11 8.25
C ILE A 118 -2.16 -8.64 6.83
N GLU A 119 -1.77 -9.91 6.74
CA GLU A 119 -1.35 -10.50 5.47
C GLU A 119 -2.50 -10.59 4.43
N PRO A 120 -3.66 -11.19 4.78
CA PRO A 120 -4.83 -11.17 3.88
C PRO A 120 -5.30 -9.74 3.54
N LEU A 121 -5.04 -8.80 4.46
CA LEU A 121 -5.31 -7.38 4.20
C LEU A 121 -4.41 -6.88 3.06
N ALA A 122 -3.12 -7.24 3.11
CA ALA A 122 -2.18 -6.93 2.03
C ALA A 122 -2.66 -7.54 0.69
N GLU A 123 -3.17 -8.76 0.76
CA GLU A 123 -3.76 -9.43 -0.42
C GLU A 123 -4.98 -8.65 -0.93
N SER A 124 -5.77 -8.08 -0.01
CA SER A 124 -6.94 -7.27 -0.38
C SER A 124 -6.52 -5.99 -1.10
N ILE A 125 -5.49 -5.32 -0.60
CA ILE A 125 -4.94 -4.13 -1.25
C ILE A 125 -4.58 -4.43 -2.70
N THR A 126 -3.78 -5.48 -2.90
CA THR A 126 -3.36 -5.91 -4.25
C THR A 126 -4.56 -6.33 -5.10
N ASP A 127 -5.52 -7.04 -4.48
CA ASP A 127 -6.72 -7.51 -5.17
C ASP A 127 -7.46 -6.35 -5.86
N VAL A 128 -7.72 -5.28 -5.10
CA VAL A 128 -8.37 -4.09 -5.64
C VAL A 128 -7.45 -3.34 -6.63
N LEU A 129 -6.19 -3.17 -6.21
CA LEU A 129 -5.19 -2.45 -7.02
C LEU A 129 -5.11 -3.00 -8.45
N VAL A 130 -4.93 -4.31 -8.58
CA VAL A 130 -4.82 -4.97 -9.89
C VAL A 130 -6.18 -5.10 -10.59
N ARG A 131 -7.24 -5.27 -9.81
CA ARG A 131 -8.60 -5.42 -10.37
C ARG A 131 -8.98 -4.23 -11.29
N THR A 132 -8.60 -3.02 -10.89
CA THR A 132 -8.95 -1.81 -11.65
C THR A 132 -7.77 -1.25 -12.46
N LYS A 133 -6.58 -1.20 -11.85
CA LYS A 133 -5.40 -0.59 -12.51
C LYS A 133 -4.43 -1.65 -13.07
N ARG A 134 -4.95 -2.83 -13.39
CA ARG A 134 -4.17 -3.91 -14.03
C ARG A 134 -3.30 -3.39 -15.19
N ASP A 135 -3.93 -2.68 -16.13
CA ASP A 135 -3.23 -2.21 -17.32
C ASP A 135 -2.22 -1.10 -16.99
N TRP A 136 -2.66 -0.07 -16.28
CA TRP A 136 -1.80 1.08 -15.97
C TRP A 136 -0.54 0.66 -15.19
N LEU A 137 -0.71 -0.30 -14.27
CA LEU A 137 0.41 -0.81 -13.48
C LEU A 137 1.57 -1.32 -14.37
N VAL A 138 1.25 -2.18 -15.34
CA VAL A 138 2.28 -2.72 -16.23
C VAL A 138 2.68 -1.73 -17.35
N LYS A 139 1.72 -0.96 -17.85
CA LYS A 139 1.96 -0.04 -18.96
C LYS A 139 2.92 1.10 -18.59
N GLN A 140 2.70 1.70 -17.42
CA GLN A 140 3.50 2.85 -17.00
C GLN A 140 4.55 2.44 -15.94
N ARG A 141 4.66 1.13 -15.71
CA ARG A 141 5.57 0.59 -14.68
C ARG A 141 5.33 1.26 -13.32
N GLY A 142 4.19 0.92 -12.70
CA GLY A 142 3.75 1.60 -11.48
C GLY A 142 4.81 1.71 -10.40
N TRP A 143 5.54 0.63 -10.15
CA TRP A 143 6.52 0.60 -9.05
C TRP A 143 7.80 1.38 -9.38
N ASP A 144 8.05 1.61 -10.67
CA ASP A 144 9.13 2.52 -11.09
C ASP A 144 8.65 3.97 -11.08
N GLY A 145 7.51 4.22 -11.73
CA GLY A 145 6.92 5.55 -11.76
C GLY A 145 6.69 6.14 -10.37
N PHE A 146 6.25 5.29 -9.44
CA PHE A 146 6.07 5.68 -8.04
C PHE A 146 7.37 6.24 -7.42
N VAL A 147 8.45 5.47 -7.53
CA VAL A 147 9.74 5.85 -6.93
C VAL A 147 10.31 7.13 -7.58
N GLU A 148 10.23 7.23 -8.90
CA GLU A 148 10.72 8.41 -9.62
C GLU A 148 9.80 9.62 -9.43
N PHE A 149 8.51 9.38 -9.21
CA PHE A 149 7.53 10.46 -8.97
C PHE A 149 7.95 11.36 -7.80
N PHE A 150 8.36 10.74 -6.69
CA PHE A 150 8.86 11.47 -5.53
C PHE A 150 10.34 11.85 -5.69
N HIS A 151 10.91 11.55 -6.86
CA HIS A 151 12.31 11.82 -7.17
C HIS A 151 13.28 11.19 -6.17
N VAL A 152 13.15 9.88 -5.98
CA VAL A 152 14.15 9.11 -5.24
C VAL A 152 15.31 8.71 -6.16
N GLU A 153 14.96 8.46 -7.44
CA GLU A 153 15.96 8.14 -8.48
C GLU A 153 15.99 9.21 -9.59
N ASP A 154 14.87 9.34 -10.31
CA ASP A 154 14.76 10.30 -11.43
C ASP A 154 15.04 11.75 -11.00
N LEU A 155 15.53 12.56 -11.93
CA LEU A 155 15.92 13.95 -11.65
C LEU A 155 15.24 14.95 -12.62
N GLU A 156 14.10 14.56 -13.20
CA GLU A 156 13.33 15.47 -14.08
C GLU A 156 11.83 15.44 -13.75
N GLY A 157 11.19 14.30 -14.00
CA GLY A 157 9.74 14.19 -13.88
C GLY A 157 9.23 14.07 -12.45
N GLY A 158 9.00 15.21 -11.80
CA GLY A 158 8.39 15.24 -10.48
C GLY A 158 7.36 16.37 -10.35
N HIS A 159 6.80 16.75 -11.49
CA HIS A 159 5.90 17.90 -11.60
C HIS A 159 4.54 17.66 -10.90
N HIS A 160 4.46 18.03 -9.62
CA HIS A 160 3.21 17.88 -8.84
C HIS A 160 3.13 18.90 -7.70
N HIS A 161 2.01 19.60 -7.60
CA HIS A 161 1.74 20.53 -6.49
C HIS A 161 0.48 20.14 -5.71
N HIS A 162 0.32 20.72 -4.52
CA HIS A 162 -0.87 20.50 -3.70
C HIS A 162 -1.66 21.81 -3.52
N HIS A 163 -2.72 21.97 -4.31
CA HIS A 163 -3.59 23.15 -4.21
C HIS A 163 -4.55 23.05 -3.01
N HIS A 164 -4.82 24.18 -2.37
CA HIS A 164 -5.82 24.26 -1.30
C HIS A 164 -7.07 25.03 -1.78
N MET A 1 -4.74 -17.80 -7.61
CA MET A 1 -4.18 -17.53 -8.96
C MET A 1 -4.24 -16.03 -9.29
N GLU A 2 -3.13 -15.34 -9.10
CA GLU A 2 -3.05 -13.89 -9.32
C GLU A 2 -2.15 -13.54 -10.52
N ASP A 3 -2.06 -12.24 -10.83
CA ASP A 3 -1.27 -11.75 -11.97
C ASP A 3 0.17 -11.38 -11.53
N GLU A 4 1.09 -11.27 -12.50
CA GLU A 4 2.48 -10.86 -12.23
C GLU A 4 2.54 -9.49 -11.52
N LEU A 5 1.80 -8.53 -12.06
CA LEU A 5 1.73 -7.18 -11.49
C LEU A 5 1.02 -7.20 -10.13
N TYR A 6 0.01 -8.05 -10.01
CA TYR A 6 -0.72 -8.22 -8.76
C TYR A 6 0.21 -8.78 -7.66
N ARG A 7 0.91 -9.86 -7.98
CA ARG A 7 1.74 -10.57 -6.99
C ARG A 7 2.91 -9.70 -6.52
N GLN A 8 3.54 -8.98 -7.46
CA GLN A 8 4.61 -8.03 -7.11
C GLN A 8 4.10 -6.97 -6.11
N SER A 9 3.00 -6.32 -6.47
CA SER A 9 2.39 -5.31 -5.61
C SER A 9 1.95 -5.93 -4.28
N LEU A 10 1.40 -7.14 -4.35
CA LEU A 10 0.95 -7.88 -3.16
C LEU A 10 2.12 -8.13 -2.18
N GLU A 11 3.27 -8.54 -2.71
CA GLU A 11 4.44 -8.80 -1.88
C GLU A 11 4.94 -7.49 -1.22
N ILE A 12 5.12 -6.46 -2.04
CA ILE A 12 5.57 -5.15 -1.55
C ILE A 12 4.63 -4.61 -0.45
N ILE A 13 3.33 -4.64 -0.71
CA ILE A 13 2.32 -4.21 0.26
C ILE A 13 2.32 -5.11 1.51
N SER A 14 2.38 -6.43 1.30
CA SER A 14 2.44 -7.40 2.42
C SER A 14 3.59 -7.07 3.36
N ARG A 15 4.79 -6.90 2.80
CA ARG A 15 5.98 -6.56 3.59
C ARG A 15 5.79 -5.23 4.32
N TYR A 16 5.36 -4.19 3.58
CA TYR A 16 5.15 -2.86 4.16
C TYR A 16 4.21 -2.90 5.38
N LEU A 17 3.06 -3.54 5.23
CA LEU A 17 2.10 -3.66 6.34
C LEU A 17 2.75 -4.31 7.57
N ARG A 18 3.47 -5.41 7.36
CA ARG A 18 4.13 -6.13 8.45
C ARG A 18 5.25 -5.30 9.11
N GLU A 19 6.19 -4.80 8.30
CA GLU A 19 7.31 -4.00 8.82
C GLU A 19 6.83 -2.70 9.47
N GLN A 20 5.72 -2.15 8.99
CA GLN A 20 5.17 -0.91 9.56
C GLN A 20 4.46 -1.19 10.90
N ALA A 21 3.95 -2.40 11.08
CA ALA A 21 3.32 -2.80 12.34
C ALA A 21 4.35 -3.30 13.36
N THR A 22 5.33 -4.06 12.90
CA THR A 22 6.37 -4.65 13.77
C THR A 22 7.55 -3.70 13.98
N GLY A 23 7.91 -2.97 12.93
CA GLY A 23 9.08 -2.09 12.98
C GLY A 23 10.34 -2.74 12.42
N ALA A 24 10.18 -3.89 11.76
CA ALA A 24 11.31 -4.61 11.16
C ALA A 24 10.94 -5.25 9.82
N LYS A 25 11.73 -4.95 8.78
CA LYS A 25 11.53 -5.54 7.45
C LYS A 25 11.82 -7.05 7.45
N ASP A 26 11.48 -7.72 6.34
CA ASP A 26 11.77 -9.15 6.19
C ASP A 26 13.23 -9.40 5.78
N THR A 27 13.75 -10.58 6.12
CA THR A 27 15.10 -11.00 5.71
C THR A 27 15.02 -11.85 4.42
N LYS A 28 14.03 -11.54 3.59
CA LYS A 28 13.75 -12.30 2.37
C LYS A 28 14.05 -11.47 1.10
N PRO A 29 14.27 -12.14 -0.05
CA PRO A 29 14.45 -11.45 -1.35
C PRO A 29 13.20 -10.63 -1.75
N MET A 30 13.40 -9.62 -2.59
CA MET A 30 12.30 -8.76 -3.04
C MET A 30 11.54 -9.36 -4.24
N GLY A 31 10.55 -8.61 -4.75
CA GLY A 31 9.69 -9.09 -5.83
C GLY A 31 10.40 -9.25 -7.17
N ARG A 32 9.65 -9.71 -8.18
CA ARG A 32 10.18 -10.05 -9.52
C ARG A 32 11.08 -8.97 -10.14
N SER A 33 10.88 -7.71 -9.74
CA SER A 33 11.65 -6.60 -10.32
C SER A 33 13.02 -6.43 -9.66
N GLY A 34 13.13 -6.81 -8.39
CA GLY A 34 14.36 -6.58 -7.65
C GLY A 34 14.52 -5.12 -7.20
N ALA A 35 15.32 -4.36 -7.94
CA ALA A 35 15.62 -2.96 -7.58
C ALA A 35 14.33 -2.12 -7.44
N THR A 36 13.46 -2.18 -8.44
CA THR A 36 12.18 -1.43 -8.40
C THR A 36 11.33 -1.86 -7.21
N SER A 37 11.41 -3.14 -6.84
CA SER A 37 10.66 -3.67 -5.69
C SER A 37 11.20 -3.10 -4.38
N ARG A 38 12.52 -3.01 -4.25
CA ARG A 38 13.15 -2.39 -3.08
C ARG A 38 12.76 -0.91 -2.97
N LYS A 39 12.91 -0.20 -4.08
CA LYS A 39 12.60 1.24 -4.16
C LYS A 39 11.14 1.54 -3.78
N ALA A 40 10.21 0.75 -4.31
CA ALA A 40 8.80 0.89 -3.98
C ALA A 40 8.55 0.72 -2.47
N LEU A 41 9.09 -0.36 -1.91
CA LEU A 41 8.92 -0.67 -0.48
C LEU A 41 9.52 0.44 0.41
N GLU A 42 10.78 0.80 0.17
CA GLU A 42 11.47 1.80 1.00
C GLU A 42 10.76 3.16 0.95
N THR A 43 10.16 3.48 -0.20
CA THR A 43 9.41 4.73 -0.34
C THR A 43 8.06 4.64 0.41
N LEU A 44 7.39 3.50 0.30
CA LEU A 44 6.11 3.27 0.99
C LEU A 44 6.21 3.54 2.51
N ARG A 45 7.26 3.03 3.15
CA ARG A 45 7.44 3.25 4.59
C ARG A 45 7.68 4.74 4.91
N ARG A 46 8.50 5.41 4.10
CA ARG A 46 8.87 6.81 4.36
C ARG A 46 7.67 7.77 4.17
N VAL A 47 6.91 7.59 3.09
CA VAL A 47 5.76 8.45 2.81
C VAL A 47 4.49 7.95 3.51
N GLY A 48 4.39 6.63 3.68
CA GLY A 48 3.22 6.04 4.31
C GLY A 48 3.07 6.43 5.78
N ASP A 49 4.19 6.40 6.51
CA ASP A 49 4.20 6.82 7.92
C ASP A 49 3.63 8.25 8.07
N GLY A 50 4.12 9.17 7.24
CA GLY A 50 3.63 10.55 7.25
C GLY A 50 2.12 10.64 7.08
N VAL A 51 1.57 9.92 6.11
CA VAL A 51 0.13 9.87 5.87
C VAL A 51 -0.62 9.36 7.13
N GLN A 52 -0.06 8.33 7.77
CA GLN A 52 -0.65 7.76 8.98
C GLN A 52 -0.68 8.77 10.13
N ARG A 53 0.42 9.51 10.32
CA ARG A 53 0.51 10.50 11.41
C ARG A 53 -0.61 11.54 11.33
N ASN A 54 -0.84 12.07 10.13
CA ASN A 54 -1.88 13.08 9.90
C ASN A 54 -3.30 12.47 9.94
N HIS A 55 -3.46 11.33 9.27
CA HIS A 55 -4.77 10.65 9.14
C HIS A 55 -5.18 9.88 10.42
N GLU A 56 -4.22 9.63 11.31
CA GLU A 56 -4.45 8.76 12.49
C GLU A 56 -5.75 9.09 13.23
N THR A 57 -5.95 10.36 13.59
CA THR A 57 -7.15 10.76 14.35
C THR A 57 -8.45 10.46 13.58
N ALA A 58 -8.38 10.50 12.25
CA ALA A 58 -9.54 10.19 11.40
C ALA A 58 -9.78 8.68 11.30
N PHE A 59 -8.72 7.93 10.97
CA PHE A 59 -8.83 6.48 10.82
C PHE A 59 -9.28 5.78 12.11
N GLN A 60 -8.74 6.21 13.26
CA GLN A 60 -9.11 5.63 14.57
C GLN A 60 -10.64 5.61 14.77
N GLY A 61 -11.31 6.68 14.34
CA GLY A 61 -12.76 6.77 14.47
C GLY A 61 -13.50 5.64 13.79
N MET A 62 -12.99 5.16 12.66
CA MET A 62 -13.59 4.03 11.95
C MET A 62 -13.01 2.70 12.46
N LEU A 63 -11.72 2.74 12.78
CA LEU A 63 -10.98 1.55 13.18
C LEU A 63 -11.62 0.85 14.40
N ARG A 64 -12.05 1.65 15.37
CA ARG A 64 -12.63 1.15 16.62
C ARG A 64 -14.00 0.46 16.40
N LYS A 65 -14.63 0.68 15.25
CA LYS A 65 -15.88 -0.02 14.90
C LYS A 65 -15.65 -1.04 13.78
N LEU A 66 -14.41 -1.13 13.32
CA LEU A 66 -14.01 -2.16 12.34
C LEU A 66 -13.38 -3.38 13.05
N ASP A 67 -12.18 -3.17 13.62
CA ASP A 67 -11.41 -4.22 14.32
C ASP A 67 -10.87 -5.32 13.39
N ILE A 68 -11.75 -5.89 12.60
CA ILE A 68 -11.44 -7.04 11.73
C ILE A 68 -11.08 -8.29 12.56
N LYS A 69 -12.05 -9.19 12.71
CA LYS A 69 -11.85 -10.42 13.49
C LYS A 69 -11.85 -11.67 12.60
N ASN A 70 -12.32 -11.54 11.35
CA ASN A 70 -12.28 -12.64 10.39
C ASN A 70 -12.17 -12.12 8.94
N GLU A 71 -11.99 -13.02 7.98
CA GLU A 71 -11.79 -12.64 6.57
C GLU A 71 -12.96 -11.78 6.02
N ASP A 72 -14.19 -12.06 6.46
CA ASP A 72 -15.36 -11.28 6.03
C ASP A 72 -15.15 -9.77 6.28
N ASP A 73 -14.59 -9.42 7.44
CA ASP A 73 -14.32 -8.03 7.77
C ASP A 73 -13.30 -7.43 6.79
N VAL A 74 -12.25 -8.21 6.50
CA VAL A 74 -11.24 -7.80 5.52
C VAL A 74 -11.88 -7.55 4.14
N LYS A 75 -12.74 -8.46 3.70
CA LYS A 75 -13.44 -8.31 2.43
C LYS A 75 -14.48 -7.17 2.50
N SER A 76 -15.02 -6.92 3.69
CA SER A 76 -15.93 -5.79 3.90
C SER A 76 -15.19 -4.46 3.77
N LEU A 77 -13.91 -4.44 4.15
CA LEU A 77 -13.07 -3.26 3.96
C LEU A 77 -12.98 -2.89 2.47
N SER A 78 -12.99 -3.90 1.61
CA SER A 78 -12.90 -3.70 0.15
C SER A 78 -13.97 -2.70 -0.34
N ARG A 79 -15.14 -2.74 0.29
CA ARG A 79 -16.24 -1.82 -0.05
C ARG A 79 -15.79 -0.35 0.14
N VAL A 80 -15.07 -0.09 1.24
CA VAL A 80 -14.51 1.24 1.50
C VAL A 80 -13.31 1.52 0.57
N MET A 81 -12.50 0.49 0.35
CA MET A 81 -11.30 0.61 -0.50
C MET A 81 -11.67 1.10 -1.92
N ILE A 82 -12.79 0.59 -2.45
CA ILE A 82 -13.30 1.04 -3.75
C ILE A 82 -13.61 2.55 -3.73
N HIS A 83 -14.10 3.07 -2.60
CA HIS A 83 -14.37 4.50 -2.45
C HIS A 83 -13.07 5.32 -2.52
N VAL A 84 -12.01 4.81 -1.92
CA VAL A 84 -10.69 5.47 -1.96
C VAL A 84 -10.20 5.64 -3.41
N PHE A 85 -10.57 4.70 -4.29
CA PHE A 85 -10.20 4.76 -5.71
C PHE A 85 -11.39 5.12 -6.62
N SER A 86 -12.39 5.81 -6.07
CA SER A 86 -13.56 6.24 -6.86
C SER A 86 -13.25 7.49 -7.71
N ASP A 87 -12.05 7.52 -8.30
CA ASP A 87 -11.61 8.66 -9.10
C ASP A 87 -10.48 8.24 -10.07
N GLY A 88 -10.13 9.13 -11.00
CA GLY A 88 -9.10 8.82 -11.99
C GLY A 88 -7.99 9.86 -12.09
N VAL A 89 -7.88 10.74 -11.09
CA VAL A 89 -6.81 11.75 -11.06
C VAL A 89 -5.42 11.11 -10.96
N THR A 90 -4.46 11.65 -11.71
CA THR A 90 -3.09 11.13 -11.72
C THR A 90 -2.31 11.59 -10.47
N ASN A 91 -2.59 10.95 -9.34
CA ASN A 91 -1.89 11.24 -8.07
C ASN A 91 -1.63 9.94 -7.29
N TRP A 92 -0.35 9.58 -7.14
CA TRP A 92 0.01 8.39 -6.39
C TRP A 92 -0.38 8.50 -4.90
N GLY A 93 -0.63 9.74 -4.46
CA GLY A 93 -1.08 9.97 -3.08
C GLY A 93 -2.28 9.13 -2.68
N ARG A 94 -3.22 8.93 -3.62
CA ARG A 94 -4.40 8.07 -3.37
C ARG A 94 -3.98 6.60 -3.19
N ILE A 95 -3.04 6.14 -4.00
CA ILE A 95 -2.49 4.79 -3.86
C ILE A 95 -1.82 4.63 -2.48
N VAL A 96 -1.03 5.65 -2.10
CA VAL A 96 -0.39 5.68 -0.78
C VAL A 96 -1.44 5.68 0.34
N THR A 97 -2.52 6.44 0.14
CA THR A 97 -3.62 6.49 1.13
C THR A 97 -4.17 5.09 1.44
N LEU A 98 -4.44 4.32 0.39
CA LEU A 98 -4.99 2.97 0.54
C LEU A 98 -4.01 2.05 1.28
N ILE A 99 -2.77 1.96 0.77
CA ILE A 99 -1.75 1.09 1.36
C ILE A 99 -1.38 1.53 2.79
N SER A 100 -1.31 2.85 3.00
CA SER A 100 -1.01 3.41 4.32
C SER A 100 -2.11 3.05 5.34
N PHE A 101 -3.37 3.19 4.93
CA PHE A 101 -4.50 2.79 5.79
C PHE A 101 -4.43 1.29 6.09
N GLY A 102 -4.04 0.49 5.09
CA GLY A 102 -3.84 -0.93 5.30
C GLY A 102 -2.82 -1.22 6.40
N ALA A 103 -1.68 -0.53 6.34
CA ALA A 103 -0.63 -0.66 7.36
C ALA A 103 -1.12 -0.14 8.73
N PHE A 104 -1.93 0.92 8.69
CA PHE A 104 -2.52 1.49 9.90
C PHE A 104 -3.43 0.46 10.60
N VAL A 105 -4.28 -0.21 9.83
CA VAL A 105 -5.13 -1.28 10.36
C VAL A 105 -4.28 -2.47 10.80
N ALA A 106 -3.19 -2.74 10.07
CA ALA A 106 -2.25 -3.81 10.41
C ALA A 106 -1.70 -3.67 11.84
N LYS A 107 -1.43 -2.42 12.24
CA LYS A 107 -1.01 -2.13 13.63
C LYS A 107 -2.08 -2.58 14.64
N HIS A 108 -3.35 -2.29 14.32
CA HIS A 108 -4.47 -2.71 15.18
C HIS A 108 -4.60 -4.24 15.19
N LEU A 109 -4.46 -4.86 14.02
CA LEU A 109 -4.52 -6.32 13.90
C LEU A 109 -3.43 -6.99 14.75
N LYS A 110 -2.19 -6.53 14.60
CA LYS A 110 -1.06 -7.07 15.36
C LYS A 110 -1.32 -6.97 16.88
N THR A 111 -1.84 -5.82 17.31
CA THR A 111 -2.13 -5.58 18.74
C THR A 111 -3.15 -6.59 19.29
N ILE A 112 -4.22 -6.84 18.54
CA ILE A 112 -5.27 -7.78 18.98
C ILE A 112 -4.98 -9.23 18.54
N ASN A 113 -3.72 -9.49 18.16
CA ASN A 113 -3.25 -10.85 17.79
C ASN A 113 -3.73 -11.31 16.40
N GLN A 114 -4.35 -10.41 15.65
CA GLN A 114 -4.78 -10.68 14.27
C GLN A 114 -3.63 -10.48 13.26
N GLU A 115 -2.40 -10.80 13.69
CA GLU A 115 -1.19 -10.59 12.87
C GLU A 115 -1.30 -11.33 11.51
N SER A 116 -2.02 -12.46 11.50
CA SER A 116 -2.25 -13.21 10.26
C SER A 116 -3.19 -12.47 9.31
N SER A 117 -4.23 -11.82 9.88
CA SER A 117 -5.22 -11.06 9.09
C SER A 117 -4.56 -9.99 8.21
N ILE A 118 -3.37 -9.53 8.62
CA ILE A 118 -2.61 -8.54 7.84
C ILE A 118 -2.37 -9.00 6.39
N GLU A 119 -2.11 -10.30 6.20
CA GLU A 119 -1.77 -10.84 4.87
C GLU A 119 -2.98 -10.78 3.89
N PRO A 120 -4.16 -11.36 4.23
CA PRO A 120 -5.36 -11.23 3.39
C PRO A 120 -5.81 -9.77 3.22
N LEU A 121 -5.50 -8.93 4.21
CA LEU A 121 -5.77 -7.49 4.12
C LEU A 121 -4.92 -6.88 2.99
N ALA A 122 -3.63 -7.20 2.98
CA ALA A 122 -2.73 -6.78 1.90
C ALA A 122 -3.24 -7.24 0.54
N GLU A 123 -3.83 -8.44 0.50
CA GLU A 123 -4.44 -8.96 -0.74
C GLU A 123 -5.61 -8.09 -1.18
N SER A 124 -6.48 -7.72 -0.23
CA SER A 124 -7.64 -6.85 -0.53
C SER A 124 -7.18 -5.48 -1.06
N ILE A 125 -6.17 -4.89 -0.42
CA ILE A 125 -5.58 -3.64 -0.89
C ILE A 125 -5.14 -3.77 -2.36
N THR A 126 -4.36 -4.80 -2.64
CA THR A 126 -3.86 -5.06 -4.00
C THR A 126 -5.00 -5.43 -4.97
N ASP A 127 -6.03 -6.12 -4.45
CA ASP A 127 -7.17 -6.54 -5.27
C ASP A 127 -7.92 -5.34 -5.84
N VAL A 128 -8.28 -4.40 -4.96
CA VAL A 128 -8.94 -3.15 -5.39
C VAL A 128 -8.01 -2.30 -6.27
N LEU A 129 -6.72 -2.32 -5.94
CA LEU A 129 -5.71 -1.62 -6.74
C LEU A 129 -5.70 -2.11 -8.20
N VAL A 130 -5.60 -3.42 -8.38
CA VAL A 130 -5.56 -4.03 -9.72
C VAL A 130 -6.96 -4.07 -10.36
N ARG A 131 -8.00 -4.07 -9.52
CA ARG A 131 -9.40 -4.10 -9.97
C ARG A 131 -9.67 -3.13 -11.13
N THR A 132 -9.30 -1.87 -10.95
CA THR A 132 -9.60 -0.82 -11.92
C THR A 132 -8.38 0.02 -12.32
N LYS A 133 -7.37 0.11 -11.45
CA LYS A 133 -6.13 0.85 -11.77
C LYS A 133 -5.13 -0.01 -12.55
N ARG A 134 -5.56 -1.18 -13.02
CA ARG A 134 -4.70 -2.12 -13.78
C ARG A 134 -3.88 -1.42 -14.88
N ASP A 135 -4.58 -0.81 -15.85
CA ASP A 135 -3.92 -0.14 -16.97
C ASP A 135 -3.09 1.06 -16.51
N TRP A 136 -3.59 1.79 -15.54
CA TRP A 136 -2.88 2.96 -14.99
C TRP A 136 -1.54 2.54 -14.35
N LEU A 137 -1.54 1.39 -13.66
CA LEU A 137 -0.33 0.88 -13.01
C LEU A 137 0.80 0.63 -14.03
N VAL A 138 0.48 -0.08 -15.11
CA VAL A 138 1.49 -0.38 -16.13
C VAL A 138 1.82 0.86 -17.00
N LYS A 139 0.80 1.63 -17.36
CA LYS A 139 0.99 2.81 -18.23
C LYS A 139 1.77 3.92 -17.52
N GLN A 140 1.43 4.21 -16.26
CA GLN A 140 2.16 5.21 -15.48
C GLN A 140 3.36 4.58 -14.74
N ARG A 141 3.61 3.30 -15.02
CA ARG A 141 4.74 2.56 -14.45
C ARG A 141 4.69 2.52 -12.91
N GLY A 142 3.47 2.56 -12.39
CA GLY A 142 3.18 2.42 -10.96
C GLY A 142 4.36 2.66 -10.02
N TRP A 143 5.11 1.60 -9.76
CA TRP A 143 6.17 1.62 -8.75
C TRP A 143 7.42 2.40 -9.19
N ASP A 144 7.75 2.34 -10.49
CA ASP A 144 8.86 3.15 -11.02
C ASP A 144 8.53 4.65 -10.91
N GLY A 145 7.36 5.03 -11.41
CA GLY A 145 6.92 6.42 -11.33
C GLY A 145 6.69 6.89 -9.89
N PHE A 146 6.20 5.97 -9.06
CA PHE A 146 5.96 6.24 -7.63
C PHE A 146 7.23 6.75 -6.92
N VAL A 147 8.34 6.05 -7.12
CA VAL A 147 9.60 6.38 -6.45
C VAL A 147 10.14 7.76 -6.87
N GLU A 148 10.13 8.05 -8.17
CA GLU A 148 10.61 9.35 -8.67
C GLU A 148 9.60 10.47 -8.37
N PHE A 149 8.32 10.11 -8.27
CA PHE A 149 7.26 11.09 -7.97
C PHE A 149 7.53 11.82 -6.64
N PHE A 150 7.82 11.05 -5.59
CA PHE A 150 8.20 11.62 -4.30
C PHE A 150 9.69 11.96 -4.25
N HIS A 151 10.42 11.54 -5.29
CA HIS A 151 11.85 11.83 -5.47
C HIS A 151 12.71 11.19 -4.37
N VAL A 152 12.85 9.86 -4.43
CA VAL A 152 13.72 9.11 -3.52
C VAL A 152 14.91 8.48 -4.27
N GLU A 153 14.59 7.57 -5.19
CA GLU A 153 15.60 6.92 -6.04
C GLU A 153 15.22 7.09 -7.53
N ASP A 154 15.33 8.32 -8.03
CA ASP A 154 14.91 8.65 -9.41
C ASP A 154 16.09 8.66 -10.40
N LEU A 155 15.78 8.76 -11.69
CA LEU A 155 16.79 8.76 -12.75
C LEU A 155 16.81 10.09 -13.53
N GLU A 156 15.74 10.87 -13.41
CA GLU A 156 15.66 12.25 -13.96
C GLU A 156 15.69 12.31 -15.52
N GLY A 157 16.05 11.22 -16.19
CA GLY A 157 16.13 11.23 -17.66
C GLY A 157 14.77 11.25 -18.36
N GLY A 158 14.36 10.11 -18.90
CA GLY A 158 13.08 10.03 -19.59
C GLY A 158 11.92 9.65 -18.67
N HIS A 159 11.01 10.61 -18.44
CA HIS A 159 9.87 10.40 -17.53
C HIS A 159 8.87 11.58 -17.60
N HIS A 160 7.71 11.43 -16.94
CA HIS A 160 6.69 12.48 -16.91
C HIS A 160 5.91 12.50 -15.56
N HIS A 161 6.07 13.56 -14.78
CA HIS A 161 5.28 13.75 -13.56
C HIS A 161 3.94 14.45 -13.88
N HIS A 162 2.93 13.67 -14.24
CA HIS A 162 1.63 14.22 -14.65
C HIS A 162 0.85 14.83 -13.47
N HIS A 163 1.25 16.04 -13.04
CA HIS A 163 0.51 16.80 -12.01
C HIS A 163 1.27 18.07 -11.60
N HIS A 164 0.59 18.94 -10.86
CA HIS A 164 1.22 20.12 -10.26
C HIS A 164 2.18 19.72 -9.11
N MET A 1 -3.85 -18.73 -11.18
CA MET A 1 -2.52 -18.34 -11.72
C MET A 1 -2.38 -16.81 -11.79
N GLU A 2 -1.77 -16.24 -10.76
CA GLU A 2 -1.65 -14.79 -10.64
C GLU A 2 -0.40 -14.28 -11.37
N ASP A 3 -0.60 -13.27 -12.23
CA ASP A 3 0.48 -12.68 -13.02
C ASP A 3 1.63 -12.17 -12.14
N GLU A 4 2.83 -12.05 -12.73
CA GLU A 4 4.01 -11.58 -12.00
C GLU A 4 3.74 -10.24 -11.29
N LEU A 5 3.10 -9.31 -12.00
CA LEU A 5 2.72 -8.01 -11.44
C LEU A 5 1.86 -8.15 -10.17
N TYR A 6 0.92 -9.10 -10.19
CA TYR A 6 0.04 -9.33 -9.03
C TYR A 6 0.85 -9.90 -7.85
N ARG A 7 1.61 -10.97 -8.12
CA ARG A 7 2.46 -11.60 -7.09
C ARG A 7 3.49 -10.61 -6.53
N GLN A 8 4.01 -9.74 -7.41
CA GLN A 8 4.96 -8.70 -7.03
C GLN A 8 4.33 -7.67 -6.09
N SER A 9 3.19 -7.13 -6.51
CA SER A 9 2.46 -6.14 -5.71
C SER A 9 2.11 -6.71 -4.33
N LEU A 10 1.55 -7.93 -4.32
CA LEU A 10 1.22 -8.63 -3.07
C LEU A 10 2.48 -8.85 -2.21
N GLU A 11 3.58 -9.20 -2.87
CA GLU A 11 4.86 -9.42 -2.19
C GLU A 11 5.32 -8.17 -1.41
N ILE A 12 5.34 -7.03 -2.10
CA ILE A 12 5.74 -5.75 -1.50
C ILE A 12 4.77 -5.32 -0.38
N ILE A 13 3.48 -5.29 -0.70
CA ILE A 13 2.44 -4.83 0.23
C ILE A 13 2.35 -5.74 1.48
N SER A 14 2.27 -7.07 1.27
CA SER A 14 2.20 -8.02 2.38
C SER A 14 3.35 -7.83 3.37
N ARG A 15 4.59 -7.79 2.84
CA ARG A 15 5.75 -7.49 3.66
C ARG A 15 5.57 -6.17 4.42
N TYR A 16 5.29 -5.10 3.66
CA TYR A 16 5.18 -3.75 4.23
C TYR A 16 4.20 -3.69 5.42
N LEU A 17 3.04 -4.31 5.28
CA LEU A 17 2.05 -4.34 6.37
C LEU A 17 2.63 -4.98 7.65
N ARG A 18 3.22 -6.17 7.52
CA ARG A 18 3.83 -6.84 8.67
C ARG A 18 5.10 -6.11 9.14
N GLU A 19 5.77 -5.40 8.23
CA GLU A 19 6.93 -4.56 8.57
C GLU A 19 6.50 -3.41 9.51
N GLN A 20 5.35 -2.81 9.20
CA GLN A 20 4.80 -1.71 10.00
C GLN A 20 4.25 -2.21 11.35
N ALA A 21 3.63 -3.39 11.34
CA ALA A 21 3.08 -3.98 12.57
C ALA A 21 4.18 -4.34 13.58
N THR A 22 5.26 -4.94 13.09
CA THR A 22 6.38 -5.37 13.95
C THR A 22 7.40 -4.24 14.15
N GLY A 23 7.65 -3.46 13.09
CA GLY A 23 8.61 -2.36 13.16
C GLY A 23 9.98 -2.72 12.60
N ALA A 24 10.01 -3.61 11.62
CA ALA A 24 11.28 -4.08 11.03
C ALA A 24 11.49 -3.54 9.60
N LYS A 25 12.67 -3.83 9.03
CA LYS A 25 12.97 -3.44 7.65
C LYS A 25 13.82 -4.50 6.93
N ASP A 26 13.39 -4.88 5.73
CA ASP A 26 14.11 -5.85 4.90
C ASP A 26 14.81 -5.14 3.72
N THR A 27 15.90 -5.72 3.23
CA THR A 27 16.61 -5.17 2.07
C THR A 27 17.30 -6.27 1.24
N LYS A 28 16.98 -7.52 1.54
CA LYS A 28 17.61 -8.66 0.85
C LYS A 28 17.10 -8.82 -0.59
N PRO A 29 17.86 -9.51 -1.46
CA PRO A 29 17.41 -9.81 -2.83
C PRO A 29 15.99 -10.39 -2.87
N MET A 30 15.04 -9.59 -3.33
CA MET A 30 13.63 -9.97 -3.34
C MET A 30 13.36 -11.16 -4.29
N GLY A 31 12.27 -11.89 -4.03
CA GLY A 31 11.95 -13.08 -4.81
C GLY A 31 11.34 -12.80 -6.18
N ARG A 32 10.08 -12.37 -6.19
CA ARG A 32 9.32 -12.20 -7.44
C ARG A 32 9.93 -11.12 -8.36
N SER A 33 10.02 -9.89 -7.87
CA SER A 33 10.54 -8.77 -8.68
C SER A 33 12.07 -8.63 -8.58
N GLY A 34 12.53 -8.11 -7.45
CA GLY A 34 13.96 -7.81 -7.28
C GLY A 34 14.20 -6.35 -6.93
N ALA A 35 14.77 -5.59 -7.86
CA ALA A 35 15.10 -4.18 -7.62
C ALA A 35 13.84 -3.32 -7.42
N THR A 36 12.87 -3.44 -8.33
CA THR A 36 11.63 -2.65 -8.26
C THR A 36 10.91 -2.89 -6.92
N SER A 37 10.85 -4.13 -6.48
CA SER A 37 10.22 -4.48 -5.20
C SER A 37 10.97 -3.85 -4.02
N ARG A 38 12.29 -3.91 -4.03
CA ARG A 38 13.11 -3.36 -2.94
C ARG A 38 12.97 -1.83 -2.85
N LYS A 39 13.21 -1.13 -3.96
CA LYS A 39 13.11 0.34 -3.99
C LYS A 39 11.71 0.80 -3.53
N ALA A 40 10.69 0.05 -3.91
CA ALA A 40 9.32 0.34 -3.47
C ALA A 40 9.17 0.10 -1.96
N LEU A 41 9.66 -1.05 -1.48
CA LEU A 41 9.52 -1.43 -0.07
C LEU A 41 10.25 -0.45 0.88
N GLU A 42 11.41 0.03 0.47
CA GLU A 42 12.17 1.00 1.28
C GLU A 42 11.55 2.41 1.23
N THR A 43 10.98 2.77 0.08
CA THR A 43 10.32 4.08 -0.06
C THR A 43 8.94 4.11 0.64
N LEU A 44 8.18 3.03 0.51
CA LEU A 44 6.84 2.93 1.13
C LEU A 44 6.85 3.25 2.63
N ARG A 45 7.91 2.87 3.33
CA ARG A 45 7.98 3.09 4.78
C ARG A 45 8.33 4.53 5.13
N ARG A 46 9.28 5.14 4.40
CA ARG A 46 9.69 6.52 4.68
C ARG A 46 8.58 7.54 4.33
N VAL A 47 7.77 7.25 3.31
CA VAL A 47 6.64 8.13 2.96
C VAL A 47 5.34 7.67 3.62
N GLY A 48 5.17 6.35 3.76
CA GLY A 48 3.92 5.80 4.27
C GLY A 48 3.67 6.10 5.74
N ASP A 49 4.68 5.87 6.59
CA ASP A 49 4.54 6.14 8.01
C ASP A 49 4.30 7.64 8.28
N GLY A 50 4.95 8.49 7.48
CA GLY A 50 4.72 9.93 7.56
C GLY A 50 3.28 10.30 7.24
N VAL A 51 2.76 9.80 6.11
CA VAL A 51 1.35 10.00 5.74
C VAL A 51 0.41 9.47 6.83
N GLN A 52 0.73 8.29 7.36
CA GLN A 52 -0.05 7.69 8.46
C GLN A 52 -0.17 8.65 9.66
N ARG A 53 0.93 9.27 10.06
CA ARG A 53 0.94 10.10 11.27
C ARG A 53 0.05 11.35 11.16
N ASN A 54 0.20 12.12 10.09
CA ASN A 54 -0.62 13.34 9.93
C ASN A 54 -2.10 12.97 9.67
N HIS A 55 -2.32 11.84 9.02
CA HIS A 55 -3.68 11.30 8.81
C HIS A 55 -4.19 10.54 10.04
N GLU A 56 -3.29 10.13 10.93
CA GLU A 56 -3.63 9.26 12.08
C GLU A 56 -4.85 9.79 12.85
N THR A 57 -4.85 11.07 13.19
CA THR A 57 -6.00 11.70 13.87
C THR A 57 -7.32 11.43 13.12
N ALA A 58 -7.23 11.36 11.78
CA ALA A 58 -8.40 11.08 10.93
C ALA A 58 -8.72 9.57 10.89
N PHE A 59 -7.71 8.77 10.52
CA PHE A 59 -7.89 7.31 10.42
C PHE A 59 -8.39 6.69 11.74
N GLN A 60 -7.94 7.22 12.88
CA GLN A 60 -8.43 6.74 14.19
C GLN A 60 -9.96 6.88 14.27
N GLY A 61 -10.49 7.98 13.73
CA GLY A 61 -11.93 8.17 13.68
C GLY A 61 -12.64 7.10 12.86
N MET A 62 -11.89 6.47 11.95
CA MET A 62 -12.42 5.38 11.13
C MET A 62 -12.26 4.02 11.85
N LEU A 63 -11.04 3.70 12.27
CA LEU A 63 -10.75 2.41 12.92
C LEU A 63 -11.60 2.18 14.18
N ARG A 64 -11.92 3.25 14.91
CA ARG A 64 -12.76 3.11 16.11
C ARG A 64 -14.17 2.61 15.77
N LYS A 65 -14.67 2.96 14.58
CA LYS A 65 -15.99 2.48 14.13
C LYS A 65 -15.86 1.30 13.14
N LEU A 66 -14.62 0.95 12.77
CA LEU A 66 -14.35 -0.25 11.98
C LEU A 66 -13.96 -1.43 12.88
N ASP A 67 -12.76 -1.34 13.45
CA ASP A 67 -12.18 -2.38 14.32
C ASP A 67 -12.38 -3.81 13.75
N ILE A 68 -11.44 -4.24 12.91
CA ILE A 68 -11.53 -5.53 12.23
C ILE A 68 -11.33 -6.70 13.21
N LYS A 69 -12.38 -7.52 13.38
CA LYS A 69 -12.33 -8.66 14.31
C LYS A 69 -12.39 -10.01 13.57
N ASN A 70 -12.78 -10.00 12.30
CA ASN A 70 -12.81 -11.23 11.49
C ASN A 70 -12.52 -10.92 10.00
N GLU A 71 -12.36 -11.96 9.19
CA GLU A 71 -11.99 -11.80 7.77
C GLU A 71 -13.04 -11.02 6.97
N ASP A 72 -14.30 -11.12 7.37
CA ASP A 72 -15.38 -10.40 6.69
C ASP A 72 -15.15 -8.88 6.76
N ASP A 73 -14.67 -8.39 7.91
CA ASP A 73 -14.31 -6.98 8.07
C ASP A 73 -13.23 -6.58 7.06
N VAL A 74 -12.25 -7.48 6.86
CA VAL A 74 -11.19 -7.27 5.87
C VAL A 74 -11.78 -7.10 4.46
N LYS A 75 -12.72 -7.97 4.09
CA LYS A 75 -13.42 -7.88 2.80
C LYS A 75 -14.22 -6.58 2.69
N SER A 76 -14.74 -6.10 3.83
CA SER A 76 -15.42 -4.79 3.88
C SER A 76 -14.42 -3.67 3.60
N LEU A 77 -13.19 -3.81 4.10
CA LEU A 77 -12.11 -2.87 3.79
C LEU A 77 -11.83 -2.83 2.29
N SER A 78 -11.91 -3.99 1.62
CA SER A 78 -11.73 -4.07 0.17
C SER A 78 -12.67 -3.10 -0.55
N ARG A 79 -13.93 -3.03 -0.10
CA ARG A 79 -14.89 -2.08 -0.64
C ARG A 79 -14.40 -0.65 -0.44
N VAL A 80 -13.92 -0.34 0.76
CA VAL A 80 -13.36 0.99 1.07
C VAL A 80 -12.18 1.31 0.16
N MET A 81 -11.35 0.30 -0.12
CA MET A 81 -10.20 0.46 -1.02
C MET A 81 -10.65 0.91 -2.41
N ILE A 82 -11.79 0.39 -2.86
CA ILE A 82 -12.41 0.83 -4.11
C ILE A 82 -12.74 2.33 -4.06
N HIS A 83 -13.19 2.79 -2.89
CA HIS A 83 -13.50 4.22 -2.69
C HIS A 83 -12.24 5.09 -2.70
N VAL A 84 -11.11 4.51 -2.29
CA VAL A 84 -9.82 5.22 -2.32
C VAL A 84 -9.40 5.55 -3.76
N PHE A 85 -9.85 4.74 -4.72
CA PHE A 85 -9.56 4.98 -6.14
C PHE A 85 -10.68 5.76 -6.85
N SER A 86 -11.63 6.30 -6.07
CA SER A 86 -12.70 7.16 -6.63
C SER A 86 -12.11 8.43 -7.25
N ASP A 87 -11.22 9.07 -6.50
CA ASP A 87 -10.51 10.27 -6.96
C ASP A 87 -9.67 9.99 -8.23
N GLY A 88 -8.59 9.23 -8.06
CA GLY A 88 -7.77 8.82 -9.20
C GLY A 88 -7.00 9.96 -9.88
N VAL A 89 -6.22 10.71 -9.11
CA VAL A 89 -5.30 11.71 -9.69
C VAL A 89 -3.93 11.11 -10.01
N THR A 90 -3.25 11.68 -11.01
CA THR A 90 -1.95 11.18 -11.48
C THR A 90 -0.80 11.47 -10.51
N ASN A 91 -1.13 11.94 -9.30
CA ASN A 91 -0.11 12.21 -8.26
C ASN A 91 0.37 10.91 -7.59
N TRP A 92 -0.28 9.79 -7.90
CA TRP A 92 0.07 8.48 -7.33
C TRP A 92 -0.14 8.41 -5.80
N GLY A 93 -0.51 9.53 -5.18
CA GLY A 93 -0.84 9.55 -3.75
C GLY A 93 -1.92 8.55 -3.39
N ARG A 94 -2.75 8.19 -4.37
CA ARG A 94 -3.77 7.16 -4.20
C ARG A 94 -3.15 5.82 -3.76
N ILE A 95 -2.04 5.45 -4.40
CA ILE A 95 -1.33 4.21 -4.08
C ILE A 95 -0.74 4.28 -2.66
N VAL A 96 -0.03 5.36 -2.37
CA VAL A 96 0.55 5.58 -1.03
C VAL A 96 -0.51 5.47 0.07
N THR A 97 -1.60 6.25 -0.10
CA THR A 97 -2.70 6.25 0.87
C THR A 97 -3.31 4.84 1.05
N LEU A 98 -3.48 4.13 -0.07
CA LEU A 98 -4.04 2.77 -0.03
C LEU A 98 -3.19 1.83 0.83
N ILE A 99 -1.91 1.75 0.51
CA ILE A 99 -0.98 0.85 1.22
C ILE A 99 -0.72 1.33 2.66
N SER A 100 -0.66 2.64 2.85
CA SER A 100 -0.46 3.23 4.18
C SER A 100 -1.65 2.94 5.10
N PHE A 101 -2.87 3.11 4.59
CA PHE A 101 -4.08 2.78 5.35
C PHE A 101 -4.11 1.29 5.70
N GLY A 102 -3.77 0.43 4.73
CA GLY A 102 -3.69 -1.00 4.99
C GLY A 102 -2.70 -1.33 6.10
N ALA A 103 -1.51 -0.73 6.04
CA ALA A 103 -0.49 -0.91 7.08
C ALA A 103 -0.93 -0.30 8.42
N PHE A 104 -1.68 0.80 8.35
CA PHE A 104 -2.19 1.47 9.55
C PHE A 104 -3.21 0.58 10.27
N VAL A 105 -4.13 -0.02 9.51
CA VAL A 105 -5.08 -0.98 10.09
C VAL A 105 -4.35 -2.24 10.57
N ALA A 106 -3.30 -2.64 9.82
CA ALA A 106 -2.45 -3.77 10.21
C ALA A 106 -1.81 -3.55 11.60
N LYS A 107 -1.31 -2.33 11.84
CA LYS A 107 -0.79 -1.94 13.16
C LYS A 107 -1.85 -2.17 14.25
N HIS A 108 -3.08 -1.72 13.98
CA HIS A 108 -4.20 -1.93 14.90
C HIS A 108 -4.53 -3.43 15.04
N LEU A 109 -4.38 -4.18 13.94
CA LEU A 109 -4.64 -5.63 13.96
C LEU A 109 -3.66 -6.37 14.89
N LYS A 110 -2.37 -6.10 14.73
CA LYS A 110 -1.35 -6.72 15.59
C LYS A 110 -1.63 -6.38 17.06
N THR A 111 -2.05 -5.15 17.31
CA THR A 111 -2.43 -4.71 18.66
C THR A 111 -3.60 -5.53 19.24
N ILE A 112 -4.51 -5.96 18.37
CA ILE A 112 -5.70 -6.71 18.82
C ILE A 112 -5.62 -8.22 18.48
N ASN A 113 -4.40 -8.73 18.33
CA ASN A 113 -4.16 -10.18 18.11
C ASN A 113 -4.75 -10.68 16.78
N GLN A 114 -4.69 -9.85 15.74
CA GLN A 114 -5.25 -10.19 14.42
C GLN A 114 -4.15 -10.24 13.34
N GLU A 115 -2.94 -10.65 13.73
CA GLU A 115 -1.82 -10.78 12.78
C GLU A 115 -2.19 -11.64 11.56
N SER A 116 -3.08 -12.61 11.76
CA SER A 116 -3.53 -13.47 10.67
C SER A 116 -4.38 -12.67 9.66
N SER A 117 -5.17 -11.73 10.17
CA SER A 117 -6.04 -10.88 9.33
C SER A 117 -5.23 -9.96 8.41
N ILE A 118 -4.01 -9.62 8.84
CA ILE A 118 -3.13 -8.72 8.07
C ILE A 118 -2.85 -9.26 6.65
N GLU A 119 -2.68 -10.57 6.52
CA GLU A 119 -2.35 -11.17 5.21
C GLU A 119 -3.49 -11.04 4.18
N PRO A 120 -4.74 -11.50 4.48
CA PRO A 120 -5.88 -11.30 3.58
C PRO A 120 -6.16 -9.81 3.34
N LEU A 121 -5.78 -8.96 4.30
CA LEU A 121 -5.88 -7.51 4.14
C LEU A 121 -4.94 -7.04 3.02
N ALA A 122 -3.69 -7.51 3.08
CA ALA A 122 -2.71 -7.23 2.02
C ALA A 122 -3.19 -7.77 0.67
N GLU A 123 -3.83 -8.94 0.68
CA GLU A 123 -4.44 -9.51 -0.52
C GLU A 123 -5.55 -8.60 -1.06
N SER A 124 -6.36 -8.03 -0.16
CA SER A 124 -7.43 -7.09 -0.54
C SER A 124 -6.85 -5.84 -1.22
N ILE A 125 -5.80 -5.28 -0.61
CA ILE A 125 -5.10 -4.12 -1.19
C ILE A 125 -4.63 -4.43 -2.62
N THR A 126 -3.93 -5.54 -2.78
CA THR A 126 -3.39 -5.96 -4.08
C THR A 126 -4.52 -6.32 -5.07
N ASP A 127 -5.56 -6.98 -4.57
CA ASP A 127 -6.68 -7.38 -5.43
C ASP A 127 -7.33 -6.16 -6.08
N VAL A 128 -7.72 -5.18 -5.27
CA VAL A 128 -8.34 -3.94 -5.78
C VAL A 128 -7.37 -3.20 -6.71
N LEU A 129 -6.12 -3.11 -6.28
CA LEU A 129 -5.07 -2.43 -7.06
C LEU A 129 -5.05 -2.90 -8.53
N VAL A 130 -4.99 -4.21 -8.71
CA VAL A 130 -5.01 -4.82 -10.06
C VAL A 130 -6.43 -4.81 -10.66
N ARG A 131 -7.42 -4.98 -9.79
CA ARG A 131 -8.83 -5.12 -10.17
C ARG A 131 -9.36 -3.91 -10.97
N THR A 132 -8.85 -2.71 -10.66
CA THR A 132 -9.32 -1.49 -11.32
C THR A 132 -8.24 -0.77 -12.15
N LYS A 133 -6.96 -1.10 -11.97
CA LYS A 133 -5.90 -0.52 -12.83
C LYS A 133 -4.69 -1.45 -13.03
N ARG A 134 -4.95 -2.71 -13.39
CA ARG A 134 -3.88 -3.67 -13.73
C ARG A 134 -2.91 -3.10 -14.78
N ASP A 135 -3.43 -2.78 -15.96
CA ASP A 135 -2.60 -2.30 -17.07
C ASP A 135 -1.83 -1.01 -16.68
N TRP A 136 -2.53 -0.05 -16.09
CA TRP A 136 -1.91 1.23 -15.68
C TRP A 136 -0.66 1.01 -14.81
N LEU A 137 -0.73 0.02 -13.92
CA LEU A 137 0.39 -0.34 -13.05
C LEU A 137 1.68 -0.62 -13.84
N VAL A 138 1.61 -1.47 -14.87
CA VAL A 138 2.77 -1.78 -15.70
C VAL A 138 3.06 -0.67 -16.73
N LYS A 139 2.00 -0.18 -17.40
CA LYS A 139 2.14 0.87 -18.43
C LYS A 139 2.88 2.10 -17.88
N GLN A 140 2.42 2.62 -16.75
CA GLN A 140 3.02 3.80 -16.13
C GLN A 140 4.06 3.40 -15.08
N ARG A 141 4.32 2.10 -14.96
CA ARG A 141 5.37 1.59 -14.06
C ARG A 141 5.11 1.98 -12.60
N GLY A 142 3.82 1.95 -12.20
CA GLY A 142 3.36 2.41 -10.89
C GLY A 142 4.39 2.34 -9.75
N TRP A 143 5.05 1.21 -9.58
CA TRP A 143 6.04 1.06 -8.50
C TRP A 143 7.27 1.94 -8.72
N ASP A 144 7.88 1.86 -9.90
CA ASP A 144 8.99 2.74 -10.27
C ASP A 144 8.53 4.20 -10.38
N GLY A 145 7.26 4.40 -10.76
CA GLY A 145 6.68 5.74 -10.85
C GLY A 145 6.50 6.37 -9.47
N PHE A 146 6.12 5.55 -8.50
CA PHE A 146 6.04 5.96 -7.10
C PHE A 146 7.41 6.43 -6.58
N VAL A 147 8.45 5.69 -6.97
CA VAL A 147 9.82 6.01 -6.54
C VAL A 147 10.37 7.29 -7.19
N GLU A 148 10.04 7.51 -8.48
CA GLU A 148 10.48 8.72 -9.20
C GLU A 148 9.68 9.96 -8.75
N PHE A 149 8.37 9.79 -8.53
CA PHE A 149 7.50 10.91 -8.13
C PHE A 149 7.97 11.54 -6.82
N PHE A 150 8.25 10.72 -5.82
CA PHE A 150 8.79 11.20 -4.54
C PHE A 150 10.31 11.44 -4.64
N HIS A 151 10.90 10.99 -5.76
CA HIS A 151 12.31 11.22 -6.06
C HIS A 151 13.24 10.66 -4.96
N VAL A 152 13.20 9.34 -4.80
CA VAL A 152 14.07 8.65 -3.84
C VAL A 152 15.26 8.01 -4.58
N GLU A 153 14.99 6.97 -5.35
CA GLU A 153 16.00 6.36 -6.21
C GLU A 153 15.81 6.84 -7.65
N ASP A 154 16.09 8.12 -7.86
CA ASP A 154 15.87 8.77 -9.16
C ASP A 154 16.71 10.07 -9.28
N LEU A 155 16.81 10.61 -10.51
CA LEU A 155 17.55 11.85 -10.75
C LEU A 155 16.72 12.88 -11.57
N GLU A 156 15.57 12.45 -12.10
CA GLU A 156 14.68 13.35 -12.87
C GLU A 156 13.20 12.96 -12.69
N GLY A 157 12.88 11.72 -13.08
CA GLY A 157 11.50 11.22 -12.99
C GLY A 157 10.46 12.18 -13.58
N GLY A 158 9.51 12.59 -12.75
CA GLY A 158 8.48 13.52 -13.18
C GLY A 158 7.41 13.75 -12.11
N HIS A 159 6.86 14.96 -12.07
CA HIS A 159 5.81 15.29 -11.10
C HIS A 159 4.41 14.94 -11.64
N HIS A 160 4.34 14.63 -12.93
CA HIS A 160 3.11 14.14 -13.58
C HIS A 160 1.90 15.07 -13.36
N HIS A 161 2.15 16.33 -13.00
CA HIS A 161 1.07 17.27 -12.73
C HIS A 161 0.44 17.82 -14.03
N HIS A 162 -0.56 17.09 -14.53
CA HIS A 162 -1.34 17.53 -15.68
C HIS A 162 -2.83 17.60 -15.30
N HIS A 163 -3.31 18.82 -15.03
CA HIS A 163 -4.68 19.02 -14.55
C HIS A 163 -5.14 20.46 -14.79
N HIS A 164 -6.44 20.64 -15.05
CA HIS A 164 -7.03 21.97 -15.19
C HIS A 164 -7.77 22.38 -13.90
N MET A 1 -5.09 -17.51 -11.75
CA MET A 1 -6.13 -16.47 -11.92
C MET A 1 -5.58 -15.07 -11.56
N GLU A 2 -4.32 -14.83 -11.91
CA GLU A 2 -3.64 -13.57 -11.59
C GLU A 2 -2.46 -13.33 -12.56
N ASP A 3 -1.64 -12.33 -12.27
CA ASP A 3 -0.48 -12.01 -13.11
C ASP A 3 0.75 -11.61 -12.26
N GLU A 4 1.88 -11.35 -12.91
CA GLU A 4 3.12 -11.01 -12.21
C GLU A 4 3.00 -9.69 -11.43
N LEU A 5 2.34 -8.69 -12.02
CA LEU A 5 2.17 -7.39 -11.36
C LEU A 5 1.39 -7.55 -10.05
N TYR A 6 0.35 -8.39 -10.08
CA TYR A 6 -0.41 -8.73 -8.87
C TYR A 6 0.51 -9.32 -7.80
N ARG A 7 1.33 -10.30 -8.19
CA ARG A 7 2.27 -10.95 -7.27
C ARG A 7 3.32 -9.96 -6.73
N GLN A 8 3.86 -9.14 -7.62
CA GLN A 8 4.89 -8.15 -7.27
C GLN A 8 4.35 -7.12 -6.26
N SER A 9 3.21 -6.51 -6.60
CA SER A 9 2.56 -5.54 -5.71
C SER A 9 2.16 -6.19 -4.38
N LEU A 10 1.58 -7.38 -4.46
CA LEU A 10 1.22 -8.16 -3.27
C LEU A 10 2.42 -8.34 -2.33
N GLU A 11 3.58 -8.69 -2.89
CA GLU A 11 4.81 -8.84 -2.10
C GLU A 11 5.21 -7.54 -1.41
N ILE A 12 5.28 -6.46 -2.17
CA ILE A 12 5.65 -5.13 -1.63
C ILE A 12 4.73 -4.73 -0.47
N ILE A 13 3.42 -4.79 -0.71
CA ILE A 13 2.42 -4.39 0.28
C ILE A 13 2.41 -5.33 1.51
N SER A 14 2.35 -6.64 1.27
CA SER A 14 2.30 -7.64 2.36
C SER A 14 3.48 -7.48 3.32
N ARG A 15 4.69 -7.36 2.76
CA ARG A 15 5.89 -7.17 3.57
C ARG A 15 5.85 -5.86 4.36
N TYR A 16 5.38 -4.78 3.73
CA TYR A 16 5.24 -3.49 4.41
C TYR A 16 4.26 -3.59 5.59
N LEU A 17 3.11 -4.22 5.37
CA LEU A 17 2.12 -4.43 6.43
C LEU A 17 2.67 -5.33 7.55
N ARG A 18 3.51 -6.30 7.18
CA ARG A 18 4.16 -7.18 8.17
C ARG A 18 5.08 -6.39 9.11
N GLU A 19 6.00 -5.64 8.53
CA GLU A 19 6.94 -4.82 9.31
C GLU A 19 6.21 -3.74 10.13
N GLN A 20 5.13 -3.20 9.57
CA GLN A 20 4.29 -2.23 10.28
C GLN A 20 3.46 -2.91 11.37
N ALA A 21 3.15 -4.17 11.17
CA ALA A 21 2.45 -4.97 12.17
C ALA A 21 3.37 -5.32 13.34
N THR A 22 4.62 -5.62 13.03
CA THR A 22 5.61 -5.99 14.04
C THR A 22 6.32 -4.75 14.63
N GLY A 23 6.27 -3.64 13.90
CA GLY A 23 6.84 -2.37 14.39
C GLY A 23 8.34 -2.25 14.18
N ALA A 24 8.83 -2.70 13.02
CA ALA A 24 10.27 -2.65 12.73
C ALA A 24 10.55 -2.65 11.21
N LYS A 25 11.79 -2.96 10.85
CA LYS A 25 12.18 -3.13 9.44
C LYS A 25 12.99 -4.42 9.27
N ASP A 26 12.87 -5.06 8.11
CA ASP A 26 13.56 -6.32 7.85
C ASP A 26 14.80 -6.12 6.95
N THR A 27 15.38 -7.25 6.55
CA THR A 27 16.50 -7.28 5.61
C THR A 27 16.46 -8.61 4.82
N LYS A 28 15.24 -9.00 4.44
CA LYS A 28 15.00 -10.29 3.76
C LYS A 28 15.03 -10.14 2.22
N PRO A 29 15.61 -11.14 1.53
CA PRO A 29 15.62 -11.17 0.05
C PRO A 29 14.19 -11.14 -0.56
N MET A 30 14.03 -10.44 -1.69
CA MET A 30 12.72 -10.33 -2.35
C MET A 30 12.52 -11.39 -3.45
N GLY A 31 11.35 -11.37 -4.09
CA GLY A 31 11.02 -12.38 -5.09
C GLY A 31 11.65 -12.11 -6.48
N ARG A 32 10.86 -12.29 -7.54
CA ARG A 32 11.35 -12.08 -8.91
C ARG A 32 11.74 -10.61 -9.16
N SER A 33 10.91 -9.69 -8.68
CA SER A 33 11.16 -8.24 -8.85
C SER A 33 12.33 -7.78 -7.97
N GLY A 34 13.24 -7.01 -8.56
CA GLY A 34 14.41 -6.54 -7.83
C GLY A 34 14.41 -5.04 -7.60
N ALA A 35 15.08 -4.29 -8.49
CA ALA A 35 15.27 -2.85 -8.32
C ALA A 35 13.95 -2.08 -8.13
N THR A 36 12.97 -2.32 -9.02
CA THR A 36 11.69 -1.60 -8.97
C THR A 36 11.02 -1.72 -7.60
N SER A 37 10.84 -2.95 -7.14
CA SER A 37 10.16 -3.20 -5.86
C SER A 37 11.02 -2.80 -4.66
N ARG A 38 12.33 -2.92 -4.81
CA ARG A 38 13.27 -2.55 -3.75
C ARG A 38 13.20 -1.04 -3.44
N LYS A 39 13.24 -0.21 -4.49
CA LYS A 39 13.16 1.25 -4.34
C LYS A 39 11.71 1.70 -4.05
N ALA A 40 10.73 0.91 -4.53
CA ALA A 40 9.31 1.18 -4.23
C ALA A 40 9.03 0.99 -2.74
N LEU A 41 9.41 -0.17 -2.20
CA LEU A 41 9.25 -0.46 -0.77
C LEU A 41 10.06 0.53 0.07
N GLU A 42 11.26 0.88 -0.42
CA GLU A 42 12.12 1.87 0.23
C GLU A 42 11.42 3.23 0.32
N THR A 43 10.71 3.60 -0.75
CA THR A 43 9.92 4.85 -0.77
C THR A 43 8.71 4.75 0.16
N LEU A 44 7.99 3.62 0.09
CA LEU A 44 6.79 3.39 0.93
C LEU A 44 7.08 3.56 2.42
N ARG A 45 8.17 2.99 2.91
CA ARG A 45 8.52 3.11 4.34
C ARG A 45 8.85 4.56 4.72
N ARG A 46 9.46 5.30 3.79
CA ARG A 46 9.83 6.71 4.03
C ARG A 46 8.61 7.63 4.04
N VAL A 47 7.70 7.46 3.07
CA VAL A 47 6.50 8.30 2.98
C VAL A 47 5.42 7.81 3.97
N GLY A 48 5.35 6.50 4.19
CA GLY A 48 4.38 5.93 5.11
C GLY A 48 4.64 6.32 6.56
N ASP A 49 5.92 6.38 6.95
CA ASP A 49 6.30 6.85 8.28
C ASP A 49 5.65 8.22 8.60
N GLY A 50 5.72 9.14 7.64
CA GLY A 50 5.09 10.44 7.80
C GLY A 50 3.56 10.39 7.71
N VAL A 51 3.06 9.77 6.64
CA VAL A 51 1.62 9.69 6.37
C VAL A 51 0.84 9.04 7.53
N GLN A 52 1.26 7.85 7.93
CA GLN A 52 0.57 7.10 8.99
C GLN A 52 0.55 7.86 10.32
N ARG A 53 1.69 8.45 10.71
CA ARG A 53 1.79 9.14 12.00
C ARG A 53 0.89 10.39 12.10
N ASN A 54 0.69 11.12 11.00
CA ASN A 54 -0.23 12.28 11.04
C ASN A 54 -1.70 11.83 10.81
N HIS A 55 -1.88 10.79 9.99
CA HIS A 55 -3.22 10.23 9.73
C HIS A 55 -3.72 9.36 10.90
N GLU A 56 -2.80 8.94 11.78
CA GLU A 56 -3.11 8.02 12.88
C GLU A 56 -4.37 8.44 13.66
N THR A 57 -4.39 9.67 14.17
CA THR A 57 -5.54 10.16 14.93
C THR A 57 -6.85 10.12 14.10
N ALA A 58 -6.73 10.39 12.80
CA ALA A 58 -7.90 10.37 11.90
C ALA A 58 -8.44 8.95 11.70
N PHE A 59 -7.56 8.02 11.32
CA PHE A 59 -7.96 6.62 11.10
C PHE A 59 -8.44 5.95 12.41
N GLN A 60 -7.85 6.36 13.54
CA GLN A 60 -8.29 5.85 14.85
C GLN A 60 -9.81 5.92 15.00
N GLY A 61 -10.40 7.05 14.64
CA GLY A 61 -11.85 7.21 14.69
C GLY A 61 -12.60 6.10 13.94
N MET A 62 -12.07 5.73 12.77
CA MET A 62 -12.66 4.66 11.97
C MET A 62 -12.46 3.28 12.62
N LEU A 63 -11.26 3.07 13.18
CA LEU A 63 -10.96 1.83 13.90
C LEU A 63 -11.87 1.65 15.13
N ARG A 64 -12.35 2.76 15.70
CA ARG A 64 -13.23 2.71 16.89
C ARG A 64 -14.53 1.93 16.61
N LYS A 65 -14.97 1.90 15.35
CA LYS A 65 -16.16 1.12 14.98
C LYS A 65 -15.76 -0.29 14.46
N LEU A 66 -14.47 -0.50 14.25
CA LEU A 66 -13.97 -1.74 13.63
C LEU A 66 -13.30 -2.69 14.64
N ASP A 67 -12.02 -2.45 14.92
CA ASP A 67 -11.18 -3.34 15.75
C ASP A 67 -10.90 -4.72 15.10
N ILE A 68 -11.75 -5.11 14.16
CA ILE A 68 -11.64 -6.39 13.44
C ILE A 68 -11.69 -7.60 14.41
N LYS A 69 -12.88 -8.18 14.56
CA LYS A 69 -13.08 -9.35 15.41
C LYS A 69 -13.27 -10.63 14.56
N ASN A 70 -13.41 -10.46 13.24
CA ASN A 70 -13.49 -11.57 12.29
C ASN A 70 -13.17 -11.11 10.86
N GLU A 71 -13.21 -12.01 9.90
CA GLU A 71 -12.88 -11.69 8.50
C GLU A 71 -13.81 -10.61 7.94
N ASP A 72 -15.09 -10.66 8.33
CA ASP A 72 -16.11 -9.75 7.78
C ASP A 72 -15.70 -8.27 7.93
N ASP A 73 -15.03 -7.93 9.04
CA ASP A 73 -14.52 -6.57 9.25
C ASP A 73 -13.49 -6.21 8.16
N VAL A 74 -12.59 -7.14 7.88
CA VAL A 74 -11.59 -6.98 6.81
C VAL A 74 -12.26 -6.84 5.44
N LYS A 75 -13.35 -7.58 5.24
CA LYS A 75 -14.12 -7.49 4.00
C LYS A 75 -14.77 -6.10 3.86
N SER A 76 -15.11 -5.50 5.01
CA SER A 76 -15.60 -4.11 5.04
C SER A 76 -14.49 -3.13 4.65
N LEU A 77 -13.27 -3.40 5.13
CA LEU A 77 -12.10 -2.61 4.76
C LEU A 77 -11.91 -2.57 3.24
N SER A 78 -12.14 -3.72 2.59
CA SER A 78 -12.09 -3.80 1.11
C SER A 78 -13.03 -2.77 0.47
N ARG A 79 -14.25 -2.67 1.01
CA ARG A 79 -15.22 -1.66 0.56
C ARG A 79 -14.64 -0.25 0.70
N VAL A 80 -14.01 0.01 1.85
CA VAL A 80 -13.35 1.30 2.09
C VAL A 80 -12.23 1.54 1.06
N MET A 81 -11.45 0.49 0.76
CA MET A 81 -10.35 0.58 -0.21
C MET A 81 -10.86 1.04 -1.58
N ILE A 82 -11.99 0.48 -2.02
CA ILE A 82 -12.64 0.92 -3.25
C ILE A 82 -12.95 2.43 -3.21
N HIS A 83 -13.40 2.89 -2.06
CA HIS A 83 -13.73 4.32 -1.87
C HIS A 83 -12.46 5.19 -1.73
N VAL A 84 -11.36 4.61 -1.26
CA VAL A 84 -10.07 5.34 -1.20
C VAL A 84 -9.68 5.88 -2.59
N PHE A 85 -10.05 5.15 -3.64
CA PHE A 85 -9.76 5.56 -5.02
C PHE A 85 -10.78 6.58 -5.55
N SER A 86 -11.57 7.18 -4.67
CA SER A 86 -12.52 8.22 -5.07
C SER A 86 -11.80 9.41 -5.74
N ASP A 87 -10.61 9.72 -5.23
CA ASP A 87 -9.78 10.79 -5.80
C ASP A 87 -9.29 10.45 -7.23
N GLY A 88 -10.13 10.75 -8.21
CA GLY A 88 -9.75 10.58 -9.61
C GLY A 88 -8.88 11.73 -10.11
N VAL A 89 -7.80 12.02 -9.40
CA VAL A 89 -6.92 13.15 -9.72
C VAL A 89 -5.53 12.68 -10.17
N THR A 90 -4.75 13.59 -10.75
CA THR A 90 -3.39 13.26 -11.19
C THR A 90 -2.40 13.25 -10.01
N ASN A 91 -2.55 12.27 -9.12
CA ASN A 91 -1.69 12.12 -7.95
C ASN A 91 -1.52 10.64 -7.57
N TRP A 92 -0.45 10.35 -6.82
CA TRP A 92 -0.19 8.99 -6.31
C TRP A 92 -0.48 8.89 -4.81
N GLY A 93 -0.79 10.02 -4.18
CA GLY A 93 -1.13 10.04 -2.75
C GLY A 93 -2.24 9.05 -2.38
N ARG A 94 -3.21 8.89 -3.29
CA ARG A 94 -4.29 7.89 -3.13
C ARG A 94 -3.73 6.47 -2.90
N ILE A 95 -2.67 6.12 -3.63
CA ILE A 95 -2.01 4.81 -3.46
C ILE A 95 -1.34 4.71 -2.08
N VAL A 96 -0.61 5.76 -1.70
CA VAL A 96 0.03 5.82 -0.37
C VAL A 96 -1.01 5.68 0.75
N THR A 97 -2.14 6.38 0.59
CA THR A 97 -3.25 6.31 1.56
C THR A 97 -3.78 4.88 1.68
N LEU A 98 -3.92 4.20 0.54
CA LEU A 98 -4.42 2.82 0.50
C LEU A 98 -3.53 1.86 1.32
N ILE A 99 -2.23 1.86 1.00
CA ILE A 99 -1.28 0.96 1.65
C ILE A 99 -1.03 1.33 3.12
N SER A 100 -0.96 2.63 3.41
CA SER A 100 -0.70 3.13 4.78
C SER A 100 -1.86 2.74 5.73
N PHE A 101 -3.10 2.95 5.30
CA PHE A 101 -4.27 2.56 6.09
C PHE A 101 -4.26 1.04 6.38
N GLY A 102 -3.94 0.25 5.37
CA GLY A 102 -3.81 -1.20 5.56
C GLY A 102 -2.78 -1.55 6.62
N ALA A 103 -1.62 -0.90 6.55
CA ALA A 103 -0.55 -1.09 7.54
C ALA A 103 -0.97 -0.60 8.94
N PHE A 104 -1.76 0.48 8.97
CA PHE A 104 -2.26 1.03 10.24
C PHE A 104 -3.20 0.04 10.95
N VAL A 105 -4.05 -0.63 10.19
CA VAL A 105 -4.94 -1.65 10.76
C VAL A 105 -4.13 -2.91 11.14
N ALA A 106 -3.15 -3.27 10.31
CA ALA A 106 -2.30 -4.45 10.52
C ALA A 106 -1.63 -4.44 11.91
N LYS A 107 -1.03 -3.30 12.30
CA LYS A 107 -0.39 -3.18 13.61
C LYS A 107 -1.39 -3.40 14.76
N HIS A 108 -2.61 -2.88 14.59
CA HIS A 108 -3.68 -3.12 15.58
C HIS A 108 -4.06 -4.61 15.61
N LEU A 109 -4.06 -5.25 14.44
CA LEU A 109 -4.38 -6.68 14.33
C LEU A 109 -3.38 -7.55 15.10
N LYS A 110 -2.08 -7.35 14.87
CA LYS A 110 -1.07 -8.15 15.56
C LYS A 110 -1.13 -7.95 17.08
N THR A 111 -1.37 -6.71 17.50
CA THR A 111 -1.51 -6.38 18.93
C THR A 111 -2.64 -7.19 19.59
N ILE A 112 -3.74 -7.40 18.86
CA ILE A 112 -4.86 -8.20 19.36
C ILE A 112 -4.80 -9.66 18.84
N ASN A 113 -3.60 -10.09 18.43
CA ASN A 113 -3.33 -11.47 18.01
C ASN A 113 -4.02 -11.87 16.68
N GLN A 114 -4.63 -10.90 16.01
CA GLN A 114 -5.32 -11.15 14.73
C GLN A 114 -4.35 -11.14 13.53
N GLU A 115 -3.17 -11.73 13.69
CA GLU A 115 -2.20 -11.82 12.58
C GLU A 115 -2.78 -12.61 11.40
N SER A 116 -3.61 -13.60 11.69
CA SER A 116 -4.31 -14.36 10.65
C SER A 116 -5.14 -13.44 9.75
N SER A 117 -5.59 -12.30 10.30
CA SER A 117 -6.37 -11.32 9.54
C SER A 117 -5.49 -10.44 8.65
N ILE A 118 -4.23 -10.26 9.05
CA ILE A 118 -3.29 -9.41 8.31
C ILE A 118 -3.06 -9.89 6.86
N GLU A 119 -2.95 -11.20 6.66
CA GLU A 119 -2.70 -11.76 5.31
C GLU A 119 -3.85 -11.44 4.32
N PRO A 120 -5.13 -11.81 4.62
CA PRO A 120 -6.26 -11.47 3.75
C PRO A 120 -6.44 -9.95 3.57
N LEU A 121 -6.06 -9.18 4.60
CA LEU A 121 -6.08 -7.72 4.50
C LEU A 121 -5.07 -7.25 3.44
N ALA A 122 -3.84 -7.77 3.54
CA ALA A 122 -2.79 -7.46 2.56
C ALA A 122 -3.22 -7.83 1.13
N GLU A 123 -3.88 -8.99 0.99
CA GLU A 123 -4.43 -9.40 -0.30
C GLU A 123 -5.49 -8.42 -0.80
N SER A 124 -6.41 -8.01 0.10
CA SER A 124 -7.49 -7.08 -0.26
C SER A 124 -6.96 -5.75 -0.83
N ILE A 125 -5.84 -5.26 -0.28
CA ILE A 125 -5.22 -4.03 -0.78
C ILE A 125 -4.87 -4.16 -2.27
N THR A 126 -4.13 -5.20 -2.61
CA THR A 126 -3.73 -5.47 -4.01
C THR A 126 -4.92 -5.93 -4.85
N ASP A 127 -5.84 -6.66 -4.22
CA ASP A 127 -7.03 -7.19 -4.90
C ASP A 127 -7.89 -6.05 -5.47
N VAL A 128 -8.21 -5.06 -4.64
CA VAL A 128 -8.94 -3.88 -5.10
C VAL A 128 -8.10 -3.09 -6.10
N LEU A 129 -6.84 -2.83 -5.75
CA LEU A 129 -5.90 -2.08 -6.58
C LEU A 129 -5.86 -2.62 -8.04
N VAL A 130 -5.66 -3.93 -8.17
CA VAL A 130 -5.67 -4.58 -9.49
C VAL A 130 -7.06 -4.55 -10.13
N ARG A 131 -8.07 -4.99 -9.40
CA ARG A 131 -9.44 -5.09 -9.93
C ARG A 131 -9.89 -3.80 -10.66
N THR A 132 -9.66 -2.64 -10.05
CA THR A 132 -10.17 -1.38 -10.62
C THR A 132 -9.12 -0.57 -11.41
N LYS A 133 -7.83 -0.68 -11.08
CA LYS A 133 -6.79 0.10 -11.80
C LYS A 133 -5.58 -0.75 -12.25
N ARG A 134 -5.81 -2.02 -12.56
CA ARG A 134 -4.74 -2.89 -13.09
C ARG A 134 -4.07 -2.29 -14.34
N ASP A 135 -4.89 -1.80 -15.26
CA ASP A 135 -4.40 -1.15 -16.48
C ASP A 135 -3.51 0.07 -16.16
N TRP A 136 -4.01 0.97 -15.32
CA TRP A 136 -3.25 2.18 -14.96
C TRP A 136 -1.88 1.85 -14.35
N LEU A 137 -1.82 0.79 -13.56
CA LEU A 137 -0.57 0.32 -12.96
C LEU A 137 0.51 0.03 -14.01
N VAL A 138 0.15 -0.73 -15.05
CA VAL A 138 1.11 -1.08 -16.10
C VAL A 138 1.35 0.10 -17.07
N LYS A 139 0.30 0.86 -17.37
CA LYS A 139 0.41 2.02 -18.27
C LYS A 139 1.40 3.06 -17.74
N GLN A 140 1.21 3.49 -16.49
CA GLN A 140 2.04 4.55 -15.90
C GLN A 140 3.24 3.99 -15.12
N ARG A 141 3.44 2.67 -15.20
CA ARG A 141 4.53 1.99 -14.49
C ARG A 141 4.48 2.35 -12.98
N GLY A 142 3.31 2.10 -12.39
CA GLY A 142 2.99 2.54 -11.03
C GLY A 142 4.16 2.64 -10.06
N TRP A 143 4.89 1.54 -9.88
CA TRP A 143 5.95 1.49 -8.87
C TRP A 143 7.17 2.36 -9.25
N ASP A 144 7.60 2.29 -10.51
CA ASP A 144 8.68 3.16 -10.99
C ASP A 144 8.25 4.63 -10.97
N GLY A 145 7.09 4.92 -11.56
CA GLY A 145 6.54 6.27 -11.58
C GLY A 145 6.37 6.85 -10.18
N PHE A 146 5.94 6.01 -9.25
CA PHE A 146 5.78 6.38 -7.85
C PHE A 146 7.09 6.91 -7.25
N VAL A 147 8.15 6.11 -7.37
CA VAL A 147 9.45 6.46 -6.79
C VAL A 147 10.06 7.70 -7.47
N GLU A 148 9.99 7.78 -8.80
CA GLU A 148 10.55 8.93 -9.54
C GLU A 148 9.72 10.20 -9.29
N PHE A 149 8.40 10.05 -9.14
CA PHE A 149 7.52 11.20 -8.85
C PHE A 149 7.89 11.87 -7.53
N PHE A 150 8.06 11.04 -6.48
CA PHE A 150 8.53 11.53 -5.18
C PHE A 150 10.05 11.74 -5.16
N HIS A 151 10.71 11.36 -6.27
CA HIS A 151 12.16 11.50 -6.45
C HIS A 151 12.97 11.08 -5.19
N VAL A 152 12.53 10.02 -4.53
CA VAL A 152 13.23 9.50 -3.35
C VAL A 152 14.62 8.98 -3.72
N GLU A 153 14.67 7.91 -4.51
CA GLU A 153 15.95 7.32 -4.96
C GLU A 153 16.32 7.81 -6.37
N ASP A 154 15.54 8.73 -6.91
CA ASP A 154 15.71 9.19 -8.29
C ASP A 154 15.61 10.72 -8.40
N LEU A 155 15.85 11.23 -9.62
CA LEU A 155 15.64 12.63 -9.95
C LEU A 155 14.99 12.76 -11.34
N GLU A 156 14.59 11.61 -11.89
CA GLU A 156 14.10 11.51 -13.27
C GLU A 156 12.57 11.62 -13.35
N GLY A 157 11.95 12.22 -12.33
CA GLY A 157 10.49 12.36 -12.30
C GLY A 157 10.02 13.57 -11.52
N GLY A 158 8.72 13.64 -11.25
CA GLY A 158 8.14 14.78 -10.54
C GLY A 158 7.80 15.95 -11.45
N HIS A 159 8.82 16.73 -11.82
CA HIS A 159 8.64 17.84 -12.76
C HIS A 159 8.70 17.32 -14.20
N HIS A 160 7.56 16.85 -14.70
CA HIS A 160 7.48 16.20 -16.01
C HIS A 160 6.32 16.75 -16.85
N HIS A 161 6.60 17.04 -18.12
CA HIS A 161 5.57 17.49 -19.05
C HIS A 161 4.61 16.33 -19.37
N HIS A 162 3.31 16.55 -19.15
CA HIS A 162 2.31 15.47 -19.26
C HIS A 162 2.37 14.75 -20.63
N HIS A 163 2.30 15.50 -21.72
CA HIS A 163 2.37 14.91 -23.06
C HIS A 163 3.82 14.78 -23.54
N HIS A 164 4.42 13.62 -23.30
CA HIS A 164 5.79 13.32 -23.76
C HIS A 164 5.76 12.46 -25.05
N MET A 1 -4.06 -18.53 -8.48
CA MET A 1 -5.14 -17.86 -9.26
C MET A 1 -4.72 -16.44 -9.68
N GLU A 2 -3.87 -15.82 -8.88
CA GLU A 2 -3.41 -14.44 -9.12
C GLU A 2 -2.43 -14.33 -10.30
N ASP A 3 -2.01 -13.10 -10.60
CA ASP A 3 -1.07 -12.80 -11.69
C ASP A 3 0.33 -12.47 -11.13
N GLU A 4 1.36 -12.48 -11.99
CA GLU A 4 2.72 -12.11 -11.57
C GLU A 4 2.75 -10.71 -10.95
N LEU A 5 2.09 -9.76 -11.61
CA LEU A 5 1.98 -8.38 -11.10
C LEU A 5 1.31 -8.36 -9.72
N TYR A 6 0.38 -9.29 -9.51
CA TYR A 6 -0.30 -9.43 -8.22
C TYR A 6 0.68 -9.92 -7.15
N ARG A 7 1.52 -10.90 -7.49
CA ARG A 7 2.51 -11.44 -6.55
C ARG A 7 3.60 -10.42 -6.22
N GLN A 8 4.11 -9.71 -7.23
CA GLN A 8 5.12 -8.67 -7.01
C GLN A 8 4.58 -7.59 -6.06
N SER A 9 3.39 -7.08 -6.35
CA SER A 9 2.74 -6.07 -5.51
C SER A 9 2.42 -6.61 -4.11
N LEU A 10 1.75 -7.75 -4.06
CA LEU A 10 1.41 -8.41 -2.78
C LEU A 10 2.66 -8.59 -1.89
N GLU A 11 3.77 -9.01 -2.49
CA GLU A 11 5.04 -9.17 -1.77
C GLU A 11 5.46 -7.85 -1.09
N ILE A 12 5.51 -6.78 -1.88
CA ILE A 12 5.91 -5.46 -1.40
C ILE A 12 4.95 -4.92 -0.32
N ILE A 13 3.65 -4.99 -0.60
CA ILE A 13 2.62 -4.50 0.32
C ILE A 13 2.60 -5.29 1.64
N SER A 14 2.51 -6.62 1.54
CA SER A 14 2.44 -7.50 2.72
C SER A 14 3.60 -7.21 3.70
N ARG A 15 4.82 -7.13 3.17
CA ARG A 15 5.97 -6.78 4.00
C ARG A 15 5.77 -5.42 4.68
N TYR A 16 5.41 -4.40 3.91
CA TYR A 16 5.23 -3.04 4.43
C TYR A 16 4.26 -3.02 5.62
N LEU A 17 3.19 -3.81 5.55
CA LEU A 17 2.25 -3.92 6.67
C LEU A 17 2.93 -4.50 7.93
N ARG A 18 3.70 -5.58 7.77
CA ARG A 18 4.46 -6.13 8.90
C ARG A 18 5.53 -5.15 9.40
N GLU A 19 6.12 -4.38 8.48
CA GLU A 19 7.11 -3.34 8.82
C GLU A 19 6.52 -2.34 9.82
N GLN A 20 5.35 -1.79 9.48
CA GLN A 20 4.70 -0.77 10.30
C GLN A 20 4.00 -1.35 11.54
N ALA A 21 3.65 -2.63 11.49
CA ALA A 21 3.02 -3.31 12.63
C ALA A 21 4.04 -3.64 13.72
N THR A 22 5.17 -4.24 13.32
CA THR A 22 6.21 -4.66 14.28
C THR A 22 7.27 -3.57 14.50
N GLY A 23 7.64 -2.88 13.43
CA GLY A 23 8.71 -1.90 13.49
C GLY A 23 10.09 -2.51 13.29
N ALA A 24 10.13 -3.74 12.75
CA ALA A 24 11.40 -4.45 12.50
C ALA A 24 11.43 -5.01 11.07
N LYS A 25 12.35 -4.49 10.26
CA LYS A 25 12.45 -4.88 8.84
C LYS A 25 12.90 -6.34 8.66
N ASP A 26 12.50 -6.96 7.56
CA ASP A 26 12.95 -8.31 7.22
C ASP A 26 14.08 -8.26 6.17
N THR A 27 14.42 -9.43 5.61
CA THR A 27 15.48 -9.52 4.59
C THR A 27 15.25 -10.71 3.64
N LYS A 28 13.98 -11.08 3.44
CA LYS A 28 13.63 -12.22 2.59
C LYS A 28 13.76 -11.88 1.09
N PRO A 29 14.06 -12.89 0.26
CA PRO A 29 14.13 -12.70 -1.21
C PRO A 29 12.81 -12.22 -1.82
N MET A 30 12.86 -11.17 -2.63
CA MET A 30 11.67 -10.64 -3.33
C MET A 30 11.20 -11.61 -4.43
N GLY A 31 9.92 -11.49 -4.82
CA GLY A 31 9.38 -12.30 -5.90
C GLY A 31 10.13 -12.09 -7.22
N ARG A 32 9.78 -11.02 -7.94
CA ARG A 32 10.47 -10.66 -9.19
C ARG A 32 10.74 -9.15 -9.28
N SER A 33 11.71 -8.78 -10.13
CA SER A 33 12.19 -7.40 -10.25
C SER A 33 12.84 -6.92 -8.94
N GLY A 34 14.14 -7.17 -8.81
CA GLY A 34 14.86 -6.85 -7.59
C GLY A 34 14.93 -5.35 -7.32
N ALA A 35 15.51 -4.60 -8.26
CA ALA A 35 15.64 -3.15 -8.12
C ALA A 35 14.28 -2.47 -7.88
N THR A 36 13.30 -2.79 -8.72
CA THR A 36 11.95 -2.19 -8.61
C THR A 36 11.29 -2.52 -7.27
N SER A 37 11.21 -3.80 -6.93
CA SER A 37 10.59 -4.23 -5.66
C SER A 37 11.32 -3.64 -4.45
N ARG A 38 12.64 -3.47 -4.57
CA ARG A 38 13.45 -2.86 -3.50
C ARG A 38 13.12 -1.36 -3.32
N LYS A 39 13.24 -0.59 -4.40
CA LYS A 39 12.99 0.85 -4.34
C LYS A 39 11.52 1.16 -4.01
N ALA A 40 10.61 0.29 -4.45
CA ALA A 40 9.19 0.45 -4.11
C ALA A 40 8.96 0.29 -2.60
N LEU A 41 9.56 -0.75 -2.01
CA LEU A 41 9.39 -1.02 -0.57
C LEU A 41 10.01 0.09 0.30
N GLU A 42 11.15 0.63 -0.11
CA GLU A 42 11.79 1.71 0.65
C GLU A 42 11.06 3.05 0.45
N THR A 43 10.53 3.29 -0.75
CA THR A 43 9.74 4.51 -1.01
C THR A 43 8.42 4.48 -0.23
N LEU A 44 7.78 3.31 -0.14
CA LEU A 44 6.54 3.16 0.64
C LEU A 44 6.71 3.66 2.08
N ARG A 45 7.82 3.31 2.72
CA ARG A 45 8.10 3.79 4.09
C ARG A 45 8.61 5.25 4.07
N ARG A 46 9.41 5.57 3.05
CA ARG A 46 9.98 6.93 2.87
C ARG A 46 8.89 8.00 2.80
N VAL A 47 7.82 7.72 2.06
CA VAL A 47 6.70 8.66 1.93
C VAL A 47 5.51 8.27 2.82
N GLY A 48 5.31 6.96 3.00
CA GLY A 48 4.18 6.46 3.77
C GLY A 48 4.20 6.90 5.23
N ASP A 49 5.40 6.98 5.81
CA ASP A 49 5.55 7.41 7.21
C ASP A 49 4.88 8.78 7.43
N GLY A 50 5.27 9.77 6.65
CA GLY A 50 4.66 11.09 6.71
C GLY A 50 3.17 11.07 6.37
N VAL A 51 2.81 10.30 5.35
CA VAL A 51 1.41 10.16 4.93
C VAL A 51 0.51 9.67 6.08
N GLN A 52 0.97 8.63 6.79
CA GLN A 52 0.24 8.09 7.94
C GLN A 52 -0.02 9.19 8.99
N ARG A 53 1.02 9.96 9.30
CA ARG A 53 0.92 11.01 10.33
C ARG A 53 -0.13 12.09 9.96
N ASN A 54 -0.17 12.48 8.69
CA ASN A 54 -1.17 13.45 8.22
C ASN A 54 -2.58 12.83 8.17
N HIS A 55 -2.65 11.56 7.78
CA HIS A 55 -3.92 10.84 7.61
C HIS A 55 -4.44 10.26 8.95
N GLU A 56 -3.55 10.11 9.94
CA GLU A 56 -3.88 9.45 11.21
C GLU A 56 -5.19 9.98 11.82
N THR A 57 -5.27 11.30 12.03
CA THR A 57 -6.49 11.92 12.58
C THR A 57 -7.76 11.52 11.79
N ALA A 58 -7.61 11.34 10.48
CA ALA A 58 -8.73 10.96 9.62
C ALA A 58 -9.11 9.48 9.81
N PHE A 59 -8.09 8.61 9.89
CA PHE A 59 -8.32 7.16 10.04
C PHE A 59 -8.88 6.80 11.43
N GLN A 60 -8.46 7.55 12.46
CA GLN A 60 -8.98 7.35 13.82
C GLN A 60 -10.51 7.35 13.84
N GLY A 61 -11.12 8.21 13.03
CA GLY A 61 -12.57 8.31 12.96
C GLY A 61 -13.25 7.01 12.56
N MET A 62 -12.60 6.21 11.72
CA MET A 62 -13.16 4.91 11.31
C MET A 62 -12.73 3.78 12.26
N LEU A 63 -11.45 3.74 12.61
CA LEU A 63 -10.93 2.67 13.49
C LEU A 63 -11.68 2.60 14.83
N ARG A 64 -12.20 3.73 15.31
CA ARG A 64 -12.96 3.76 16.56
C ARG A 64 -14.27 2.94 16.47
N LYS A 65 -14.73 2.69 15.24
CA LYS A 65 -15.98 1.94 15.02
C LYS A 65 -15.80 0.70 14.14
N LEU A 66 -14.55 0.40 13.75
CA LEU A 66 -14.26 -0.78 12.93
C LEU A 66 -13.97 -2.02 13.79
N ASP A 67 -12.75 -2.08 14.34
CA ASP A 67 -12.27 -3.26 15.09
C ASP A 67 -12.43 -4.57 14.29
N ILE A 68 -11.37 -4.92 13.56
CA ILE A 68 -11.35 -6.15 12.78
C ILE A 68 -11.11 -7.37 13.69
N LYS A 69 -12.18 -8.06 14.04
CA LYS A 69 -12.11 -9.21 14.96
C LYS A 69 -12.27 -10.55 14.22
N ASN A 70 -12.65 -10.48 12.94
CA ASN A 70 -12.70 -11.68 12.09
C ASN A 70 -12.61 -11.31 10.59
N GLU A 71 -12.52 -12.32 9.74
CA GLU A 71 -12.25 -12.12 8.30
C GLU A 71 -13.26 -11.20 7.62
N ASP A 72 -14.55 -11.32 7.97
CA ASP A 72 -15.60 -10.53 7.33
C ASP A 72 -15.30 -9.02 7.41
N ASP A 73 -14.67 -8.58 8.51
CA ASP A 73 -14.26 -7.19 8.66
C ASP A 73 -13.22 -6.80 7.60
N VAL A 74 -12.21 -7.65 7.42
CA VAL A 74 -11.20 -7.44 6.37
C VAL A 74 -11.85 -7.35 5.00
N LYS A 75 -12.76 -8.27 4.71
CA LYS A 75 -13.51 -8.28 3.45
C LYS A 75 -14.39 -7.02 3.33
N SER A 76 -14.81 -6.47 4.48
CA SER A 76 -15.55 -5.21 4.51
C SER A 76 -14.61 -4.03 4.20
N LEU A 77 -13.37 -4.12 4.69
CA LEU A 77 -12.35 -3.10 4.38
C LEU A 77 -12.08 -3.04 2.88
N SER A 78 -12.09 -4.20 2.23
CA SER A 78 -11.92 -4.29 0.76
C SER A 78 -12.90 -3.36 0.03
N ARG A 79 -14.13 -3.30 0.54
CA ARG A 79 -15.16 -2.42 -0.01
C ARG A 79 -14.75 -0.94 0.12
N VAL A 80 -14.13 -0.60 1.24
CA VAL A 80 -13.58 0.75 1.45
C VAL A 80 -12.43 1.03 0.46
N MET A 81 -11.56 0.04 0.29
CA MET A 81 -10.42 0.14 -0.63
C MET A 81 -10.88 0.51 -2.05
N ILE A 82 -11.98 -0.09 -2.48
CA ILE A 82 -12.59 0.24 -3.76
C ILE A 82 -13.04 1.71 -3.81
N HIS A 83 -13.64 2.17 -2.71
CA HIS A 83 -14.13 3.56 -2.61
C HIS A 83 -12.97 4.57 -2.61
N VAL A 84 -11.80 4.17 -2.12
CA VAL A 84 -10.62 5.04 -2.11
C VAL A 84 -10.29 5.55 -3.52
N PHE A 85 -10.53 4.72 -4.52
CA PHE A 85 -10.25 5.08 -5.92
C PHE A 85 -11.49 5.61 -6.65
N SER A 86 -12.40 6.24 -5.90
CA SER A 86 -13.64 6.80 -6.46
C SER A 86 -13.37 8.10 -7.25
N ASP A 87 -12.56 9.00 -6.70
CA ASP A 87 -12.24 10.26 -7.36
C ASP A 87 -11.37 10.04 -8.62
N GLY A 88 -11.41 11.01 -9.54
CA GLY A 88 -10.76 10.84 -10.84
C GLY A 88 -9.44 11.61 -11.00
N VAL A 89 -8.43 11.22 -10.24
CA VAL A 89 -7.08 11.78 -10.40
C VAL A 89 -6.02 10.67 -10.37
N THR A 90 -4.96 10.81 -11.18
CA THR A 90 -3.94 9.76 -11.34
C THR A 90 -2.73 9.92 -10.41
N ASN A 91 -2.93 10.54 -9.25
CA ASN A 91 -1.85 10.73 -8.27
C ASN A 91 -1.48 9.40 -7.59
N TRP A 92 -0.21 9.00 -7.66
CA TRP A 92 0.26 7.78 -6.98
C TRP A 92 0.09 7.88 -5.46
N GLY A 93 -0.08 9.10 -4.94
CA GLY A 93 -0.35 9.29 -3.52
C GLY A 93 -1.60 8.55 -3.05
N ARG A 94 -2.52 8.26 -3.99
CA ARG A 94 -3.72 7.48 -3.68
C ARG A 94 -3.33 6.03 -3.34
N ILE A 95 -2.40 5.47 -4.11
CA ILE A 95 -1.87 4.13 -3.85
C ILE A 95 -1.19 4.10 -2.47
N VAL A 96 -0.41 5.14 -2.17
CA VAL A 96 0.24 5.28 -0.87
C VAL A 96 -0.81 5.34 0.26
N THR A 97 -1.88 6.09 0.04
CA THR A 97 -2.99 6.19 1.00
C THR A 97 -3.63 4.80 1.24
N LEU A 98 -3.83 4.06 0.15
CA LEU A 98 -4.39 2.70 0.22
C LEU A 98 -3.51 1.77 1.09
N ILE A 99 -2.23 1.69 0.74
CA ILE A 99 -1.30 0.80 1.44
C ILE A 99 -1.01 1.28 2.87
N SER A 100 -0.92 2.59 3.06
CA SER A 100 -0.66 3.16 4.39
C SER A 100 -1.83 2.89 5.34
N PHE A 101 -3.05 3.01 4.85
CA PHE A 101 -4.24 2.67 5.64
C PHE A 101 -4.22 1.18 6.03
N GLY A 102 -3.85 0.33 5.08
CA GLY A 102 -3.68 -1.09 5.37
C GLY A 102 -2.68 -1.34 6.50
N ALA A 103 -1.53 -0.67 6.41
CA ALA A 103 -0.49 -0.75 7.45
C ALA A 103 -0.97 -0.13 8.77
N PHE A 104 -1.76 0.94 8.66
CA PHE A 104 -2.30 1.63 9.84
C PHE A 104 -3.25 0.70 10.62
N VAL A 105 -4.13 0.02 9.90
CA VAL A 105 -5.03 -0.96 10.51
C VAL A 105 -4.23 -2.17 11.03
N ALA A 106 -3.19 -2.56 10.29
CA ALA A 106 -2.31 -3.65 10.69
C ALA A 106 -1.74 -3.44 12.10
N LYS A 107 -1.35 -2.19 12.41
CA LYS A 107 -0.88 -1.84 13.74
C LYS A 107 -1.92 -2.18 14.82
N HIS A 108 -3.17 -1.74 14.57
CA HIS A 108 -4.28 -2.03 15.49
C HIS A 108 -4.57 -3.54 15.55
N LEU A 109 -4.36 -4.24 14.43
CA LEU A 109 -4.55 -5.69 14.37
C LEU A 109 -3.57 -6.42 15.31
N LYS A 110 -2.29 -6.10 15.21
CA LYS A 110 -1.28 -6.74 16.06
C LYS A 110 -1.49 -6.34 17.53
N THR A 111 -2.09 -5.16 17.74
CA THR A 111 -2.44 -4.69 19.09
C THR A 111 -3.53 -5.58 19.73
N ILE A 112 -4.41 -6.13 18.89
CA ILE A 112 -5.48 -7.04 19.35
C ILE A 112 -5.21 -8.50 18.92
N ASN A 113 -3.91 -8.88 18.93
CA ASN A 113 -3.44 -10.23 18.53
C ASN A 113 -4.03 -10.75 17.20
N GLN A 114 -4.52 -9.84 16.36
CA GLN A 114 -5.00 -10.20 15.01
C GLN A 114 -3.85 -10.11 13.99
N GLU A 115 -2.66 -10.48 14.42
CA GLU A 115 -1.45 -10.41 13.58
C GLU A 115 -1.60 -11.21 12.28
N SER A 116 -2.24 -12.38 12.37
CA SER A 116 -2.49 -13.23 11.20
C SER A 116 -3.43 -12.56 10.19
N SER A 117 -4.30 -11.68 10.70
CA SER A 117 -5.28 -10.97 9.85
C SER A 117 -4.60 -9.96 8.91
N ILE A 118 -3.44 -9.47 9.31
CA ILE A 118 -2.68 -8.48 8.53
C ILE A 118 -2.40 -8.96 7.10
N GLU A 119 -2.06 -10.24 6.93
CA GLU A 119 -1.68 -10.77 5.61
C GLU A 119 -2.86 -10.82 4.62
N PRO A 120 -4.03 -11.43 4.98
CA PRO A 120 -5.23 -11.38 4.12
C PRO A 120 -5.71 -9.93 3.88
N LEU A 121 -5.42 -9.03 4.82
CA LEU A 121 -5.67 -7.60 4.63
C LEU A 121 -4.80 -7.06 3.48
N ALA A 122 -3.51 -7.42 3.50
CA ALA A 122 -2.59 -7.09 2.41
C ALA A 122 -3.10 -7.66 1.07
N GLU A 123 -3.63 -8.88 1.10
CA GLU A 123 -4.24 -9.49 -0.08
C GLU A 123 -5.41 -8.65 -0.59
N SER A 124 -6.25 -8.17 0.33
CA SER A 124 -7.39 -7.30 -0.03
C SER A 124 -6.91 -6.04 -0.75
N ILE A 125 -5.90 -5.39 -0.18
CA ILE A 125 -5.27 -4.22 -0.80
C ILE A 125 -4.86 -4.51 -2.26
N THR A 126 -4.11 -5.59 -2.42
CA THR A 126 -3.59 -5.99 -3.74
C THR A 126 -4.70 -6.43 -4.70
N ASP A 127 -5.71 -7.13 -4.18
CA ASP A 127 -6.82 -7.63 -5.00
C ASP A 127 -7.61 -6.47 -5.62
N VAL A 128 -8.03 -5.52 -4.78
CA VAL A 128 -8.72 -4.32 -5.25
C VAL A 128 -7.83 -3.51 -6.21
N LEU A 129 -6.53 -3.54 -5.95
CA LEU A 129 -5.55 -2.84 -6.79
C LEU A 129 -5.48 -3.44 -8.21
N VAL A 130 -5.24 -4.75 -8.29
CA VAL A 130 -5.05 -5.42 -9.59
C VAL A 130 -6.39 -5.64 -10.32
N ARG A 131 -7.48 -5.78 -9.55
CA ARG A 131 -8.81 -6.02 -10.13
C ARG A 131 -9.20 -4.96 -11.17
N THR A 132 -9.04 -3.68 -10.81
CA THR A 132 -9.46 -2.58 -11.68
C THR A 132 -8.29 -1.81 -12.27
N LYS A 133 -7.23 -1.58 -11.46
CA LYS A 133 -6.08 -0.81 -11.93
C LYS A 133 -5.10 -1.65 -12.76
N ARG A 134 -5.50 -2.87 -13.13
CA ARG A 134 -4.64 -3.80 -13.89
C ARG A 134 -3.91 -3.11 -15.07
N ASP A 135 -4.68 -2.58 -16.02
CA ASP A 135 -4.12 -1.95 -17.21
C ASP A 135 -3.22 -0.76 -16.83
N TRP A 136 -3.74 0.12 -15.96
CA TRP A 136 -3.02 1.34 -15.55
C TRP A 136 -1.70 1.00 -14.85
N LEU A 137 -1.68 -0.08 -14.06
CA LEU A 137 -0.46 -0.51 -13.36
C LEU A 137 0.68 -0.82 -14.33
N VAL A 138 0.43 -1.70 -15.30
CA VAL A 138 1.46 -2.08 -16.27
C VAL A 138 1.80 -0.95 -17.25
N LYS A 139 0.78 -0.20 -17.69
CA LYS A 139 0.98 0.94 -18.60
C LYS A 139 1.83 2.04 -17.98
N GLN A 140 1.53 2.40 -16.73
CA GLN A 140 2.26 3.46 -16.04
C GLN A 140 3.39 2.90 -15.17
N ARG A 141 3.62 1.58 -15.30
CA ARG A 141 4.71 0.88 -14.59
C ARG A 141 4.55 0.95 -13.06
N GLY A 142 3.30 1.11 -12.61
CA GLY A 142 2.91 1.07 -11.20
C GLY A 142 4.00 1.45 -10.20
N TRP A 143 4.85 0.49 -9.88
CA TRP A 143 5.86 0.67 -8.82
C TRP A 143 7.03 1.53 -9.29
N ASP A 144 7.45 1.38 -10.55
CA ASP A 144 8.46 2.26 -11.13
C ASP A 144 7.92 3.69 -11.21
N GLY A 145 6.70 3.83 -11.75
CA GLY A 145 6.04 5.14 -11.83
C GLY A 145 5.80 5.75 -10.46
N PHE A 146 5.47 4.90 -9.48
CA PHE A 146 5.31 5.30 -8.09
C PHE A 146 6.59 5.98 -7.56
N VAL A 147 7.74 5.33 -7.79
CA VAL A 147 9.03 5.88 -7.38
C VAL A 147 9.41 7.12 -8.20
N GLU A 148 9.05 7.11 -9.49
CA GLU A 148 9.27 8.28 -10.37
C GLU A 148 8.58 9.54 -9.82
N PHE A 149 7.31 9.39 -9.42
CA PHE A 149 6.53 10.50 -8.89
C PHE A 149 7.16 11.10 -7.62
N PHE A 150 7.52 10.23 -6.67
CA PHE A 150 8.15 10.68 -5.43
C PHE A 150 9.67 10.85 -5.59
N HIS A 151 10.19 10.53 -6.77
CA HIS A 151 11.60 10.73 -7.16
C HIS A 151 12.61 10.31 -6.07
N VAL A 152 12.98 9.03 -6.07
CA VAL A 152 14.00 8.51 -5.15
C VAL A 152 15.36 8.41 -5.83
N GLU A 153 15.39 7.79 -7.00
CA GLU A 153 16.57 7.80 -7.87
C GLU A 153 16.32 8.75 -9.06
N ASP A 154 15.05 9.10 -9.24
CA ASP A 154 14.60 9.89 -10.37
C ASP A 154 14.74 11.39 -10.08
N LEU A 155 15.98 11.87 -10.03
CA LEU A 155 16.29 13.26 -9.65
C LEU A 155 15.50 14.31 -10.47
N GLU A 156 15.04 13.94 -11.66
CA GLU A 156 14.30 14.87 -12.54
C GLU A 156 12.85 15.11 -12.07
N GLY A 157 12.42 14.39 -11.04
CA GLY A 157 11.04 14.51 -10.56
C GLY A 157 10.76 15.76 -9.74
N GLY A 158 11.28 16.90 -10.20
CA GLY A 158 11.01 18.18 -9.54
C GLY A 158 9.72 18.82 -10.04
N HIS A 159 8.66 18.74 -9.23
CA HIS A 159 7.33 19.22 -9.66
C HIS A 159 6.84 20.41 -8.83
N HIS A 160 6.99 21.61 -9.37
CA HIS A 160 6.45 22.83 -8.75
C HIS A 160 5.02 23.11 -9.26
N HIS A 161 4.74 22.65 -10.47
CA HIS A 161 3.43 22.79 -11.08
C HIS A 161 2.34 22.03 -10.28
N HIS A 162 1.42 22.78 -9.69
CA HIS A 162 0.38 22.21 -8.84
C HIS A 162 -0.90 21.88 -9.62
N HIS A 163 -1.17 20.59 -9.82
CA HIS A 163 -2.43 20.14 -10.42
C HIS A 163 -3.63 20.55 -9.54
N HIS A 164 -4.85 20.26 -10.00
CA HIS A 164 -6.05 20.54 -9.20
C HIS A 164 -6.14 19.58 -8.00
N MET A 1 -3.66 -18.64 -9.32
CA MET A 1 -2.89 -18.18 -10.50
C MET A 1 -2.87 -16.65 -10.58
N GLU A 2 -1.80 -16.04 -10.06
CA GLU A 2 -1.70 -14.58 -9.99
C GLU A 2 -0.71 -14.03 -11.02
N ASP A 3 -1.02 -12.87 -11.60
CA ASP A 3 -0.20 -12.26 -12.65
C ASP A 3 1.13 -11.68 -12.12
N GLU A 4 2.06 -11.44 -13.05
CA GLU A 4 3.36 -10.81 -12.76
C GLU A 4 3.19 -9.52 -11.93
N LEU A 5 2.25 -8.66 -12.37
CA LEU A 5 1.99 -7.39 -11.70
C LEU A 5 1.31 -7.60 -10.34
N TYR A 6 0.45 -8.61 -10.25
CA TYR A 6 -0.30 -8.89 -9.02
C TYR A 6 0.63 -9.39 -7.90
N ARG A 7 1.53 -10.30 -8.24
CA ARG A 7 2.48 -10.84 -7.25
C ARG A 7 3.56 -9.83 -6.85
N GLN A 8 3.95 -8.95 -7.79
CA GLN A 8 4.88 -7.86 -7.46
C GLN A 8 4.25 -6.88 -6.46
N SER A 9 3.05 -6.40 -6.77
CA SER A 9 2.33 -5.45 -5.92
C SER A 9 2.03 -6.04 -4.53
N LEU A 10 1.37 -7.20 -4.53
CA LEU A 10 1.05 -7.89 -3.27
C LEU A 10 2.31 -8.13 -2.40
N GLU A 11 3.42 -8.44 -3.05
CA GLU A 11 4.69 -8.68 -2.36
C GLU A 11 5.15 -7.45 -1.56
N ILE A 12 5.22 -6.31 -2.24
CA ILE A 12 5.66 -5.06 -1.64
C ILE A 12 4.71 -4.60 -0.52
N ILE A 13 3.41 -4.63 -0.82
CA ILE A 13 2.39 -4.20 0.13
C ILE A 13 2.38 -5.09 1.38
N SER A 14 2.33 -6.41 1.19
CA SER A 14 2.32 -7.37 2.31
C SER A 14 3.46 -7.10 3.30
N ARG A 15 4.69 -6.99 2.78
CA ARG A 15 5.84 -6.72 3.63
C ARG A 15 5.73 -5.37 4.35
N TYR A 16 5.27 -4.34 3.63
CA TYR A 16 5.13 -3.00 4.22
C TYR A 16 4.20 -3.01 5.46
N LEU A 17 3.08 -3.73 5.36
CA LEU A 17 2.18 -3.91 6.50
C LEU A 17 2.93 -4.55 7.68
N ARG A 18 3.74 -5.57 7.38
CA ARG A 18 4.58 -6.22 8.39
C ARG A 18 5.69 -5.27 8.90
N GLU A 19 6.19 -4.38 8.03
CA GLU A 19 7.22 -3.40 8.42
C GLU A 19 6.67 -2.45 9.51
N GLN A 20 5.42 -2.02 9.32
CA GLN A 20 4.76 -1.14 10.28
C GLN A 20 4.25 -1.89 11.51
N ALA A 21 3.88 -3.16 11.35
CA ALA A 21 3.44 -3.99 12.46
C ALA A 21 4.59 -4.37 13.40
N THR A 22 5.76 -4.64 12.83
CA THR A 22 6.94 -5.02 13.61
C THR A 22 7.73 -3.80 14.09
N GLY A 23 7.78 -2.77 13.25
CA GLY A 23 8.61 -1.60 13.54
C GLY A 23 10.07 -1.83 13.16
N ALA A 24 10.30 -2.82 12.29
CA ALA A 24 11.65 -3.18 11.85
C ALA A 24 11.77 -3.13 10.32
N LYS A 25 12.81 -3.74 9.77
CA LYS A 25 12.98 -3.83 8.32
C LYS A 25 13.04 -5.30 7.85
N ASP A 26 12.60 -5.54 6.62
CA ASP A 26 12.54 -6.89 6.05
C ASP A 26 13.95 -7.50 5.83
N THR A 27 14.01 -8.83 5.84
CA THR A 27 15.28 -9.56 5.73
C THR A 27 15.14 -10.82 4.83
N LYS A 28 14.19 -10.78 3.90
CA LYS A 28 13.87 -11.96 3.07
C LYS A 28 13.86 -11.60 1.56
N PRO A 29 13.90 -12.61 0.66
CA PRO A 29 13.85 -12.38 -0.80
C PRO A 29 12.52 -11.75 -1.25
N MET A 30 12.58 -10.51 -1.71
CA MET A 30 11.38 -9.73 -2.03
C MET A 30 10.81 -10.01 -3.44
N GLY A 31 9.90 -9.14 -3.88
CA GLY A 31 9.23 -9.24 -5.16
C GLY A 31 10.09 -9.72 -6.34
N ARG A 32 9.44 -10.47 -7.22
CA ARG A 32 10.08 -11.07 -8.41
C ARG A 32 10.81 -10.04 -9.30
N SER A 33 10.40 -8.77 -9.25
CA SER A 33 11.04 -7.72 -10.07
C SER A 33 12.38 -7.24 -9.47
N GLY A 34 12.77 -7.82 -8.34
CA GLY A 34 14.07 -7.50 -7.74
C GLY A 34 14.17 -6.07 -7.19
N ALA A 35 15.12 -5.29 -7.73
CA ALA A 35 15.39 -3.94 -7.24
C ALA A 35 14.12 -3.08 -7.14
N THR A 36 13.25 -3.16 -8.16
CA THR A 36 12.00 -2.38 -8.19
C THR A 36 11.15 -2.59 -6.93
N SER A 37 11.12 -3.82 -6.40
CA SER A 37 10.33 -4.11 -5.20
C SER A 37 10.94 -3.44 -3.97
N ARG A 38 12.27 -3.43 -3.89
CA ARG A 38 12.99 -2.73 -2.82
C ARG A 38 12.70 -1.23 -2.84
N LYS A 39 12.95 -0.60 -3.99
CA LYS A 39 12.81 0.86 -4.13
C LYS A 39 11.41 1.32 -3.72
N ALA A 40 10.39 0.60 -4.18
CA ALA A 40 9.01 0.89 -3.80
C ALA A 40 8.81 0.76 -2.28
N LEU A 41 9.35 -0.30 -1.68
CA LEU A 41 9.18 -0.55 -0.24
C LEU A 41 9.79 0.57 0.62
N GLU A 42 11.08 0.87 0.41
CA GLU A 42 11.76 1.90 1.22
C GLU A 42 11.23 3.31 0.91
N THR A 43 10.65 3.49 -0.27
CA THR A 43 9.95 4.74 -0.58
C THR A 43 8.61 4.81 0.17
N LEU A 44 7.91 3.68 0.25
CA LEU A 44 6.63 3.59 0.98
C LEU A 44 6.77 4.04 2.44
N ARG A 45 7.85 3.63 3.10
CA ARG A 45 8.09 4.08 4.49
C ARG A 45 8.56 5.54 4.55
N ARG A 46 9.35 5.97 3.57
CA ARG A 46 9.81 7.38 3.54
C ARG A 46 8.65 8.36 3.37
N VAL A 47 7.72 8.05 2.46
CA VAL A 47 6.55 8.92 2.24
C VAL A 47 5.39 8.57 3.18
N GLY A 48 5.26 7.28 3.49
CA GLY A 48 4.17 6.81 4.34
C GLY A 48 4.30 7.27 5.79
N ASP A 49 5.54 7.45 6.25
CA ASP A 49 5.79 7.97 7.60
C ASP A 49 5.00 9.26 7.86
N GLY A 50 5.22 10.26 7.02
CA GLY A 50 4.50 11.53 7.15
C GLY A 50 3.00 11.38 6.95
N VAL A 51 2.60 10.64 5.91
CA VAL A 51 1.18 10.45 5.58
C VAL A 51 0.39 9.87 6.76
N GLN A 52 0.95 8.85 7.41
CA GLN A 52 0.31 8.22 8.56
C GLN A 52 0.18 9.19 9.75
N ARG A 53 1.20 10.02 9.97
CA ARG A 53 1.18 10.97 11.09
C ARG A 53 0.01 11.98 10.96
N ASN A 54 -0.26 12.40 9.73
CA ASN A 54 -1.39 13.32 9.46
C ASN A 54 -2.73 12.57 9.47
N HIS A 55 -2.77 11.42 8.80
CA HIS A 55 -4.02 10.65 8.66
C HIS A 55 -4.39 9.86 9.94
N GLU A 56 -3.42 9.60 10.81
CA GLU A 56 -3.64 8.77 12.01
C GLU A 56 -4.87 9.22 12.81
N THR A 57 -4.90 10.49 13.19
CA THR A 57 -6.01 11.05 13.98
C THR A 57 -7.36 10.87 13.27
N ALA A 58 -7.34 10.81 11.94
CA ALA A 58 -8.55 10.61 11.14
C ALA A 58 -8.95 9.12 11.08
N PHE A 59 -7.98 8.25 10.80
CA PHE A 59 -8.24 6.80 10.69
C PHE A 59 -8.77 6.22 12.01
N GLN A 60 -8.35 6.80 13.14
CA GLN A 60 -8.88 6.41 14.45
C GLN A 60 -10.42 6.43 14.47
N GLY A 61 -10.99 7.40 13.77
CA GLY A 61 -12.44 7.51 13.67
C GLY A 61 -13.09 6.27 13.06
N MET A 62 -12.37 5.57 12.19
CA MET A 62 -12.86 4.32 11.60
C MET A 62 -12.45 3.10 12.45
N LEU A 63 -11.20 3.05 12.90
CA LEU A 63 -10.71 1.93 13.71
C LEU A 63 -11.52 1.74 15.01
N ARG A 64 -12.01 2.85 15.57
CA ARG A 64 -12.79 2.79 16.82
C ARG A 64 -14.09 1.97 16.66
N LYS A 65 -14.47 1.63 15.43
CA LYS A 65 -15.67 0.81 15.18
C LYS A 65 -15.38 -0.47 14.40
N LEU A 66 -14.09 -0.75 14.14
CA LEU A 66 -13.70 -1.93 13.35
C LEU A 66 -13.51 -3.19 14.21
N ASP A 67 -12.33 -3.33 14.82
CA ASP A 67 -11.96 -4.52 15.59
C ASP A 67 -12.23 -5.83 14.82
N ILE A 68 -11.21 -6.33 14.14
CA ILE A 68 -11.31 -7.55 13.33
C ILE A 68 -11.16 -8.81 14.20
N LYS A 69 -12.18 -9.67 14.21
CA LYS A 69 -12.13 -10.92 14.98
C LYS A 69 -11.88 -12.15 14.09
N ASN A 70 -12.05 -11.99 12.77
CA ASN A 70 -11.71 -13.07 11.82
C ASN A 70 -11.62 -12.56 10.37
N GLU A 71 -11.30 -13.47 9.46
CA GLU A 71 -11.13 -13.18 8.03
C GLU A 71 -12.30 -12.37 7.44
N ASP A 72 -13.53 -12.71 7.83
CA ASP A 72 -14.72 -12.05 7.27
C ASP A 72 -14.69 -10.52 7.48
N ASP A 73 -14.16 -10.08 8.61
CA ASP A 73 -14.02 -8.64 8.90
C ASP A 73 -12.99 -8.01 7.95
N VAL A 74 -11.89 -8.71 7.73
CA VAL A 74 -10.85 -8.27 6.80
C VAL A 74 -11.41 -7.99 5.40
N LYS A 75 -12.28 -8.89 4.94
CA LYS A 75 -12.96 -8.73 3.65
C LYS A 75 -13.86 -7.49 3.63
N SER A 76 -14.41 -7.13 4.79
CA SER A 76 -15.22 -5.91 4.92
C SER A 76 -14.36 -4.67 4.68
N LEU A 77 -13.11 -4.71 5.16
CA LEU A 77 -12.16 -3.61 4.96
C LEU A 77 -11.91 -3.37 3.46
N SER A 78 -11.98 -4.44 2.66
CA SER A 78 -11.80 -4.34 1.21
C SER A 78 -12.82 -3.37 0.59
N ARG A 79 -14.04 -3.38 1.13
CA ARG A 79 -15.11 -2.49 0.64
C ARG A 79 -14.73 -1.02 0.89
N VAL A 80 -14.15 -0.74 2.06
CA VAL A 80 -13.65 0.61 2.38
C VAL A 80 -12.58 1.02 1.35
N MET A 81 -11.68 0.10 1.03
CA MET A 81 -10.62 0.34 0.05
C MET A 81 -11.20 0.79 -1.30
N ILE A 82 -12.33 0.19 -1.68
CA ILE A 82 -13.06 0.60 -2.89
C ILE A 82 -13.52 2.06 -2.79
N HIS A 83 -14.02 2.46 -1.62
CA HIS A 83 -14.43 3.86 -1.37
C HIS A 83 -13.23 4.82 -1.43
N VAL A 84 -12.04 4.32 -1.08
CA VAL A 84 -10.81 5.13 -1.12
C VAL A 84 -10.50 5.62 -2.54
N PHE A 85 -10.80 4.79 -3.55
CA PHE A 85 -10.56 5.16 -4.96
C PHE A 85 -11.79 5.83 -5.60
N SER A 86 -12.60 6.50 -4.79
CA SER A 86 -13.82 7.18 -5.29
C SER A 86 -13.53 8.21 -6.38
N ASP A 87 -12.40 8.92 -6.26
CA ASP A 87 -12.04 9.96 -7.24
C ASP A 87 -11.25 9.39 -8.42
N GLY A 88 -11.05 10.22 -9.45
CA GLY A 88 -10.30 9.79 -10.64
C GLY A 88 -8.97 10.52 -10.82
N VAL A 89 -8.65 11.46 -9.92
CA VAL A 89 -7.39 12.20 -9.97
C VAL A 89 -6.16 11.27 -9.88
N THR A 90 -5.14 11.55 -10.71
CA THR A 90 -3.97 10.66 -10.84
C THR A 90 -2.90 10.93 -9.78
N ASN A 91 -3.32 11.25 -8.57
CA ASN A 91 -2.39 11.52 -7.47
C ASN A 91 -1.97 10.22 -6.77
N TRP A 92 -0.72 9.80 -6.97
CA TRP A 92 -0.19 8.56 -6.36
C TRP A 92 -0.30 8.59 -4.82
N GLY A 93 -0.44 9.78 -4.23
CA GLY A 93 -0.67 9.89 -2.81
C GLY A 93 -1.90 9.11 -2.34
N ARG A 94 -2.84 8.90 -3.25
CA ARG A 94 -4.02 8.08 -2.98
C ARG A 94 -3.63 6.60 -2.81
N ILE A 95 -2.69 6.14 -3.63
CA ILE A 95 -2.13 4.79 -3.50
C ILE A 95 -1.39 4.66 -2.16
N VAL A 96 -0.61 5.69 -1.81
CA VAL A 96 0.06 5.76 -0.51
C VAL A 96 -0.96 5.68 0.64
N THR A 97 -2.07 6.41 0.48
CA THR A 97 -3.16 6.40 1.47
C THR A 97 -3.71 4.99 1.68
N LEU A 98 -3.92 4.27 0.57
CA LEU A 98 -4.43 2.90 0.61
C LEU A 98 -3.48 1.96 1.39
N ILE A 99 -2.22 1.92 0.96
CA ILE A 99 -1.21 1.03 1.56
C ILE A 99 -0.90 1.42 3.02
N SER A 100 -0.80 2.72 3.27
CA SER A 100 -0.52 3.22 4.63
C SER A 100 -1.66 2.88 5.59
N PHE A 101 -2.90 3.08 5.15
CA PHE A 101 -4.08 2.70 5.95
C PHE A 101 -4.08 1.20 6.24
N GLY A 102 -3.76 0.39 5.24
CA GLY A 102 -3.62 -1.04 5.44
C GLY A 102 -2.60 -1.37 6.52
N ALA A 103 -1.43 -0.73 6.44
CA ALA A 103 -0.38 -0.89 7.46
C ALA A 103 -0.81 -0.31 8.82
N PHE A 104 -1.66 0.70 8.79
CA PHE A 104 -2.20 1.32 10.00
C PHE A 104 -3.13 0.33 10.73
N VAL A 105 -4.05 -0.29 9.99
CA VAL A 105 -4.92 -1.32 10.55
C VAL A 105 -4.11 -2.53 10.99
N ALA A 106 -3.06 -2.85 10.23
CA ALA A 106 -2.13 -3.94 10.59
C ALA A 106 -1.58 -3.77 12.01
N LYS A 107 -1.20 -2.54 12.37
CA LYS A 107 -0.77 -2.23 13.73
C LYS A 107 -1.88 -2.60 14.75
N HIS A 108 -3.11 -2.21 14.44
CA HIS A 108 -4.26 -2.52 15.29
C HIS A 108 -4.51 -4.03 15.38
N LEU A 109 -4.22 -4.74 14.29
CA LEU A 109 -4.37 -6.21 14.26
C LEU A 109 -3.39 -6.88 15.21
N LYS A 110 -2.12 -6.51 15.13
CA LYS A 110 -1.09 -7.04 16.05
C LYS A 110 -1.47 -6.73 17.51
N THR A 111 -2.02 -5.53 17.74
CA THR A 111 -2.46 -5.11 19.07
C THR A 111 -3.50 -6.08 19.66
N ILE A 112 -4.34 -6.65 18.80
CA ILE A 112 -5.33 -7.66 19.21
C ILE A 112 -4.92 -9.06 18.73
N ASN A 113 -3.61 -9.29 18.66
CA ASN A 113 -2.99 -10.58 18.26
C ASN A 113 -3.59 -11.17 16.95
N GLN A 114 -4.19 -10.33 16.12
CA GLN A 114 -4.70 -10.74 14.81
C GLN A 114 -3.64 -10.56 13.71
N GLU A 115 -2.37 -10.81 14.05
CA GLU A 115 -1.26 -10.60 13.10
C GLU A 115 -1.49 -11.37 11.79
N SER A 116 -1.92 -12.62 11.88
CA SER A 116 -2.18 -13.44 10.69
C SER A 116 -3.21 -12.78 9.74
N SER A 117 -4.10 -11.97 10.30
CA SER A 117 -5.12 -11.25 9.51
C SER A 117 -4.47 -10.22 8.56
N ILE A 118 -3.29 -9.74 8.92
CA ILE A 118 -2.56 -8.74 8.13
C ILE A 118 -2.36 -9.18 6.66
N GLU A 119 -2.05 -10.46 6.44
CA GLU A 119 -1.76 -10.95 5.08
C GLU A 119 -3.02 -10.93 4.17
N PRO A 120 -4.16 -11.53 4.57
CA PRO A 120 -5.43 -11.41 3.81
C PRO A 120 -5.88 -9.94 3.66
N LEU A 121 -5.44 -9.09 4.59
CA LEU A 121 -5.67 -7.65 4.48
C LEU A 121 -4.84 -7.07 3.32
N ALA A 122 -3.57 -7.46 3.26
CA ALA A 122 -2.69 -7.09 2.15
C ALA A 122 -3.26 -7.59 0.80
N GLU A 123 -3.82 -8.80 0.82
CA GLU A 123 -4.51 -9.34 -0.36
C GLU A 123 -5.64 -8.41 -0.80
N SER A 124 -6.42 -7.93 0.16
CA SER A 124 -7.54 -7.01 -0.13
C SER A 124 -7.03 -5.69 -0.73
N ILE A 125 -5.98 -5.13 -0.14
CA ILE A 125 -5.35 -3.91 -0.67
C ILE A 125 -4.98 -4.08 -2.16
N THR A 126 -4.23 -5.14 -2.44
CA THR A 126 -3.79 -5.44 -3.81
C THR A 126 -4.97 -5.83 -4.71
N ASP A 127 -5.94 -6.54 -4.15
CA ASP A 127 -7.12 -6.98 -4.91
C ASP A 127 -7.88 -5.78 -5.49
N VAL A 128 -8.20 -4.80 -4.63
CA VAL A 128 -8.86 -3.58 -5.05
C VAL A 128 -7.97 -2.75 -6.00
N LEU A 129 -6.67 -2.68 -5.65
CA LEU A 129 -5.69 -1.95 -6.47
C LEU A 129 -5.69 -2.46 -7.92
N VAL A 130 -5.54 -3.77 -8.09
CA VAL A 130 -5.54 -4.39 -9.43
C VAL A 130 -6.94 -4.41 -10.04
N ARG A 131 -7.96 -4.57 -9.20
CA ARG A 131 -9.37 -4.61 -9.64
C ARG A 131 -9.70 -3.46 -10.60
N THR A 132 -9.29 -2.25 -10.24
CA THR A 132 -9.64 -1.05 -11.03
C THR A 132 -8.41 -0.37 -11.69
N LYS A 133 -7.22 -0.48 -11.09
CA LYS A 133 -6.02 0.18 -11.65
C LYS A 133 -5.00 -0.80 -12.26
N ARG A 134 -5.43 -2.03 -12.61
CA ARG A 134 -4.52 -3.03 -13.21
C ARG A 134 -3.76 -2.46 -14.44
N ASP A 135 -4.51 -1.94 -15.40
CA ASP A 135 -3.91 -1.38 -16.62
C ASP A 135 -3.11 -0.10 -16.34
N TRP A 136 -3.61 0.75 -15.46
CA TRP A 136 -2.91 1.99 -15.08
C TRP A 136 -1.54 1.67 -14.45
N LEU A 137 -1.50 0.65 -13.58
CA LEU A 137 -0.25 0.23 -12.94
C LEU A 137 0.86 -0.07 -13.96
N VAL A 138 0.58 -0.96 -14.91
CA VAL A 138 1.59 -1.34 -15.92
C VAL A 138 1.89 -0.19 -16.89
N LYS A 139 0.85 0.54 -17.32
CA LYS A 139 1.01 1.65 -18.27
C LYS A 139 1.84 2.80 -17.70
N GLN A 140 1.64 3.11 -16.42
CA GLN A 140 2.40 4.17 -15.76
C GLN A 140 3.58 3.59 -14.93
N ARG A 141 3.81 2.29 -15.09
CA ARG A 141 4.91 1.58 -14.42
C ARG A 141 4.79 1.66 -12.89
N GLY A 142 3.55 1.89 -12.42
CA GLY A 142 3.19 1.92 -11.00
C GLY A 142 4.33 2.16 -10.02
N TRP A 143 5.07 1.10 -9.69
CA TRP A 143 6.10 1.16 -8.65
C TRP A 143 7.36 1.89 -9.14
N ASP A 144 7.77 1.63 -10.37
CA ASP A 144 8.90 2.36 -10.97
C ASP A 144 8.55 3.85 -11.08
N GLY A 145 7.35 4.14 -11.57
CA GLY A 145 6.86 5.51 -11.66
C GLY A 145 6.63 6.14 -10.28
N PHE A 146 6.26 5.30 -9.32
CA PHE A 146 6.06 5.72 -7.92
C PHE A 146 7.35 6.32 -7.34
N VAL A 147 8.44 5.57 -7.46
CA VAL A 147 9.76 6.02 -6.99
C VAL A 147 10.20 7.32 -7.69
N GLU A 148 9.91 7.43 -8.98
CA GLU A 148 10.23 8.64 -9.75
C GLU A 148 9.32 9.82 -9.42
N PHE A 149 8.04 9.53 -9.14
CA PHE A 149 7.04 10.57 -8.85
C PHE A 149 7.41 11.36 -7.58
N PHE A 150 7.72 10.64 -6.51
CA PHE A 150 8.17 11.27 -5.26
C PHE A 150 9.67 11.58 -5.30
N HIS A 151 10.36 10.95 -6.26
CA HIS A 151 11.81 11.16 -6.46
C HIS A 151 12.63 10.75 -5.22
N VAL A 152 12.83 9.44 -5.08
CA VAL A 152 13.58 8.89 -3.94
C VAL A 152 14.84 8.15 -4.39
N GLU A 153 14.67 6.98 -5.00
CA GLU A 153 15.79 6.12 -5.40
C GLU A 153 15.84 6.00 -6.94
N ASP A 154 15.32 7.02 -7.62
CA ASP A 154 15.25 7.03 -9.09
C ASP A 154 16.53 7.62 -9.72
N LEU A 155 16.70 7.43 -11.02
CA LEU A 155 17.86 7.99 -11.74
C LEU A 155 17.45 9.12 -12.71
N GLU A 156 16.15 9.28 -12.93
CA GLU A 156 15.65 10.29 -13.89
C GLU A 156 14.47 11.11 -13.31
N GLY A 157 13.38 10.44 -12.93
CA GLY A 157 12.23 11.13 -12.37
C GLY A 157 11.68 12.25 -13.26
N GLY A 158 11.71 13.48 -12.76
CA GLY A 158 11.24 14.63 -13.53
C GLY A 158 9.81 15.04 -13.18
N HIS A 159 9.43 16.24 -13.60
CA HIS A 159 8.07 16.76 -13.36
C HIS A 159 7.60 17.62 -14.54
N HIS A 160 6.31 17.97 -14.56
CA HIS A 160 5.75 18.88 -15.56
C HIS A 160 5.70 18.22 -16.96
N HIS A 161 5.72 16.90 -16.98
CA HIS A 161 5.58 16.14 -18.24
C HIS A 161 4.19 16.38 -18.85
N HIS A 162 3.20 16.58 -17.99
CA HIS A 162 1.86 16.99 -18.40
C HIS A 162 1.52 18.37 -17.80
N HIS A 163 1.46 19.39 -18.66
CA HIS A 163 1.20 20.77 -18.22
C HIS A 163 -0.18 20.92 -17.56
N HIS A 164 -0.18 21.36 -16.31
CA HIS A 164 -1.42 21.72 -15.60
C HIS A 164 -1.59 23.25 -15.53
#